data_6L87
#
_entry.id   6L87
#
_entity_poly.entity_id   1
_entity_poly.type   'polypeptide(L)'
_entity_poly.pdbx_seq_one_letter_code
;NDELLGKVVSVVSATERTEWYPALVISPSCNDDITVKKDQCLVRSFIDSKFYSIARKDIKEVDILNLPESELSTKPGLQK
ASIFLKTRVVPDNWKMDISEILESSSSKDKEKELDPEERDNFLQQLYKFMEDRGTPINKPPVLGYKDLNLFKLFRLVYHQ
GGCDNIDSGAVWKQIYMDLGIPILNSAASYNVKTAYRKYLYGFEEYCRSANIQFRTVHHHELEHHHHHH
;
_entity_poly.pdbx_strand_id   A
#
# COMPACT_ATOMS: atom_id res chain seq x y z
N ASN A 1 20.61 6.72 6.59
CA ASN A 1 19.98 6.65 5.26
C ASN A 1 18.44 6.73 5.41
N ASP A 2 17.96 6.75 6.67
CA ASP A 2 16.54 6.94 7.04
C ASP A 2 15.71 5.69 6.83
N GLU A 3 15.49 5.01 7.93
CA GLU A 3 14.72 3.79 7.98
C GLU A 3 13.25 4.14 7.94
N LEU A 4 12.94 5.19 8.67
CA LEU A 4 11.59 5.67 8.92
C LEU A 4 10.81 6.15 7.68
N LEU A 5 11.40 6.04 6.52
CA LEU A 5 10.75 6.46 5.29
C LEU A 5 9.78 5.40 4.81
N GLY A 6 9.84 4.23 5.42
CA GLY A 6 8.97 3.16 5.00
C GLY A 6 9.57 2.40 3.86
N LYS A 7 10.88 2.26 3.91
CA LYS A 7 11.59 1.61 2.86
C LYS A 7 12.19 0.31 3.37
N VAL A 8 13.02 -0.30 2.56
CA VAL A 8 13.64 -1.54 2.91
C VAL A 8 14.83 -1.27 3.82
N VAL A 9 14.96 -2.06 4.82
CA VAL A 9 15.98 -1.92 5.82
C VAL A 9 16.55 -3.27 6.15
N SER A 10 17.75 -3.30 6.67
CA SER A 10 18.35 -4.52 7.09
C SER A 10 18.05 -4.81 8.56
N VAL A 11 17.45 -5.94 8.83
CA VAL A 11 17.20 -6.37 10.18
C VAL A 11 18.25 -7.41 10.49
N VAL A 12 19.12 -7.11 11.39
CA VAL A 12 20.23 -7.98 11.66
C VAL A 12 19.87 -9.06 12.65
N SER A 13 20.70 -10.07 12.72
CA SER A 13 20.50 -11.19 13.61
C SER A 13 21.04 -10.86 15.02
N ALA A 14 20.54 -9.75 15.58
CA ALA A 14 20.83 -9.19 16.90
C ALA A 14 22.29 -8.77 17.07
N THR A 15 23.17 -9.69 16.86
CA THR A 15 24.57 -9.47 17.03
C THR A 15 25.30 -9.39 15.68
N GLU A 16 24.88 -10.21 14.71
CA GLU A 16 25.54 -10.23 13.43
C GLU A 16 25.02 -9.17 12.49
N ARG A 17 25.89 -8.27 12.14
CA ARG A 17 25.66 -7.29 11.09
C ARG A 17 26.06 -7.92 9.76
N THR A 18 26.62 -9.11 9.86
CA THR A 18 27.07 -9.87 8.74
C THR A 18 25.89 -10.57 8.09
N GLU A 19 25.10 -11.22 8.91
CA GLU A 19 23.95 -11.92 8.46
C GLU A 19 22.72 -11.22 8.95
N TRP A 20 22.02 -10.68 8.04
CA TRP A 20 20.83 -9.95 8.29
C TRP A 20 19.80 -10.31 7.27
N TYR A 21 18.58 -9.97 7.56
CA TYR A 21 17.50 -10.24 6.67
C TYR A 21 16.72 -8.96 6.44
N PRO A 22 16.62 -8.54 5.19
CA PRO A 22 15.93 -7.30 4.83
C PRO A 22 14.43 -7.34 5.09
N ALA A 23 13.89 -6.19 5.40
CA ALA A 23 12.51 -6.02 5.68
C ALA A 23 12.05 -4.64 5.25
N LEU A 24 10.78 -4.40 5.32
CA LEU A 24 10.18 -3.16 4.90
C LEU A 24 9.54 -2.50 6.09
N VAL A 25 9.88 -1.25 6.30
CA VAL A 25 9.30 -0.47 7.40
C VAL A 25 7.86 -0.12 7.06
N ILE A 26 6.95 -0.64 7.83
CA ILE A 26 5.54 -0.40 7.60
C ILE A 26 4.82 0.04 8.86
N SER A 27 3.58 0.41 8.71
CA SER A 27 2.78 0.88 9.80
C SER A 27 2.29 -0.29 10.67
N PRO A 28 2.54 -0.24 12.02
CA PRO A 28 2.10 -1.29 12.96
C PRO A 28 0.59 -1.21 13.23
N SER A 29 -0.06 -0.38 12.51
CA SER A 29 -1.46 -0.23 12.56
C SER A 29 -2.12 -1.20 11.58
N CYS A 30 -1.28 -1.84 10.77
CA CYS A 30 -1.71 -2.85 9.83
C CYS A 30 -1.84 -4.18 10.55
N ASN A 31 -1.09 -4.28 11.61
CA ASN A 31 -1.05 -5.46 12.45
C ASN A 31 -1.64 -5.15 13.80
N ASP A 32 -2.72 -5.78 14.13
CA ASP A 32 -3.35 -5.52 15.41
C ASP A 32 -2.72 -6.34 16.51
N ASP A 33 -2.28 -7.55 16.18
CA ASP A 33 -1.74 -8.46 17.21
C ASP A 33 -0.34 -8.04 17.60
N ILE A 34 0.51 -7.71 16.64
CA ILE A 34 1.77 -7.11 17.01
C ILE A 34 1.48 -5.62 17.24
N THR A 35 2.13 -5.05 18.18
CA THR A 35 1.96 -3.69 18.52
C THR A 35 3.37 -3.14 18.68
N VAL A 36 3.59 -1.90 18.34
CA VAL A 36 4.93 -1.40 18.33
C VAL A 36 5.26 -0.73 19.66
N LYS A 37 6.46 -0.91 20.12
CA LYS A 37 6.93 -0.20 21.26
C LYS A 37 7.84 0.92 20.77
N LYS A 38 8.07 1.91 21.61
CA LYS A 38 8.80 3.13 21.23
C LYS A 38 10.20 2.85 20.65
N ASP A 39 10.83 1.79 21.11
CA ASP A 39 12.19 1.46 20.68
C ASP A 39 12.20 0.57 19.47
N GLN A 40 11.03 0.12 19.06
CA GLN A 40 10.96 -0.81 17.98
C GLN A 40 10.26 -0.23 16.78
N CYS A 41 10.37 -0.91 15.70
CA CYS A 41 9.74 -0.52 14.48
C CYS A 41 9.03 -1.74 13.96
N LEU A 42 8.10 -1.54 13.03
CA LEU A 42 7.37 -2.64 12.49
C LEU A 42 7.86 -2.89 11.10
N VAL A 43 8.39 -4.04 10.92
CA VAL A 43 8.93 -4.40 9.66
C VAL A 43 8.32 -5.65 9.11
N ARG A 44 8.11 -5.64 7.83
CA ARG A 44 7.60 -6.75 7.11
C ARG A 44 8.74 -7.35 6.33
N SER A 45 9.10 -8.54 6.62
CA SER A 45 10.14 -9.16 5.90
C SER A 45 9.54 -9.91 4.75
N PHE A 46 9.98 -9.58 3.59
CA PHE A 46 9.54 -10.24 2.39
C PHE A 46 10.22 -11.58 2.25
N ILE A 47 11.29 -11.76 2.97
CA ILE A 47 12.04 -12.95 2.89
C ILE A 47 11.63 -13.91 4.03
N ASP A 48 11.36 -13.37 5.22
CA ASP A 48 11.07 -14.26 6.33
C ASP A 48 9.70 -13.99 7.04
N SER A 49 9.69 -13.12 8.05
CA SER A 49 8.49 -12.89 8.87
C SER A 49 7.63 -11.75 8.30
N LYS A 50 6.30 -11.92 8.24
CA LYS A 50 5.42 -10.91 7.66
C LYS A 50 5.22 -9.71 8.60
N PHE A 51 5.25 -9.95 9.89
CA PHE A 51 5.09 -8.91 10.90
C PHE A 51 5.92 -9.26 12.10
N TYR A 52 6.84 -8.41 12.43
CA TYR A 52 7.66 -8.60 13.59
C TYR A 52 8.13 -7.27 14.10
N SER A 53 8.35 -7.22 15.36
CA SER A 53 8.68 -6.03 16.05
C SER A 53 10.13 -6.14 16.46
N ILE A 54 10.93 -5.24 15.99
CA ILE A 54 12.35 -5.29 16.20
C ILE A 54 12.81 -3.89 16.52
N ALA A 55 13.72 -3.80 17.47
CA ALA A 55 14.26 -2.55 17.90
C ALA A 55 15.08 -1.90 16.79
N ARG A 56 15.01 -0.58 16.68
CA ARG A 56 15.73 0.14 15.62
C ARG A 56 17.23 0.06 15.74
N LYS A 57 17.71 -0.43 16.86
CA LYS A 57 19.14 -0.64 17.05
C LYS A 57 19.61 -1.83 16.18
N ASP A 58 18.69 -2.76 15.91
CA ASP A 58 18.99 -3.99 15.17
C ASP A 58 18.64 -3.79 13.72
N ILE A 59 18.20 -2.61 13.42
CA ILE A 59 17.77 -2.28 12.11
C ILE A 59 18.67 -1.22 11.54
N LYS A 60 19.31 -1.56 10.49
CA LYS A 60 20.16 -0.67 9.81
C LYS A 60 19.62 -0.51 8.40
N GLU A 61 19.19 0.65 8.09
CA GLU A 61 18.54 0.90 6.85
C GLU A 61 19.54 0.91 5.74
N VAL A 62 19.18 0.40 4.61
CA VAL A 62 20.11 0.31 3.54
C VAL A 62 19.32 0.13 2.27
N ASP A 63 19.85 0.60 1.19
CA ASP A 63 19.22 0.35 -0.07
C ASP A 63 19.83 -0.89 -0.60
N ILE A 64 19.08 -1.96 -0.52
CA ILE A 64 19.58 -3.27 -0.88
C ILE A 64 20.01 -3.31 -2.34
N LEU A 65 19.20 -2.72 -3.21
CA LEU A 65 19.50 -2.77 -4.63
C LEU A 65 20.62 -1.79 -5.01
N ASN A 66 21.07 -1.04 -4.04
CA ASN A 66 22.12 -0.07 -4.22
C ASN A 66 23.48 -0.74 -3.96
N LEU A 67 23.44 -1.78 -3.14
CA LEU A 67 24.63 -2.53 -2.77
C LEU A 67 25.14 -3.37 -3.95
N PRO A 68 26.47 -3.62 -4.01
CA PRO A 68 27.08 -4.44 -5.08
C PRO A 68 26.50 -5.85 -5.16
N GLU A 69 26.26 -6.29 -6.37
CA GLU A 69 25.67 -7.58 -6.65
C GLU A 69 26.50 -8.76 -6.15
N SER A 70 27.81 -8.57 -6.00
CA SER A 70 28.66 -9.62 -5.47
C SER A 70 28.27 -9.90 -4.01
N GLU A 71 27.90 -8.84 -3.31
CA GLU A 71 27.50 -8.92 -1.92
C GLU A 71 26.14 -9.59 -1.86
N LEU A 72 25.25 -9.10 -2.68
CA LEU A 72 23.88 -9.56 -2.75
C LEU A 72 23.81 -11.03 -3.09
N SER A 73 24.42 -11.39 -4.17
CA SER A 73 24.38 -12.77 -4.67
C SER A 73 25.02 -13.80 -3.73
N THR A 74 25.87 -13.38 -2.81
CA THR A 74 26.48 -14.33 -1.90
C THR A 74 25.62 -14.57 -0.65
N LYS A 75 24.78 -13.60 -0.31
CA LYS A 75 23.88 -13.73 0.83
C LYS A 75 22.44 -13.77 0.30
N PRO A 76 21.83 -14.98 0.25
CA PRO A 76 20.48 -15.22 -0.34
C PRO A 76 19.41 -14.19 0.03
N GLY A 77 19.41 -13.73 1.28
CA GLY A 77 18.43 -12.74 1.71
C GLY A 77 18.59 -11.43 0.97
N LEU A 78 19.82 -11.07 0.71
CA LEU A 78 20.18 -9.85 0.01
C LEU A 78 19.88 -9.99 -1.48
N GLN A 79 20.13 -11.18 -2.00
CA GLN A 79 19.90 -11.46 -3.39
C GLN A 79 18.42 -11.41 -3.72
N LYS A 80 17.61 -12.10 -2.92
CA LYS A 80 16.18 -12.11 -3.12
C LYS A 80 15.62 -10.75 -2.96
N ALA A 81 16.21 -10.00 -2.06
CA ALA A 81 15.87 -8.62 -1.87
C ALA A 81 16.04 -7.86 -3.16
N SER A 82 17.22 -7.96 -3.77
CA SER A 82 17.52 -7.31 -5.03
C SER A 82 16.44 -7.65 -6.08
N ILE A 83 16.08 -8.92 -6.12
CA ILE A 83 15.08 -9.46 -7.05
C ILE A 83 13.68 -8.88 -6.73
N PHE A 84 13.28 -9.00 -5.47
CA PHE A 84 11.98 -8.57 -4.98
C PHE A 84 11.79 -7.06 -5.13
N LEU A 85 12.81 -6.32 -4.78
CA LEU A 85 12.75 -4.87 -4.76
C LEU A 85 12.72 -4.28 -6.15
N LYS A 86 13.51 -4.83 -7.06
CA LYS A 86 13.60 -4.26 -8.40
C LYS A 86 12.27 -4.33 -9.13
N THR A 87 11.43 -5.24 -8.73
CA THR A 87 10.17 -5.38 -9.37
C THR A 87 9.03 -4.66 -8.59
N ARG A 88 9.37 -3.95 -7.48
CA ARG A 88 8.28 -3.28 -6.72
C ARG A 88 8.69 -2.01 -5.93
N VAL A 89 9.92 -1.58 -5.98
CA VAL A 89 10.25 -0.34 -5.26
C VAL A 89 10.90 0.71 -6.20
N VAL A 90 11.06 0.36 -7.45
CA VAL A 90 11.71 1.25 -8.41
C VAL A 90 10.81 1.55 -9.63
N PRO A 91 10.82 2.83 -10.10
CA PRO A 91 9.84 3.41 -11.06
C PRO A 91 9.54 2.61 -12.33
N ASP A 92 10.53 2.37 -13.12
CA ASP A 92 10.34 1.73 -14.42
C ASP A 92 10.34 0.23 -14.29
N ASN A 93 11.01 -0.19 -13.28
CA ASN A 93 11.29 -1.57 -13.07
C ASN A 93 10.09 -2.35 -12.52
N TRP A 94 9.09 -1.64 -11.92
CA TRP A 94 7.82 -2.29 -11.51
C TRP A 94 7.21 -3.08 -12.66
N LYS A 95 7.19 -4.41 -12.59
CA LYS A 95 6.52 -5.12 -13.64
C LYS A 95 5.75 -6.34 -13.15
N MET A 96 4.51 -6.35 -13.55
CA MET A 96 3.56 -7.42 -13.40
C MET A 96 2.55 -7.11 -14.48
N ASP A 97 1.80 -8.08 -14.92
CA ASP A 97 0.82 -7.85 -15.96
C ASP A 97 -0.30 -7.01 -15.45
N ILE A 98 -0.37 -5.79 -15.96
CA ILE A 98 -1.39 -4.82 -15.55
C ILE A 98 -2.80 -5.36 -15.90
N SER A 99 -2.87 -6.22 -16.91
CA SER A 99 -4.12 -6.85 -17.32
C SER A 99 -4.55 -7.96 -16.35
N GLU A 100 -3.61 -8.54 -15.61
CA GLU A 100 -3.98 -9.56 -14.63
C GLU A 100 -4.50 -8.89 -13.38
N ILE A 101 -4.05 -7.66 -13.18
CA ILE A 101 -4.45 -6.85 -12.07
C ILE A 101 -5.96 -6.60 -12.07
N LEU A 102 -6.48 -6.01 -13.12
CA LEU A 102 -7.90 -5.79 -13.17
C LEU A 102 -8.57 -6.69 -14.21
N GLU A 103 -8.24 -6.43 -15.45
CA GLU A 103 -8.84 -7.08 -16.61
C GLU A 103 -7.97 -6.69 -17.79
N SER A 104 -7.93 -5.41 -18.04
CA SER A 104 -7.03 -4.82 -18.99
C SER A 104 -6.46 -3.56 -18.37
N SER A 105 -7.30 -2.91 -17.53
CA SER A 105 -6.93 -1.72 -16.73
C SER A 105 -6.84 -0.45 -17.61
N SER A 106 -7.08 -0.62 -18.93
CA SER A 106 -7.06 0.46 -19.91
C SER A 106 -5.65 1.07 -20.00
N SER A 107 -4.64 0.24 -19.81
CA SER A 107 -3.26 0.69 -19.79
C SER A 107 -2.62 0.53 -21.18
N LYS A 108 -3.49 0.34 -22.16
CA LYS A 108 -3.15 0.24 -23.58
C LYS A 108 -2.18 1.35 -23.97
N ASP A 109 -2.68 2.54 -23.91
CA ASP A 109 -1.97 3.73 -24.19
C ASP A 109 -2.58 4.79 -23.29
N LYS A 110 -1.88 5.86 -23.02
CA LYS A 110 -2.33 6.76 -21.97
C LYS A 110 -2.86 8.10 -22.45
N GLU A 111 -3.77 8.64 -21.67
CA GLU A 111 -4.35 9.96 -21.84
C GLU A 111 -3.69 10.89 -20.83
N LYS A 112 -2.96 11.87 -21.31
CA LYS A 112 -2.27 12.79 -20.42
C LYS A 112 -3.25 13.75 -19.77
N GLU A 113 -2.95 14.13 -18.52
CA GLU A 113 -3.74 15.07 -17.70
C GLU A 113 -4.99 14.42 -17.14
N LEU A 114 -5.79 13.86 -18.03
CA LEU A 114 -7.02 13.26 -17.72
C LEU A 114 -6.79 11.99 -16.93
N ASP A 115 -5.78 11.24 -17.28
CA ASP A 115 -5.50 10.02 -16.58
C ASP A 115 -4.21 10.13 -15.82
N PRO A 116 -4.27 9.85 -14.53
CA PRO A 116 -3.11 9.89 -13.71
C PRO A 116 -2.26 8.62 -13.82
N GLU A 117 -1.04 8.78 -14.29
CA GLU A 117 0.00 7.70 -14.33
C GLU A 117 0.16 7.04 -12.96
N GLU A 118 -0.15 7.80 -11.93
CA GLU A 118 -0.17 7.33 -10.56
C GLU A 118 -1.10 6.11 -10.41
N ARG A 119 -2.13 6.02 -11.27
CA ARG A 119 -3.10 4.93 -11.22
C ARG A 119 -2.40 3.58 -11.44
N ASP A 120 -1.56 3.51 -12.47
CA ASP A 120 -0.93 2.29 -12.92
C ASP A 120 0.12 1.90 -11.93
N ASN A 121 0.80 2.90 -11.46
CA ASN A 121 1.83 2.76 -10.42
C ASN A 121 1.23 2.23 -9.14
N PHE A 122 0.11 2.81 -8.74
CA PHE A 122 -0.60 2.45 -7.54
C PHE A 122 -1.12 1.01 -7.62
N LEU A 123 -1.76 0.68 -8.75
CA LEU A 123 -2.28 -0.68 -8.97
C LEU A 123 -1.16 -1.70 -8.89
N GLN A 124 -0.05 -1.38 -9.53
CA GLN A 124 1.10 -2.23 -9.56
C GLN A 124 1.70 -2.42 -8.16
N GLN A 125 1.91 -1.31 -7.47
CA GLN A 125 2.49 -1.32 -6.15
C GLN A 125 1.59 -2.08 -5.18
N LEU A 126 0.30 -1.83 -5.25
CA LEU A 126 -0.64 -2.48 -4.36
C LEU A 126 -0.72 -3.96 -4.58
N TYR A 127 -0.71 -4.37 -5.83
CA TYR A 127 -0.73 -5.77 -6.16
C TYR A 127 0.51 -6.50 -5.67
N LYS A 128 1.67 -5.89 -5.87
CA LYS A 128 2.92 -6.47 -5.36
C LYS A 128 2.85 -6.61 -3.84
N PHE A 129 2.59 -5.50 -3.18
CA PHE A 129 2.54 -5.39 -1.72
C PHE A 129 1.42 -6.20 -1.07
N MET A 130 0.38 -6.49 -1.82
CA MET A 130 -0.74 -7.26 -1.33
C MET A 130 -0.26 -8.67 -1.02
N GLU A 131 0.47 -9.23 -1.98
CA GLU A 131 0.95 -10.59 -1.93
C GLU A 131 1.95 -10.78 -0.80
N ASP A 132 2.89 -9.85 -0.68
CA ASP A 132 4.00 -9.99 0.29
C ASP A 132 3.61 -9.74 1.75
N ARG A 133 2.38 -9.31 2.00
CA ARG A 133 2.00 -9.05 3.38
C ARG A 133 1.16 -10.17 3.97
N GLY A 134 0.93 -11.19 3.19
CA GLY A 134 0.16 -12.32 3.67
C GLY A 134 -1.34 -12.11 3.51
N THR A 135 -1.71 -11.05 2.81
CA THR A 135 -3.11 -10.79 2.49
C THR A 135 -3.23 -10.57 0.96
N PRO A 136 -2.85 -11.56 0.13
CA PRO A 136 -2.75 -11.40 -1.33
C PRO A 136 -4.11 -11.32 -1.99
N ILE A 137 -4.08 -11.13 -3.28
CA ILE A 137 -5.26 -11.08 -4.07
C ILE A 137 -5.78 -12.48 -4.33
N ASN A 138 -6.63 -12.91 -3.46
CA ASN A 138 -7.31 -14.18 -3.57
C ASN A 138 -8.54 -14.03 -4.44
N LYS A 139 -9.00 -12.82 -4.53
CA LYS A 139 -10.09 -12.43 -5.37
C LYS A 139 -9.71 -11.11 -6.04
N PRO A 140 -9.89 -11.00 -7.35
CA PRO A 140 -9.54 -9.79 -8.09
C PRO A 140 -10.48 -8.62 -7.74
N PRO A 141 -10.15 -7.38 -8.14
CA PRO A 141 -10.99 -6.25 -7.87
C PRO A 141 -12.23 -6.22 -8.75
N VAL A 142 -13.25 -6.81 -8.22
CA VAL A 142 -14.55 -6.85 -8.81
C VAL A 142 -15.45 -6.50 -7.69
N LEU A 143 -16.44 -5.74 -7.93
CA LEU A 143 -17.30 -5.39 -6.87
C LEU A 143 -18.65 -5.11 -7.48
N GLY A 144 -19.69 -5.70 -6.95
CA GLY A 144 -21.00 -5.52 -7.51
C GLY A 144 -21.07 -6.14 -8.89
N TYR A 145 -20.63 -7.41 -8.96
CA TYR A 145 -20.51 -8.26 -10.17
C TYR A 145 -19.70 -7.70 -11.35
N LYS A 146 -19.13 -6.53 -11.20
CA LYS A 146 -18.42 -5.91 -12.30
C LYS A 146 -17.07 -5.38 -11.85
N ASP A 147 -16.16 -5.17 -12.81
CA ASP A 147 -14.78 -4.74 -12.54
C ASP A 147 -14.69 -3.52 -11.66
N LEU A 148 -13.94 -3.65 -10.63
CA LEU A 148 -13.78 -2.61 -9.68
C LEU A 148 -12.50 -1.85 -9.98
N ASN A 149 -12.63 -0.65 -10.52
CA ASN A 149 -11.47 0.20 -10.76
C ASN A 149 -10.94 0.72 -9.46
N LEU A 150 -9.96 0.02 -8.98
CA LEU A 150 -9.32 0.25 -7.72
C LEU A 150 -8.81 1.68 -7.57
N PHE A 151 -8.14 2.18 -8.59
CA PHE A 151 -7.60 3.51 -8.49
C PHE A 151 -8.70 4.54 -8.52
N LYS A 152 -9.78 4.27 -9.25
CA LYS A 152 -10.92 5.18 -9.22
C LYS A 152 -11.41 5.36 -7.82
N LEU A 153 -11.67 4.26 -7.13
CA LEU A 153 -12.09 4.33 -5.74
C LEU A 153 -11.10 5.08 -4.86
N PHE A 154 -9.81 4.86 -5.11
CA PHE A 154 -8.76 5.61 -4.40
C PHE A 154 -8.89 7.11 -4.67
N ARG A 155 -8.95 7.47 -5.94
CA ARG A 155 -9.05 8.87 -6.39
C ARG A 155 -10.32 9.52 -5.84
N LEU A 156 -11.40 8.80 -5.92
CA LEU A 156 -12.71 9.23 -5.43
C LEU A 156 -12.66 9.52 -3.95
N VAL A 157 -12.16 8.57 -3.18
CA VAL A 157 -12.01 8.74 -1.73
C VAL A 157 -11.03 9.87 -1.40
N TYR A 158 -9.96 9.94 -2.15
CA TYR A 158 -8.93 10.97 -1.98
C TYR A 158 -9.55 12.35 -2.26
N HIS A 159 -10.51 12.37 -3.17
CA HIS A 159 -11.20 13.60 -3.57
C HIS A 159 -12.21 14.00 -2.50
N GLN A 160 -12.54 13.05 -1.63
CA GLN A 160 -13.45 13.29 -0.52
C GLN A 160 -12.61 13.70 0.70
N GLY A 161 -11.31 13.81 0.48
CA GLY A 161 -10.41 14.20 1.51
C GLY A 161 -9.58 13.06 2.00
N GLY A 162 -9.94 11.88 1.63
CA GLY A 162 -9.27 10.71 2.09
C GLY A 162 -10.19 9.90 2.95
N CYS A 163 -9.88 8.65 3.16
CA CYS A 163 -10.71 7.77 3.96
C CYS A 163 -10.59 8.06 5.43
N ASP A 164 -9.47 8.67 5.80
CA ASP A 164 -9.25 9.13 7.18
C ASP A 164 -10.19 10.32 7.44
N ASN A 165 -10.60 10.91 6.35
CA ASN A 165 -11.48 12.04 6.33
C ASN A 165 -12.90 11.64 6.00
N ILE A 166 -13.14 10.36 5.87
CA ILE A 166 -14.47 9.89 5.62
C ILE A 166 -15.12 9.50 6.93
N ASP A 167 -16.17 10.17 7.23
CA ASP A 167 -16.90 9.97 8.46
C ASP A 167 -18.31 9.52 8.15
N SER A 168 -18.75 9.71 6.92
CA SER A 168 -20.09 9.41 6.54
C SER A 168 -20.15 8.22 5.58
N GLY A 169 -21.16 7.37 5.78
CA GLY A 169 -21.37 6.22 4.92
C GLY A 169 -21.80 6.64 3.54
N ALA A 170 -22.34 7.85 3.49
CA ALA A 170 -22.78 8.50 2.27
C ALA A 170 -21.61 8.61 1.29
N VAL A 171 -20.41 8.74 1.81
CA VAL A 171 -19.25 8.90 0.97
C VAL A 171 -18.89 7.57 0.31
N TRP A 172 -18.80 6.50 1.10
CA TRP A 172 -18.60 5.13 0.59
C TRP A 172 -19.65 4.82 -0.51
N LYS A 173 -20.87 5.21 -0.24
CA LYS A 173 -21.96 5.09 -1.18
C LYS A 173 -21.64 5.87 -2.48
N GLN A 174 -21.18 7.09 -2.31
CA GLN A 174 -20.94 8.00 -3.41
C GLN A 174 -19.74 7.55 -4.26
N ILE A 175 -18.71 7.07 -3.60
CA ILE A 175 -17.52 6.58 -4.30
C ILE A 175 -17.88 5.31 -5.12
N TYR A 176 -18.68 4.44 -4.51
CA TYR A 176 -19.11 3.21 -5.15
C TYR A 176 -20.02 3.55 -6.34
N MET A 177 -20.84 4.56 -6.15
CA MET A 177 -21.77 5.02 -7.16
C MET A 177 -21.02 5.65 -8.34
N ASP A 178 -19.92 6.35 -8.06
CA ASP A 178 -19.14 7.02 -9.13
C ASP A 178 -18.52 6.01 -10.09
N LEU A 179 -18.19 4.82 -9.58
CA LEU A 179 -17.68 3.75 -10.42
C LEU A 179 -18.75 3.32 -11.42
N GLY A 180 -20.00 3.55 -11.06
CA GLY A 180 -21.07 3.19 -11.93
C GLY A 180 -21.59 1.84 -11.58
N ILE A 181 -21.30 1.42 -10.40
CA ILE A 181 -21.75 0.16 -9.92
C ILE A 181 -23.00 0.42 -9.12
N PRO A 182 -24.09 -0.30 -9.41
CA PRO A 182 -25.34 -0.17 -8.69
C PRO A 182 -25.15 -0.36 -7.19
N ILE A 183 -25.49 0.66 -6.42
CA ILE A 183 -25.33 0.64 -4.99
C ILE A 183 -26.26 -0.40 -4.36
N LEU A 184 -27.41 -0.63 -4.99
CA LEU A 184 -28.40 -1.64 -4.57
C LEU A 184 -28.92 -1.39 -3.16
N ASN A 185 -28.15 -1.83 -2.18
CA ASN A 185 -28.50 -1.78 -0.78
C ASN A 185 -27.23 -1.73 0.06
N SER A 186 -27.40 -1.64 1.37
CA SER A 186 -26.30 -1.46 2.33
C SER A 186 -25.17 -2.53 2.24
N ALA A 187 -25.45 -3.67 1.62
CA ALA A 187 -24.42 -4.68 1.46
C ALA A 187 -23.33 -4.18 0.53
N ALA A 188 -23.68 -3.27 -0.35
CA ALA A 188 -22.73 -2.71 -1.26
C ALA A 188 -21.89 -1.64 -0.57
N SER A 189 -22.48 -0.99 0.42
CA SER A 189 -21.77 -0.04 1.26
C SER A 189 -20.67 -0.84 2.01
N TYR A 190 -21.08 -2.00 2.51
CA TYR A 190 -20.19 -2.97 3.10
C TYR A 190 -19.11 -3.36 2.09
N ASN A 191 -19.53 -3.74 0.87
CA ASN A 191 -18.62 -4.15 -0.21
C ASN A 191 -17.53 -3.12 -0.45
N VAL A 192 -17.92 -1.88 -0.67
CA VAL A 192 -16.97 -0.83 -0.98
C VAL A 192 -16.03 -0.53 0.20
N LYS A 193 -16.56 -0.56 1.42
CA LYS A 193 -15.74 -0.32 2.59
C LYS A 193 -14.73 -1.48 2.76
N THR A 194 -15.21 -2.70 2.57
CA THR A 194 -14.38 -3.90 2.64
C THR A 194 -13.28 -3.85 1.60
N ALA A 195 -13.66 -3.50 0.38
CA ALA A 195 -12.74 -3.42 -0.74
C ALA A 195 -11.62 -2.44 -0.45
N TYR A 196 -11.97 -1.20 -0.12
CA TYR A 196 -10.95 -0.19 0.14
C TYR A 196 -10.08 -0.61 1.36
N ARG A 197 -10.72 -1.18 2.36
CA ARG A 197 -10.07 -1.57 3.61
C ARG A 197 -9.24 -2.83 3.54
N LYS A 198 -9.43 -3.68 2.57
CA LYS A 198 -8.55 -4.82 2.48
C LYS A 198 -7.52 -4.65 1.40
N TYR A 199 -7.93 -4.05 0.30
CA TYR A 199 -7.05 -3.92 -0.81
C TYR A 199 -6.09 -2.77 -0.59
N LEU A 200 -6.61 -1.66 -0.16
CA LEU A 200 -5.80 -0.48 -0.07
C LEU A 200 -5.40 -0.13 1.33
N TYR A 201 -5.71 -0.99 2.32
CA TYR A 201 -5.49 -0.58 3.76
C TYR A 201 -4.03 -0.21 4.08
N GLY A 202 -3.08 -0.85 3.42
CA GLY A 202 -1.69 -0.57 3.69
C GLY A 202 -1.31 0.82 3.23
N PHE A 203 -1.68 1.14 2.00
CA PHE A 203 -1.35 2.42 1.44
C PHE A 203 -2.18 3.46 2.15
N GLU A 204 -3.43 3.11 2.48
CA GLU A 204 -4.32 3.96 3.24
C GLU A 204 -3.65 4.38 4.53
N GLU A 205 -3.26 3.38 5.34
CA GLU A 205 -2.69 3.62 6.65
C GLU A 205 -1.48 4.52 6.53
N TYR A 206 -0.59 4.20 5.60
CA TYR A 206 0.60 5.00 5.40
C TYR A 206 0.22 6.42 4.92
N CYS A 207 -0.69 6.50 3.95
CA CYS A 207 -1.12 7.75 3.34
C CYS A 207 -1.77 8.69 4.36
N ARG A 208 -2.58 8.15 5.23
CA ARG A 208 -3.24 8.96 6.22
C ARG A 208 -2.35 9.30 7.41
N SER A 209 -1.39 8.44 7.69
CA SER A 209 -0.48 8.70 8.79
C SER A 209 0.66 9.65 8.39
N ALA A 210 1.07 9.61 7.13
CA ALA A 210 2.17 10.47 6.67
C ALA A 210 1.63 11.78 6.11
N ASN A 211 0.32 11.93 6.17
CA ASN A 211 -0.40 13.13 5.73
C ASN A 211 -0.22 13.41 4.28
N ILE A 212 -0.85 12.60 3.52
CA ILE A 212 -0.87 12.72 2.10
C ILE A 212 -2.30 13.02 1.70
N GLN A 213 -3.24 12.29 2.30
CA GLN A 213 -4.64 12.52 2.08
C GLN A 213 -5.20 13.47 3.15
N PHE A 214 -5.58 14.66 2.73
CA PHE A 214 -6.18 15.66 3.61
C PHE A 214 -6.72 16.82 2.78
N ARG A 215 -8.04 17.00 2.78
CA ARG A 215 -8.65 18.09 2.02
C ARG A 215 -9.69 18.81 2.83
N THR A 216 -10.02 20.00 2.36
CA THR A 216 -10.99 20.92 2.97
C THR A 216 -12.40 20.29 3.10
N VAL A 217 -12.63 19.23 2.33
CA VAL A 217 -13.90 18.50 2.32
C VAL A 217 -14.29 18.06 3.75
N HIS A 218 -13.29 17.62 4.52
CA HIS A 218 -13.54 17.21 5.89
C HIS A 218 -12.85 18.20 6.84
N HIS A 219 -12.74 19.42 6.42
CA HIS A 219 -12.23 20.44 7.27
C HIS A 219 -13.37 21.39 7.53
N HIS A 220 -14.25 20.98 8.42
CA HIS A 220 -15.43 21.72 8.79
C HIS A 220 -15.92 21.18 10.12
N GLU A 221 -16.85 21.84 10.72
CA GLU A 221 -17.41 21.38 11.98
C GLU A 221 -18.86 21.02 11.74
N LEU A 222 -19.59 21.97 11.21
CA LEU A 222 -20.98 21.83 10.90
C LEU A 222 -21.13 21.33 9.49
N GLU A 223 -22.24 20.72 9.19
CA GLU A 223 -22.49 20.25 7.88
C GLU A 223 -23.43 21.17 7.12
N HIS A 224 -23.36 21.08 5.82
CA HIS A 224 -24.26 21.78 4.92
C HIS A 224 -25.46 20.88 4.65
N HIS A 225 -25.26 19.60 4.85
CA HIS A 225 -26.30 18.62 4.74
C HIS A 225 -26.42 17.94 6.07
N HIS A 226 -27.39 18.34 6.87
CA HIS A 226 -27.60 17.75 8.17
C HIS A 226 -27.90 16.29 7.97
N HIS A 227 -27.23 15.45 8.71
CA HIS A 227 -27.40 14.03 8.55
C HIS A 227 -28.75 13.55 9.06
N HIS A 228 -29.36 12.72 8.24
CA HIS A 228 -30.72 12.21 8.39
C HIS A 228 -31.01 11.66 9.79
N HIS A 229 -31.79 12.42 10.53
CA HIS A 229 -32.23 12.05 11.86
C HIS A 229 -33.66 12.45 12.02
N ASN A 1 19.42 8.19 5.99
CA ASN A 1 18.36 7.30 5.51
C ASN A 1 17.36 7.26 6.64
N ASP A 2 16.36 6.40 6.58
CA ASP A 2 15.40 6.29 7.66
C ASP A 2 14.59 5.04 7.46
N GLU A 3 14.13 4.47 8.52
CA GLU A 3 13.25 3.33 8.46
C GLU A 3 11.81 3.82 8.41
N LEU A 4 11.58 4.91 9.11
CA LEU A 4 10.27 5.44 9.43
C LEU A 4 9.50 6.05 8.26
N LEU A 5 9.98 5.85 7.06
CA LEU A 5 9.32 6.38 5.89
C LEU A 5 8.39 5.35 5.27
N GLY A 6 8.49 4.11 5.74
CA GLY A 6 7.69 3.05 5.15
C GLY A 6 8.38 2.47 3.95
N LYS A 7 9.69 2.36 4.04
CA LYS A 7 10.47 1.87 2.95
C LYS A 7 11.25 0.64 3.38
N VAL A 8 12.07 0.13 2.50
CA VAL A 8 12.81 -1.09 2.77
C VAL A 8 14.07 -0.78 3.57
N VAL A 9 14.27 -1.50 4.64
CA VAL A 9 15.42 -1.33 5.52
C VAL A 9 15.92 -2.67 6.02
N SER A 10 17.11 -2.67 6.49
CA SER A 10 17.78 -3.83 7.04
C SER A 10 17.41 -4.12 8.51
N VAL A 11 16.93 -5.31 8.81
CA VAL A 11 16.69 -5.67 10.21
C VAL A 11 17.73 -6.71 10.59
N VAL A 12 18.43 -6.50 11.67
CA VAL A 12 19.54 -7.37 12.01
C VAL A 12 19.14 -8.70 12.59
N SER A 13 20.06 -9.63 12.51
CA SER A 13 19.85 -10.96 13.01
C SER A 13 20.22 -11.03 14.48
N ALA A 14 19.33 -10.46 15.31
CA ALA A 14 19.40 -10.42 16.77
C ALA A 14 20.57 -9.61 17.31
N THR A 15 21.74 -9.95 16.91
CA THR A 15 22.91 -9.36 17.42
C THR A 15 23.81 -8.82 16.29
N GLU A 16 23.91 -9.53 15.19
CA GLU A 16 24.78 -9.12 14.10
C GLU A 16 24.19 -8.08 13.23
N ARG A 17 24.88 -6.95 13.13
CA ARG A 17 24.56 -5.93 12.18
C ARG A 17 25.23 -6.24 10.85
N THR A 18 26.05 -7.27 10.88
CA THR A 18 26.76 -7.74 9.72
C THR A 18 25.82 -8.56 8.85
N GLU A 19 25.12 -9.48 9.49
CA GLU A 19 24.16 -10.29 8.82
C GLU A 19 22.77 -9.81 9.22
N TRP A 20 22.04 -9.35 8.26
CA TRP A 20 20.75 -8.76 8.49
C TRP A 20 19.75 -9.18 7.44
N TYR A 21 18.51 -9.22 7.81
CA TYR A 21 17.44 -9.58 6.93
C TYR A 21 16.60 -8.35 6.61
N PRO A 22 16.57 -7.93 5.35
CA PRO A 22 15.82 -6.75 4.92
C PRO A 22 14.30 -6.90 5.07
N ALA A 23 13.67 -5.80 5.39
CA ALA A 23 12.26 -5.74 5.63
C ALA A 23 11.66 -4.45 5.11
N LEU A 24 10.37 -4.38 5.15
CA LEU A 24 9.60 -3.25 4.71
C LEU A 24 8.85 -2.71 5.88
N VAL A 25 9.03 -1.44 6.14
CA VAL A 25 8.34 -0.79 7.21
C VAL A 25 6.89 -0.55 6.82
N ILE A 26 6.00 -1.09 7.59
CA ILE A 26 4.59 -0.95 7.36
C ILE A 26 3.88 -0.50 8.62
N SER A 27 2.59 -0.34 8.57
CA SER A 27 1.85 0.12 9.69
C SER A 27 1.23 -1.05 10.46
N PRO A 28 1.26 -1.00 11.83
CA PRO A 28 0.72 -2.08 12.71
C PRO A 28 -0.80 -2.18 12.67
N SER A 29 -1.39 -1.45 11.79
CA SER A 29 -2.79 -1.49 11.56
C SER A 29 -3.12 -2.58 10.53
N CYS A 30 -2.07 -3.08 9.88
CA CYS A 30 -2.21 -4.17 8.94
C CYS A 30 -2.15 -5.50 9.70
N ASN A 31 -1.66 -5.42 10.92
CA ASN A 31 -1.49 -6.58 11.76
C ASN A 31 -2.36 -6.53 12.99
N ASP A 32 -3.24 -7.48 13.08
CA ASP A 32 -4.15 -7.61 14.21
C ASP A 32 -3.44 -8.30 15.35
N ASP A 33 -2.61 -9.28 15.01
CA ASP A 33 -1.91 -10.07 16.02
C ASP A 33 -0.75 -9.30 16.64
N ILE A 34 0.09 -8.75 15.80
CA ILE A 34 1.25 -7.99 16.29
C ILE A 34 0.80 -6.58 16.73
N THR A 35 1.50 -6.01 17.66
CA THR A 35 1.23 -4.71 18.16
C THR A 35 2.55 -3.96 18.20
N VAL A 36 2.55 -2.67 17.93
CA VAL A 36 3.77 -1.92 17.90
C VAL A 36 4.16 -1.54 19.33
N LYS A 37 5.44 -1.53 19.59
CA LYS A 37 5.94 -1.13 20.87
C LYS A 37 6.68 0.18 20.72
N LYS A 38 6.91 0.86 21.81
CA LYS A 38 7.52 2.20 21.85
C LYS A 38 8.85 2.32 21.06
N ASP A 39 9.72 1.35 21.22
CA ASP A 39 11.04 1.40 20.58
C ASP A 39 10.97 0.73 19.25
N GLN A 40 9.83 0.15 18.96
CA GLN A 40 9.70 -0.70 17.83
C GLN A 40 8.89 -0.10 16.72
N CYS A 41 9.04 -0.68 15.58
CA CYS A 41 8.33 -0.32 14.42
C CYS A 41 7.84 -1.62 13.80
N LEU A 42 6.93 -1.54 12.88
CA LEU A 42 6.38 -2.73 12.29
C LEU A 42 7.02 -2.99 10.95
N VAL A 43 7.61 -4.13 10.82
CA VAL A 43 8.28 -4.50 9.62
C VAL A 43 7.85 -5.84 9.13
N ARG A 44 7.74 -5.95 7.85
CA ARG A 44 7.50 -7.18 7.21
C ARG A 44 8.71 -7.56 6.41
N SER A 45 9.20 -8.74 6.58
CA SER A 45 10.31 -9.16 5.85
C SER A 45 9.88 -10.12 4.78
N PHE A 46 10.38 -9.91 3.60
CA PHE A 46 10.13 -10.78 2.49
C PHE A 46 10.96 -12.05 2.61
N ILE A 47 12.01 -11.97 3.40
CA ILE A 47 12.93 -13.06 3.54
C ILE A 47 12.76 -13.79 4.91
N ASP A 48 12.31 -13.07 5.92
CA ASP A 48 12.20 -13.65 7.26
C ASP A 48 10.76 -13.97 7.71
N SER A 49 10.09 -13.00 8.29
CA SER A 49 8.74 -13.20 8.82
C SER A 49 7.79 -12.16 8.20
N LYS A 50 6.50 -12.48 8.08
CA LYS A 50 5.57 -11.57 7.42
C LYS A 50 5.12 -10.41 8.33
N PHE A 51 5.12 -10.61 9.62
CA PHE A 51 4.82 -9.53 10.57
C PHE A 51 5.60 -9.72 11.83
N TYR A 52 6.43 -8.77 12.15
CA TYR A 52 7.20 -8.79 13.35
C TYR A 52 7.50 -7.36 13.76
N SER A 53 7.76 -7.17 15.00
CA SER A 53 7.90 -5.88 15.55
C SER A 53 9.29 -5.78 16.20
N ILE A 54 10.12 -4.90 15.68
CA ILE A 54 11.51 -4.82 16.07
C ILE A 54 11.90 -3.36 16.31
N ALA A 55 12.85 -3.15 17.19
CA ALA A 55 13.26 -1.83 17.63
C ALA A 55 14.24 -1.14 16.71
N ARG A 56 14.21 0.19 16.76
CA ARG A 56 15.10 1.12 16.01
C ARG A 56 16.56 0.71 16.12
N LYS A 57 16.94 0.23 17.28
CA LYS A 57 18.31 -0.17 17.56
C LYS A 57 18.70 -1.44 16.80
N ASP A 58 17.71 -2.24 16.42
CA ASP A 58 17.97 -3.51 15.76
C ASP A 58 17.59 -3.41 14.29
N ILE A 59 17.16 -2.26 13.91
CA ILE A 59 16.83 -2.00 12.55
C ILE A 59 17.85 -1.03 12.02
N LYS A 60 18.40 -1.35 10.91
CA LYS A 60 19.33 -0.51 10.26
C LYS A 60 18.59 0.06 9.09
N GLU A 61 19.01 1.15 8.65
CA GLU A 61 18.35 1.84 7.57
C GLU A 61 19.24 1.83 6.37
N VAL A 62 18.89 1.03 5.40
CA VAL A 62 19.70 0.88 4.25
C VAL A 62 18.82 0.72 3.04
N ASP A 63 19.32 1.10 1.91
CA ASP A 63 18.67 0.80 0.65
C ASP A 63 19.44 -0.31 0.02
N ILE A 64 18.92 -1.50 0.20
CA ILE A 64 19.62 -2.72 -0.16
C ILE A 64 19.95 -2.77 -1.64
N LEU A 65 19.02 -2.30 -2.45
CA LEU A 65 19.15 -2.36 -3.88
C LEU A 65 20.23 -1.37 -4.37
N ASN A 66 20.62 -0.46 -3.51
CA ASN A 66 21.59 0.55 -3.88
C ASN A 66 22.99 0.15 -3.44
N LEU A 67 23.07 -0.87 -2.61
CA LEU A 67 24.34 -1.38 -2.11
C LEU A 67 25.15 -2.03 -3.23
N PRO A 68 26.49 -2.00 -3.13
CA PRO A 68 27.38 -2.64 -4.11
C PRO A 68 27.07 -4.11 -4.27
N GLU A 69 27.16 -4.57 -5.50
CA GLU A 69 26.86 -5.95 -5.87
C GLU A 69 27.63 -6.96 -5.01
N SER A 70 28.83 -6.58 -4.63
CA SER A 70 29.72 -7.39 -3.83
C SER A 70 29.10 -7.69 -2.45
N GLU A 71 28.38 -6.72 -1.92
CA GLU A 71 27.77 -6.83 -0.63
C GLU A 71 26.60 -7.78 -0.73
N LEU A 72 25.81 -7.54 -1.74
CA LEU A 72 24.60 -8.27 -2.03
C LEU A 72 24.90 -9.73 -2.30
N SER A 73 25.81 -9.95 -3.20
CA SER A 73 26.16 -11.28 -3.63
C SER A 73 26.84 -12.12 -2.51
N THR A 74 27.51 -11.48 -1.56
CA THR A 74 28.18 -12.24 -0.52
C THR A 74 27.22 -12.66 0.60
N LYS A 75 26.20 -11.85 0.84
CA LYS A 75 25.21 -12.19 1.84
C LYS A 75 23.90 -12.50 1.11
N PRO A 76 23.59 -13.81 0.92
CA PRO A 76 22.43 -14.31 0.14
C PRO A 76 21.11 -13.57 0.37
N GLY A 77 20.90 -13.08 1.57
CA GLY A 77 19.68 -12.38 1.89
C GLY A 77 19.59 -11.05 1.20
N LEU A 78 20.73 -10.43 1.05
CA LEU A 78 20.85 -9.14 0.41
C LEU A 78 20.68 -9.30 -1.08
N GLN A 79 21.13 -10.44 -1.60
CA GLN A 79 20.97 -10.73 -3.00
C GLN A 79 19.51 -10.97 -3.33
N LYS A 80 18.80 -11.70 -2.45
CA LYS A 80 17.38 -11.96 -2.63
C LYS A 80 16.65 -10.64 -2.64
N ALA A 81 17.03 -9.79 -1.71
CA ALA A 81 16.51 -8.45 -1.60
C ALA A 81 16.63 -7.70 -2.91
N SER A 82 17.83 -7.62 -3.45
CA SER A 82 18.08 -6.90 -4.69
C SER A 82 17.17 -7.41 -5.82
N ILE A 83 17.10 -8.72 -5.95
CA ILE A 83 16.28 -9.37 -6.99
C ILE A 83 14.78 -9.09 -6.77
N PHE A 84 14.35 -9.22 -5.54
CA PHE A 84 12.99 -9.01 -5.13
C PHE A 84 12.58 -7.55 -5.34
N LEU A 85 13.44 -6.66 -4.90
CA LEU A 85 13.16 -5.24 -4.93
C LEU A 85 13.22 -4.65 -6.32
N LYS A 86 14.16 -5.12 -7.16
CA LYS A 86 14.34 -4.55 -8.49
C LYS A 86 13.11 -4.71 -9.37
N THR A 87 12.29 -5.70 -9.10
CA THR A 87 11.13 -5.92 -9.90
C THR A 87 9.86 -5.39 -9.21
N ARG A 88 10.01 -4.77 -8.02
CA ARG A 88 8.83 -4.36 -7.26
C ARG A 88 8.84 -2.90 -6.81
N VAL A 89 9.96 -2.40 -6.31
CA VAL A 89 9.95 -1.06 -5.68
C VAL A 89 10.74 -0.02 -6.51
N VAL A 90 11.14 -0.39 -7.70
CA VAL A 90 11.89 0.51 -8.54
C VAL A 90 10.97 1.03 -9.65
N PRO A 91 10.69 2.35 -9.72
CA PRO A 91 9.73 2.96 -10.66
C PRO A 91 9.88 2.53 -12.13
N ASP A 92 11.09 2.47 -12.58
CA ASP A 92 11.36 2.11 -13.97
C ASP A 92 11.49 0.59 -14.15
N ASN A 93 11.60 -0.12 -13.05
CA ASN A 93 11.90 -1.55 -13.13
C ASN A 93 10.79 -2.45 -12.56
N TRP A 94 9.75 -1.88 -11.95
CA TRP A 94 8.68 -2.70 -11.43
C TRP A 94 7.80 -3.24 -12.54
N LYS A 95 7.63 -4.54 -12.59
CA LYS A 95 6.82 -5.18 -13.61
C LYS A 95 6.19 -6.49 -13.18
N MET A 96 4.97 -6.67 -13.61
CA MET A 96 4.17 -7.87 -13.44
C MET A 96 3.00 -7.66 -14.38
N ASP A 97 2.29 -8.69 -14.77
CA ASP A 97 1.19 -8.54 -15.74
C ASP A 97 0.09 -7.62 -15.23
N ILE A 98 -0.16 -6.58 -15.98
CA ILE A 98 -1.19 -5.60 -15.66
C ILE A 98 -2.57 -6.15 -16.01
N SER A 99 -2.63 -7.04 -17.01
CA SER A 99 -3.88 -7.54 -17.57
C SER A 99 -4.72 -8.26 -16.52
N GLU A 100 -4.10 -9.23 -15.84
CA GLU A 100 -4.78 -10.06 -14.84
C GLU A 100 -5.23 -9.23 -13.62
N ILE A 101 -4.58 -8.11 -13.39
CA ILE A 101 -4.87 -7.26 -12.24
C ILE A 101 -6.34 -6.83 -12.19
N LEU A 102 -6.80 -6.17 -13.22
CA LEU A 102 -8.21 -5.79 -13.31
C LEU A 102 -9.00 -6.86 -14.01
N GLU A 103 -8.26 -7.83 -14.51
CA GLU A 103 -8.73 -9.04 -15.23
C GLU A 103 -8.91 -8.73 -16.72
N SER A 104 -9.34 -7.54 -16.98
CA SER A 104 -9.50 -7.05 -18.31
C SER A 104 -9.00 -5.60 -18.33
N SER A 105 -7.77 -5.42 -17.90
CA SER A 105 -7.16 -4.10 -17.83
C SER A 105 -7.11 -3.42 -19.19
N SER A 106 -6.84 -4.17 -20.26
CA SER A 106 -6.89 -3.60 -21.57
C SER A 106 -8.32 -3.63 -22.06
N SER A 107 -9.10 -2.75 -21.52
CA SER A 107 -10.44 -2.59 -21.87
C SER A 107 -10.55 -1.37 -22.74
N LYS A 108 -11.69 -1.17 -23.33
CA LYS A 108 -11.88 -0.04 -24.21
C LYS A 108 -12.64 1.04 -23.46
N ASP A 109 -12.66 0.86 -22.16
CA ASP A 109 -13.25 1.77 -21.18
C ASP A 109 -12.13 2.09 -20.17
N LYS A 110 -10.93 1.78 -20.60
CA LYS A 110 -9.71 1.88 -19.79
C LYS A 110 -9.35 3.33 -19.48
N GLU A 111 -9.54 4.19 -20.45
CA GLU A 111 -9.15 5.58 -20.32
C GLU A 111 -10.08 6.35 -19.41
N LYS A 112 -9.58 6.64 -18.24
CA LYS A 112 -10.29 7.43 -17.25
C LYS A 112 -9.41 8.61 -16.86
N GLU A 113 -8.18 8.32 -16.52
CA GLU A 113 -7.20 9.35 -16.21
C GLU A 113 -6.29 9.59 -17.40
N LEU A 114 -5.75 10.78 -17.46
CA LEU A 114 -4.86 11.19 -18.48
C LEU A 114 -3.44 10.70 -18.18
N ASP A 115 -3.06 10.73 -16.92
CA ASP A 115 -1.74 10.27 -16.50
C ASP A 115 -1.87 8.86 -15.94
N PRO A 116 -1.25 7.87 -16.58
CA PRO A 116 -1.42 6.47 -16.21
C PRO A 116 -0.46 5.96 -15.11
N GLU A 117 0.60 6.71 -14.82
CA GLU A 117 1.62 6.16 -13.95
C GLU A 117 1.22 5.88 -12.52
N GLU A 118 0.26 6.59 -11.98
CA GLU A 118 -0.17 6.27 -10.63
C GLU A 118 -1.28 5.19 -10.59
N ARG A 119 -2.24 5.28 -11.51
CA ARG A 119 -3.32 4.28 -11.62
C ARG A 119 -2.79 2.88 -11.83
N ASP A 120 -1.94 2.71 -12.82
CA ASP A 120 -1.39 1.40 -13.11
C ASP A 120 -0.45 1.00 -12.00
N ASN A 121 0.14 1.99 -11.36
CA ASN A 121 1.00 1.78 -10.18
C ASN A 121 0.20 1.20 -9.04
N PHE A 122 -0.96 1.79 -8.74
CA PHE A 122 -1.81 1.25 -7.68
C PHE A 122 -2.21 -0.16 -8.00
N LEU A 123 -2.58 -0.38 -9.25
CA LEU A 123 -2.92 -1.72 -9.71
C LEU A 123 -1.74 -2.68 -9.48
N GLN A 124 -0.59 -2.30 -10.00
CA GLN A 124 0.65 -3.06 -9.91
C GLN A 124 1.09 -3.32 -8.49
N GLN A 125 1.28 -2.28 -7.74
CA GLN A 125 1.87 -2.35 -6.43
C GLN A 125 0.95 -3.01 -5.43
N LEU A 126 -0.35 -2.76 -5.56
CA LEU A 126 -1.28 -3.38 -4.66
C LEU A 126 -1.31 -4.86 -4.95
N TYR A 127 -1.35 -5.21 -6.22
CA TYR A 127 -1.27 -6.60 -6.60
C TYR A 127 0.01 -7.28 -6.13
N LYS A 128 1.17 -6.68 -6.47
CA LYS A 128 2.48 -7.25 -6.11
C LYS A 128 2.57 -7.48 -4.63
N PHE A 129 2.31 -6.44 -3.88
CA PHE A 129 2.50 -6.47 -2.46
C PHE A 129 1.44 -7.25 -1.71
N MET A 130 0.23 -7.37 -2.24
CA MET A 130 -0.76 -8.17 -1.56
C MET A 130 -0.50 -9.63 -1.73
N GLU A 131 -0.24 -10.05 -2.97
CA GLU A 131 0.06 -11.45 -3.26
C GLU A 131 1.33 -11.89 -2.50
N ASP A 132 2.18 -10.93 -2.24
CA ASP A 132 3.41 -11.16 -1.53
C ASP A 132 3.24 -11.14 0.02
N ARG A 133 2.41 -10.21 0.54
CA ARG A 133 2.31 -9.96 2.02
C ARG A 133 1.64 -11.09 2.81
N GLY A 134 1.07 -12.05 2.11
CA GLY A 134 0.38 -13.14 2.79
C GLY A 134 -1.11 -12.94 2.73
N THR A 135 -1.51 -11.81 2.23
CA THR A 135 -2.88 -11.44 2.05
C THR A 135 -3.07 -11.14 0.56
N PRO A 136 -3.18 -12.20 -0.26
CA PRO A 136 -3.12 -12.06 -1.70
C PRO A 136 -4.46 -11.74 -2.35
N ILE A 137 -4.40 -11.49 -3.64
CA ILE A 137 -5.56 -11.17 -4.41
C ILE A 137 -5.69 -12.19 -5.51
N ASN A 138 -6.46 -13.20 -5.27
CA ASN A 138 -6.74 -14.21 -6.27
C ASN A 138 -8.17 -14.05 -6.75
N LYS A 139 -8.80 -13.02 -6.23
CA LYS A 139 -10.10 -12.59 -6.67
C LYS A 139 -9.89 -11.14 -7.03
N PRO A 140 -9.86 -10.79 -8.32
CA PRO A 140 -9.56 -9.43 -8.76
C PRO A 140 -10.55 -8.38 -8.21
N PRO A 141 -10.19 -7.08 -8.27
CA PRO A 141 -11.05 -6.01 -7.79
C PRO A 141 -12.27 -5.80 -8.67
N VAL A 142 -13.36 -6.34 -8.20
CA VAL A 142 -14.63 -6.24 -8.84
C VAL A 142 -15.58 -6.04 -7.71
N LEU A 143 -16.57 -5.24 -7.91
CA LEU A 143 -17.55 -5.06 -6.91
C LEU A 143 -18.81 -4.56 -7.58
N GLY A 144 -19.95 -5.11 -7.21
CA GLY A 144 -21.19 -4.69 -7.81
C GLY A 144 -21.25 -5.14 -9.24
N TYR A 145 -20.88 -6.41 -9.45
CA TYR A 145 -20.72 -7.09 -10.76
C TYR A 145 -19.80 -6.40 -11.78
N LYS A 146 -19.10 -5.38 -11.37
CA LYS A 146 -18.28 -4.66 -12.29
C LYS A 146 -16.99 -4.18 -11.69
N ASP A 147 -16.14 -3.74 -12.58
CA ASP A 147 -14.79 -3.23 -12.33
C ASP A 147 -14.69 -2.32 -11.12
N LEU A 148 -13.90 -2.75 -10.16
CA LEU A 148 -13.62 -1.94 -9.02
C LEU A 148 -12.24 -1.32 -9.24
N ASN A 149 -12.23 -0.12 -9.76
CA ASN A 149 -10.99 0.58 -10.07
C ASN A 149 -10.37 1.15 -8.82
N LEU A 150 -9.26 0.54 -8.39
CA LEU A 150 -8.53 0.91 -7.17
C LEU A 150 -8.20 2.38 -7.19
N PHE A 151 -7.61 2.80 -8.29
CA PHE A 151 -7.15 4.15 -8.47
C PHE A 151 -8.28 5.16 -8.44
N LYS A 152 -9.42 4.78 -8.98
CA LYS A 152 -10.53 5.68 -9.06
C LYS A 152 -11.15 5.83 -7.67
N LEU A 153 -11.26 4.72 -6.96
CA LEU A 153 -11.79 4.75 -5.60
C LEU A 153 -10.83 5.48 -4.67
N PHE A 154 -9.54 5.23 -4.87
CA PHE A 154 -8.49 5.94 -4.14
C PHE A 154 -8.63 7.43 -4.35
N ARG A 155 -8.79 7.80 -5.64
CA ARG A 155 -8.97 9.17 -6.09
C ARG A 155 -10.07 9.84 -5.28
N LEU A 156 -11.20 9.17 -5.25
CA LEU A 156 -12.39 9.65 -4.58
C LEU A 156 -12.18 9.83 -3.08
N VAL A 157 -11.74 8.78 -2.39
CA VAL A 157 -11.51 8.87 -0.95
C VAL A 157 -10.41 9.90 -0.62
N TYR A 158 -9.43 9.99 -1.50
CA TYR A 158 -8.36 10.98 -1.34
C TYR A 158 -8.95 12.38 -1.52
N HIS A 159 -9.97 12.49 -2.36
CA HIS A 159 -10.62 13.78 -2.59
C HIS A 159 -11.56 14.11 -1.46
N GLN A 160 -11.85 13.13 -0.64
CA GLN A 160 -12.71 13.29 0.50
C GLN A 160 -11.87 13.54 1.74
N GLY A 161 -10.57 13.62 1.56
CA GLY A 161 -9.67 13.93 2.66
C GLY A 161 -8.86 12.75 3.13
N GLY A 162 -9.17 11.59 2.64
CA GLY A 162 -8.48 10.42 3.10
C GLY A 162 -9.42 9.54 3.85
N CYS A 163 -9.03 8.32 4.06
CA CYS A 163 -9.91 7.33 4.67
C CYS A 163 -10.21 7.63 6.14
N ASP A 164 -9.19 7.98 6.91
CA ASP A 164 -9.39 8.24 8.33
C ASP A 164 -9.96 9.62 8.57
N ASN A 165 -10.24 10.33 7.49
CA ASN A 165 -10.92 11.62 7.56
C ASN A 165 -12.41 11.37 7.48
N ILE A 166 -12.74 10.29 6.82
CA ILE A 166 -14.11 9.93 6.61
C ILE A 166 -14.62 9.17 7.82
N ASP A 167 -15.71 9.61 8.34
CA ASP A 167 -16.36 8.93 9.45
C ASP A 167 -17.77 8.53 9.08
N SER A 168 -18.34 9.20 8.11
CA SER A 168 -19.67 8.92 7.69
C SER A 168 -19.66 7.89 6.55
N GLY A 169 -20.48 6.84 6.70
CA GLY A 169 -20.58 5.81 5.67
C GLY A 169 -21.20 6.38 4.40
N ALA A 170 -21.83 7.53 4.55
CA ALA A 170 -22.41 8.30 3.46
C ALA A 170 -21.36 8.65 2.40
N VAL A 171 -20.13 8.91 2.84
CA VAL A 171 -19.07 9.27 1.92
C VAL A 171 -18.69 8.05 1.09
N TRP A 172 -18.53 6.92 1.76
CA TRP A 172 -18.30 5.63 1.14
C TRP A 172 -19.44 5.27 0.17
N LYS A 173 -20.63 5.59 0.57
CA LYS A 173 -21.81 5.42 -0.26
C LYS A 173 -21.66 6.24 -1.57
N GLN A 174 -21.22 7.49 -1.41
CA GLN A 174 -21.09 8.37 -2.55
C GLN A 174 -19.92 7.92 -3.43
N ILE A 175 -18.75 7.61 -2.85
CA ILE A 175 -17.58 7.17 -3.65
C ILE A 175 -17.96 5.92 -4.47
N TYR A 176 -18.75 5.03 -3.87
CA TYR A 176 -19.20 3.82 -4.56
C TYR A 176 -20.08 4.21 -5.73
N MET A 177 -20.95 5.17 -5.49
CA MET A 177 -21.85 5.64 -6.52
C MET A 177 -21.08 6.40 -7.61
N ASP A 178 -19.97 7.01 -7.23
CA ASP A 178 -19.17 7.83 -8.14
C ASP A 178 -18.54 6.97 -9.24
N LEU A 179 -18.12 5.72 -8.93
CA LEU A 179 -17.65 4.82 -10.00
C LEU A 179 -18.79 4.43 -10.95
N GLY A 180 -20.01 4.62 -10.51
CA GLY A 180 -21.15 4.29 -11.33
C GLY A 180 -21.54 2.86 -11.14
N ILE A 181 -21.42 2.40 -9.94
CA ILE A 181 -21.76 1.04 -9.63
C ILE A 181 -23.09 1.08 -8.90
N PRO A 182 -23.99 0.11 -9.16
CA PRO A 182 -25.26 -0.02 -8.44
C PRO A 182 -25.05 -0.02 -6.94
N ILE A 183 -25.71 0.91 -6.28
CA ILE A 183 -25.54 1.19 -4.88
C ILE A 183 -25.89 -0.02 -3.99
N LEU A 184 -26.88 -0.83 -4.41
CA LEU A 184 -27.29 -2.06 -3.69
C LEU A 184 -27.71 -1.73 -2.28
N ASN A 185 -28.30 -0.61 -2.22
CA ASN A 185 -28.80 0.03 -1.00
C ASN A 185 -27.73 0.21 0.09
N SER A 186 -27.70 -0.66 1.09
CA SER A 186 -26.75 -0.54 2.19
C SER A 186 -25.52 -1.34 1.95
N ALA A 187 -25.57 -2.22 0.95
CA ALA A 187 -24.45 -3.06 0.63
C ALA A 187 -23.26 -2.20 0.31
N ALA A 188 -23.54 -1.05 -0.33
CA ALA A 188 -22.54 -0.08 -0.73
C ALA A 188 -21.54 0.25 0.36
N SER A 189 -22.00 0.81 1.46
CA SER A 189 -21.12 1.26 2.53
C SER A 189 -20.24 0.11 3.04
N TYR A 190 -20.86 -1.04 3.27
CA TYR A 190 -20.14 -2.21 3.70
C TYR A 190 -19.14 -2.69 2.64
N ASN A 191 -19.62 -2.84 1.42
CA ASN A 191 -18.83 -3.43 0.38
C ASN A 191 -17.70 -2.54 -0.06
N VAL A 192 -17.91 -1.24 -0.07
CA VAL A 192 -16.88 -0.33 -0.45
C VAL A 192 -15.85 -0.19 0.66
N LYS A 193 -16.31 -0.26 1.94
CA LYS A 193 -15.36 -0.33 3.06
C LYS A 193 -14.52 -1.56 2.90
N THR A 194 -15.17 -2.67 2.61
CA THR A 194 -14.50 -3.93 2.41
C THR A 194 -13.50 -3.83 1.25
N ALA A 195 -13.97 -3.33 0.10
CA ALA A 195 -13.14 -3.20 -1.09
C ALA A 195 -11.93 -2.33 -0.83
N TYR A 196 -12.13 -1.13 -0.32
CA TYR A 196 -11.00 -0.25 -0.04
C TYR A 196 -10.11 -0.83 1.08
N ARG A 197 -10.73 -1.41 2.12
CA ARG A 197 -10.00 -1.95 3.28
C ARG A 197 -9.23 -3.22 2.95
N LYS A 198 -9.59 -3.92 1.91
CA LYS A 198 -8.80 -5.07 1.57
C LYS A 198 -7.94 -4.83 0.37
N TYR A 199 -8.50 -4.21 -0.65
CA TYR A 199 -7.74 -4.03 -1.88
C TYR A 199 -6.77 -2.87 -1.79
N LEU A 200 -7.05 -1.89 -0.96
CA LEU A 200 -6.18 -0.76 -0.89
C LEU A 200 -5.59 -0.53 0.50
N TYR A 201 -5.82 -1.43 1.47
CA TYR A 201 -5.41 -1.12 2.87
C TYR A 201 -3.92 -0.81 3.02
N GLY A 202 -3.06 -1.53 2.28
CA GLY A 202 -1.65 -1.21 2.26
C GLY A 202 -1.38 0.25 1.91
N PHE A 203 -1.95 0.71 0.81
CA PHE A 203 -1.77 2.09 0.39
C PHE A 203 -2.60 3.08 1.18
N GLU A 204 -3.70 2.63 1.74
CA GLU A 204 -4.53 3.46 2.59
C GLU A 204 -3.68 3.93 3.77
N GLU A 205 -3.22 2.94 4.55
CA GLU A 205 -2.40 3.17 5.71
C GLU A 205 -1.14 3.93 5.33
N TYR A 206 -0.49 3.46 4.27
CA TYR A 206 0.76 4.04 3.81
C TYR A 206 0.59 5.52 3.44
N CYS A 207 -0.36 5.83 2.59
CA CYS A 207 -0.51 7.19 2.11
C CYS A 207 -0.91 8.15 3.21
N ARG A 208 -1.78 7.71 4.11
CA ARG A 208 -2.18 8.62 5.16
C ARG A 208 -1.18 8.70 6.33
N SER A 209 -0.34 7.70 6.48
CA SER A 209 0.62 7.72 7.57
C SER A 209 2.02 8.22 7.13
N ALA A 210 2.42 7.95 5.88
CA ALA A 210 3.79 8.30 5.43
C ALA A 210 3.91 9.76 5.04
N ASN A 211 2.86 10.51 5.32
CA ASN A 211 2.80 11.97 5.16
C ASN A 211 2.79 12.39 3.73
N ILE A 212 2.27 11.52 2.87
CA ILE A 212 2.03 11.92 1.50
C ILE A 212 0.92 12.97 1.54
N GLN A 213 0.05 12.78 2.50
CA GLN A 213 -0.90 13.78 2.84
C GLN A 213 -0.51 14.33 4.20
N PHE A 214 -0.08 15.58 4.22
CA PHE A 214 0.32 16.24 5.46
C PHE A 214 -0.93 16.67 6.21
N ARG A 215 -1.95 16.94 5.46
CA ARG A 215 -3.21 17.33 5.96
C ARG A 215 -4.22 16.86 4.93
N THR A 216 -5.43 16.58 5.35
CA THR A 216 -6.46 15.96 4.54
C THR A 216 -6.75 16.68 3.19
N VAL A 217 -7.65 17.65 3.18
CA VAL A 217 -7.89 18.40 1.95
C VAL A 217 -7.29 19.77 2.10
N HIS A 218 -5.99 19.81 2.02
CA HIS A 218 -5.23 21.03 2.12
C HIS A 218 -3.85 20.78 1.55
N HIS A 219 -3.74 20.90 0.25
CA HIS A 219 -2.48 20.65 -0.44
C HIS A 219 -2.23 21.78 -1.40
N HIS A 220 -1.42 22.74 -0.99
CA HIS A 220 -1.13 23.90 -1.83
C HIS A 220 0.19 24.57 -1.44
N GLU A 221 0.60 24.36 -0.22
CA GLU A 221 1.77 25.01 0.32
C GLU A 221 2.64 24.02 1.10
N LEU A 222 2.05 23.33 2.08
CA LEU A 222 2.72 22.39 2.98
C LEU A 222 3.79 23.06 3.86
N GLU A 223 4.23 22.36 4.88
CA GLU A 223 5.29 22.86 5.74
C GLU A 223 6.63 22.63 5.11
N HIS A 224 7.31 23.69 4.80
CA HIS A 224 8.62 23.60 4.20
C HIS A 224 9.65 23.63 5.29
N HIS A 225 9.97 22.46 5.82
CA HIS A 225 10.91 22.38 6.91
C HIS A 225 12.34 22.49 6.45
N HIS A 226 12.63 23.65 5.97
CA HIS A 226 13.91 24.10 5.48
C HIS A 226 13.85 25.59 5.56
N HIS A 227 12.71 26.11 5.08
CA HIS A 227 12.41 27.54 5.01
C HIS A 227 13.53 28.23 4.28
N HIS A 228 13.65 27.86 3.02
CA HIS A 228 14.71 28.30 2.14
C HIS A 228 14.79 29.81 2.04
N HIS A 229 15.81 30.34 2.66
CA HIS A 229 16.08 31.75 2.69
C HIS A 229 17.48 31.91 3.22
N ASN A 1 19.60 8.76 3.09
CA ASN A 1 18.32 8.15 2.76
C ASN A 1 17.46 8.01 4.02
N ASP A 2 16.22 8.43 3.91
CA ASP A 2 15.27 8.43 5.02
C ASP A 2 14.25 7.37 4.73
N GLU A 3 14.60 6.19 5.14
CA GLU A 3 13.90 4.99 4.78
C GLU A 3 12.82 4.67 5.77
N LEU A 4 12.90 5.27 6.96
CA LEU A 4 11.94 5.02 8.05
C LEU A 4 10.50 5.47 7.71
N LEU A 5 10.33 6.02 6.52
CA LEU A 5 9.04 6.42 5.96
C LEU A 5 8.13 5.21 5.82
N GLY A 6 8.73 4.06 5.68
CA GLY A 6 7.94 2.89 5.45
C GLY A 6 8.31 2.19 4.16
N LYS A 7 9.58 2.18 3.83
CA LYS A 7 10.04 1.46 2.67
C LYS A 7 11.11 0.44 3.06
N VAL A 8 11.82 -0.12 2.10
CA VAL A 8 12.79 -1.19 2.37
C VAL A 8 14.01 -0.66 3.14
N VAL A 9 14.57 -1.50 3.99
CA VAL A 9 15.61 -1.20 4.93
C VAL A 9 16.34 -2.50 5.24
N SER A 10 17.26 -2.45 6.15
CA SER A 10 18.00 -3.59 6.59
C SER A 10 17.73 -3.83 8.06
N VAL A 11 17.42 -5.03 8.43
CA VAL A 11 17.20 -5.34 9.82
C VAL A 11 18.29 -6.31 10.21
N VAL A 12 19.10 -5.92 11.14
CA VAL A 12 20.23 -6.73 11.55
C VAL A 12 19.80 -8.05 12.14
N SER A 13 20.44 -9.12 11.71
CA SER A 13 20.13 -10.42 12.18
C SER A 13 20.84 -10.66 13.49
N ALA A 14 20.13 -10.34 14.55
CA ALA A 14 20.50 -10.50 15.93
C ALA A 14 21.57 -9.53 16.38
N THR A 15 22.69 -9.55 15.72
CA THR A 15 23.82 -8.79 16.17
C THR A 15 24.82 -8.51 15.03
N GLU A 16 24.91 -9.38 14.04
CA GLU A 16 25.94 -9.17 13.01
C GLU A 16 25.53 -8.24 11.90
N ARG A 17 26.43 -7.35 11.59
CA ARG A 17 26.24 -6.35 10.55
C ARG A 17 26.64 -6.99 9.25
N THR A 18 27.26 -8.13 9.40
CA THR A 18 27.75 -8.94 8.35
C THR A 18 26.58 -9.46 7.52
N GLU A 19 25.57 -9.94 8.21
CA GLU A 19 24.41 -10.47 7.58
C GLU A 19 23.17 -10.02 8.33
N TRP A 20 22.32 -9.41 7.60
CA TRP A 20 21.11 -8.84 8.07
C TRP A 20 20.01 -9.25 7.11
N TYR A 21 18.80 -8.96 7.43
CA TYR A 21 17.71 -9.30 6.58
C TYR A 21 16.97 -8.05 6.13
N PRO A 22 16.93 -7.83 4.81
CA PRO A 22 16.23 -6.71 4.23
C PRO A 22 14.73 -6.88 4.36
N ALA A 23 14.06 -5.82 4.68
CA ALA A 23 12.66 -5.88 4.96
C ALA A 23 12.03 -4.54 4.77
N LEU A 24 10.72 -4.49 4.83
CA LEU A 24 9.98 -3.24 4.69
C LEU A 24 9.46 -2.78 6.02
N VAL A 25 9.58 -1.50 6.29
CA VAL A 25 8.99 -0.91 7.47
C VAL A 25 7.51 -0.69 7.17
N ILE A 26 6.63 -1.28 7.93
CA ILE A 26 5.20 -1.18 7.65
C ILE A 26 4.40 -0.75 8.88
N SER A 27 3.21 -0.29 8.63
CA SER A 27 2.31 0.14 9.67
C SER A 27 1.71 -1.06 10.44
N PRO A 28 1.74 -1.01 11.80
CA PRO A 28 1.29 -2.10 12.68
C PRO A 28 -0.23 -2.27 12.71
N SER A 29 -0.91 -1.43 12.00
CA SER A 29 -2.36 -1.50 11.92
C SER A 29 -2.77 -2.65 10.99
N CYS A 30 -1.79 -3.22 10.31
CA CYS A 30 -2.02 -4.34 9.44
C CYS A 30 -2.08 -5.62 10.28
N ASN A 31 -1.54 -5.55 11.49
CA ASN A 31 -1.41 -6.69 12.36
C ASN A 31 -2.12 -6.49 13.68
N ASP A 32 -3.05 -7.38 13.96
CA ASP A 32 -3.81 -7.33 15.20
C ASP A 32 -3.03 -7.94 16.35
N ASP A 33 -2.23 -8.96 16.03
CA ASP A 33 -1.50 -9.71 17.04
C ASP A 33 -0.29 -8.95 17.53
N ILE A 34 0.51 -8.49 16.60
CA ILE A 34 1.69 -7.76 16.95
C ILE A 34 1.27 -6.31 17.21
N THR A 35 1.93 -5.66 18.09
CA THR A 35 1.64 -4.33 18.45
C THR A 35 2.97 -3.58 18.45
N VAL A 36 2.97 -2.35 17.98
CA VAL A 36 4.19 -1.59 17.93
C VAL A 36 4.42 -0.92 19.28
N LYS A 37 5.61 -1.01 19.74
CA LYS A 37 6.03 -0.35 20.94
C LYS A 37 7.01 0.74 20.56
N LYS A 38 7.06 1.78 21.37
CA LYS A 38 7.83 3.02 21.11
C LYS A 38 9.28 2.81 20.61
N ASP A 39 9.96 1.84 21.15
CA ASP A 39 11.37 1.58 20.82
C ASP A 39 11.50 0.62 19.63
N GLN A 40 10.39 0.19 19.11
CA GLN A 40 10.39 -0.79 18.05
C GLN A 40 9.54 -0.33 16.88
N CYS A 41 9.55 -1.10 15.83
CA CYS A 41 8.78 -0.82 14.64
C CYS A 41 8.26 -2.12 14.08
N LEU A 42 7.25 -2.03 13.25
CA LEU A 42 6.69 -3.19 12.61
C LEU A 42 7.34 -3.35 11.27
N VAL A 43 8.03 -4.43 11.10
CA VAL A 43 8.78 -4.63 9.90
C VAL A 43 8.38 -5.97 9.28
N ARG A 44 8.47 -6.07 7.97
CA ARG A 44 8.08 -7.26 7.25
C ARG A 44 9.21 -7.77 6.39
N SER A 45 9.67 -8.96 6.67
CA SER A 45 10.70 -9.61 5.91
C SER A 45 10.05 -10.35 4.77
N PHE A 46 10.44 -10.01 3.57
CA PHE A 46 9.97 -10.71 2.40
C PHE A 46 10.68 -12.07 2.27
N ILE A 47 11.70 -12.26 3.08
CA ILE A 47 12.44 -13.45 3.09
C ILE A 47 11.75 -14.49 3.97
N ASP A 48 11.32 -14.06 5.15
CA ASP A 48 10.81 -14.99 6.12
C ASP A 48 9.50 -14.53 6.84
N SER A 49 9.63 -13.80 7.91
CA SER A 49 8.53 -13.39 8.74
C SER A 49 7.83 -12.16 8.16
N LYS A 50 6.52 -12.24 8.01
CA LYS A 50 5.80 -11.15 7.40
C LYS A 50 5.31 -10.11 8.41
N PHE A 51 5.45 -10.42 9.67
CA PHE A 51 5.10 -9.51 10.77
C PHE A 51 5.97 -9.78 11.98
N TYR A 52 6.71 -8.78 12.40
CA TYR A 52 7.54 -8.83 13.58
C TYR A 52 7.80 -7.43 14.09
N SER A 53 8.05 -7.34 15.36
CA SER A 53 8.29 -6.11 16.02
C SER A 53 9.76 -6.09 16.42
N ILE A 54 10.51 -5.23 15.80
CA ILE A 54 11.94 -5.17 16.01
C ILE A 54 12.34 -3.74 16.35
N ALA A 55 13.34 -3.61 17.21
CA ALA A 55 13.81 -2.32 17.67
C ALA A 55 14.40 -1.49 16.55
N ARG A 56 14.18 -0.19 16.63
CA ARG A 56 14.64 0.77 15.63
C ARG A 56 16.16 0.73 15.52
N LYS A 57 16.83 0.38 16.62
CA LYS A 57 18.29 0.23 16.66
C LYS A 57 18.78 -0.91 15.75
N ASP A 58 17.95 -1.93 15.56
CA ASP A 58 18.32 -3.10 14.76
C ASP A 58 18.06 -2.85 13.30
N ILE A 59 17.36 -1.79 13.04
CA ILE A 59 16.99 -1.44 11.70
C ILE A 59 17.96 -0.38 11.17
N LYS A 60 18.47 -0.63 10.01
CA LYS A 60 19.37 0.27 9.32
C LYS A 60 18.67 0.73 8.05
N GLU A 61 18.78 1.99 7.74
CA GLU A 61 18.09 2.56 6.60
C GLU A 61 18.93 2.40 5.34
N VAL A 62 18.51 1.49 4.51
CA VAL A 62 19.24 1.05 3.35
C VAL A 62 18.31 0.72 2.19
N ASP A 63 18.71 1.09 0.98
CA ASP A 63 17.99 0.66 -0.21
C ASP A 63 18.82 -0.49 -0.74
N ILE A 64 18.26 -1.66 -0.72
CA ILE A 64 19.01 -2.89 -0.90
C ILE A 64 19.59 -3.03 -2.29
N LEU A 65 18.80 -2.72 -3.31
CA LEU A 65 19.26 -2.90 -4.68
C LEU A 65 20.29 -1.83 -5.08
N ASN A 66 20.49 -0.90 -4.19
CA ASN A 66 21.46 0.14 -4.38
C ASN A 66 22.85 -0.35 -3.94
N LEU A 67 22.85 -1.39 -3.13
CA LEU A 67 24.09 -2.01 -2.71
C LEU A 67 24.64 -2.84 -3.88
N PRO A 68 25.97 -3.01 -3.96
CA PRO A 68 26.60 -3.73 -5.06
C PRO A 68 26.33 -5.25 -5.03
N GLU A 69 26.50 -5.85 -6.19
CA GLU A 69 26.33 -7.30 -6.40
C GLU A 69 27.12 -8.16 -5.41
N SER A 70 28.29 -7.70 -5.07
CA SER A 70 29.20 -8.34 -4.17
C SER A 70 28.63 -8.45 -2.75
N GLU A 71 27.71 -7.58 -2.44
CA GLU A 71 27.03 -7.57 -1.18
C GLU A 71 25.78 -8.47 -1.29
N LEU A 72 25.02 -8.21 -2.32
CA LEU A 72 23.74 -8.85 -2.59
C LEU A 72 23.83 -10.35 -2.72
N SER A 73 24.54 -10.78 -3.72
CA SER A 73 24.65 -12.17 -4.08
C SER A 73 25.38 -13.03 -3.02
N THR A 74 26.07 -12.42 -2.09
CA THR A 74 26.81 -13.18 -1.13
C THR A 74 26.05 -13.41 0.17
N LYS A 75 25.55 -12.34 0.78
CA LYS A 75 24.83 -12.45 2.04
C LYS A 75 23.44 -13.01 1.82
N PRO A 76 23.12 -14.11 2.53
CA PRO A 76 21.85 -14.83 2.41
C PRO A 76 20.62 -13.92 2.50
N GLY A 77 19.96 -13.72 1.37
CA GLY A 77 18.75 -12.97 1.39
C GLY A 77 18.86 -11.66 0.66
N LEU A 78 20.07 -11.13 0.55
CA LEU A 78 20.24 -9.84 -0.11
C LEU A 78 20.05 -10.00 -1.60
N GLN A 79 20.37 -11.18 -2.08
CA GLN A 79 20.15 -11.55 -3.46
C GLN A 79 18.64 -11.59 -3.70
N LYS A 80 17.93 -12.23 -2.76
CA LYS A 80 16.49 -12.37 -2.79
C LYS A 80 15.83 -11.02 -2.74
N ALA A 81 16.44 -10.10 -2.00
CA ALA A 81 16.01 -8.75 -1.92
C ALA A 81 15.99 -8.14 -3.27
N SER A 82 17.15 -8.14 -3.92
CA SER A 82 17.29 -7.60 -5.24
C SER A 82 16.25 -8.23 -6.18
N ILE A 83 16.15 -9.56 -6.14
CA ILE A 83 15.19 -10.30 -6.96
C ILE A 83 13.73 -9.84 -6.72
N PHE A 84 13.34 -9.79 -5.46
CA PHE A 84 11.97 -9.45 -5.04
C PHE A 84 11.65 -7.98 -5.34
N LEU A 85 12.63 -7.13 -5.16
CA LEU A 85 12.49 -5.69 -5.29
C LEU A 85 12.55 -5.17 -6.74
N LYS A 86 13.44 -5.73 -7.57
CA LYS A 86 13.59 -5.22 -8.94
C LYS A 86 12.36 -5.48 -9.81
N THR A 87 11.54 -6.38 -9.37
CA THR A 87 10.32 -6.65 -10.02
C THR A 87 9.17 -6.35 -9.07
N ARG A 88 8.11 -5.76 -9.59
CA ARG A 88 6.84 -5.44 -8.88
C ARG A 88 7.00 -4.22 -7.99
N VAL A 89 8.08 -4.19 -7.24
CA VAL A 89 8.33 -3.09 -6.31
C VAL A 89 8.72 -1.86 -7.10
N VAL A 90 9.68 -2.01 -7.98
CA VAL A 90 10.00 -0.97 -8.92
C VAL A 90 9.45 -1.37 -10.29
N PRO A 91 8.21 -0.94 -10.59
CA PRO A 91 7.45 -1.41 -11.76
C PRO A 91 7.99 -0.85 -13.06
N ASP A 92 8.89 0.07 -12.91
CA ASP A 92 9.58 0.66 -14.02
C ASP A 92 10.56 -0.33 -14.60
N ASN A 93 11.09 -1.21 -13.76
CA ASN A 93 12.12 -2.14 -14.22
C ASN A 93 11.49 -3.43 -14.64
N TRP A 94 10.78 -4.04 -13.71
CA TRP A 94 10.06 -5.26 -13.93
C TRP A 94 8.84 -5.23 -13.05
N LYS A 95 7.84 -5.97 -13.39
CA LYS A 95 6.60 -5.95 -12.66
C LYS A 95 5.76 -7.17 -12.93
N MET A 96 4.73 -7.29 -12.15
CA MET A 96 3.73 -8.30 -12.31
C MET A 96 2.76 -7.75 -13.31
N ASP A 97 2.30 -8.55 -14.24
CA ASP A 97 1.55 -8.03 -15.38
C ASP A 97 0.31 -7.23 -14.97
N ILE A 98 0.28 -6.00 -15.41
CA ILE A 98 -0.74 -5.05 -15.05
C ILE A 98 -2.13 -5.44 -15.58
N SER A 99 -2.18 -6.07 -16.73
CA SER A 99 -3.44 -6.47 -17.29
C SER A 99 -3.97 -7.71 -16.63
N GLU A 100 -3.08 -8.55 -16.13
CA GLU A 100 -3.48 -9.73 -15.36
C GLU A 100 -4.00 -9.27 -13.99
N ILE A 101 -3.50 -8.13 -13.56
CA ILE A 101 -3.91 -7.49 -12.32
C ILE A 101 -5.38 -7.05 -12.36
N LEU A 102 -5.78 -6.40 -13.43
CA LEU A 102 -7.11 -5.83 -13.45
C LEU A 102 -8.01 -6.60 -14.41
N GLU A 103 -7.71 -6.52 -15.71
CA GLU A 103 -8.50 -7.14 -16.77
C GLU A 103 -7.90 -6.72 -18.08
N SER A 104 -8.03 -5.47 -18.35
CA SER A 104 -7.49 -4.89 -19.53
C SER A 104 -6.85 -3.60 -19.12
N SER A 105 -5.62 -3.68 -18.75
CA SER A 105 -4.91 -2.51 -18.29
C SER A 105 -4.11 -1.84 -19.41
N SER A 106 -4.07 -2.46 -20.59
CA SER A 106 -3.48 -1.82 -21.75
C SER A 106 -4.57 -1.09 -22.51
N SER A 107 -5.74 -1.01 -21.88
CA SER A 107 -6.87 -0.36 -22.42
C SER A 107 -6.56 1.11 -22.57
N LYS A 108 -7.20 1.74 -23.49
CA LYS A 108 -6.97 3.12 -23.76
C LYS A 108 -7.79 4.01 -22.84
N ASP A 109 -8.32 3.40 -21.80
CA ASP A 109 -8.97 4.11 -20.70
C ASP A 109 -7.87 4.82 -19.90
N LYS A 110 -6.65 4.33 -20.10
CA LYS A 110 -5.43 4.89 -19.54
C LYS A 110 -5.21 6.29 -20.14
N GLU A 111 -5.81 6.51 -21.30
CA GLU A 111 -5.73 7.77 -21.98
C GLU A 111 -6.71 8.79 -21.41
N LYS A 112 -6.32 9.31 -20.28
CA LYS A 112 -7.01 10.36 -19.59
C LYS A 112 -5.98 11.39 -19.25
N GLU A 113 -6.02 12.44 -20.03
CA GLU A 113 -4.99 13.46 -20.11
C GLU A 113 -4.68 14.18 -18.78
N LEU A 114 -5.63 14.18 -17.84
CA LEU A 114 -5.41 14.80 -16.52
C LEU A 114 -4.16 14.25 -15.82
N ASP A 115 -4.24 13.03 -15.36
CA ASP A 115 -3.14 12.37 -14.66
C ASP A 115 -3.44 10.89 -14.55
N PRO A 116 -2.90 10.08 -15.47
CA PRO A 116 -3.18 8.66 -15.51
C PRO A 116 -2.17 7.70 -14.80
N GLU A 117 -0.86 7.88 -14.97
CA GLU A 117 0.17 6.85 -14.60
C GLU A 117 0.07 6.24 -13.20
N GLU A 118 -0.45 6.98 -12.22
CA GLU A 118 -0.50 6.43 -10.87
C GLU A 118 -1.48 5.25 -10.80
N ARG A 119 -2.39 5.10 -11.78
CA ARG A 119 -3.30 3.93 -11.78
C ARG A 119 -2.53 2.64 -11.89
N ASP A 120 -1.69 2.58 -12.87
CA ASP A 120 -1.00 1.38 -13.22
C ASP A 120 0.07 1.11 -12.20
N ASN A 121 0.74 2.16 -11.80
CA ASN A 121 1.78 2.07 -10.80
C ASN A 121 1.25 1.75 -9.42
N PHE A 122 0.05 2.25 -9.10
CA PHE A 122 -0.57 1.96 -7.81
C PHE A 122 -1.07 0.55 -7.77
N LEU A 123 -1.61 0.07 -8.88
CA LEU A 123 -2.07 -1.30 -8.95
C LEU A 123 -0.91 -2.26 -8.77
N GLN A 124 0.23 -1.92 -9.39
CA GLN A 124 1.47 -2.69 -9.19
C GLN A 124 1.85 -2.73 -7.73
N GLN A 125 1.99 -1.56 -7.16
CA GLN A 125 2.45 -1.39 -5.80
C GLN A 125 1.50 -2.05 -4.79
N LEU A 126 0.20 -1.87 -4.99
CA LEU A 126 -0.78 -2.41 -4.07
C LEU A 126 -0.83 -3.93 -4.17
N TYR A 127 -0.84 -4.44 -5.39
CA TYR A 127 -0.85 -5.87 -5.62
C TYR A 127 0.40 -6.52 -5.07
N LYS A 128 1.53 -5.83 -5.19
CA LYS A 128 2.78 -6.28 -4.62
C LYS A 128 2.61 -6.33 -3.13
N PHE A 129 2.08 -5.25 -2.55
CA PHE A 129 1.84 -5.15 -1.10
C PHE A 129 0.89 -6.19 -0.58
N MET A 130 0.01 -6.67 -1.41
CA MET A 130 -0.92 -7.66 -0.97
C MET A 130 -0.28 -9.04 -1.02
N GLU A 131 0.55 -9.27 -2.03
CA GLU A 131 1.32 -10.51 -2.16
C GLU A 131 2.28 -10.56 -0.95
N ASP A 132 2.88 -9.41 -0.74
CA ASP A 132 3.85 -9.09 0.32
C ASP A 132 3.30 -9.36 1.72
N ARG A 133 2.01 -9.08 1.93
CA ARG A 133 1.43 -9.15 3.28
C ARG A 133 1.09 -10.59 3.69
N GLY A 134 1.22 -11.52 2.76
CA GLY A 134 0.91 -12.91 3.05
C GLY A 134 -0.51 -13.27 2.69
N THR A 135 -1.28 -12.27 2.37
CA THR A 135 -2.64 -12.43 2.00
C THR A 135 -2.85 -11.72 0.67
N PRO A 136 -2.48 -12.38 -0.45
CA PRO A 136 -2.53 -11.78 -1.78
C PRO A 136 -3.93 -11.68 -2.31
N ILE A 137 -4.02 -11.17 -3.49
CA ILE A 137 -5.26 -10.96 -4.18
C ILE A 137 -5.93 -12.28 -4.51
N ASN A 138 -7.03 -12.49 -3.85
CA ASN A 138 -7.79 -13.69 -3.99
C ASN A 138 -8.74 -13.54 -5.14
N LYS A 139 -9.13 -12.32 -5.35
CA LYS A 139 -10.08 -11.97 -6.35
C LYS A 139 -9.73 -10.57 -6.83
N PRO A 140 -9.93 -10.27 -8.11
CA PRO A 140 -9.72 -8.94 -8.63
C PRO A 140 -10.72 -7.95 -8.00
N PRO A 141 -10.50 -6.65 -8.13
CA PRO A 141 -11.43 -5.68 -7.62
C PRO A 141 -12.72 -5.68 -8.45
N VAL A 142 -13.78 -6.15 -7.86
CA VAL A 142 -15.07 -6.18 -8.49
C VAL A 142 -16.04 -5.66 -7.48
N LEU A 143 -16.93 -4.83 -7.88
CA LEU A 143 -17.97 -4.35 -7.01
C LEU A 143 -19.21 -4.16 -7.82
N GLY A 144 -20.35 -4.40 -7.20
CA GLY A 144 -21.62 -4.25 -7.89
C GLY A 144 -21.75 -5.21 -9.03
N TYR A 145 -21.00 -6.31 -8.95
CA TYR A 145 -20.90 -7.33 -9.97
C TYR A 145 -20.51 -6.77 -11.34
N LYS A 146 -19.64 -5.77 -11.32
CA LYS A 146 -19.02 -5.28 -12.53
C LYS A 146 -17.57 -4.92 -12.24
N ASP A 147 -16.79 -4.81 -13.31
CA ASP A 147 -15.36 -4.48 -13.26
C ASP A 147 -15.11 -3.24 -12.43
N LEU A 148 -14.43 -3.38 -11.33
CA LEU A 148 -14.17 -2.25 -10.48
C LEU A 148 -12.68 -1.89 -10.50
N ASN A 149 -12.35 -0.76 -11.09
CA ASN A 149 -10.98 -0.28 -11.02
C ASN A 149 -10.82 0.45 -9.69
N LEU A 150 -9.97 -0.07 -8.85
CA LEU A 150 -9.82 0.49 -7.52
C LEU A 150 -9.14 1.83 -7.50
N PHE A 151 -8.40 2.15 -8.57
CA PHE A 151 -7.63 3.38 -8.58
C PHE A 151 -8.49 4.60 -8.53
N LYS A 152 -9.53 4.69 -9.36
CA LYS A 152 -10.33 5.89 -9.33
C LYS A 152 -11.08 5.98 -8.03
N LEU A 153 -11.50 4.85 -7.52
CA LEU A 153 -12.24 4.81 -6.28
C LEU A 153 -11.31 5.25 -5.11
N PHE A 154 -10.05 4.83 -5.17
CA PHE A 154 -9.02 5.28 -4.23
C PHE A 154 -8.77 6.78 -4.42
N ARG A 155 -8.74 7.19 -5.66
CA ARG A 155 -8.53 8.59 -6.02
C ARG A 155 -9.67 9.43 -5.46
N LEU A 156 -10.87 8.85 -5.46
CA LEU A 156 -12.05 9.48 -4.93
C LEU A 156 -11.93 9.67 -3.44
N VAL A 157 -11.60 8.60 -2.68
CA VAL A 157 -11.42 8.76 -1.22
C VAL A 157 -10.29 9.72 -0.89
N TYR A 158 -9.27 9.73 -1.74
CA TYR A 158 -8.14 10.63 -1.64
C TYR A 158 -8.64 12.06 -1.90
N HIS A 159 -9.62 12.19 -2.79
CA HIS A 159 -10.18 13.49 -3.14
C HIS A 159 -11.15 13.95 -2.05
N GLN A 160 -11.62 12.99 -1.27
CA GLN A 160 -12.51 13.24 -0.16
C GLN A 160 -11.71 13.55 1.09
N GLY A 161 -10.42 13.76 0.93
CA GLY A 161 -9.58 14.15 2.04
C GLY A 161 -8.68 13.04 2.53
N GLY A 162 -8.94 11.85 2.08
CA GLY A 162 -8.12 10.75 2.48
C GLY A 162 -8.83 9.80 3.40
N CYS A 163 -8.12 8.76 3.75
CA CYS A 163 -8.58 7.62 4.53
C CYS A 163 -9.28 8.03 5.84
N ASP A 164 -8.53 8.67 6.71
CA ASP A 164 -9.01 8.99 8.05
C ASP A 164 -9.82 10.27 8.10
N ASN A 165 -10.22 10.74 6.94
CA ASN A 165 -11.12 11.85 6.88
C ASN A 165 -12.52 11.30 6.71
N ILE A 166 -12.60 10.11 6.17
CA ILE A 166 -13.86 9.49 5.88
C ILE A 166 -14.29 8.62 7.02
N ASP A 167 -15.37 8.99 7.58
CA ASP A 167 -16.02 8.25 8.65
C ASP A 167 -17.43 7.89 8.25
N SER A 168 -17.97 8.68 7.35
CA SER A 168 -19.34 8.54 6.96
C SER A 168 -19.52 7.54 5.82
N GLY A 169 -20.62 6.80 5.91
CA GLY A 169 -20.96 5.85 4.88
C GLY A 169 -21.44 6.57 3.64
N ALA A 170 -21.81 7.83 3.83
CA ALA A 170 -22.21 8.71 2.78
C ALA A 170 -21.10 8.86 1.75
N VAL A 171 -19.87 8.97 2.22
CA VAL A 171 -18.75 9.10 1.33
C VAL A 171 -18.47 7.78 0.63
N TRP A 172 -18.49 6.68 1.38
CA TRP A 172 -18.37 5.32 0.80
C TRP A 172 -19.44 5.12 -0.30
N LYS A 173 -20.64 5.58 -0.03
CA LYS A 173 -21.74 5.54 -0.99
C LYS A 173 -21.38 6.37 -2.22
N GLN A 174 -20.86 7.56 -1.98
CA GLN A 174 -20.52 8.49 -3.04
C GLN A 174 -19.39 7.96 -3.93
N ILE A 175 -18.34 7.45 -3.30
CA ILE A 175 -17.20 6.93 -4.05
C ILE A 175 -17.64 5.73 -4.90
N TYR A 176 -18.49 4.88 -4.33
CA TYR A 176 -19.03 3.72 -5.02
C TYR A 176 -19.87 4.19 -6.22
N MET A 177 -20.68 5.18 -5.98
CA MET A 177 -21.58 5.70 -6.99
C MET A 177 -20.90 6.48 -8.08
N ASP A 178 -19.75 7.06 -7.82
CA ASP A 178 -19.05 7.83 -8.85
C ASP A 178 -18.65 6.94 -10.01
N LEU A 179 -18.43 5.66 -9.75
CA LEU A 179 -18.16 4.74 -10.83
C LEU A 179 -19.43 4.35 -11.61
N GLY A 180 -20.59 4.93 -11.23
CA GLY A 180 -21.80 4.74 -11.98
C GLY A 180 -22.56 3.54 -11.54
N ILE A 181 -22.26 3.06 -10.37
CA ILE A 181 -22.90 1.92 -9.87
C ILE A 181 -23.99 2.37 -8.92
N PRO A 182 -25.21 1.86 -9.07
CA PRO A 182 -26.27 2.15 -8.12
C PRO A 182 -25.91 1.54 -6.78
N ILE A 183 -26.22 2.24 -5.71
CA ILE A 183 -25.85 1.77 -4.39
C ILE A 183 -26.72 0.58 -3.98
N LEU A 184 -27.95 0.52 -4.54
CA LEU A 184 -28.91 -0.58 -4.32
C LEU A 184 -29.38 -0.62 -2.88
N ASN A 185 -28.50 -1.08 -2.02
CA ASN A 185 -28.77 -1.22 -0.62
C ASN A 185 -27.44 -1.19 0.12
N SER A 186 -27.48 -1.17 1.43
CA SER A 186 -26.29 -0.98 2.25
C SER A 186 -25.27 -2.13 2.18
N ALA A 187 -25.61 -3.23 1.51
CA ALA A 187 -24.63 -4.30 1.31
C ALA A 187 -23.57 -3.81 0.36
N ALA A 188 -23.93 -2.83 -0.47
CA ALA A 188 -23.00 -2.24 -1.38
C ALA A 188 -22.14 -1.22 -0.65
N SER A 189 -22.73 -0.55 0.33
CA SER A 189 -21.97 0.35 1.19
C SER A 189 -20.92 -0.51 1.96
N TYR A 190 -21.38 -1.67 2.39
CA TYR A 190 -20.56 -2.64 3.03
C TYR A 190 -19.49 -3.16 2.08
N ASN A 191 -19.86 -3.58 0.89
CA ASN A 191 -18.92 -4.16 -0.05
C ASN A 191 -17.89 -3.15 -0.55
N VAL A 192 -18.29 -1.90 -0.72
CA VAL A 192 -17.32 -0.88 -1.11
C VAL A 192 -16.37 -0.61 0.04
N LYS A 193 -16.89 -0.60 1.27
CA LYS A 193 -16.04 -0.42 2.44
C LYS A 193 -15.11 -1.63 2.56
N THR A 194 -15.61 -2.80 2.22
CA THR A 194 -14.85 -4.02 2.25
C THR A 194 -13.70 -3.94 1.22
N ALA A 195 -14.02 -3.46 0.03
CA ALA A 195 -13.02 -3.30 -1.03
C ALA A 195 -11.99 -2.30 -0.58
N TYR A 196 -12.47 -1.14 -0.15
CA TYR A 196 -11.67 -0.07 0.39
C TYR A 196 -10.74 -0.59 1.47
N ARG A 197 -11.28 -1.32 2.40
CA ARG A 197 -10.51 -1.79 3.50
C ARG A 197 -9.54 -2.91 3.09
N LYS A 198 -10.00 -3.97 2.49
CA LYS A 198 -9.11 -5.10 2.28
C LYS A 198 -8.13 -4.92 1.17
N TYR A 199 -8.48 -4.15 0.19
CA TYR A 199 -7.55 -3.90 -0.88
C TYR A 199 -6.58 -2.80 -0.49
N LEU A 200 -7.09 -1.74 0.08
CA LEU A 200 -6.30 -0.54 0.28
C LEU A 200 -5.74 -0.38 1.70
N TYR A 201 -6.03 -1.30 2.66
CA TYR A 201 -5.70 -0.98 4.11
C TYR A 201 -4.25 -0.59 4.36
N GLY A 202 -3.32 -1.31 3.74
CA GLY A 202 -1.92 -1.02 3.93
C GLY A 202 -1.55 0.38 3.49
N PHE A 203 -2.08 0.80 2.36
CA PHE A 203 -1.71 2.07 1.80
C PHE A 203 -2.54 3.20 2.43
N GLU A 204 -3.74 2.88 2.94
CA GLU A 204 -4.54 3.92 3.58
C GLU A 204 -3.85 4.31 4.89
N GLU A 205 -3.36 3.27 5.62
CA GLU A 205 -2.68 3.49 6.86
C GLU A 205 -1.35 4.18 6.57
N TYR A 206 -0.72 3.76 5.48
CA TYR A 206 0.52 4.36 5.01
C TYR A 206 0.32 5.87 4.80
N CYS A 207 -0.77 6.26 4.15
CA CYS A 207 -1.06 7.67 3.90
C CYS A 207 -1.28 8.46 5.20
N ARG A 208 -2.08 7.92 6.10
CA ARG A 208 -2.38 8.63 7.35
C ARG A 208 -1.14 8.73 8.26
N SER A 209 -0.25 7.76 8.15
CA SER A 209 0.93 7.72 8.98
C SER A 209 2.09 8.51 8.33
N ALA A 210 2.10 8.58 7.00
CA ALA A 210 3.17 9.22 6.28
C ALA A 210 2.73 10.54 5.68
N ASN A 211 1.74 11.18 6.31
CA ASN A 211 1.31 12.61 6.05
C ASN A 211 0.60 12.87 4.72
N ILE A 212 0.25 11.83 4.03
CA ILE A 212 -0.35 11.93 2.68
C ILE A 212 -1.87 12.21 2.80
N GLN A 213 -2.32 12.24 4.03
CA GLN A 213 -3.70 12.54 4.39
C GLN A 213 -3.97 14.04 4.25
N PHE A 214 -5.23 14.39 3.97
CA PHE A 214 -5.70 15.80 3.86
C PHE A 214 -4.88 16.63 2.89
N ARG A 215 -5.24 16.57 1.62
CA ARG A 215 -4.54 17.35 0.63
C ARG A 215 -5.28 18.66 0.34
N THR A 216 -6.21 18.63 -0.59
CA THR A 216 -6.99 19.81 -0.92
C THR A 216 -8.47 19.61 -0.54
N VAL A 217 -9.04 18.48 -0.99
CA VAL A 217 -10.47 18.12 -0.82
C VAL A 217 -11.46 19.23 -1.23
N HIS A 218 -11.96 19.99 -0.28
CA HIS A 218 -12.91 21.07 -0.49
C HIS A 218 -13.25 21.58 0.91
N HIS A 219 -12.21 21.61 1.72
CA HIS A 219 -12.29 21.90 3.15
C HIS A 219 -12.82 23.31 3.41
N HIS A 220 -12.24 24.29 2.76
CA HIS A 220 -12.71 25.67 2.87
C HIS A 220 -12.58 26.40 1.57
N GLU A 221 -13.69 26.69 0.98
CA GLU A 221 -13.72 27.42 -0.24
C GLU A 221 -14.14 28.87 0.07
N LEU A 222 -15.04 29.01 1.02
CA LEU A 222 -15.49 30.29 1.51
C LEU A 222 -14.90 30.51 2.89
N GLU A 223 -14.84 31.74 3.33
CA GLU A 223 -14.33 32.04 4.63
C GLU A 223 -15.45 32.53 5.54
N HIS A 224 -15.30 32.25 6.81
CA HIS A 224 -16.24 32.71 7.81
C HIS A 224 -15.54 33.20 9.05
N HIS A 225 -15.18 34.46 9.04
CA HIS A 225 -14.52 35.09 10.15
C HIS A 225 -15.57 35.56 11.11
N HIS A 226 -15.54 35.07 12.32
CA HIS A 226 -16.51 35.53 13.27
C HIS A 226 -15.99 36.80 13.89
N HIS A 227 -16.47 37.90 13.41
CA HIS A 227 -16.05 39.20 13.87
C HIS A 227 -16.72 39.51 15.18
N HIS A 228 -15.92 39.68 16.21
CA HIS A 228 -16.42 40.11 17.49
C HIS A 228 -16.68 41.61 17.36
N HIS A 229 -15.59 42.33 17.26
CA HIS A 229 -15.51 43.78 17.14
C HIS A 229 -14.10 44.07 17.50
N ASN A 1 19.88 7.73 7.05
CA ASN A 1 18.83 7.35 6.09
C ASN A 1 17.50 7.28 6.83
N ASP A 2 16.41 7.43 6.12
CA ASP A 2 15.10 7.45 6.75
C ASP A 2 14.43 6.11 6.66
N GLU A 3 14.14 5.54 7.80
CA GLU A 3 13.47 4.27 7.90
C GLU A 3 11.98 4.50 7.84
N LEU A 4 11.56 5.49 8.61
CA LEU A 4 10.16 5.82 8.85
C LEU A 4 9.39 6.34 7.61
N LEU A 5 9.96 6.23 6.43
CA LEU A 5 9.24 6.66 5.24
C LEU A 5 8.59 5.47 4.53
N GLY A 6 8.94 4.26 4.95
CA GLY A 6 8.35 3.09 4.33
C GLY A 6 9.24 2.45 3.29
N LYS A 7 10.53 2.48 3.52
CA LYS A 7 11.46 1.83 2.59
C LYS A 7 12.00 0.55 3.20
N VAL A 8 13.00 -0.02 2.54
CA VAL A 8 13.68 -1.18 3.05
C VAL A 8 14.73 -0.75 4.08
N VAL A 9 15.14 -1.69 4.88
CA VAL A 9 16.04 -1.48 5.97
C VAL A 9 16.72 -2.80 6.25
N SER A 10 17.63 -2.79 7.15
CA SER A 10 18.35 -3.94 7.56
C SER A 10 17.98 -4.27 8.99
N VAL A 11 17.38 -5.41 9.20
CA VAL A 11 17.05 -5.84 10.54
C VAL A 11 18.09 -6.84 10.95
N VAL A 12 18.82 -6.47 11.93
CA VAL A 12 19.94 -7.21 12.41
C VAL A 12 19.51 -8.47 13.19
N SER A 13 20.36 -9.49 13.16
CA SER A 13 20.10 -10.73 13.84
C SER A 13 20.33 -10.59 15.38
N ALA A 14 20.48 -11.71 16.08
CA ALA A 14 20.53 -11.74 17.54
C ALA A 14 21.67 -10.92 18.13
N THR A 15 22.81 -10.92 17.50
CA THR A 15 23.91 -10.16 18.04
C THR A 15 24.77 -9.53 16.96
N GLU A 16 24.88 -10.19 15.86
CA GLU A 16 25.80 -9.80 14.84
C GLU A 16 25.14 -8.90 13.81
N ARG A 17 25.81 -7.83 13.46
CA ARG A 17 25.37 -7.00 12.36
C ARG A 17 25.94 -7.59 11.09
N THR A 18 26.73 -8.62 11.27
CA THR A 18 27.37 -9.33 10.22
C THR A 18 26.32 -10.04 9.36
N GLU A 19 25.27 -10.53 10.01
CA GLU A 19 24.16 -11.17 9.34
C GLU A 19 22.90 -10.41 9.72
N TRP A 20 22.19 -9.98 8.74
CA TRP A 20 21.00 -9.22 8.94
C TRP A 20 20.04 -9.56 7.83
N TYR A 21 18.79 -9.35 8.06
CA TYR A 21 17.79 -9.65 7.09
C TYR A 21 17.02 -8.39 6.71
N PRO A 22 16.94 -8.11 5.41
CA PRO A 22 16.26 -6.92 4.90
C PRO A 22 14.76 -6.93 5.16
N ALA A 23 14.21 -5.79 5.46
CA ALA A 23 12.80 -5.68 5.75
C ALA A 23 12.20 -4.44 5.15
N LEU A 24 10.90 -4.34 5.25
CA LEU A 24 10.11 -3.23 4.73
C LEU A 24 9.41 -2.56 5.87
N VAL A 25 9.58 -1.28 6.00
CA VAL A 25 8.94 -0.55 7.09
C VAL A 25 7.47 -0.29 6.74
N ILE A 26 6.58 -0.96 7.45
CA ILE A 26 5.17 -0.79 7.24
C ILE A 26 4.46 -0.48 8.55
N SER A 27 3.29 0.10 8.46
CA SER A 27 2.53 0.46 9.63
C SER A 27 1.96 -0.78 10.34
N PRO A 28 2.01 -0.84 11.70
CA PRO A 28 1.49 -1.98 12.50
C PRO A 28 -0.01 -2.09 12.43
N SER A 29 -0.61 -1.12 11.80
CA SER A 29 -2.01 -1.07 11.57
C SER A 29 -2.41 -2.16 10.56
N CYS A 30 -1.42 -2.72 9.87
CA CYS A 30 -1.65 -3.77 8.92
C CYS A 30 -1.66 -5.15 9.63
N ASN A 31 -1.27 -5.14 10.89
CA ASN A 31 -1.18 -6.34 11.68
C ASN A 31 -1.93 -6.22 13.00
N ASP A 32 -2.96 -7.00 13.13
CA ASP A 32 -3.77 -7.01 14.35
C ASP A 32 -3.16 -7.90 15.45
N ASP A 33 -2.38 -8.87 15.03
CA ASP A 33 -1.75 -9.80 15.98
C ASP A 33 -0.51 -9.19 16.61
N ILE A 34 0.37 -8.73 15.76
CA ILE A 34 1.58 -8.08 16.23
C ILE A 34 1.24 -6.62 16.54
N THR A 35 1.88 -6.05 17.51
CA THR A 35 1.65 -4.71 17.89
C THR A 35 3.02 -4.05 18.13
N VAL A 36 3.16 -2.82 17.73
CA VAL A 36 4.38 -2.09 17.94
C VAL A 36 4.50 -1.63 19.38
N LYS A 37 5.55 -2.04 20.03
CA LYS A 37 5.81 -1.60 21.39
C LYS A 37 6.78 -0.42 21.39
N LYS A 38 7.13 0.06 22.57
CA LYS A 38 7.93 1.26 22.76
C LYS A 38 9.29 1.36 22.01
N ASP A 39 9.99 0.27 21.87
CA ASP A 39 11.29 0.30 21.12
C ASP A 39 11.05 -0.08 19.69
N GLN A 40 9.91 -0.62 19.46
CA GLN A 40 9.63 -1.36 18.26
C GLN A 40 9.07 -0.55 17.11
N CYS A 41 9.20 -1.14 15.97
CA CYS A 41 8.69 -0.66 14.71
C CYS A 41 8.18 -1.90 13.98
N LEU A 42 7.41 -1.72 12.95
CA LEU A 42 6.92 -2.86 12.23
C LEU A 42 7.63 -2.95 10.91
N VAL A 43 8.20 -4.09 10.67
CA VAL A 43 8.91 -4.34 9.47
C VAL A 43 8.58 -5.72 8.97
N ARG A 44 8.35 -5.81 7.70
CA ARG A 44 8.07 -7.08 7.12
C ARG A 44 9.21 -7.50 6.21
N SER A 45 9.79 -8.63 6.50
CA SER A 45 10.82 -9.13 5.67
C SER A 45 10.26 -10.01 4.57
N PHE A 46 10.28 -9.49 3.35
CA PHE A 46 9.84 -10.19 2.13
C PHE A 46 10.58 -11.52 1.96
N ILE A 47 11.74 -11.56 2.54
CA ILE A 47 12.65 -12.66 2.44
C ILE A 47 12.31 -13.75 3.48
N ASP A 48 11.59 -13.38 4.55
CA ASP A 48 11.44 -14.32 5.65
C ASP A 48 10.03 -14.37 6.29
N SER A 49 9.73 -13.43 7.18
CA SER A 49 8.49 -13.49 7.96
C SER A 49 7.44 -12.51 7.45
N LYS A 50 6.17 -12.85 7.67
CA LYS A 50 5.06 -12.04 7.21
C LYS A 50 4.82 -10.83 8.09
N PHE A 51 5.09 -10.94 9.37
CA PHE A 51 4.84 -9.83 10.32
C PHE A 51 5.60 -10.06 11.59
N TYR A 52 6.45 -9.14 11.95
CA TYR A 52 7.15 -9.19 13.20
C TYR A 52 7.48 -7.78 13.59
N SER A 53 7.58 -7.53 14.83
CA SER A 53 7.96 -6.25 15.28
C SER A 53 9.31 -6.38 15.92
N ILE A 54 10.15 -5.46 15.62
CA ILE A 54 11.47 -5.50 16.08
C ILE A 54 11.80 -4.10 16.54
N ALA A 55 12.79 -3.98 17.35
CA ALA A 55 13.17 -2.73 17.90
C ALA A 55 14.04 -1.94 16.94
N ARG A 56 14.04 -0.62 17.09
CA ARG A 56 14.83 0.28 16.25
C ARG A 56 16.33 -0.02 16.47
N LYS A 57 16.65 -0.52 17.66
CA LYS A 57 18.01 -0.89 18.07
C LYS A 57 18.50 -2.15 17.30
N ASP A 58 17.60 -2.73 16.52
CA ASP A 58 17.89 -3.90 15.69
C ASP A 58 17.81 -3.52 14.24
N ILE A 59 17.36 -2.33 13.97
CA ILE A 59 17.14 -1.91 12.62
C ILE A 59 18.17 -0.86 12.24
N LYS A 60 18.74 -1.04 11.11
CA LYS A 60 19.59 -0.06 10.53
C LYS A 60 19.07 0.29 9.16
N GLU A 61 19.02 1.55 8.88
CA GLU A 61 18.42 2.06 7.67
C GLU A 61 19.33 1.97 6.47
N VAL A 62 18.98 1.07 5.60
CA VAL A 62 19.78 0.74 4.45
C VAL A 62 18.89 0.44 3.26
N ASP A 63 19.20 1.04 2.13
CA ASP A 63 18.54 0.68 0.90
C ASP A 63 19.31 -0.46 0.35
N ILE A 64 18.76 -1.63 0.47
CA ILE A 64 19.45 -2.88 0.15
C ILE A 64 19.84 -2.89 -1.32
N LEU A 65 18.94 -2.38 -2.13
CA LEU A 65 19.11 -2.32 -3.56
C LEU A 65 20.20 -1.33 -3.98
N ASN A 66 20.63 -0.55 -3.02
CA ASN A 66 21.63 0.47 -3.24
C ASN A 66 23.04 -0.07 -2.95
N LEU A 67 23.10 -1.13 -2.17
CA LEU A 67 24.36 -1.75 -1.80
C LEU A 67 25.00 -2.41 -3.02
N PRO A 68 26.34 -2.54 -3.02
CA PRO A 68 27.07 -3.19 -4.10
C PRO A 68 26.69 -4.66 -4.21
N GLU A 69 26.65 -5.15 -5.44
CA GLU A 69 26.31 -6.53 -5.71
C GLU A 69 27.30 -7.51 -5.08
N SER A 70 28.52 -7.04 -4.83
CA SER A 70 29.52 -7.80 -4.12
C SER A 70 28.97 -8.20 -2.74
N GLU A 71 28.22 -7.29 -2.12
CA GLU A 71 27.64 -7.49 -0.81
C GLU A 71 26.39 -8.37 -0.96
N LEU A 72 25.51 -7.93 -1.84
CA LEU A 72 24.20 -8.53 -2.09
C LEU A 72 24.27 -10.03 -2.35
N SER A 73 24.99 -10.38 -3.36
CA SER A 73 25.08 -11.75 -3.77
C SER A 73 25.83 -12.65 -2.77
N THR A 74 26.66 -12.08 -1.89
CA THR A 74 27.43 -12.92 -0.99
C THR A 74 26.66 -13.25 0.32
N LYS A 75 25.87 -12.32 0.82
CA LYS A 75 25.14 -12.58 2.05
C LYS A 75 23.74 -13.10 1.78
N PRO A 76 23.26 -14.09 2.56
CA PRO A 76 21.95 -14.69 2.36
C PRO A 76 20.82 -13.68 2.50
N GLY A 77 19.90 -13.72 1.57
CA GLY A 77 18.77 -12.87 1.63
C GLY A 77 18.94 -11.61 0.82
N LEU A 78 20.17 -11.11 0.75
CA LEU A 78 20.43 -9.84 0.08
C LEU A 78 20.28 -9.99 -1.42
N GLN A 79 20.54 -11.19 -1.90
CA GLN A 79 20.38 -11.50 -3.29
C GLN A 79 18.90 -11.40 -3.65
N LYS A 80 18.06 -12.03 -2.82
CA LYS A 80 16.62 -12.03 -3.00
C LYS A 80 16.07 -10.65 -2.85
N ALA A 81 16.68 -9.88 -1.96
CA ALA A 81 16.36 -8.49 -1.77
C ALA A 81 16.51 -7.76 -3.07
N SER A 82 17.68 -7.85 -3.65
CA SER A 82 17.98 -7.20 -4.91
C SER A 82 16.92 -7.59 -5.96
N ILE A 83 16.73 -8.90 -6.11
CA ILE A 83 15.80 -9.48 -7.07
C ILE A 83 14.36 -8.96 -6.87
N PHE A 84 13.83 -9.14 -5.68
CA PHE A 84 12.45 -8.87 -5.39
C PHE A 84 12.17 -7.37 -5.23
N LEU A 85 13.19 -6.60 -4.90
CA LEU A 85 13.00 -5.17 -4.73
C LEU A 85 13.03 -4.46 -6.06
N LYS A 86 13.98 -4.78 -6.92
CA LYS A 86 14.10 -4.07 -8.18
C LYS A 86 12.86 -4.16 -9.05
N THR A 87 12.25 -5.30 -9.09
CA THR A 87 11.18 -5.52 -10.00
C THR A 87 9.79 -5.13 -9.40
N ARG A 88 9.77 -4.51 -8.20
CA ARG A 88 8.48 -4.05 -7.65
C ARG A 88 8.57 -2.81 -6.72
N VAL A 89 9.78 -2.37 -6.40
CA VAL A 89 9.97 -1.17 -5.56
C VAL A 89 10.73 -0.07 -6.34
N VAL A 90 11.56 -0.49 -7.26
CA VAL A 90 12.36 0.42 -8.06
C VAL A 90 11.48 1.02 -9.20
N PRO A 91 11.50 2.38 -9.35
CA PRO A 91 10.57 3.15 -10.21
C PRO A 91 10.33 2.63 -11.62
N ASP A 92 11.35 2.57 -12.42
CA ASP A 92 11.17 2.19 -13.82
C ASP A 92 11.28 0.69 -13.99
N ASN A 93 11.54 0.07 -12.90
CA ASN A 93 11.92 -1.30 -12.90
C ASN A 93 10.78 -2.23 -12.48
N TRP A 94 9.79 -1.70 -11.75
CA TRP A 94 8.67 -2.53 -11.33
C TRP A 94 7.89 -3.03 -12.53
N LYS A 95 7.55 -4.31 -12.52
CA LYS A 95 6.83 -4.89 -13.63
C LYS A 95 6.15 -6.20 -13.25
N MET A 96 4.93 -6.30 -13.68
CA MET A 96 4.09 -7.46 -13.62
C MET A 96 3.04 -7.19 -14.66
N ASP A 97 2.25 -8.13 -15.06
CA ASP A 97 1.25 -7.82 -16.08
C ASP A 97 0.17 -6.92 -15.50
N ILE A 98 -0.22 -5.95 -16.29
CA ILE A 98 -1.27 -5.00 -15.91
C ILE A 98 -2.58 -5.51 -16.52
N SER A 99 -2.46 -6.56 -17.30
CA SER A 99 -3.56 -7.13 -18.01
C SER A 99 -4.50 -7.90 -17.10
N GLU A 100 -3.97 -8.85 -16.34
CA GLU A 100 -4.78 -9.78 -15.57
C GLU A 100 -5.31 -9.14 -14.29
N ILE A 101 -4.69 -8.04 -13.89
CA ILE A 101 -5.06 -7.34 -12.67
C ILE A 101 -6.55 -6.99 -12.64
N LEU A 102 -6.98 -6.22 -13.60
CA LEU A 102 -8.39 -5.86 -13.70
C LEU A 102 -9.07 -6.53 -14.88
N GLU A 103 -8.25 -6.93 -15.83
CA GLU A 103 -8.68 -7.47 -17.13
C GLU A 103 -9.09 -6.33 -18.02
N SER A 104 -10.10 -5.60 -17.62
CA SER A 104 -10.45 -4.37 -18.25
C SER A 104 -9.85 -3.25 -17.42
N SER A 105 -8.52 -3.20 -17.42
CA SER A 105 -7.76 -2.24 -16.65
C SER A 105 -7.87 -0.83 -17.25
N SER A 106 -8.44 -0.76 -18.42
CA SER A 106 -8.67 0.47 -19.11
C SER A 106 -9.79 0.24 -20.06
N SER A 107 -10.64 1.20 -20.20
CA SER A 107 -11.60 1.17 -21.23
C SER A 107 -10.84 1.52 -22.49
N LYS A 108 -10.61 0.53 -23.31
CA LYS A 108 -9.75 0.67 -24.50
C LYS A 108 -10.35 1.67 -25.48
N ASP A 109 -11.63 1.76 -25.45
CA ASP A 109 -12.40 2.59 -26.34
C ASP A 109 -12.61 4.01 -25.82
N LYS A 110 -12.70 4.19 -24.50
CA LYS A 110 -13.00 5.52 -23.93
C LYS A 110 -12.14 5.94 -22.72
N GLU A 111 -12.61 5.52 -21.52
CA GLU A 111 -12.14 5.96 -20.19
C GLU A 111 -12.98 7.13 -19.69
N LYS A 112 -12.87 7.46 -18.42
CA LYS A 112 -13.70 8.48 -17.82
C LYS A 112 -13.26 9.93 -18.12
N GLU A 113 -12.62 10.58 -17.18
CA GLU A 113 -12.20 11.95 -17.42
C GLU A 113 -10.92 11.96 -18.21
N LEU A 114 -9.89 11.46 -17.59
CA LEU A 114 -8.57 11.37 -18.16
C LEU A 114 -7.99 10.03 -17.76
N ASP A 115 -6.80 9.74 -18.20
CA ASP A 115 -6.13 8.51 -17.82
C ASP A 115 -5.22 8.84 -16.66
N PRO A 116 -5.54 8.40 -15.44
CA PRO A 116 -4.68 8.62 -14.31
C PRO A 116 -3.54 7.63 -14.32
N GLU A 117 -2.40 8.03 -14.87
CA GLU A 117 -1.22 7.16 -15.05
C GLU A 117 -0.77 6.48 -13.75
N GLU A 118 -1.06 7.14 -12.64
CA GLU A 118 -0.77 6.62 -11.31
C GLU A 118 -1.49 5.28 -11.07
N ARG A 119 -2.56 5.02 -11.83
CA ARG A 119 -3.34 3.78 -11.74
C ARG A 119 -2.47 2.58 -12.02
N ASP A 120 -1.53 2.76 -12.95
CA ASP A 120 -0.66 1.68 -13.39
C ASP A 120 0.25 1.35 -12.25
N ASN A 121 0.83 2.41 -11.70
CA ASN A 121 1.73 2.35 -10.55
C ASN A 121 1.02 1.70 -9.38
N PHE A 122 -0.17 2.22 -9.11
CA PHE A 122 -1.02 1.76 -8.02
C PHE A 122 -1.27 0.27 -8.16
N LEU A 123 -1.70 -0.15 -9.34
CA LEU A 123 -2.02 -1.55 -9.59
C LEU A 123 -0.78 -2.44 -9.46
N GLN A 124 0.34 -2.00 -10.03
CA GLN A 124 1.61 -2.75 -9.92
C GLN A 124 1.98 -2.96 -8.45
N GLN A 125 2.05 -1.87 -7.70
CA GLN A 125 2.42 -1.93 -6.29
C GLN A 125 1.41 -2.67 -5.45
N LEU A 126 0.13 -2.49 -5.74
CA LEU A 126 -0.91 -3.10 -4.95
C LEU A 126 -0.90 -4.60 -5.13
N TYR A 127 -0.83 -5.05 -6.37
CA TYR A 127 -0.83 -6.47 -6.65
C TYR A 127 0.40 -7.15 -6.11
N LYS A 128 1.56 -6.53 -6.34
CA LYS A 128 2.79 -7.08 -5.78
C LYS A 128 2.77 -7.10 -4.27
N PHE A 129 2.15 -6.11 -3.65
CA PHE A 129 2.11 -6.05 -2.20
C PHE A 129 1.05 -6.98 -1.60
N MET A 130 -0.04 -7.20 -2.33
CA MET A 130 -1.12 -8.00 -1.82
C MET A 130 -0.66 -9.43 -1.76
N GLU A 131 -0.16 -9.92 -2.88
CA GLU A 131 0.37 -11.27 -2.95
C GLU A 131 1.58 -11.45 -2.03
N ASP A 132 2.33 -10.39 -1.86
CA ASP A 132 3.51 -10.41 -1.00
C ASP A 132 3.14 -10.52 0.46
N ARG A 133 2.11 -9.77 0.92
CA ARG A 133 1.86 -9.67 2.38
C ARG A 133 1.33 -10.95 3.02
N GLY A 134 0.80 -11.85 2.22
CA GLY A 134 0.31 -13.09 2.77
C GLY A 134 -1.16 -13.25 2.53
N THR A 135 -1.84 -12.16 2.41
CA THR A 135 -3.23 -12.15 2.07
C THR A 135 -3.37 -11.51 0.68
N PRO A 136 -3.33 -12.36 -0.36
CA PRO A 136 -3.32 -11.94 -1.76
C PRO A 136 -4.73 -11.69 -2.28
N ILE A 137 -4.82 -11.40 -3.54
CA ILE A 137 -6.07 -11.23 -4.22
C ILE A 137 -6.74 -12.59 -4.44
N ASN A 138 -7.73 -12.90 -3.61
CA ASN A 138 -8.47 -14.18 -3.73
C ASN A 138 -9.51 -14.09 -4.83
N LYS A 139 -9.93 -12.89 -5.09
CA LYS A 139 -10.90 -12.61 -6.11
C LYS A 139 -10.55 -11.28 -6.74
N PRO A 140 -10.50 -11.21 -8.09
CA PRO A 140 -10.21 -9.97 -8.81
C PRO A 140 -11.25 -8.90 -8.46
N PRO A 141 -10.78 -7.69 -8.07
CA PRO A 141 -11.59 -6.57 -7.58
C PRO A 141 -13.01 -6.49 -8.13
N VAL A 142 -13.96 -6.83 -7.29
CA VAL A 142 -15.36 -6.82 -7.60
C VAL A 142 -16.14 -6.27 -6.45
N LEU A 143 -17.08 -5.47 -6.80
CA LEU A 143 -18.02 -4.88 -5.88
C LEU A 143 -19.31 -4.76 -6.61
N GLY A 144 -20.36 -5.21 -5.99
CA GLY A 144 -21.68 -5.12 -6.58
C GLY A 144 -21.73 -5.88 -7.88
N TYR A 145 -21.28 -7.14 -7.84
CA TYR A 145 -21.19 -8.10 -8.97
C TYR A 145 -20.36 -7.67 -10.17
N LYS A 146 -19.76 -6.51 -10.10
CA LYS A 146 -18.97 -6.04 -11.21
C LYS A 146 -17.60 -5.60 -10.74
N ASP A 147 -16.70 -5.46 -11.70
CA ASP A 147 -15.33 -5.09 -11.43
C ASP A 147 -15.22 -3.70 -10.82
N LEU A 148 -14.18 -3.52 -10.05
CA LEU A 148 -13.98 -2.31 -9.36
C LEU A 148 -12.60 -1.74 -9.68
N ASN A 149 -12.59 -0.54 -10.22
CA ASN A 149 -11.34 0.16 -10.52
C ASN A 149 -10.80 0.80 -9.28
N LEU A 150 -9.77 0.17 -8.73
CA LEU A 150 -9.11 0.57 -7.47
C LEU A 150 -8.77 2.05 -7.46
N PHE A 151 -8.11 2.45 -8.52
CA PHE A 151 -7.58 3.79 -8.66
C PHE A 151 -8.63 4.86 -8.63
N LYS A 152 -9.76 4.61 -9.24
CA LYS A 152 -10.82 5.59 -9.29
C LYS A 152 -11.42 5.78 -7.91
N LEU A 153 -11.70 4.68 -7.24
CA LEU A 153 -12.33 4.74 -5.94
C LEU A 153 -11.34 5.32 -4.91
N PHE A 154 -10.07 4.97 -5.05
CA PHE A 154 -9.05 5.50 -4.18
C PHE A 154 -8.87 7.00 -4.43
N ARG A 155 -8.96 7.40 -5.70
CA ARG A 155 -8.86 8.80 -6.09
C ARG A 155 -10.02 9.58 -5.45
N LEU A 156 -11.16 8.93 -5.40
CA LEU A 156 -12.35 9.51 -4.82
C LEU A 156 -12.19 9.72 -3.32
N VAL A 157 -11.73 8.71 -2.58
CA VAL A 157 -11.50 8.90 -1.14
C VAL A 157 -10.42 9.95 -0.90
N TYR A 158 -9.44 9.97 -1.79
CA TYR A 158 -8.37 10.94 -1.75
C TYR A 158 -8.93 12.35 -1.96
N HIS A 159 -9.95 12.46 -2.81
CA HIS A 159 -10.56 13.76 -3.12
C HIS A 159 -11.47 14.22 -1.97
N GLN A 160 -11.84 13.28 -1.13
CA GLN A 160 -12.70 13.52 0.03
C GLN A 160 -11.85 13.80 1.28
N GLY A 161 -10.59 14.10 1.07
CA GLY A 161 -9.71 14.42 2.17
C GLY A 161 -8.72 13.32 2.43
N GLY A 162 -8.95 12.21 1.86
CA GLY A 162 -8.12 11.09 2.10
C GLY A 162 -8.81 10.16 3.03
N CYS A 163 -8.34 8.96 3.09
CA CYS A 163 -8.93 7.92 3.90
C CYS A 163 -8.93 8.26 5.41
N ASP A 164 -7.94 9.02 5.86
CA ASP A 164 -7.85 9.37 7.28
C ASP A 164 -8.95 10.38 7.65
N ASN A 165 -9.43 11.09 6.66
CA ASN A 165 -10.43 12.13 6.87
C ASN A 165 -11.85 11.56 6.75
N ILE A 166 -11.94 10.30 6.38
CA ILE A 166 -13.22 9.69 6.16
C ILE A 166 -13.64 8.88 7.34
N ASP A 167 -14.63 9.35 7.96
CA ASP A 167 -15.24 8.69 9.08
C ASP A 167 -16.71 8.43 8.80
N SER A 168 -17.26 9.17 7.85
CA SER A 168 -18.66 9.09 7.56
C SER A 168 -18.92 8.08 6.44
N GLY A 169 -20.03 7.35 6.59
CA GLY A 169 -20.43 6.38 5.59
C GLY A 169 -20.97 7.04 4.36
N ALA A 170 -21.29 8.33 4.50
CA ALA A 170 -21.77 9.16 3.41
C ALA A 170 -20.76 9.13 2.28
N VAL A 171 -19.51 9.31 2.64
CA VAL A 171 -18.42 9.33 1.70
C VAL A 171 -18.29 7.98 1.01
N TRP A 172 -18.25 6.91 1.81
CA TRP A 172 -18.23 5.52 1.32
C TRP A 172 -19.35 5.27 0.27
N LYS A 173 -20.55 5.70 0.60
CA LYS A 173 -21.67 5.55 -0.30
C LYS A 173 -21.42 6.34 -1.60
N GLN A 174 -20.91 7.55 -1.47
CA GLN A 174 -20.66 8.39 -2.61
C GLN A 174 -19.54 7.83 -3.51
N ILE A 175 -18.45 7.39 -2.91
CA ILE A 175 -17.32 6.87 -3.66
C ILE A 175 -17.75 5.61 -4.45
N TYR A 176 -18.53 4.75 -3.81
CA TYR A 176 -19.03 3.52 -4.45
C TYR A 176 -19.96 3.86 -5.61
N MET A 177 -20.86 4.80 -5.36
CA MET A 177 -21.84 5.23 -6.33
C MET A 177 -21.18 5.94 -7.52
N ASP A 178 -20.04 6.58 -7.29
CA ASP A 178 -19.35 7.34 -8.34
C ASP A 178 -18.75 6.40 -9.39
N LEU A 179 -18.36 5.19 -8.96
CA LEU A 179 -17.88 4.15 -9.89
C LEU A 179 -19.00 3.69 -10.82
N GLY A 180 -20.22 3.93 -10.42
CA GLY A 180 -21.34 3.54 -11.22
C GLY A 180 -21.83 2.17 -10.86
N ILE A 181 -21.60 1.77 -9.64
CA ILE A 181 -22.07 0.49 -9.18
C ILE A 181 -23.33 0.74 -8.41
N PRO A 182 -24.39 -0.02 -8.65
CA PRO A 182 -25.62 0.09 -7.91
C PRO A 182 -25.41 -0.05 -6.41
N ILE A 183 -25.77 1.00 -5.70
CA ILE A 183 -25.72 1.06 -4.27
C ILE A 183 -26.62 -0.03 -3.68
N LEU A 184 -27.82 -0.10 -4.22
CA LEU A 184 -28.87 -1.01 -3.77
C LEU A 184 -29.38 -0.62 -2.41
N ASN A 185 -28.58 -0.86 -1.42
CA ASN A 185 -28.94 -0.67 -0.03
C ASN A 185 -27.66 -0.23 0.68
N SER A 186 -27.69 -0.09 2.00
CA SER A 186 -26.50 0.32 2.73
C SER A 186 -25.46 -0.79 2.83
N ALA A 187 -25.78 -1.94 2.22
CA ALA A 187 -24.84 -3.02 2.10
C ALA A 187 -23.70 -2.57 1.20
N ALA A 188 -23.98 -1.57 0.36
CA ALA A 188 -22.98 -1.00 -0.50
C ALA A 188 -21.91 -0.32 0.31
N SER A 189 -22.33 0.33 1.40
CA SER A 189 -21.42 0.99 2.31
C SER A 189 -20.51 -0.07 2.95
N TYR A 190 -21.08 -1.24 3.18
CA TYR A 190 -20.32 -2.37 3.66
C TYR A 190 -19.36 -2.85 2.57
N ASN A 191 -19.87 -3.05 1.38
CA ASN A 191 -19.07 -3.55 0.24
C ASN A 191 -17.90 -2.64 0.00
N VAL A 192 -18.16 -1.35 -0.02
CA VAL A 192 -17.12 -0.39 -0.28
C VAL A 192 -16.15 -0.33 0.90
N LYS A 193 -16.64 -0.46 2.13
CA LYS A 193 -15.78 -0.49 3.30
C LYS A 193 -14.87 -1.71 3.22
N THR A 194 -15.43 -2.81 2.74
CA THR A 194 -14.69 -4.04 2.55
C THR A 194 -13.60 -3.84 1.48
N ALA A 195 -13.93 -3.08 0.45
CA ALA A 195 -12.99 -2.77 -0.63
C ALA A 195 -11.85 -1.92 -0.08
N TYR A 196 -12.26 -0.87 0.56
CA TYR A 196 -11.43 0.10 1.23
C TYR A 196 -10.46 -0.61 2.22
N ARG A 197 -11.00 -1.52 3.00
CA ARG A 197 -10.26 -2.22 4.06
C ARG A 197 -9.51 -3.48 3.60
N LYS A 198 -9.88 -4.07 2.50
CA LYS A 198 -9.15 -5.25 2.06
C LYS A 198 -8.26 -4.97 0.88
N TYR A 199 -8.81 -4.33 -0.11
CA TYR A 199 -8.11 -4.13 -1.36
C TYR A 199 -7.26 -2.89 -1.32
N LEU A 200 -7.70 -1.86 -0.66
CA LEU A 200 -6.96 -0.61 -0.68
C LEU A 200 -6.14 -0.48 0.58
N TYR A 201 -6.24 -1.50 1.42
CA TYR A 201 -5.66 -1.55 2.76
C TYR A 201 -4.22 -1.05 2.79
N GLY A 202 -3.39 -1.62 1.92
CA GLY A 202 -1.99 -1.22 1.83
C GLY A 202 -1.83 0.26 1.63
N PHE A 203 -2.48 0.81 0.61
CA PHE A 203 -2.36 2.23 0.32
C PHE A 203 -3.17 3.10 1.25
N GLU A 204 -4.21 2.56 1.82
CA GLU A 204 -5.06 3.28 2.75
C GLU A 204 -4.21 3.67 3.96
N GLU A 205 -3.68 2.66 4.64
CA GLU A 205 -2.85 2.87 5.80
C GLU A 205 -1.54 3.60 5.39
N TYR A 206 -0.93 3.19 4.26
CA TYR A 206 0.31 3.81 3.78
C TYR A 206 0.15 5.29 3.50
N CYS A 207 -0.88 5.67 2.78
CA CYS A 207 -1.09 7.06 2.46
C CYS A 207 -1.41 7.88 3.69
N ARG A 208 -2.10 7.27 4.65
CA ARG A 208 -2.36 7.94 5.92
C ARG A 208 -1.10 8.12 6.73
N SER A 209 -0.18 7.20 6.59
CA SER A 209 1.08 7.25 7.31
C SER A 209 2.11 8.14 6.59
N ALA A 210 1.98 8.25 5.26
CA ALA A 210 2.93 8.99 4.47
C ALA A 210 2.33 10.30 3.94
N ASN A 211 1.24 10.70 4.57
CA ASN A 211 0.52 12.01 4.42
C ASN A 211 0.00 12.31 3.00
N ILE A 212 -0.16 11.28 2.21
CA ILE A 212 -0.73 11.44 0.87
C ILE A 212 -2.25 11.48 1.05
N GLN A 213 -2.68 12.57 1.62
CA GLN A 213 -4.03 12.83 2.07
C GLN A 213 -4.26 14.33 1.92
N PHE A 214 -5.47 14.77 2.12
CA PHE A 214 -5.78 16.19 2.19
C PHE A 214 -6.38 16.49 3.55
N ARG A 215 -5.54 16.93 4.45
CA ARG A 215 -5.88 17.19 5.85
C ARG A 215 -7.01 18.22 5.94
N THR A 216 -7.01 19.15 5.02
CA THR A 216 -7.98 20.21 5.02
C THR A 216 -9.11 19.89 4.01
N VAL A 217 -9.37 18.58 3.81
CA VAL A 217 -10.37 17.98 2.88
C VAL A 217 -9.95 18.13 1.41
N HIS A 218 -9.34 19.23 1.11
CA HIS A 218 -8.76 19.50 -0.19
C HIS A 218 -7.40 20.10 0.08
N HIS A 219 -6.59 20.32 -0.93
CA HIS A 219 -5.21 20.72 -0.71
C HIS A 219 -5.18 22.17 -0.25
N HIS A 220 -4.71 22.36 0.94
CA HIS A 220 -4.70 23.69 1.56
C HIS A 220 -3.62 23.74 2.63
N GLU A 221 -3.44 22.63 3.31
CA GLU A 221 -2.42 22.44 4.32
C GLU A 221 -1.03 22.57 3.68
N LEU A 222 -0.85 21.93 2.57
CA LEU A 222 0.33 22.07 1.83
C LEU A 222 0.01 22.89 0.62
N GLU A 223 0.80 23.85 0.40
CA GLU A 223 0.54 24.79 -0.64
C GLU A 223 1.59 24.76 -1.69
N HIS A 224 1.27 25.35 -2.81
CA HIS A 224 2.19 25.49 -3.88
C HIS A 224 2.73 26.89 -3.88
N HIS A 225 1.94 27.84 -4.40
CA HIS A 225 2.27 29.28 -4.50
C HIS A 225 3.49 29.58 -5.37
N HIS A 226 4.11 28.55 -5.88
CA HIS A 226 5.27 28.73 -6.69
C HIS A 226 4.89 29.03 -8.11
N HIS A 227 4.36 30.20 -8.25
CA HIS A 227 4.10 30.78 -9.53
C HIS A 227 5.14 31.87 -9.69
N HIS A 228 5.76 32.16 -8.57
CA HIS A 228 6.85 33.07 -8.45
C HIS A 228 8.07 32.22 -8.17
N HIS A 229 8.96 32.17 -9.08
CA HIS A 229 10.14 31.40 -8.92
C HIS A 229 11.31 32.35 -8.92
N ASN A 1 19.70 8.50 5.03
CA ASN A 1 18.53 7.64 4.85
C ASN A 1 17.91 7.38 6.22
N ASP A 2 16.65 7.02 6.25
CA ASP A 2 15.94 6.80 7.51
C ASP A 2 15.21 5.50 7.45
N GLU A 3 15.12 4.84 8.58
CA GLU A 3 14.42 3.58 8.68
C GLU A 3 12.93 3.84 8.53
N LEU A 4 12.53 4.96 9.08
CA LEU A 4 11.15 5.39 9.25
C LEU A 4 10.46 5.76 7.92
N LEU A 5 11.10 5.53 6.81
CA LEU A 5 10.55 5.95 5.54
C LEU A 5 9.63 4.89 4.94
N GLY A 6 9.57 3.75 5.59
CA GLY A 6 8.73 2.69 5.10
C GLY A 6 9.37 1.97 3.94
N LYS A 7 10.69 1.97 3.92
CA LYS A 7 11.41 1.31 2.87
C LYS A 7 11.99 0.03 3.42
N VAL A 8 12.84 -0.58 2.66
CA VAL A 8 13.49 -1.77 3.06
C VAL A 8 14.75 -1.40 3.84
N VAL A 9 14.96 -2.06 4.93
CA VAL A 9 16.09 -1.80 5.81
C VAL A 9 16.70 -3.12 6.25
N SER A 10 17.80 -3.05 6.96
CA SER A 10 18.43 -4.22 7.52
C SER A 10 17.87 -4.49 8.91
N VAL A 11 17.32 -5.64 9.12
CA VAL A 11 16.99 -6.06 10.46
C VAL A 11 18.00 -7.12 10.80
N VAL A 12 18.80 -6.91 11.79
CA VAL A 12 19.89 -7.80 12.09
C VAL A 12 19.45 -9.09 12.71
N SER A 13 20.25 -10.10 12.51
CA SER A 13 19.97 -11.38 13.05
C SER A 13 20.59 -11.49 14.44
N ALA A 14 19.76 -11.24 15.44
CA ALA A 14 20.04 -11.38 16.87
C ALA A 14 21.06 -10.38 17.43
N THR A 15 22.19 -10.26 16.78
CA THR A 15 23.25 -9.44 17.28
C THR A 15 24.25 -9.02 16.16
N GLU A 16 24.31 -9.78 15.07
CA GLU A 16 25.26 -9.49 14.01
C GLU A 16 24.82 -8.36 13.11
N ARG A 17 25.70 -7.40 12.93
CA ARG A 17 25.48 -6.35 11.96
C ARG A 17 25.98 -6.85 10.62
N THR A 18 26.67 -7.97 10.67
CA THR A 18 27.26 -8.59 9.53
C THR A 18 26.21 -9.40 8.76
N GLU A 19 25.39 -10.10 9.49
CA GLU A 19 24.37 -10.91 8.91
C GLU A 19 23.01 -10.42 9.39
N TRP A 20 22.25 -9.93 8.44
CA TRP A 20 20.99 -9.31 8.69
C TRP A 20 19.98 -9.70 7.62
N TYR A 21 18.72 -9.64 7.95
CA TYR A 21 17.68 -9.98 7.03
C TYR A 21 16.92 -8.72 6.63
N PRO A 22 16.88 -8.39 5.33
CA PRO A 22 16.21 -7.19 4.85
C PRO A 22 14.69 -7.26 5.06
N ALA A 23 14.10 -6.13 5.34
CA ALA A 23 12.69 -6.06 5.61
C ALA A 23 12.14 -4.69 5.28
N LEU A 24 10.84 -4.60 5.11
CA LEU A 24 10.13 -3.38 4.77
C LEU A 24 9.46 -2.82 6.00
N VAL A 25 9.77 -1.58 6.30
CA VAL A 25 9.18 -0.91 7.45
C VAL A 25 7.73 -0.55 7.16
N ILE A 26 6.84 -1.02 7.99
CA ILE A 26 5.43 -0.76 7.83
C ILE A 26 4.82 -0.27 9.14
N SER A 27 3.60 0.17 9.10
CA SER A 27 2.97 0.72 10.26
C SER A 27 2.09 -0.32 10.96
N PRO A 28 1.96 -0.24 12.33
CA PRO A 28 1.07 -1.14 13.09
C PRO A 28 -0.40 -0.78 12.88
N SER A 29 -0.64 0.07 11.91
CA SER A 29 -1.96 0.42 11.49
C SER A 29 -2.42 -0.64 10.48
N CYS A 30 -1.45 -1.36 9.93
CA CYS A 30 -1.73 -2.38 8.97
C CYS A 30 -2.06 -3.71 9.68
N ASN A 31 -1.61 -3.81 10.91
CA ASN A 31 -1.75 -5.01 11.71
C ASN A 31 -2.31 -4.74 13.10
N ASP A 32 -3.50 -5.23 13.38
CA ASP A 32 -3.99 -5.23 14.77
C ASP A 32 -3.43 -6.47 15.46
N ASP A 33 -2.87 -7.35 14.63
CA ASP A 33 -2.35 -8.64 15.05
C ASP A 33 -1.14 -8.40 15.93
N ILE A 34 -0.15 -7.78 15.35
CA ILE A 34 1.04 -7.41 16.04
C ILE A 34 0.84 -5.97 16.53
N THR A 35 1.49 -5.59 17.58
CA THR A 35 1.35 -4.29 18.15
C THR A 35 2.75 -3.71 18.30
N VAL A 36 2.90 -2.42 18.14
CA VAL A 36 4.22 -1.83 18.21
C VAL A 36 4.58 -1.58 19.68
N LYS A 37 5.84 -1.76 20.01
CA LYS A 37 6.28 -1.46 21.35
C LYS A 37 7.18 -0.25 21.28
N LYS A 38 7.29 0.47 22.38
CA LYS A 38 8.04 1.74 22.47
C LYS A 38 9.52 1.67 22.00
N ASP A 39 10.14 0.53 22.19
CA ASP A 39 11.57 0.34 21.84
C ASP A 39 11.68 -0.31 20.48
N GLN A 40 10.58 -0.39 19.81
CA GLN A 40 10.45 -1.27 18.71
C GLN A 40 9.63 -0.65 17.58
N CYS A 41 9.74 -1.25 16.42
CA CYS A 41 9.02 -0.79 15.25
C CYS A 41 8.35 -1.97 14.57
N LEU A 42 7.42 -1.68 13.67
CA LEU A 42 6.75 -2.72 12.92
C LEU A 42 7.47 -2.87 11.61
N VAL A 43 7.62 -4.08 11.16
CA VAL A 43 8.35 -4.33 9.97
C VAL A 43 7.93 -5.68 9.35
N ARG A 44 7.97 -5.76 8.06
CA ARG A 44 7.61 -6.97 7.35
C ARG A 44 8.79 -7.45 6.56
N SER A 45 9.09 -8.70 6.61
CA SER A 45 10.18 -9.19 5.87
C SER A 45 9.75 -10.20 4.84
N PHE A 46 10.27 -10.04 3.66
CA PHE A 46 10.04 -10.95 2.56
C PHE A 46 10.87 -12.23 2.76
N ILE A 47 11.85 -12.16 3.65
CA ILE A 47 12.68 -13.31 3.93
C ILE A 47 12.28 -13.94 5.28
N ASP A 48 11.76 -13.12 6.19
CA ASP A 48 11.34 -13.64 7.49
C ASP A 48 9.81 -13.86 7.58
N SER A 49 9.07 -12.93 8.16
CA SER A 49 7.64 -13.10 8.32
C SER A 49 6.82 -11.92 7.76
N LYS A 50 5.53 -12.15 7.55
CA LYS A 50 4.62 -11.17 6.95
C LYS A 50 4.25 -10.01 7.87
N PHE A 51 4.42 -10.23 9.15
CA PHE A 51 4.26 -9.21 10.18
C PHE A 51 5.05 -9.62 11.38
N TYR A 52 5.99 -8.81 11.77
CA TYR A 52 6.75 -9.02 12.97
C TYR A 52 7.16 -7.67 13.47
N SER A 53 7.70 -7.62 14.63
CA SER A 53 8.07 -6.38 15.17
C SER A 53 9.40 -6.56 15.83
N ILE A 54 10.27 -5.61 15.67
CA ILE A 54 11.60 -5.77 16.12
C ILE A 54 12.05 -4.46 16.74
N ALA A 55 12.98 -4.55 17.61
CA ALA A 55 13.50 -3.44 18.33
C ALA A 55 14.31 -2.52 17.42
N ARG A 56 14.35 -1.23 17.74
CA ARG A 56 15.08 -0.23 16.93
C ARG A 56 16.56 -0.60 16.86
N LYS A 57 17.05 -1.14 17.96
CA LYS A 57 18.42 -1.63 18.11
C LYS A 57 18.79 -2.69 17.04
N ASP A 58 17.80 -3.36 16.50
CA ASP A 58 18.05 -4.43 15.53
C ASP A 58 17.97 -3.92 14.10
N ILE A 59 17.52 -2.72 13.93
CA ILE A 59 17.31 -2.21 12.60
C ILE A 59 18.44 -1.26 12.19
N LYS A 60 18.87 -1.39 10.96
CA LYS A 60 19.81 -0.47 10.37
C LYS A 60 19.22 -0.06 9.05
N GLU A 61 19.27 1.18 8.72
CA GLU A 61 18.74 1.59 7.44
C GLU A 61 19.76 1.39 6.35
N VAL A 62 19.33 0.85 5.25
CA VAL A 62 20.20 0.62 4.15
C VAL A 62 19.34 0.51 2.92
N ASP A 63 19.89 0.76 1.78
CA ASP A 63 19.20 0.50 0.56
C ASP A 63 19.85 -0.67 -0.08
N ILE A 64 19.22 -1.82 0.05
CA ILE A 64 19.81 -3.08 -0.36
C ILE A 64 20.08 -3.10 -1.85
N LEU A 65 19.20 -2.50 -2.60
CA LEU A 65 19.35 -2.50 -4.02
C LEU A 65 20.41 -1.49 -4.50
N ASN A 66 20.91 -0.69 -3.57
CA ASN A 66 21.95 0.27 -3.88
C ASN A 66 23.30 -0.29 -3.48
N LEU A 67 23.28 -1.48 -2.93
CA LEU A 67 24.48 -2.18 -2.59
C LEU A 67 24.97 -2.93 -3.83
N PRO A 68 26.29 -3.08 -4.00
CA PRO A 68 26.86 -3.81 -5.12
C PRO A 68 26.49 -5.28 -5.10
N GLU A 69 26.34 -5.85 -6.28
CA GLU A 69 26.00 -7.26 -6.50
C GLU A 69 26.92 -8.20 -5.72
N SER A 70 28.16 -7.77 -5.53
CA SER A 70 29.18 -8.50 -4.80
C SER A 70 28.69 -8.85 -3.38
N GLU A 71 27.95 -7.93 -2.78
CA GLU A 71 27.45 -8.11 -1.43
C GLU A 71 26.12 -8.87 -1.49
N LEU A 72 25.32 -8.50 -2.47
CA LEU A 72 23.98 -9.04 -2.67
C LEU A 72 23.99 -10.54 -2.88
N SER A 73 24.70 -10.95 -3.88
CA SER A 73 24.79 -12.34 -4.28
C SER A 73 25.47 -13.23 -3.23
N THR A 74 26.14 -12.64 -2.26
CA THR A 74 26.82 -13.43 -1.26
C THR A 74 26.03 -13.49 0.06
N LYS A 75 25.61 -12.34 0.58
CA LYS A 75 24.90 -12.31 1.83
C LYS A 75 23.43 -12.74 1.64
N PRO A 76 23.00 -13.76 2.44
CA PRO A 76 21.66 -14.37 2.33
C PRO A 76 20.51 -13.38 2.34
N GLY A 77 19.77 -13.35 1.26
CA GLY A 77 18.59 -12.54 1.21
C GLY A 77 18.79 -11.23 0.51
N LEU A 78 20.02 -10.79 0.37
CA LEU A 78 20.30 -9.49 -0.24
C LEU A 78 20.05 -9.49 -1.74
N GLN A 79 20.33 -10.60 -2.41
CA GLN A 79 20.06 -10.65 -3.82
C GLN A 79 18.56 -10.80 -4.02
N LYS A 80 17.96 -11.70 -3.22
CA LYS A 80 16.50 -11.92 -3.17
C LYS A 80 15.81 -10.59 -3.02
N ALA A 81 16.36 -9.76 -2.13
CA ALA A 81 15.88 -8.43 -1.86
C ALA A 81 15.79 -7.63 -3.11
N SER A 82 16.92 -7.45 -3.77
CA SER A 82 17.02 -6.64 -4.96
C SER A 82 16.02 -7.10 -6.04
N ILE A 83 15.88 -8.41 -6.17
CA ILE A 83 14.96 -9.02 -7.13
C ILE A 83 13.50 -8.67 -6.76
N PHE A 84 13.16 -8.89 -5.51
CA PHE A 84 11.83 -8.64 -4.96
C PHE A 84 11.51 -7.13 -5.00
N LEU A 85 12.49 -6.33 -4.62
CA LEU A 85 12.35 -4.89 -4.49
C LEU A 85 12.21 -4.19 -5.83
N LYS A 86 13.02 -4.57 -6.82
CA LYS A 86 13.05 -3.87 -8.11
C LYS A 86 11.69 -3.84 -8.78
N THR A 87 10.94 -4.90 -8.59
CA THR A 87 9.67 -5.03 -9.23
C THR A 87 8.51 -4.45 -8.38
N ARG A 88 8.84 -3.62 -7.38
CA ARG A 88 7.79 -3.03 -6.54
C ARG A 88 8.12 -1.63 -6.02
N VAL A 89 9.37 -1.37 -5.68
CA VAL A 89 9.72 -0.04 -5.13
C VAL A 89 10.48 0.84 -6.12
N VAL A 90 10.85 0.28 -7.26
CA VAL A 90 11.65 1.02 -8.21
C VAL A 90 10.76 1.55 -9.36
N PRO A 91 10.71 2.90 -9.53
CA PRO A 91 9.82 3.61 -10.48
C PRO A 91 9.58 2.97 -11.85
N ASP A 92 10.60 2.76 -12.61
CA ASP A 92 10.41 2.22 -13.95
C ASP A 92 10.45 0.70 -13.95
N ASN A 93 11.01 0.16 -12.89
CA ASN A 93 11.29 -1.26 -12.84
C ASN A 93 10.19 -2.14 -12.26
N TRP A 94 9.11 -1.57 -11.72
CA TRP A 94 8.00 -2.43 -11.30
C TRP A 94 7.34 -3.11 -12.50
N LYS A 95 7.31 -4.44 -12.49
CA LYS A 95 6.82 -5.18 -13.65
C LYS A 95 5.74 -6.20 -13.30
N MET A 96 4.57 -5.96 -13.84
CA MET A 96 3.44 -6.89 -13.86
C MET A 96 2.47 -6.30 -14.85
N ASP A 97 1.88 -7.10 -15.69
CA ASP A 97 1.05 -6.53 -16.74
C ASP A 97 -0.27 -6.15 -16.15
N ILE A 98 -0.80 -5.05 -16.59
CA ILE A 98 -2.02 -4.51 -16.04
C ILE A 98 -3.22 -5.44 -16.38
N SER A 99 -3.03 -6.30 -17.37
CA SER A 99 -4.01 -7.31 -17.74
C SER A 99 -4.07 -8.36 -16.64
N GLU A 100 -2.88 -8.86 -16.24
CA GLU A 100 -2.76 -9.87 -15.17
C GLU A 100 -3.39 -9.35 -13.90
N ILE A 101 -3.28 -8.06 -13.74
CA ILE A 101 -3.76 -7.36 -12.60
C ILE A 101 -5.30 -7.30 -12.52
N LEU A 102 -5.92 -6.43 -13.26
CA LEU A 102 -7.36 -6.22 -13.11
C LEU A 102 -8.13 -6.70 -14.32
N GLU A 103 -7.42 -6.95 -15.39
CA GLU A 103 -7.98 -7.38 -16.70
C GLU A 103 -8.62 -6.18 -17.42
N SER A 104 -9.60 -5.57 -16.79
CA SER A 104 -10.33 -4.44 -17.37
C SER A 104 -9.55 -3.11 -17.29
N SER A 105 -8.44 -3.12 -16.57
CA SER A 105 -7.62 -1.93 -16.39
C SER A 105 -6.71 -1.73 -17.62
N SER A 106 -6.70 -2.71 -18.50
CA SER A 106 -5.88 -2.68 -19.69
C SER A 106 -6.37 -1.59 -20.66
N SER A 107 -7.63 -1.27 -20.58
CA SER A 107 -8.22 -0.24 -21.37
C SER A 107 -7.90 1.11 -20.72
N LYS A 108 -7.27 2.00 -21.47
CA LYS A 108 -6.83 3.27 -20.92
C LYS A 108 -7.25 4.42 -21.79
N ASP A 109 -7.68 5.48 -21.17
CA ASP A 109 -7.93 6.71 -21.89
C ASP A 109 -6.79 7.62 -21.54
N LYS A 110 -6.18 8.17 -22.54
CA LYS A 110 -4.96 8.92 -22.35
C LYS A 110 -5.20 10.32 -21.80
N GLU A 111 -5.71 11.19 -22.62
CA GLU A 111 -5.81 12.56 -22.23
C GLU A 111 -7.21 12.96 -21.79
N LYS A 112 -7.35 13.07 -20.51
CA LYS A 112 -8.55 13.51 -19.82
C LYS A 112 -8.09 14.20 -18.57
N GLU A 113 -9.01 14.59 -17.73
CA GLU A 113 -8.65 15.05 -16.43
C GLU A 113 -8.24 13.83 -15.66
N LEU A 114 -7.04 13.88 -15.12
CA LEU A 114 -6.37 12.77 -14.42
C LEU A 114 -5.79 11.75 -15.40
N ASP A 115 -4.47 11.65 -15.39
CA ASP A 115 -3.74 10.75 -16.28
C ASP A 115 -3.86 9.30 -15.82
N PRO A 116 -3.82 8.32 -16.74
CA PRO A 116 -3.98 6.91 -16.40
C PRO A 116 -2.70 6.26 -15.84
N GLU A 117 -1.63 7.04 -15.76
CA GLU A 117 -0.33 6.55 -15.33
C GLU A 117 -0.33 5.96 -13.93
N GLU A 118 -0.83 6.73 -12.96
CA GLU A 118 -0.77 6.31 -11.56
C GLU A 118 -1.70 5.15 -11.26
N ARG A 119 -2.67 4.87 -12.15
CA ARG A 119 -3.57 3.72 -11.94
C ARG A 119 -2.69 2.50 -11.97
N ASP A 120 -1.96 2.41 -13.06
CA ASP A 120 -1.02 1.34 -13.34
C ASP A 120 0.01 1.27 -12.26
N ASN A 121 0.57 2.43 -11.91
CA ASN A 121 1.60 2.51 -10.87
C ASN A 121 1.07 1.94 -9.55
N PHE A 122 -0.05 2.48 -9.11
CA PHE A 122 -0.68 2.09 -7.88
C PHE A 122 -1.07 0.62 -7.89
N LEU A 123 -1.76 0.18 -8.93
CA LEU A 123 -2.19 -1.21 -9.01
C LEU A 123 -1.01 -2.17 -9.08
N GLN A 124 0.06 -1.73 -9.74
CA GLN A 124 1.26 -2.54 -9.89
C GLN A 124 1.85 -2.81 -8.52
N GLN A 125 2.11 -1.70 -7.80
CA GLN A 125 2.70 -1.77 -6.50
C GLN A 125 1.78 -2.47 -5.52
N LEU A 126 0.50 -2.10 -5.55
CA LEU A 126 -0.49 -2.66 -4.64
C LEU A 126 -0.59 -4.16 -4.79
N TYR A 127 -0.59 -4.64 -6.01
CA TYR A 127 -0.65 -6.06 -6.27
C TYR A 127 0.60 -6.78 -5.81
N LYS A 128 1.75 -6.18 -6.06
CA LYS A 128 3.00 -6.77 -5.58
C LYS A 128 3.04 -6.77 -4.05
N PHE A 129 2.62 -5.69 -3.45
CA PHE A 129 2.55 -5.59 -2.00
C PHE A 129 1.46 -6.48 -1.43
N MET A 130 0.46 -6.78 -2.23
CA MET A 130 -0.59 -7.69 -1.80
C MET A 130 0.01 -9.09 -1.61
N GLU A 131 0.91 -9.50 -2.52
CA GLU A 131 1.64 -10.78 -2.33
C GLU A 131 2.39 -10.73 -1.01
N ASP A 132 3.04 -9.61 -0.84
CA ASP A 132 3.92 -9.29 0.27
C ASP A 132 3.21 -9.36 1.63
N ARG A 133 1.91 -9.04 1.65
CA ARG A 133 1.19 -9.00 2.92
C ARG A 133 0.67 -10.38 3.34
N GLY A 134 0.88 -11.38 2.49
CA GLY A 134 0.49 -12.74 2.83
C GLY A 134 -0.69 -13.21 2.04
N THR A 135 -1.61 -12.33 1.78
CA THR A 135 -2.77 -12.68 1.01
C THR A 135 -2.83 -11.84 -0.26
N PRO A 136 -2.39 -12.43 -1.39
CA PRO A 136 -2.32 -11.74 -2.68
C PRO A 136 -3.69 -11.56 -3.35
N ILE A 137 -3.66 -11.01 -4.53
CA ILE A 137 -4.85 -10.81 -5.28
C ILE A 137 -5.23 -12.08 -6.00
N ASN A 138 -6.00 -12.85 -5.33
CA ASN A 138 -6.61 -14.04 -5.87
C ASN A 138 -7.95 -13.67 -6.49
N LYS A 139 -8.46 -12.57 -6.02
CA LYS A 139 -9.70 -12.01 -6.49
C LYS A 139 -9.45 -10.63 -7.03
N PRO A 140 -9.54 -10.43 -8.35
CA PRO A 140 -9.50 -9.11 -8.92
C PRO A 140 -10.79 -8.39 -8.49
N PRO A 141 -10.65 -7.24 -7.81
CA PRO A 141 -11.79 -6.50 -7.22
C PRO A 141 -12.99 -6.30 -8.14
N VAL A 142 -14.12 -6.83 -7.73
CA VAL A 142 -15.36 -6.64 -8.44
C VAL A 142 -16.30 -6.04 -7.43
N LEU A 143 -17.00 -5.02 -7.80
CA LEU A 143 -17.91 -4.40 -6.89
C LEU A 143 -19.21 -4.10 -7.59
N GLY A 144 -20.30 -4.54 -7.01
CA GLY A 144 -21.61 -4.26 -7.55
C GLY A 144 -21.83 -4.86 -8.92
N TYR A 145 -21.34 -6.09 -9.08
CA TYR A 145 -21.47 -6.93 -10.30
C TYR A 145 -20.41 -6.59 -11.33
N LYS A 146 -19.75 -5.47 -11.21
CA LYS A 146 -18.82 -5.06 -12.24
C LYS A 146 -17.41 -4.93 -11.71
N ASP A 147 -16.46 -5.22 -12.58
CA ASP A 147 -15.02 -5.13 -12.26
C ASP A 147 -14.74 -3.74 -11.74
N LEU A 148 -14.16 -3.67 -10.59
CA LEU A 148 -13.95 -2.42 -9.93
C LEU A 148 -12.56 -1.88 -10.22
N ASN A 149 -12.50 -0.78 -10.92
CA ASN A 149 -11.25 -0.09 -11.18
C ASN A 149 -10.88 0.69 -9.94
N LEU A 150 -10.16 0.02 -9.11
CA LEU A 150 -9.85 0.47 -7.77
C LEU A 150 -9.08 1.76 -7.65
N PHE A 151 -8.31 2.15 -8.66
CA PHE A 151 -7.58 3.42 -8.57
C PHE A 151 -8.53 4.60 -8.73
N LYS A 152 -9.55 4.42 -9.54
CA LYS A 152 -10.51 5.49 -9.80
C LYS A 152 -11.28 5.77 -8.51
N LEU A 153 -11.69 4.69 -7.88
CA LEU A 153 -12.41 4.77 -6.65
C LEU A 153 -11.46 5.21 -5.53
N PHE A 154 -10.18 4.80 -5.63
CA PHE A 154 -9.13 5.25 -4.70
C PHE A 154 -9.04 6.76 -4.73
N ARG A 155 -8.96 7.33 -5.94
CA ARG A 155 -8.93 8.78 -6.09
C ARG A 155 -10.17 9.43 -5.50
N LEU A 156 -11.33 8.82 -5.73
CA LEU A 156 -12.58 9.37 -5.22
C LEU A 156 -12.58 9.35 -3.69
N VAL A 157 -12.26 8.20 -3.10
CA VAL A 157 -12.28 8.06 -1.65
C VAL A 157 -11.16 8.89 -0.99
N TYR A 158 -10.02 8.99 -1.68
CA TYR A 158 -8.86 9.78 -1.24
C TYR A 158 -9.24 11.27 -1.21
N HIS A 159 -10.02 11.69 -2.20
CA HIS A 159 -10.45 13.08 -2.30
C HIS A 159 -11.48 13.41 -1.20
N GLN A 160 -12.01 12.38 -0.61
CA GLN A 160 -12.96 12.50 0.45
C GLN A 160 -12.25 12.44 1.81
N GLY A 161 -10.95 12.23 1.78
CA GLY A 161 -10.17 12.15 2.99
C GLY A 161 -9.69 10.74 3.30
N GLY A 162 -10.01 9.83 2.42
CA GLY A 162 -9.55 8.47 2.52
C GLY A 162 -10.07 7.71 3.73
N CYS A 163 -9.36 6.66 4.06
CA CYS A 163 -9.71 5.76 5.16
C CYS A 163 -9.58 6.47 6.50
N ASP A 164 -8.82 7.54 6.51
CA ASP A 164 -8.54 8.28 7.72
C ASP A 164 -9.74 9.10 8.15
N ASN A 165 -10.32 9.79 7.21
CA ASN A 165 -11.39 10.73 7.47
C ASN A 165 -12.77 10.08 7.44
N ILE A 166 -12.96 9.20 6.49
CA ILE A 166 -14.26 8.65 6.22
C ILE A 166 -14.73 7.64 7.24
N ASP A 167 -15.77 8.03 7.88
CA ASP A 167 -16.47 7.21 8.82
C ASP A 167 -17.94 7.05 8.40
N SER A 168 -18.40 7.97 7.55
CA SER A 168 -19.79 8.03 7.16
C SER A 168 -20.06 7.15 5.95
N GLY A 169 -21.16 6.40 6.02
CA GLY A 169 -21.60 5.54 4.93
C GLY A 169 -22.01 6.31 3.71
N ALA A 170 -22.31 7.56 3.93
CA ALA A 170 -22.68 8.50 2.90
C ALA A 170 -21.56 8.64 1.87
N VAL A 171 -20.34 8.65 2.36
CA VAL A 171 -19.19 8.86 1.51
C VAL A 171 -18.89 7.58 0.73
N TRP A 172 -18.93 6.44 1.44
CA TRP A 172 -18.86 5.11 0.81
C TRP A 172 -19.88 5.02 -0.33
N LYS A 173 -21.09 5.46 -0.05
CA LYS A 173 -22.15 5.51 -1.03
C LYS A 173 -21.71 6.34 -2.23
N GLN A 174 -21.14 7.52 -1.96
CA GLN A 174 -20.70 8.41 -3.02
C GLN A 174 -19.56 7.80 -3.87
N ILE A 175 -18.57 7.23 -3.24
CA ILE A 175 -17.44 6.66 -4.00
C ILE A 175 -17.89 5.46 -4.84
N TYR A 176 -18.84 4.71 -4.33
CA TYR A 176 -19.39 3.55 -5.03
C TYR A 176 -20.32 4.03 -6.17
N MET A 177 -21.13 5.03 -5.85
CA MET A 177 -22.09 5.62 -6.80
C MET A 177 -21.36 6.35 -7.94
N ASP A 178 -20.19 6.91 -7.62
CA ASP A 178 -19.40 7.68 -8.59
C ASP A 178 -19.05 6.89 -9.81
N LEU A 179 -18.67 5.64 -9.62
CA LEU A 179 -18.30 4.78 -10.74
C LEU A 179 -19.50 4.21 -11.49
N GLY A 180 -20.69 4.65 -11.13
CA GLY A 180 -21.88 4.22 -11.82
C GLY A 180 -22.26 2.82 -11.41
N ILE A 181 -22.04 2.52 -10.17
CA ILE A 181 -22.38 1.25 -9.64
C ILE A 181 -23.62 1.44 -8.79
N PRO A 182 -24.70 0.68 -9.05
CA PRO A 182 -25.91 0.77 -8.28
C PRO A 182 -25.64 0.46 -6.82
N ILE A 183 -25.90 1.43 -5.96
CA ILE A 183 -25.66 1.26 -4.55
C ILE A 183 -26.61 0.23 -3.97
N LEU A 184 -27.87 0.26 -4.40
CA LEU A 184 -28.93 -0.69 -4.02
C LEU A 184 -29.27 -0.62 -2.53
N ASN A 185 -28.35 -1.09 -1.74
CA ASN A 185 -28.54 -1.34 -0.36
C ASN A 185 -27.30 -0.85 0.39
N SER A 186 -27.41 -0.58 1.67
CA SER A 186 -26.28 -0.13 2.45
C SER A 186 -25.26 -1.22 2.70
N ALA A 187 -25.60 -2.45 2.38
CA ALA A 187 -24.65 -3.53 2.42
C ALA A 187 -23.59 -3.30 1.37
N ALA A 188 -23.94 -2.53 0.34
CA ALA A 188 -22.99 -2.19 -0.69
C ALA A 188 -22.06 -1.08 -0.22
N SER A 189 -22.57 -0.21 0.67
CA SER A 189 -21.75 0.79 1.32
C SER A 189 -20.71 0.04 2.16
N TYR A 190 -21.18 -1.03 2.80
CA TYR A 190 -20.32 -1.95 3.51
C TYR A 190 -19.31 -2.57 2.55
N ASN A 191 -19.79 -3.10 1.42
CA ASN A 191 -18.95 -3.75 0.40
C ASN A 191 -17.82 -2.86 -0.03
N VAL A 192 -18.13 -1.62 -0.37
CA VAL A 192 -17.12 -0.69 -0.84
C VAL A 192 -16.14 -0.30 0.27
N LYS A 193 -16.64 -0.13 1.50
CA LYS A 193 -15.73 0.22 2.58
C LYS A 193 -14.83 -0.97 2.86
N THR A 194 -15.37 -2.17 2.70
CA THR A 194 -14.63 -3.40 2.87
C THR A 194 -13.56 -3.51 1.79
N ALA A 195 -13.93 -3.09 0.58
CA ALA A 195 -13.06 -3.12 -0.56
C ALA A 195 -11.85 -2.26 -0.30
N TYR A 196 -12.05 -1.04 0.17
CA TYR A 196 -10.90 -0.21 0.47
C TYR A 196 -10.24 -0.62 1.78
N ARG A 197 -11.00 -1.27 2.66
CA ARG A 197 -10.53 -1.70 3.98
C ARG A 197 -9.52 -2.83 3.83
N LYS A 198 -9.66 -3.62 2.78
CA LYS A 198 -8.69 -4.67 2.52
C LYS A 198 -7.76 -4.41 1.34
N TYR A 199 -8.31 -4.04 0.18
CA TYR A 199 -7.52 -3.93 -1.02
C TYR A 199 -6.62 -2.72 -1.02
N LEU A 200 -7.15 -1.61 -0.62
CA LEU A 200 -6.41 -0.37 -0.69
C LEU A 200 -5.72 -0.05 0.62
N TYR A 201 -6.03 -0.83 1.66
CA TYR A 201 -5.63 -0.45 3.02
C TYR A 201 -4.12 -0.37 3.25
N GLY A 202 -3.35 -1.32 2.71
CA GLY A 202 -1.89 -1.26 2.90
C GLY A 202 -1.28 0.08 2.52
N PHE A 203 -1.54 0.51 1.30
CA PHE A 203 -0.95 1.73 0.80
C PHE A 203 -1.63 2.95 1.43
N GLU A 204 -2.92 2.83 1.69
CA GLU A 204 -3.67 3.90 2.32
C GLU A 204 -3.17 4.15 3.75
N GLU A 205 -3.09 3.09 4.55
CA GLU A 205 -2.61 3.19 5.92
C GLU A 205 -1.18 3.71 5.92
N TYR A 206 -0.39 3.28 4.95
CA TYR A 206 0.95 3.84 4.77
C TYR A 206 0.88 5.35 4.48
N CYS A 207 0.03 5.75 3.53
CA CYS A 207 -0.12 7.15 3.18
C CYS A 207 -0.61 8.01 4.30
N ARG A 208 -1.63 7.58 5.00
CA ARG A 208 -2.18 8.35 6.10
C ARG A 208 -1.22 8.41 7.28
N SER A 209 -0.47 7.34 7.51
CA SER A 209 0.48 7.31 8.60
C SER A 209 1.67 8.22 8.31
N ALA A 210 2.24 8.07 7.12
CA ALA A 210 3.46 8.81 6.79
C ALA A 210 3.17 10.18 6.18
N ASN A 211 1.88 10.49 6.02
CA ASN A 211 1.42 11.83 5.53
C ASN A 211 1.77 12.06 4.09
N ILE A 212 1.52 11.05 3.33
CA ILE A 212 1.68 11.09 1.90
C ILE A 212 0.38 11.63 1.29
N GLN A 213 -0.66 11.62 2.11
CA GLN A 213 -1.94 12.15 1.70
C GLN A 213 -1.86 13.66 1.73
N PHE A 214 -2.00 14.28 0.59
CA PHE A 214 -1.92 15.72 0.53
C PHE A 214 -3.20 16.37 1.01
N ARG A 215 -4.28 15.61 0.94
CA ARG A 215 -5.57 16.05 1.43
C ARG A 215 -6.24 14.92 2.17
N THR A 216 -6.45 15.13 3.44
CA THR A 216 -7.18 14.20 4.27
C THR A 216 -8.54 14.83 4.61
N VAL A 217 -8.69 16.09 4.18
CA VAL A 217 -9.90 16.91 4.40
C VAL A 217 -9.99 17.34 5.88
N HIS A 218 -10.08 16.37 6.74
CA HIS A 218 -10.12 16.64 8.15
C HIS A 218 -8.95 15.91 8.80
N HIS A 219 -7.78 16.50 8.69
CA HIS A 219 -6.55 15.91 9.18
C HIS A 219 -6.32 16.34 10.63
N HIS A 220 -7.16 15.86 11.50
CA HIS A 220 -7.11 16.14 12.93
C HIS A 220 -8.16 15.29 13.60
N GLU A 221 -7.74 14.38 14.44
CA GLU A 221 -8.69 13.50 15.08
C GLU A 221 -9.34 14.20 16.27
N LEU A 222 -10.57 13.88 16.50
CA LEU A 222 -11.33 14.42 17.59
C LEU A 222 -11.87 13.28 18.38
N GLU A 223 -11.85 13.41 19.70
CA GLU A 223 -12.24 12.37 20.63
C GLU A 223 -11.80 10.99 20.21
N HIS A 224 -10.53 10.73 20.46
CA HIS A 224 -9.85 9.49 20.10
C HIS A 224 -10.68 8.29 20.49
N HIS A 225 -10.91 7.43 19.52
CA HIS A 225 -11.67 6.22 19.75
C HIS A 225 -10.86 5.32 20.64
N HIS A 226 -11.48 4.82 21.68
CA HIS A 226 -10.78 3.92 22.56
C HIS A 226 -10.74 2.56 21.90
N HIS A 227 -9.74 2.37 21.10
CA HIS A 227 -9.62 1.19 20.29
C HIS A 227 -9.01 0.05 21.08
N HIS A 228 -8.38 0.39 22.17
CA HIS A 228 -7.78 -0.57 23.08
C HIS A 228 -7.60 0.12 24.40
N HIS A 229 -7.05 1.30 24.33
CA HIS A 229 -6.89 2.14 25.49
C HIS A 229 -8.03 3.12 25.49
N ASN A 1 18.71 8.34 5.72
CA ASN A 1 17.71 7.85 4.77
C ASN A 1 16.36 7.65 5.47
N ASP A 2 16.42 7.31 6.77
CA ASP A 2 15.22 7.19 7.66
C ASP A 2 14.41 5.93 7.42
N GLU A 3 14.30 5.13 8.45
CA GLU A 3 13.54 3.89 8.43
C GLU A 3 12.06 4.18 8.53
N LEU A 4 11.74 5.15 9.34
CA LEU A 4 10.38 5.53 9.68
C LEU A 4 9.55 6.14 8.51
N LEU A 5 10.06 6.04 7.31
CA LEU A 5 9.37 6.60 6.15
C LEU A 5 8.40 5.60 5.53
N GLY A 6 8.42 4.35 5.98
CA GLY A 6 7.52 3.35 5.38
C GLY A 6 8.15 2.74 4.16
N LYS A 7 9.43 2.55 4.23
CA LYS A 7 10.19 2.01 3.12
C LYS A 7 10.82 0.69 3.53
N VAL A 8 11.60 0.10 2.63
CA VAL A 8 12.28 -1.13 2.94
C VAL A 8 13.55 -0.80 3.74
N VAL A 9 13.86 -1.62 4.70
CA VAL A 9 14.99 -1.37 5.58
C VAL A 9 15.70 -2.67 5.93
N SER A 10 16.84 -2.54 6.55
CA SER A 10 17.61 -3.64 7.05
C SER A 10 17.19 -3.96 8.49
N VAL A 11 16.91 -5.21 8.77
CA VAL A 11 16.64 -5.64 10.12
C VAL A 11 17.80 -6.54 10.54
N VAL A 12 18.50 -6.11 11.50
CA VAL A 12 19.69 -6.74 11.98
C VAL A 12 19.42 -8.01 12.77
N SER A 13 20.28 -9.00 12.55
CA SER A 13 20.21 -10.24 13.26
C SER A 13 20.87 -10.07 14.63
N ALA A 14 20.12 -9.38 15.51
CA ALA A 14 20.46 -9.05 16.90
C ALA A 14 21.66 -8.12 17.04
N THR A 15 22.75 -8.54 16.50
CA THR A 15 23.99 -7.84 16.61
C THR A 15 24.71 -7.77 15.26
N GLU A 16 24.38 -8.65 14.34
CA GLU A 16 25.04 -8.66 13.05
C GLU A 16 24.53 -7.60 12.12
N ARG A 17 25.27 -6.54 12.01
CA ARG A 17 24.96 -5.54 11.04
C ARG A 17 25.53 -5.92 9.71
N THR A 18 26.34 -6.99 9.70
CA THR A 18 26.92 -7.47 8.47
C THR A 18 25.95 -8.40 7.78
N GLU A 19 25.26 -9.17 8.56
CA GLU A 19 24.26 -10.06 8.05
C GLU A 19 22.93 -9.74 8.71
N TRP A 20 22.08 -9.18 7.93
CA TRP A 20 20.82 -8.69 8.36
C TRP A 20 19.76 -9.18 7.39
N TYR A 21 18.54 -9.15 7.80
CA TYR A 21 17.45 -9.58 6.98
C TYR A 21 16.53 -8.40 6.68
N PRO A 22 16.34 -8.08 5.40
CA PRO A 22 15.54 -6.94 4.97
C PRO A 22 14.04 -7.10 5.20
N ALA A 23 13.41 -6.00 5.53
CA ALA A 23 11.99 -5.97 5.80
C ALA A 23 11.41 -4.62 5.39
N LEU A 24 10.10 -4.52 5.44
CA LEU A 24 9.38 -3.33 5.03
C LEU A 24 8.74 -2.68 6.22
N VAL A 25 8.96 -1.40 6.38
CA VAL A 25 8.32 -0.64 7.42
C VAL A 25 6.88 -0.38 7.03
N ILE A 26 5.98 -1.02 7.71
CA ILE A 26 4.57 -0.90 7.41
C ILE A 26 3.80 -0.45 8.64
N SER A 27 2.51 -0.43 8.57
CA SER A 27 1.75 0.07 9.66
C SER A 27 1.16 -1.07 10.47
N PRO A 28 1.07 -0.92 11.83
CA PRO A 28 0.43 -1.92 12.71
C PRO A 28 -1.09 -1.96 12.50
N SER A 29 -1.52 -1.39 11.42
CA SER A 29 -2.87 -1.38 10.99
C SER A 29 -3.14 -2.68 10.23
N CYS A 30 -2.08 -3.22 9.60
CA CYS A 30 -2.21 -4.41 8.78
C CYS A 30 -2.20 -5.67 9.66
N ASN A 31 -1.88 -5.46 10.90
CA ASN A 31 -1.79 -6.53 11.86
C ASN A 31 -2.61 -6.22 13.08
N ASP A 32 -3.63 -6.99 13.28
CA ASP A 32 -4.48 -6.81 14.46
C ASP A 32 -3.87 -7.49 15.67
N ASP A 33 -3.07 -8.51 15.42
CA ASP A 33 -2.43 -9.30 16.48
C ASP A 33 -1.23 -8.56 17.04
N ILE A 34 -0.28 -8.28 16.16
CA ILE A 34 0.94 -7.60 16.56
C ILE A 34 0.63 -6.12 16.77
N THR A 35 1.31 -5.49 17.66
CA THR A 35 1.12 -4.10 17.93
C THR A 35 2.50 -3.46 18.03
N VAL A 36 2.65 -2.26 17.51
CA VAL A 36 3.93 -1.60 17.54
C VAL A 36 4.19 -1.09 18.96
N LYS A 37 5.41 -1.21 19.40
CA LYS A 37 5.79 -0.75 20.71
C LYS A 37 6.60 0.52 20.61
N LYS A 38 6.80 1.21 21.73
CA LYS A 38 7.43 2.52 21.73
C LYS A 38 8.88 2.57 21.25
N ASP A 39 9.61 1.51 21.42
CA ASP A 39 11.00 1.43 20.89
C ASP A 39 11.02 0.65 19.62
N GLN A 40 9.88 0.33 19.08
CA GLN A 40 9.85 -0.59 17.97
C GLN A 40 9.15 -0.04 16.76
N CYS A 41 9.23 -0.78 15.71
CA CYS A 41 8.65 -0.48 14.45
C CYS A 41 8.01 -1.77 13.93
N LEU A 42 7.00 -1.64 13.09
CA LEU A 42 6.33 -2.79 12.53
C LEU A 42 6.93 -3.06 11.17
N VAL A 43 7.55 -4.19 11.02
CA VAL A 43 8.15 -4.54 9.78
C VAL A 43 7.64 -5.83 9.24
N ARG A 44 7.41 -5.84 7.97
CA ARG A 44 6.99 -7.00 7.27
C ARG A 44 8.24 -7.58 6.63
N SER A 45 8.64 -8.76 7.05
CA SER A 45 9.84 -9.33 6.52
C SER A 45 9.50 -10.29 5.39
N PHE A 46 9.80 -9.88 4.17
CA PHE A 46 9.51 -10.70 3.00
C PHE A 46 10.38 -11.94 2.98
N ILE A 47 11.53 -11.81 3.58
CA ILE A 47 12.51 -12.87 3.63
C ILE A 47 12.17 -13.90 4.72
N ASP A 48 11.46 -13.48 5.74
CA ASP A 48 11.24 -14.40 6.85
C ASP A 48 9.77 -14.59 7.17
N SER A 49 9.22 -13.78 8.04
CA SER A 49 7.83 -13.86 8.39
C SER A 49 7.23 -12.47 8.14
N LYS A 50 5.98 -12.43 7.73
CA LYS A 50 5.41 -11.17 7.24
C LYS A 50 5.05 -10.14 8.30
N PHE A 51 5.03 -10.52 9.52
CA PHE A 51 4.78 -9.56 10.59
C PHE A 51 5.79 -9.69 11.70
N TYR A 52 6.50 -8.61 11.94
CA TYR A 52 7.50 -8.52 12.97
C TYR A 52 7.44 -7.21 13.68
N SER A 53 7.65 -7.26 14.93
CA SER A 53 7.76 -6.13 15.76
C SER A 53 9.23 -6.09 16.14
N ILE A 54 9.93 -5.11 15.65
CA ILE A 54 11.36 -5.05 15.77
C ILE A 54 11.76 -3.70 16.31
N ALA A 55 12.74 -3.69 17.18
CA ALA A 55 13.18 -2.50 17.82
C ALA A 55 13.95 -1.61 16.87
N ARG A 56 13.91 -0.33 17.14
CA ARG A 56 14.52 0.73 16.34
C ARG A 56 16.03 0.50 16.19
N LYS A 57 16.63 -0.07 17.23
CA LYS A 57 18.07 -0.35 17.26
C LYS A 57 18.43 -1.53 16.36
N ASP A 58 17.47 -2.37 16.06
CA ASP A 58 17.71 -3.58 15.28
C ASP A 58 17.47 -3.30 13.82
N ILE A 59 17.18 -2.07 13.51
CA ILE A 59 16.91 -1.69 12.15
C ILE A 59 17.97 -0.72 11.62
N LYS A 60 18.44 -0.96 10.41
CA LYS A 60 19.30 -0.03 9.71
C LYS A 60 18.49 0.47 8.54
N GLU A 61 18.44 1.74 8.36
CA GLU A 61 17.65 2.29 7.27
C GLU A 61 18.41 2.29 5.97
N VAL A 62 18.06 1.37 5.11
CA VAL A 62 18.83 1.17 3.94
C VAL A 62 17.96 0.75 2.77
N ASP A 63 18.25 1.27 1.62
CA ASP A 63 17.62 0.81 0.41
C ASP A 63 18.49 -0.25 -0.13
N ILE A 64 18.04 -1.46 0.01
CA ILE A 64 18.81 -2.63 -0.35
C ILE A 64 19.12 -2.64 -1.86
N LEU A 65 18.31 -1.92 -2.61
CA LEU A 65 18.45 -1.88 -4.02
C LEU A 65 19.64 -1.04 -4.50
N ASN A 66 20.13 -0.13 -3.64
CA ASN A 66 21.29 0.68 -4.04
C ASN A 66 22.59 0.12 -3.50
N LEU A 67 22.49 -0.89 -2.65
CA LEU A 67 23.64 -1.55 -2.10
C LEU A 67 24.31 -2.37 -3.19
N PRO A 68 25.64 -2.50 -3.14
CA PRO A 68 26.39 -3.23 -4.13
C PRO A 68 26.09 -4.72 -4.12
N GLU A 69 26.26 -5.33 -5.27
CA GLU A 69 26.11 -6.77 -5.48
C GLU A 69 26.95 -7.57 -4.48
N SER A 70 28.08 -6.99 -4.07
CA SER A 70 28.98 -7.60 -3.12
C SER A 70 28.32 -7.78 -1.75
N GLU A 71 27.29 -6.99 -1.48
CA GLU A 71 26.53 -7.10 -0.26
C GLU A 71 25.38 -8.09 -0.52
N LEU A 72 24.68 -7.82 -1.60
CA LEU A 72 23.46 -8.51 -1.99
C LEU A 72 23.65 -10.00 -2.23
N SER A 73 24.50 -10.30 -3.16
CA SER A 73 24.68 -11.65 -3.63
C SER A 73 25.39 -12.54 -2.61
N THR A 74 26.00 -11.97 -1.61
CA THR A 74 26.70 -12.77 -0.64
C THR A 74 25.85 -13.08 0.58
N LYS A 75 25.18 -12.08 1.13
CA LYS A 75 24.38 -12.30 2.31
C LYS A 75 23.03 -12.89 1.95
N PRO A 76 22.65 -14.01 2.61
CA PRO A 76 21.44 -14.78 2.30
C PRO A 76 20.13 -13.98 2.36
N GLY A 77 19.61 -13.65 1.20
CA GLY A 77 18.36 -12.98 1.13
C GLY A 77 18.46 -11.59 0.60
N LEU A 78 19.65 -11.02 0.59
CA LEU A 78 19.82 -9.63 0.16
C LEU A 78 19.68 -9.54 -1.36
N GLN A 79 20.07 -10.60 -2.03
CA GLN A 79 19.93 -10.67 -3.47
C GLN A 79 18.46 -10.79 -3.80
N LYS A 80 17.76 -11.57 -2.98
CA LYS A 80 16.36 -11.84 -3.15
C LYS A 80 15.59 -10.59 -2.88
N ALA A 81 16.08 -9.82 -1.90
CA ALA A 81 15.60 -8.49 -1.61
C ALA A 81 15.64 -7.64 -2.84
N SER A 82 16.84 -7.50 -3.44
CA SER A 82 17.02 -6.70 -4.63
C SER A 82 15.99 -7.10 -5.70
N ILE A 83 15.86 -8.41 -5.91
CA ILE A 83 14.90 -8.99 -6.86
C ILE A 83 13.45 -8.59 -6.49
N PHE A 84 13.08 -8.85 -5.25
CA PHE A 84 11.75 -8.61 -4.70
C PHE A 84 11.39 -7.13 -4.79
N LEU A 85 12.34 -6.29 -4.46
CA LEU A 85 12.14 -4.85 -4.39
C LEU A 85 12.06 -4.21 -5.75
N LYS A 86 12.97 -4.58 -6.67
CA LYS A 86 13.03 -3.95 -7.99
C LYS A 86 11.78 -4.18 -8.81
N THR A 87 11.00 -5.13 -8.42
CA THR A 87 9.84 -5.47 -9.17
C THR A 87 8.55 -4.99 -8.47
N ARG A 88 8.67 -4.14 -7.43
CA ARG A 88 7.46 -3.69 -6.71
C ARG A 88 7.55 -2.28 -6.09
N VAL A 89 8.70 -1.91 -5.53
CA VAL A 89 8.77 -0.67 -4.76
C VAL A 89 9.38 0.46 -5.60
N VAL A 90 9.51 0.22 -6.86
CA VAL A 90 10.12 1.17 -7.76
C VAL A 90 9.10 1.63 -8.81
N PRO A 91 9.18 2.87 -9.24
CA PRO A 91 8.26 3.42 -10.24
C PRO A 91 8.43 2.83 -11.65
N ASP A 92 9.63 2.77 -12.14
CA ASP A 92 9.87 2.35 -13.53
C ASP A 92 10.12 0.84 -13.73
N ASN A 93 10.80 0.20 -12.79
CA ASN A 93 11.23 -1.21 -12.98
C ASN A 93 10.28 -2.25 -12.41
N TRP A 94 9.15 -1.83 -11.83
CA TRP A 94 8.21 -2.80 -11.26
C TRP A 94 7.61 -3.73 -12.33
N LYS A 95 7.18 -4.90 -11.95
CA LYS A 95 6.73 -5.88 -12.93
C LYS A 95 5.78 -6.91 -12.32
N MET A 96 4.67 -7.08 -13.00
CA MET A 96 3.71 -8.13 -12.78
C MET A 96 2.69 -7.97 -13.88
N ASP A 97 1.82 -8.91 -14.08
CA ASP A 97 0.91 -8.77 -15.20
C ASP A 97 -0.25 -7.87 -14.87
N ILE A 98 -0.29 -6.74 -15.55
CA ILE A 98 -1.35 -5.74 -15.38
C ILE A 98 -2.67 -6.29 -15.95
N SER A 99 -2.56 -7.24 -16.87
CA SER A 99 -3.70 -7.85 -17.54
C SER A 99 -4.64 -8.56 -16.58
N GLU A 100 -4.11 -9.47 -15.76
CA GLU A 100 -4.94 -10.29 -14.85
C GLU A 100 -5.52 -9.47 -13.72
N ILE A 101 -5.03 -8.26 -13.57
CA ILE A 101 -5.49 -7.36 -12.55
C ILE A 101 -6.93 -6.92 -12.81
N LEU A 102 -7.15 -6.37 -13.98
CA LEU A 102 -8.45 -5.79 -14.30
C LEU A 102 -9.20 -6.60 -15.36
N GLU A 103 -8.45 -7.35 -16.18
CA GLU A 103 -8.96 -8.09 -17.37
C GLU A 103 -9.18 -7.13 -18.51
N SER A 104 -10.01 -6.12 -18.27
CA SER A 104 -10.24 -5.02 -19.20
C SER A 104 -9.04 -4.06 -19.08
N SER A 105 -7.89 -4.63 -19.02
CA SER A 105 -6.70 -3.94 -18.70
C SER A 105 -5.99 -3.46 -19.94
N SER A 106 -5.61 -2.24 -19.89
CA SER A 106 -4.82 -1.55 -20.85
C SER A 106 -4.23 -0.40 -20.07
N SER A 107 -3.02 -0.03 -20.33
CA SER A 107 -2.40 1.04 -19.58
C SER A 107 -3.04 2.38 -19.88
N LYS A 108 -3.32 2.63 -21.12
CA LYS A 108 -3.91 3.87 -21.46
C LYS A 108 -5.40 3.72 -21.58
N ASP A 109 -6.07 4.14 -20.53
CA ASP A 109 -7.54 4.19 -20.50
C ASP A 109 -7.95 5.17 -21.58
N LYS A 110 -7.39 6.38 -21.45
CA LYS A 110 -7.43 7.48 -22.41
C LYS A 110 -8.85 8.09 -22.56
N GLU A 111 -9.84 7.26 -22.66
CA GLU A 111 -11.19 7.64 -22.81
C GLU A 111 -11.72 8.39 -21.58
N LYS A 112 -11.66 7.77 -20.43
CA LYS A 112 -12.21 8.39 -19.25
C LYS A 112 -11.11 9.05 -18.45
N GLU A 113 -10.08 8.31 -18.15
CA GLU A 113 -8.93 8.83 -17.49
C GLU A 113 -7.87 9.14 -18.53
N LEU A 114 -7.56 10.42 -18.69
CA LEU A 114 -6.61 10.88 -19.72
C LEU A 114 -5.17 10.52 -19.39
N ASP A 115 -4.86 9.24 -19.57
CA ASP A 115 -3.54 8.63 -19.39
C ASP A 115 -3.05 8.77 -17.94
N PRO A 116 -3.49 7.86 -17.06
CA PRO A 116 -3.11 7.88 -15.68
C PRO A 116 -1.99 6.87 -15.35
N GLU A 117 -0.79 7.37 -15.22
CA GLU A 117 0.38 6.54 -14.91
C GLU A 117 0.20 5.95 -13.52
N GLU A 118 -0.24 6.79 -12.58
CA GLU A 118 -0.45 6.40 -11.19
C GLU A 118 -1.49 5.27 -11.05
N ARG A 119 -2.36 5.10 -12.03
CA ARG A 119 -3.34 4.00 -12.03
C ARG A 119 -2.64 2.68 -12.17
N ASP A 120 -1.96 2.48 -13.29
CA ASP A 120 -1.22 1.24 -13.54
C ASP A 120 -0.25 0.99 -12.43
N ASN A 121 0.40 2.06 -12.02
CA ASN A 121 1.32 2.10 -10.89
C ASN A 121 0.66 1.53 -9.63
N PHE A 122 -0.42 2.18 -9.22
CA PHE A 122 -1.18 1.84 -8.01
C PHE A 122 -1.68 0.41 -8.08
N LEU A 123 -2.23 0.03 -9.22
CA LEU A 123 -2.76 -1.31 -9.42
C LEU A 123 -1.66 -2.38 -9.33
N GLN A 124 -0.54 -2.14 -10.04
CA GLN A 124 0.61 -3.04 -10.01
C GLN A 124 1.13 -3.18 -8.58
N GLN A 125 1.42 -2.05 -7.95
CA GLN A 125 1.98 -2.06 -6.61
C GLN A 125 1.06 -2.75 -5.61
N LEU A 126 -0.23 -2.46 -5.67
CA LEU A 126 -1.18 -3.08 -4.74
C LEU A 126 -1.25 -4.56 -4.90
N TYR A 127 -1.41 -5.02 -6.12
CA TYR A 127 -1.49 -6.44 -6.40
C TYR A 127 -0.22 -7.16 -5.93
N LYS A 128 0.90 -6.56 -6.25
CA LYS A 128 2.20 -7.10 -5.92
C LYS A 128 2.41 -7.06 -4.40
N PHE A 129 2.01 -5.98 -3.76
CA PHE A 129 2.13 -5.85 -2.31
C PHE A 129 1.14 -6.69 -1.54
N MET A 130 0.00 -6.99 -2.14
CA MET A 130 -0.92 -7.91 -1.48
C MET A 130 -0.32 -9.32 -1.43
N GLU A 131 0.41 -9.68 -2.48
CA GLU A 131 1.16 -10.93 -2.54
C GLU A 131 2.18 -10.96 -1.37
N ASP A 132 2.78 -9.82 -1.13
CA ASP A 132 3.79 -9.60 -0.09
C ASP A 132 3.25 -9.86 1.31
N ARG A 133 1.99 -9.54 1.52
CA ARG A 133 1.44 -9.58 2.86
C ARG A 133 0.73 -10.89 3.21
N GLY A 134 1.07 -11.97 2.53
CA GLY A 134 0.56 -13.31 2.86
C GLY A 134 -0.73 -13.66 2.16
N THR A 135 -1.56 -12.70 1.90
CA THR A 135 -2.77 -12.96 1.18
C THR A 135 -2.79 -12.18 -0.14
N PRO A 136 -2.35 -12.83 -1.24
CA PRO A 136 -2.33 -12.23 -2.56
C PRO A 136 -3.72 -12.22 -3.16
N ILE A 137 -3.80 -11.84 -4.40
CA ILE A 137 -5.06 -11.77 -5.06
C ILE A 137 -5.51 -13.13 -5.52
N ASN A 138 -6.30 -13.72 -4.67
CA ASN A 138 -6.93 -14.99 -4.90
C ASN A 138 -8.33 -14.76 -5.42
N LYS A 139 -8.72 -13.53 -5.33
CA LYS A 139 -9.98 -13.03 -5.81
C LYS A 139 -9.79 -11.61 -6.30
N PRO A 140 -10.25 -11.29 -7.52
CA PRO A 140 -10.07 -9.96 -8.11
C PRO A 140 -10.94 -8.91 -7.41
N PRO A 141 -10.56 -7.63 -7.49
CA PRO A 141 -11.31 -6.57 -6.90
C PRO A 141 -12.44 -6.15 -7.79
N VAL A 142 -13.60 -6.68 -7.51
CA VAL A 142 -14.77 -6.29 -8.14
C VAL A 142 -15.79 -6.06 -7.03
N LEU A 143 -16.74 -5.24 -7.30
CA LEU A 143 -17.81 -4.91 -6.40
C LEU A 143 -19.00 -4.58 -7.21
N GLY A 144 -20.16 -4.97 -6.74
CA GLY A 144 -21.38 -4.63 -7.43
C GLY A 144 -21.40 -5.24 -8.79
N TYR A 145 -21.08 -6.54 -8.83
CA TYR A 145 -20.96 -7.38 -10.04
C TYR A 145 -19.98 -6.87 -11.12
N LYS A 146 -19.22 -5.85 -10.82
CA LYS A 146 -18.38 -5.26 -11.81
C LYS A 146 -17.03 -4.80 -11.30
N ASP A 147 -16.19 -4.49 -12.25
CA ASP A 147 -14.83 -3.98 -12.06
C ASP A 147 -14.73 -2.93 -10.98
N LEU A 148 -13.81 -3.12 -10.08
CA LEU A 148 -13.57 -2.18 -9.06
C LEU A 148 -12.23 -1.52 -9.36
N ASN A 149 -12.31 -0.34 -9.91
CA ASN A 149 -11.14 0.41 -10.29
C ASN A 149 -10.54 1.06 -9.09
N LEU A 150 -9.48 0.45 -8.60
CA LEU A 150 -8.76 0.83 -7.37
C LEU A 150 -8.41 2.31 -7.37
N PHE A 151 -7.83 2.73 -8.46
CA PHE A 151 -7.30 4.08 -8.61
C PHE A 151 -8.41 5.13 -8.53
N LYS A 152 -9.44 4.94 -9.34
CA LYS A 152 -10.61 5.83 -9.35
C LYS A 152 -11.16 6.01 -7.93
N LEU A 153 -11.41 4.89 -7.28
CA LEU A 153 -11.98 4.83 -5.95
C LEU A 153 -11.05 5.57 -4.97
N PHE A 154 -9.76 5.26 -5.09
CA PHE A 154 -8.74 5.86 -4.26
C PHE A 154 -8.72 7.36 -4.44
N ARG A 155 -8.83 7.83 -5.68
CA ARG A 155 -8.85 9.25 -5.97
C ARG A 155 -10.02 9.95 -5.30
N LEU A 156 -11.17 9.33 -5.34
CA LEU A 156 -12.32 9.92 -4.68
C LEU A 156 -12.12 10.02 -3.17
N VAL A 157 -11.60 8.96 -2.55
CA VAL A 157 -11.26 9.01 -1.10
C VAL A 157 -10.14 10.04 -0.83
N TYR A 158 -9.20 10.08 -1.74
CA TYR A 158 -8.04 11.00 -1.72
C TYR A 158 -8.55 12.43 -1.66
N HIS A 159 -9.63 12.68 -2.39
CA HIS A 159 -10.25 14.01 -2.44
C HIS A 159 -10.93 14.36 -1.12
N GLN A 160 -11.35 13.34 -0.39
CA GLN A 160 -12.12 13.55 0.83
C GLN A 160 -11.20 13.73 2.02
N GLY A 161 -9.91 13.70 1.76
CA GLY A 161 -8.95 13.84 2.81
C GLY A 161 -8.23 12.56 3.10
N GLY A 162 -8.45 11.58 2.30
CA GLY A 162 -7.80 10.34 2.50
C GLY A 162 -8.61 9.44 3.37
N CYS A 163 -7.99 8.38 3.81
CA CYS A 163 -8.63 7.35 4.59
C CYS A 163 -8.96 7.88 5.99
N ASP A 164 -8.04 8.69 6.50
CA ASP A 164 -8.13 9.27 7.84
C ASP A 164 -9.32 10.18 8.00
N ASN A 165 -9.62 10.93 6.99
CA ASN A 165 -10.67 11.93 7.07
C ASN A 165 -12.04 11.37 6.84
N ILE A 166 -12.14 10.10 6.51
CA ILE A 166 -13.41 9.52 6.29
C ILE A 166 -13.90 8.78 7.50
N ASP A 167 -14.94 9.28 8.06
CA ASP A 167 -15.59 8.66 9.21
C ASP A 167 -17.03 8.36 8.88
N SER A 168 -17.55 9.01 7.86
CA SER A 168 -18.92 8.86 7.51
C SER A 168 -19.10 7.87 6.36
N GLY A 169 -20.08 6.98 6.50
CA GLY A 169 -20.37 5.97 5.49
C GLY A 169 -20.92 6.57 4.21
N ALA A 170 -21.41 7.79 4.34
CA ALA A 170 -21.89 8.60 3.24
C ALA A 170 -20.82 8.73 2.16
N VAL A 171 -19.59 8.86 2.61
CA VAL A 171 -18.49 9.05 1.72
C VAL A 171 -18.20 7.75 0.98
N TRP A 172 -18.11 6.64 1.73
CA TRP A 172 -17.99 5.29 1.16
C TRP A 172 -19.07 5.05 0.08
N LYS A 173 -20.30 5.45 0.38
CA LYS A 173 -21.38 5.33 -0.59
C LYS A 173 -21.06 6.15 -1.85
N GLN A 174 -20.62 7.38 -1.64
CA GLN A 174 -20.32 8.29 -2.73
C GLN A 174 -19.14 7.80 -3.59
N ILE A 175 -18.06 7.36 -2.95
CA ILE A 175 -16.88 6.88 -3.67
C ILE A 175 -17.24 5.65 -4.50
N TYR A 176 -18.09 4.79 -3.94
CA TYR A 176 -18.56 3.58 -4.62
C TYR A 176 -19.40 3.98 -5.83
N MET A 177 -20.30 4.90 -5.59
CA MET A 177 -21.24 5.35 -6.58
C MET A 177 -20.53 6.12 -7.72
N ASP A 178 -19.36 6.71 -7.41
CA ASP A 178 -18.61 7.47 -8.43
C ASP A 178 -18.17 6.59 -9.57
N LEU A 179 -17.76 5.37 -9.27
CA LEU A 179 -17.33 4.44 -10.32
C LEU A 179 -18.49 4.06 -11.23
N GLY A 180 -19.71 4.33 -10.79
CA GLY A 180 -20.87 4.01 -11.58
C GLY A 180 -21.44 2.70 -11.19
N ILE A 181 -21.02 2.22 -10.05
CA ILE A 181 -21.49 0.96 -9.56
C ILE A 181 -22.76 1.25 -8.79
N PRO A 182 -23.83 0.50 -9.06
CA PRO A 182 -25.07 0.65 -8.33
C PRO A 182 -24.85 0.29 -6.86
N ILE A 183 -25.20 1.22 -5.99
CA ILE A 183 -25.04 1.03 -4.56
C ILE A 183 -25.84 -0.18 -4.06
N LEU A 184 -26.99 -0.42 -4.69
CA LEU A 184 -27.88 -1.55 -4.37
C LEU A 184 -28.42 -1.42 -2.95
N ASN A 185 -27.61 -1.85 -1.99
CA ASN A 185 -28.01 -1.90 -0.60
C ASN A 185 -26.85 -1.49 0.28
N SER A 186 -27.07 -1.43 1.57
CA SER A 186 -26.08 -0.97 2.52
C SER A 186 -24.88 -1.90 2.66
N ALA A 187 -25.03 -3.14 2.18
CA ALA A 187 -23.92 -4.09 2.21
C ALA A 187 -22.82 -3.63 1.26
N ALA A 188 -23.18 -2.74 0.35
CA ALA A 188 -22.23 -2.20 -0.58
C ALA A 188 -21.38 -1.12 0.07
N SER A 189 -21.92 -0.45 1.10
CA SER A 189 -21.12 0.50 1.86
C SER A 189 -20.05 -0.29 2.60
N TYR A 190 -20.48 -1.43 3.11
CA TYR A 190 -19.60 -2.36 3.77
C TYR A 190 -18.55 -2.90 2.78
N ASN A 191 -19.00 -3.35 1.62
CA ASN A 191 -18.11 -3.97 0.67
C ASN A 191 -17.15 -2.97 0.04
N VAL A 192 -17.57 -1.70 -0.12
CA VAL A 192 -16.65 -0.70 -0.63
C VAL A 192 -15.60 -0.35 0.40
N LYS A 193 -16.02 -0.24 1.67
CA LYS A 193 -15.07 0.02 2.75
C LYS A 193 -14.08 -1.14 2.84
N THR A 194 -14.61 -2.35 2.72
CA THR A 194 -13.81 -3.55 2.77
C THR A 194 -12.85 -3.61 1.58
N ALA A 195 -13.35 -3.28 0.38
CA ALA A 195 -12.52 -3.28 -0.83
C ALA A 195 -11.41 -2.28 -0.69
N TYR A 196 -11.78 -1.07 -0.27
CA TYR A 196 -10.81 -0.03 -0.04
C TYR A 196 -9.80 -0.47 1.00
N ARG A 197 -10.26 -1.11 2.04
CA ARG A 197 -9.39 -1.46 3.13
C ARG A 197 -8.46 -2.61 2.78
N LYS A 198 -8.98 -3.65 2.14
CA LYS A 198 -8.14 -4.82 1.89
C LYS A 198 -7.36 -4.70 0.60
N TYR A 199 -8.00 -4.25 -0.46
CA TYR A 199 -7.36 -4.21 -1.76
C TYR A 199 -6.43 -3.03 -1.87
N LEU A 200 -6.68 -1.99 -1.10
CA LEU A 200 -5.84 -0.82 -1.16
C LEU A 200 -5.07 -0.70 0.15
N TYR A 201 -5.02 -1.82 0.89
CA TYR A 201 -4.45 -1.92 2.26
C TYR A 201 -3.12 -1.21 2.39
N GLY A 202 -2.14 -1.70 1.65
CA GLY A 202 -0.79 -1.17 1.67
C GLY A 202 -0.72 0.34 1.47
N PHE A 203 -1.53 0.87 0.58
CA PHE A 203 -1.52 2.29 0.35
C PHE A 203 -2.32 3.06 1.37
N GLU A 204 -3.32 2.43 1.95
CA GLU A 204 -4.08 3.05 3.03
C GLU A 204 -3.11 3.23 4.22
N GLU A 205 -2.39 2.13 4.55
CA GLU A 205 -1.33 2.13 5.59
C GLU A 205 -0.35 3.26 5.32
N TYR A 206 0.19 3.23 4.10
CA TYR A 206 1.20 4.15 3.64
C TYR A 206 0.72 5.59 3.73
N CYS A 207 -0.49 5.85 3.30
CA CYS A 207 -1.02 7.19 3.35
C CYS A 207 -1.19 7.67 4.79
N ARG A 208 -1.62 6.78 5.69
CA ARG A 208 -1.81 7.14 7.11
C ARG A 208 -0.48 7.52 7.73
N SER A 209 0.52 6.73 7.42
CA SER A 209 1.81 6.87 8.04
C SER A 209 2.70 7.91 7.36
N ALA A 210 2.51 8.12 6.05
CA ALA A 210 3.35 9.02 5.33
C ALA A 210 2.63 10.32 5.03
N ASN A 211 1.55 10.56 5.79
CA ASN A 211 0.77 11.84 5.87
C ASN A 211 0.11 12.28 4.56
N ILE A 212 -0.04 11.38 3.62
CA ILE A 212 -0.67 11.67 2.32
C ILE A 212 -2.20 11.70 2.51
N GLN A 213 -2.59 12.49 3.46
CA GLN A 213 -3.94 12.66 3.88
C GLN A 213 -4.16 14.15 4.04
N PHE A 214 -4.96 14.72 3.17
CA PHE A 214 -5.21 16.16 3.15
C PHE A 214 -6.64 16.37 2.75
N ARG A 215 -7.39 17.01 3.59
CA ARG A 215 -8.79 17.20 3.31
C ARG A 215 -8.97 18.41 2.41
N THR A 216 -8.77 18.18 1.13
CA THR A 216 -8.80 19.22 0.11
C THR A 216 -10.25 19.52 -0.35
N VAL A 217 -11.17 19.58 0.58
CA VAL A 217 -12.53 19.88 0.23
C VAL A 217 -12.74 21.38 0.02
N HIS A 218 -12.05 22.19 0.84
CA HIS A 218 -12.03 23.68 0.74
C HIS A 218 -13.39 24.34 0.86
N HIS A 219 -14.36 23.66 1.42
CA HIS A 219 -15.68 24.24 1.57
C HIS A 219 -15.76 25.20 2.73
N HIS A 220 -15.55 26.42 2.38
CA HIS A 220 -15.55 27.56 3.26
C HIS A 220 -15.33 28.74 2.37
N GLU A 221 -14.56 28.48 1.32
CA GLU A 221 -14.25 29.38 0.26
C GLU A 221 -13.40 30.55 0.64
N LEU A 222 -12.40 30.73 -0.19
CA LEU A 222 -11.34 31.69 -0.03
C LEU A 222 -10.38 31.22 1.02
N GLU A 223 -9.16 31.09 0.61
CA GLU A 223 -8.13 30.59 1.47
C GLU A 223 -7.51 31.72 2.26
N HIS A 224 -7.74 32.90 1.81
CA HIS A 224 -7.29 34.08 2.46
C HIS A 224 -8.53 34.70 3.11
N HIS A 225 -8.86 34.19 4.29
CA HIS A 225 -10.11 34.55 4.99
C HIS A 225 -9.92 35.79 5.88
N HIS A 226 -9.09 36.65 5.40
CA HIS A 226 -8.83 37.98 5.89
C HIS A 226 -8.49 38.78 4.67
N HIS A 227 -9.52 38.95 3.86
CA HIS A 227 -9.46 39.52 2.51
C HIS A 227 -8.62 40.80 2.42
N HIS A 228 -8.87 41.73 3.29
CA HIS A 228 -8.13 42.98 3.24
C HIS A 228 -6.86 42.87 4.04
N HIS A 229 -5.75 42.90 3.38
CA HIS A 229 -4.49 42.85 4.07
C HIS A 229 -4.01 44.27 4.27
N ASN A 1 19.14 6.78 5.57
CA ASN A 1 17.96 6.19 4.97
C ASN A 1 16.86 6.14 5.98
N ASP A 2 15.75 6.68 5.62
CA ASP A 2 14.63 6.79 6.51
C ASP A 2 13.80 5.57 6.47
N GLU A 3 13.94 4.78 7.48
CA GLU A 3 13.14 3.62 7.67
C GLU A 3 11.71 4.03 7.98
N LEU A 4 11.58 5.09 8.75
CA LEU A 4 10.32 5.65 9.21
C LEU A 4 9.29 5.91 8.09
N LEU A 5 9.74 6.20 6.87
CA LEU A 5 8.80 6.53 5.82
C LEU A 5 8.22 5.29 5.14
N GLY A 6 8.72 4.12 5.52
CA GLY A 6 8.18 2.90 4.97
C GLY A 6 9.06 2.28 3.91
N LYS A 7 10.36 2.39 4.07
CA LYS A 7 11.27 1.79 3.11
C LYS A 7 11.82 0.48 3.60
N VAL A 8 12.65 -0.12 2.77
CA VAL A 8 13.32 -1.35 3.10
C VAL A 8 14.66 -0.98 3.75
N VAL A 9 15.12 -1.80 4.67
CA VAL A 9 16.30 -1.57 5.48
C VAL A 9 16.83 -2.90 5.99
N SER A 10 17.84 -2.83 6.80
CA SER A 10 18.48 -3.97 7.38
C SER A 10 17.99 -4.20 8.80
N VAL A 11 17.49 -5.38 9.07
CA VAL A 11 17.12 -5.74 10.43
C VAL A 11 18.09 -6.81 10.91
N VAL A 12 18.86 -6.47 11.88
CA VAL A 12 19.93 -7.32 12.41
C VAL A 12 19.41 -8.65 12.98
N SER A 13 20.20 -9.73 12.74
CA SER A 13 19.86 -11.06 13.18
C SER A 13 19.72 -11.09 14.70
N ALA A 14 20.81 -10.83 15.42
CA ALA A 14 20.75 -10.74 16.87
C ALA A 14 21.97 -10.04 17.44
N THR A 15 23.08 -10.75 17.53
CA THR A 15 24.25 -10.23 18.15
C THR A 15 25.24 -9.65 17.14
N GLU A 16 25.28 -10.21 15.96
CA GLU A 16 26.21 -9.76 14.95
C GLU A 16 25.49 -8.86 13.97
N ARG A 17 26.13 -7.78 13.55
CA ARG A 17 25.55 -6.89 12.55
C ARG A 17 25.92 -7.44 11.18
N THR A 18 26.75 -8.47 11.24
CA THR A 18 27.28 -9.20 10.13
C THR A 18 26.16 -9.95 9.40
N GLU A 19 25.17 -10.37 10.15
CA GLU A 19 24.06 -11.05 9.59
C GLU A 19 22.81 -10.29 9.94
N TRP A 20 22.02 -10.08 8.97
CA TRP A 20 20.81 -9.38 9.13
C TRP A 20 19.84 -9.83 8.07
N TYR A 21 18.61 -9.59 8.29
CA TYR A 21 17.59 -9.92 7.37
C TYR A 21 16.81 -8.66 6.98
N PRO A 22 16.81 -8.32 5.70
CA PRO A 22 16.12 -7.13 5.22
C PRO A 22 14.62 -7.16 5.46
N ALA A 23 14.06 -6.01 5.75
CA ALA A 23 12.65 -5.91 5.98
C ALA A 23 12.17 -4.59 5.46
N LEU A 24 10.89 -4.49 5.32
CA LEU A 24 10.25 -3.33 4.79
C LEU A 24 9.38 -2.74 5.87
N VAL A 25 9.61 -1.50 6.19
CA VAL A 25 8.92 -0.82 7.26
C VAL A 25 7.50 -0.47 6.83
N ILE A 26 6.58 -0.78 7.68
CA ILE A 26 5.19 -0.46 7.48
C ILE A 26 4.60 0.09 8.75
N SER A 27 3.45 0.64 8.67
CA SER A 27 2.79 1.16 9.80
C SER A 27 2.03 0.03 10.53
N PRO A 28 2.05 0.03 11.88
CA PRO A 28 1.52 -1.08 12.72
C PRO A 28 0.01 -1.22 12.73
N SER A 29 -0.65 -0.52 11.87
CA SER A 29 -2.09 -0.64 11.81
C SER A 29 -2.45 -1.77 10.86
N CYS A 30 -1.43 -2.28 10.15
CA CYS A 30 -1.60 -3.39 9.24
C CYS A 30 -1.62 -4.70 10.03
N ASN A 31 -1.20 -4.60 11.26
CA ASN A 31 -1.10 -5.70 12.15
C ASN A 31 -1.78 -5.39 13.45
N ASP A 32 -2.86 -6.05 13.73
CA ASP A 32 -3.56 -5.83 14.98
C ASP A 32 -2.90 -6.60 16.11
N ASP A 33 -2.30 -7.71 15.73
CA ASP A 33 -1.66 -8.63 16.67
C ASP A 33 -0.40 -8.02 17.26
N ILE A 34 0.34 -7.34 16.43
CA ILE A 34 1.54 -6.71 16.86
C ILE A 34 1.25 -5.22 17.07
N THR A 35 1.90 -4.61 18.01
CA THR A 35 1.73 -3.24 18.30
C THR A 35 3.13 -2.61 18.26
N VAL A 36 3.23 -1.39 17.73
CA VAL A 36 4.52 -0.74 17.65
C VAL A 36 4.90 -0.22 19.03
N LYS A 37 6.16 -0.21 19.33
CA LYS A 37 6.60 0.29 20.59
C LYS A 37 7.29 1.63 20.39
N LYS A 38 7.48 2.38 21.46
CA LYS A 38 7.93 3.79 21.42
C LYS A 38 9.15 4.08 20.51
N ASP A 39 10.19 3.31 20.67
CA ASP A 39 11.43 3.55 19.94
C ASP A 39 11.60 2.49 18.88
N GLN A 40 10.57 1.72 18.69
CA GLN A 40 10.62 0.61 17.78
C GLN A 40 9.75 0.90 16.58
N CYS A 41 9.85 0.07 15.58
CA CYS A 41 9.09 0.23 14.37
C CYS A 41 8.59 -1.12 13.86
N LEU A 42 7.69 -1.07 12.94
CA LEU A 42 7.05 -2.27 12.44
C LEU A 42 7.62 -2.61 11.09
N VAL A 43 8.07 -3.81 10.95
CA VAL A 43 8.68 -4.27 9.75
C VAL A 43 8.12 -5.58 9.30
N ARG A 44 7.96 -5.68 8.02
CA ARG A 44 7.51 -6.87 7.40
C ARG A 44 8.70 -7.41 6.64
N SER A 45 9.14 -8.56 6.97
CA SER A 45 10.27 -9.11 6.31
C SER A 45 9.82 -10.10 5.26
N PHE A 46 10.11 -9.76 4.04
CA PHE A 46 9.79 -10.58 2.90
C PHE A 46 10.64 -11.85 2.87
N ILE A 47 11.71 -11.84 3.65
CA ILE A 47 12.66 -12.93 3.67
C ILE A 47 12.48 -13.80 4.95
N ASP A 48 12.14 -13.18 6.07
CA ASP A 48 12.02 -13.95 7.32
C ASP A 48 10.59 -13.96 7.90
N SER A 49 10.24 -12.96 8.68
CA SER A 49 8.96 -12.93 9.36
C SER A 49 7.99 -11.95 8.71
N LYS A 50 6.72 -12.33 8.66
CA LYS A 50 5.71 -11.52 7.99
C LYS A 50 5.31 -10.30 8.83
N PHE A 51 5.35 -10.40 10.14
CA PHE A 51 5.02 -9.29 11.03
C PHE A 51 5.74 -9.46 12.35
N TYR A 52 6.55 -8.49 12.68
CA TYR A 52 7.28 -8.46 13.92
C TYR A 52 7.65 -7.01 14.20
N SER A 53 7.79 -6.69 15.44
CA SER A 53 8.13 -5.34 15.80
C SER A 53 9.56 -5.31 16.31
N ILE A 54 10.38 -4.50 15.71
CA ILE A 54 11.77 -4.49 16.04
C ILE A 54 12.18 -3.08 16.38
N ALA A 55 13.25 -2.93 17.05
CA ALA A 55 13.76 -1.65 17.44
C ALA A 55 14.54 -1.02 16.30
N ARG A 56 14.67 0.31 16.33
CA ARG A 56 15.41 1.03 15.30
C ARG A 56 16.91 0.73 15.47
N LYS A 57 17.27 0.33 16.69
CA LYS A 57 18.65 -0.02 17.00
C LYS A 57 19.05 -1.31 16.28
N ASP A 58 18.06 -2.16 16.01
CA ASP A 58 18.29 -3.41 15.30
C ASP A 58 18.18 -3.19 13.82
N ILE A 59 17.89 -1.99 13.45
CA ILE A 59 17.75 -1.64 12.09
C ILE A 59 18.94 -0.81 11.63
N LYS A 60 19.52 -1.20 10.54
CA LYS A 60 20.57 -0.44 9.94
C LYS A 60 19.98 0.21 8.70
N GLU A 61 20.21 1.49 8.56
CA GLU A 61 19.70 2.25 7.44
C GLU A 61 20.40 1.77 6.18
N VAL A 62 19.68 1.01 5.40
CA VAL A 62 20.22 0.38 4.21
C VAL A 62 19.19 0.31 3.11
N ASP A 63 19.56 0.75 1.94
CA ASP A 63 18.76 0.53 0.76
C ASP A 63 19.34 -0.71 0.15
N ILE A 64 18.66 -1.81 0.36
CA ILE A 64 19.18 -3.13 -0.01
C ILE A 64 19.58 -3.20 -1.46
N LEU A 65 18.68 -2.78 -2.33
CA LEU A 65 18.89 -2.87 -3.77
C LEU A 65 19.93 -1.84 -4.24
N ASN A 66 20.39 -1.02 -3.33
CA ASN A 66 21.35 0.02 -3.62
C ASN A 66 22.78 -0.46 -3.29
N LEU A 67 22.90 -1.50 -2.46
CA LEU A 67 24.18 -2.10 -2.15
C LEU A 67 24.73 -2.79 -3.40
N PRO A 68 26.06 -2.91 -3.53
CA PRO A 68 26.67 -3.57 -4.67
C PRO A 68 26.40 -5.07 -4.67
N GLU A 69 26.34 -5.65 -5.85
CA GLU A 69 26.11 -7.07 -6.05
C GLU A 69 27.04 -7.98 -5.21
N SER A 70 28.26 -7.52 -4.98
CA SER A 70 29.24 -8.25 -4.20
C SER A 70 28.72 -8.47 -2.75
N GLU A 71 28.00 -7.48 -2.23
CA GLU A 71 27.47 -7.56 -0.89
C GLU A 71 26.18 -8.39 -0.93
N LEU A 72 25.33 -8.04 -1.88
CA LEU A 72 24.00 -8.65 -2.06
C LEU A 72 24.07 -10.15 -2.21
N SER A 73 24.90 -10.57 -3.12
CA SER A 73 24.97 -11.95 -3.48
C SER A 73 25.69 -12.82 -2.43
N THR A 74 26.40 -12.21 -1.48
CA THR A 74 27.12 -12.99 -0.50
C THR A 74 26.34 -13.21 0.80
N LYS A 75 25.44 -12.31 1.15
CA LYS A 75 24.67 -12.47 2.37
C LYS A 75 23.27 -12.98 2.08
N PRO A 76 22.89 -14.12 2.69
CA PRO A 76 21.57 -14.74 2.51
C PRO A 76 20.42 -13.81 2.87
N GLY A 77 19.74 -13.36 1.86
CA GLY A 77 18.60 -12.52 2.04
C GLY A 77 18.65 -11.31 1.17
N LEU A 78 19.86 -10.82 0.93
CA LEU A 78 20.07 -9.58 0.20
C LEU A 78 19.79 -9.73 -1.29
N GLN A 79 20.03 -10.90 -1.82
CA GLN A 79 19.80 -11.11 -3.21
C GLN A 79 18.31 -11.25 -3.47
N LYS A 80 17.62 -12.02 -2.59
CA LYS A 80 16.18 -12.17 -2.68
C LYS A 80 15.51 -10.83 -2.49
N ALA A 81 16.13 -9.99 -1.68
CA ALA A 81 15.71 -8.65 -1.44
C ALA A 81 15.72 -7.87 -2.72
N SER A 82 16.87 -7.82 -3.37
CA SER A 82 17.03 -7.10 -4.61
C SER A 82 15.98 -7.54 -5.63
N ILE A 83 15.81 -8.83 -5.77
CA ILE A 83 14.84 -9.43 -6.68
C ILE A 83 13.40 -8.99 -6.31
N PHE A 84 13.07 -9.14 -5.04
CA PHE A 84 11.77 -8.78 -4.50
C PHE A 84 11.46 -7.31 -4.73
N LEU A 85 12.44 -6.49 -4.45
CA LEU A 85 12.31 -5.05 -4.54
C LEU A 85 12.20 -4.60 -5.99
N LYS A 86 13.07 -5.12 -6.86
CA LYS A 86 13.09 -4.73 -8.28
C LYS A 86 11.77 -4.97 -8.97
N THR A 87 11.05 -5.97 -8.56
CA THR A 87 9.83 -6.30 -9.23
C THR A 87 8.59 -5.58 -8.62
N ARG A 88 8.73 -4.91 -7.45
CA ARG A 88 7.53 -4.34 -6.84
C ARG A 88 7.76 -3.05 -6.02
N VAL A 89 8.98 -2.82 -5.56
CA VAL A 89 9.27 -1.64 -4.75
C VAL A 89 10.43 -0.87 -5.37
N VAL A 90 10.13 -0.15 -6.41
CA VAL A 90 11.08 0.67 -7.13
C VAL A 90 10.33 1.49 -8.18
N PRO A 91 10.48 2.82 -8.14
CA PRO A 91 9.73 3.74 -9.02
C PRO A 91 9.88 3.47 -10.51
N ASP A 92 11.04 3.06 -10.91
CA ASP A 92 11.31 2.83 -12.31
C ASP A 92 11.01 1.39 -12.77
N ASN A 93 11.42 0.43 -11.97
CA ASN A 93 11.50 -0.96 -12.47
C ASN A 93 10.39 -1.89 -12.00
N TRP A 94 9.46 -1.42 -11.17
CA TRP A 94 8.40 -2.31 -10.68
C TRP A 94 7.55 -2.86 -11.83
N LYS A 95 7.30 -4.15 -11.84
CA LYS A 95 6.64 -4.75 -12.96
C LYS A 95 5.95 -6.06 -12.62
N MET A 96 4.76 -6.16 -13.15
CA MET A 96 3.91 -7.30 -13.19
C MET A 96 2.93 -6.87 -14.27
N ASP A 97 2.11 -7.72 -14.82
CA ASP A 97 1.26 -7.24 -15.90
C ASP A 97 0.08 -6.50 -15.32
N ILE A 98 -0.46 -5.58 -16.07
CA ILE A 98 -1.57 -4.77 -15.64
C ILE A 98 -2.88 -5.44 -16.07
N SER A 99 -2.79 -6.33 -17.07
CA SER A 99 -3.95 -6.97 -17.66
C SER A 99 -4.73 -7.82 -16.65
N GLU A 100 -4.05 -8.75 -15.97
CA GLU A 100 -4.68 -9.68 -14.99
C GLU A 100 -5.34 -8.97 -13.83
N ILE A 101 -4.95 -7.75 -13.62
CA ILE A 101 -5.41 -6.97 -12.51
C ILE A 101 -6.89 -6.61 -12.62
N LEU A 102 -7.23 -5.87 -13.65
CA LEU A 102 -8.62 -5.46 -13.84
C LEU A 102 -9.27 -6.16 -15.01
N GLU A 103 -8.45 -6.67 -15.90
CA GLU A 103 -8.84 -7.29 -17.20
C GLU A 103 -9.19 -6.21 -18.21
N SER A 104 -9.94 -5.23 -17.74
CA SER A 104 -10.32 -4.08 -18.54
C SER A 104 -9.14 -3.07 -18.65
N SER A 105 -8.00 -3.44 -18.07
CA SER A 105 -6.79 -2.67 -18.17
C SER A 105 -6.27 -2.71 -19.61
N SER A 106 -6.48 -3.84 -20.25
CA SER A 106 -6.05 -4.09 -21.58
C SER A 106 -6.82 -3.23 -22.57
N SER A 107 -6.10 -2.29 -23.20
CA SER A 107 -6.63 -1.42 -24.22
C SER A 107 -7.70 -0.48 -23.60
N LYS A 108 -8.56 0.06 -24.46
CA LYS A 108 -9.63 0.97 -24.16
C LYS A 108 -9.16 2.23 -23.48
N ASP A 109 -9.21 3.32 -24.24
CA ASP A 109 -8.79 4.63 -23.77
C ASP A 109 -9.54 5.04 -22.53
N LYS A 110 -8.79 5.48 -21.58
CA LYS A 110 -9.29 5.86 -20.32
C LYS A 110 -9.28 7.33 -20.15
N GLU A 111 -10.04 7.78 -19.19
CA GLU A 111 -10.24 9.21 -18.99
C GLU A 111 -10.93 9.52 -17.65
N LYS A 112 -11.36 10.79 -17.51
CA LYS A 112 -11.96 11.38 -16.31
C LYS A 112 -10.90 11.92 -15.39
N GLU A 113 -10.95 13.25 -15.25
CA GLU A 113 -9.94 14.07 -14.60
C GLU A 113 -8.72 14.22 -15.50
N LEU A 114 -8.11 13.11 -15.82
CA LEU A 114 -6.95 13.00 -16.68
C LEU A 114 -6.91 11.59 -17.18
N ASP A 115 -5.83 11.23 -17.78
CA ASP A 115 -5.51 9.85 -17.98
C ASP A 115 -4.54 9.55 -16.86
N PRO A 116 -5.03 9.06 -15.71
CA PRO A 116 -4.23 8.90 -14.53
C PRO A 116 -3.33 7.71 -14.61
N GLU A 117 -2.11 7.91 -15.07
CA GLU A 117 -1.13 6.82 -15.20
C GLU A 117 -0.68 6.33 -13.84
N GLU A 118 -1.01 7.10 -12.81
CA GLU A 118 -0.79 6.68 -11.44
C GLU A 118 -1.62 5.43 -11.14
N ARG A 119 -2.67 5.21 -11.95
CA ARG A 119 -3.55 4.04 -11.79
C ARG A 119 -2.70 2.77 -11.93
N ASP A 120 -1.79 2.78 -12.92
CA ASP A 120 -0.92 1.67 -13.24
C ASP A 120 0.08 1.49 -12.13
N ASN A 121 0.57 2.63 -11.64
CA ASN A 121 1.51 2.69 -10.50
C ASN A 121 0.87 2.00 -9.30
N PHE A 122 -0.35 2.43 -8.97
CA PHE A 122 -1.14 1.86 -7.89
C PHE A 122 -1.34 0.39 -8.07
N LEU A 123 -1.92 0.03 -9.20
CA LEU A 123 -2.27 -1.35 -9.51
C LEU A 123 -1.06 -2.28 -9.42
N GLN A 124 0.02 -1.97 -10.14
CA GLN A 124 1.27 -2.76 -10.05
C GLN A 124 1.76 -2.87 -8.61
N GLN A 125 1.97 -1.72 -7.99
CA GLN A 125 2.58 -1.68 -6.70
C GLN A 125 1.73 -2.39 -5.65
N LEU A 126 0.45 -2.07 -5.55
CA LEU A 126 -0.37 -2.69 -4.51
C LEU A 126 -0.61 -4.16 -4.76
N TYR A 127 -0.78 -4.56 -6.03
CA TYR A 127 -0.99 -5.95 -6.37
C TYR A 127 0.18 -6.81 -5.94
N LYS A 128 1.37 -6.39 -6.29
CA LYS A 128 2.51 -7.22 -6.00
C LYS A 128 3.01 -7.04 -4.57
N PHE A 129 2.69 -5.91 -3.97
CA PHE A 129 2.99 -5.65 -2.56
C PHE A 129 2.06 -6.50 -1.70
N MET A 130 0.84 -6.72 -2.22
CA MET A 130 -0.20 -7.46 -1.55
C MET A 130 0.27 -8.86 -1.25
N GLU A 131 0.95 -9.48 -2.24
CA GLU A 131 1.48 -10.86 -2.11
C GLU A 131 2.26 -11.06 -0.82
N ASP A 132 3.09 -10.10 -0.50
CA ASP A 132 4.04 -10.25 0.59
C ASP A 132 3.42 -10.00 1.96
N ARG A 133 2.21 -9.45 2.00
CA ARG A 133 1.60 -9.19 3.30
C ARG A 133 0.74 -10.35 3.77
N GLY A 134 0.97 -11.51 3.15
CA GLY A 134 0.31 -12.76 3.52
C GLY A 134 -1.11 -12.83 3.05
N THR A 135 -1.46 -11.95 2.18
CA THR A 135 -2.76 -11.91 1.61
C THR A 135 -2.65 -11.32 0.21
N PRO A 136 -2.29 -12.14 -0.78
CA PRO A 136 -2.17 -11.70 -2.15
C PRO A 136 -3.52 -11.54 -2.80
N ILE A 137 -3.54 -11.00 -3.97
CA ILE A 137 -4.75 -10.84 -4.69
C ILE A 137 -5.23 -12.17 -5.27
N ASN A 138 -5.95 -12.87 -4.44
CA ASN A 138 -6.67 -14.06 -4.84
C ASN A 138 -8.12 -13.71 -4.83
N LYS A 139 -8.35 -12.45 -4.54
CA LYS A 139 -9.64 -11.84 -4.52
C LYS A 139 -9.48 -10.66 -5.47
N PRO A 140 -10.04 -10.70 -6.67
CA PRO A 140 -9.89 -9.60 -7.63
C PRO A 140 -10.79 -8.41 -7.22
N PRO A 141 -10.47 -7.18 -7.68
CA PRO A 141 -11.26 -6.02 -7.36
C PRO A 141 -12.55 -5.99 -8.15
N VAL A 142 -13.58 -6.48 -7.54
CA VAL A 142 -14.87 -6.54 -8.10
C VAL A 142 -15.88 -6.16 -7.09
N LEU A 143 -16.79 -5.37 -7.51
CA LEU A 143 -17.88 -4.89 -6.70
C LEU A 143 -19.06 -4.73 -7.59
N GLY A 144 -20.22 -5.10 -7.10
CA GLY A 144 -21.42 -4.99 -7.89
C GLY A 144 -21.36 -5.86 -9.10
N TYR A 145 -20.64 -6.96 -8.98
CA TYR A 145 -20.42 -7.97 -10.02
C TYR A 145 -19.72 -7.45 -11.28
N LYS A 146 -19.05 -6.31 -11.17
CA LYS A 146 -18.22 -5.81 -12.25
C LYS A 146 -16.86 -5.42 -11.69
N ASP A 147 -15.86 -5.28 -12.55
CA ASP A 147 -14.52 -4.86 -12.10
C ASP A 147 -14.54 -3.47 -11.51
N LEU A 148 -13.78 -3.31 -10.49
CA LEU A 148 -13.77 -2.11 -9.73
C LEU A 148 -12.44 -1.38 -9.90
N ASN A 149 -12.51 -0.14 -10.37
CA ASN A 149 -11.32 0.70 -10.50
C ASN A 149 -10.96 1.26 -9.17
N LEU A 150 -10.12 0.54 -8.48
CA LEU A 150 -9.71 0.87 -7.13
C LEU A 150 -8.97 2.20 -7.04
N PHE A 151 -8.26 2.55 -8.10
CA PHE A 151 -7.49 3.78 -8.14
C PHE A 151 -8.39 5.00 -8.10
N LYS A 152 -9.51 4.91 -8.81
CA LYS A 152 -10.46 5.99 -8.88
C LYS A 152 -11.13 6.14 -7.55
N LEU A 153 -11.54 5.02 -7.01
CA LEU A 153 -12.27 4.97 -5.76
C LEU A 153 -11.36 5.44 -4.62
N PHE A 154 -10.09 5.10 -4.70
CA PHE A 154 -9.11 5.55 -3.73
C PHE A 154 -8.99 7.06 -3.79
N ARG A 155 -8.87 7.59 -5.01
CA ARG A 155 -8.77 9.03 -5.20
C ARG A 155 -10.06 9.74 -4.78
N LEU A 156 -11.18 9.04 -4.88
CA LEU A 156 -12.45 9.55 -4.38
C LEU A 156 -12.43 9.68 -2.87
N VAL A 157 -12.08 8.60 -2.17
CA VAL A 157 -11.92 8.64 -0.69
C VAL A 157 -10.91 9.70 -0.31
N TYR A 158 -9.83 9.72 -1.02
CA TYR A 158 -8.76 10.66 -0.82
C TYR A 158 -9.25 12.10 -1.05
N HIS A 159 -10.18 12.30 -1.97
CA HIS A 159 -10.70 13.63 -2.24
C HIS A 159 -11.69 14.04 -1.15
N GLN A 160 -12.14 13.08 -0.39
CA GLN A 160 -13.06 13.34 0.70
C GLN A 160 -12.28 13.70 1.96
N GLY A 161 -10.99 13.86 1.80
CA GLY A 161 -10.12 14.21 2.89
C GLY A 161 -9.26 13.04 3.28
N GLY A 162 -9.60 11.89 2.77
CA GLY A 162 -8.87 10.71 3.05
C GLY A 162 -9.63 9.79 3.94
N CYS A 163 -9.08 8.63 4.14
CA CYS A 163 -9.65 7.58 4.98
C CYS A 163 -9.89 8.05 6.41
N ASP A 164 -9.04 8.95 6.86
CA ASP A 164 -9.09 9.49 8.21
C ASP A 164 -10.26 10.47 8.39
N ASN A 165 -10.78 10.98 7.28
CA ASN A 165 -11.86 11.95 7.36
C ASN A 165 -13.22 11.27 7.19
N ILE A 166 -13.21 10.05 6.70
CA ILE A 166 -14.44 9.36 6.49
C ILE A 166 -14.93 8.72 7.75
N ASP A 167 -15.99 9.24 8.23
CA ASP A 167 -16.67 8.73 9.39
C ASP A 167 -18.04 8.22 9.00
N SER A 168 -18.58 8.78 7.94
CA SER A 168 -19.93 8.48 7.52
C SER A 168 -19.95 7.44 6.40
N GLY A 169 -20.96 6.57 6.44
CA GLY A 169 -21.15 5.56 5.42
C GLY A 169 -21.68 6.18 4.13
N ALA A 170 -22.09 7.42 4.25
CA ALA A 170 -22.57 8.21 3.13
C ALA A 170 -21.44 8.45 2.14
N VAL A 171 -20.23 8.54 2.66
CA VAL A 171 -19.10 8.81 1.83
C VAL A 171 -18.72 7.57 1.03
N TRP A 172 -18.73 6.42 1.70
CA TRP A 172 -18.56 5.10 1.04
C TRP A 172 -19.60 4.94 -0.09
N LYS A 173 -20.82 5.36 0.20
CA LYS A 173 -21.89 5.39 -0.79
C LYS A 173 -21.48 6.27 -1.99
N GLN A 174 -20.95 7.43 -1.68
CA GLN A 174 -20.56 8.39 -2.69
C GLN A 174 -19.39 7.88 -3.56
N ILE A 175 -18.36 7.32 -2.92
CA ILE A 175 -17.20 6.83 -3.64
C ILE A 175 -17.61 5.68 -4.58
N TYR A 176 -18.44 4.78 -4.07
CA TYR A 176 -18.93 3.64 -4.82
C TYR A 176 -19.78 4.11 -6.01
N MET A 177 -20.60 5.11 -5.74
CA MET A 177 -21.49 5.63 -6.74
C MET A 177 -20.75 6.43 -7.82
N ASP A 178 -19.58 6.99 -7.50
CA ASP A 178 -18.80 7.73 -8.53
C ASP A 178 -18.26 6.78 -9.58
N LEU A 179 -18.00 5.54 -9.17
CA LEU A 179 -17.57 4.49 -10.11
C LEU A 179 -18.67 4.12 -11.10
N GLY A 180 -19.87 4.64 -10.90
CA GLY A 180 -20.95 4.41 -11.82
C GLY A 180 -21.70 3.17 -11.48
N ILE A 181 -21.40 2.64 -10.34
CA ILE A 181 -22.04 1.46 -9.88
C ILE A 181 -23.18 1.90 -8.99
N PRO A 182 -24.40 1.51 -9.33
CA PRO A 182 -25.57 1.91 -8.57
C PRO A 182 -25.52 1.37 -7.15
N ILE A 183 -25.53 2.28 -6.20
CA ILE A 183 -25.58 1.92 -4.81
C ILE A 183 -26.99 1.37 -4.49
N LEU A 184 -27.14 0.09 -4.68
CA LEU A 184 -28.40 -0.61 -4.54
C LEU A 184 -28.85 -0.66 -3.10
N ASN A 185 -28.15 -1.44 -2.33
CA ASN A 185 -28.50 -1.65 -0.95
C ASN A 185 -27.27 -1.46 -0.09
N SER A 186 -27.45 -1.53 1.20
CA SER A 186 -26.38 -1.24 2.14
C SER A 186 -25.26 -2.31 2.19
N ALA A 187 -25.44 -3.45 1.51
CA ALA A 187 -24.37 -4.43 1.46
C ALA A 187 -23.33 -3.95 0.49
N ALA A 188 -23.73 -3.04 -0.38
CA ALA A 188 -22.84 -2.43 -1.33
C ALA A 188 -21.97 -1.41 -0.61
N SER A 189 -22.54 -0.75 0.39
CA SER A 189 -21.80 0.17 1.24
C SER A 189 -20.74 -0.64 2.00
N TYR A 190 -21.16 -1.81 2.45
CA TYR A 190 -20.31 -2.71 3.14
C TYR A 190 -19.22 -3.27 2.24
N ASN A 191 -19.58 -3.72 1.05
CA ASN A 191 -18.63 -4.33 0.14
C ASN A 191 -17.61 -3.34 -0.36
N VAL A 192 -18.01 -2.06 -0.52
CA VAL A 192 -17.05 -1.04 -0.90
C VAL A 192 -16.11 -0.71 0.25
N LYS A 193 -16.65 -0.67 1.48
CA LYS A 193 -15.82 -0.45 2.67
C LYS A 193 -14.82 -1.62 2.77
N THR A 194 -15.32 -2.81 2.51
CA THR A 194 -14.51 -4.00 2.55
C THR A 194 -13.46 -3.99 1.42
N ALA A 195 -13.84 -3.54 0.23
CA ALA A 195 -12.93 -3.46 -0.91
C ALA A 195 -11.79 -2.51 -0.59
N TYR A 196 -12.14 -1.37 -0.05
CA TYR A 196 -11.16 -0.39 0.38
C TYR A 196 -10.21 -1.04 1.43
N ARG A 197 -10.80 -1.78 2.36
CA ARG A 197 -10.08 -2.53 3.40
C ARG A 197 -9.18 -3.64 2.83
N LYS A 198 -9.57 -4.23 1.73
CA LYS A 198 -8.78 -5.29 1.12
C LYS A 198 -7.71 -4.72 0.21
N TYR A 199 -8.18 -4.06 -0.81
CA TYR A 199 -7.42 -3.71 -1.97
C TYR A 199 -6.60 -2.45 -1.79
N LEU A 200 -7.12 -1.53 -1.05
CA LEU A 200 -6.46 -0.25 -0.92
C LEU A 200 -5.83 -0.09 0.45
N TYR A 201 -5.80 -1.19 1.20
CA TYR A 201 -5.32 -1.18 2.59
C TYR A 201 -3.86 -0.70 2.67
N GLY A 202 -3.00 -1.30 1.82
CA GLY A 202 -1.61 -0.90 1.75
C GLY A 202 -1.43 0.59 1.48
N PHE A 203 -2.21 1.14 0.58
CA PHE A 203 -2.11 2.55 0.26
C PHE A 203 -2.80 3.45 1.24
N GLU A 204 -3.80 2.91 1.92
CA GLU A 204 -4.50 3.63 2.98
C GLU A 204 -3.45 3.97 4.05
N GLU A 205 -2.77 2.93 4.51
CA GLU A 205 -1.68 3.07 5.48
C GLU A 205 -0.54 3.93 4.95
N TYR A 206 -0.08 3.65 3.74
CA TYR A 206 1.01 4.42 3.13
C TYR A 206 0.71 5.89 3.00
N CYS A 207 -0.44 6.22 2.47
CA CYS A 207 -0.74 7.61 2.23
C CYS A 207 -0.97 8.36 3.54
N ARG A 208 -1.61 7.72 4.52
CA ARG A 208 -1.85 8.38 5.80
C ARG A 208 -0.54 8.60 6.56
N SER A 209 0.39 7.65 6.45
CA SER A 209 1.65 7.74 7.16
C SER A 209 2.63 8.71 6.46
N ALA A 210 2.60 8.75 5.14
CA ALA A 210 3.51 9.59 4.40
C ALA A 210 2.87 10.94 4.10
N ASN A 211 1.79 11.20 4.82
CA ASN A 211 1.04 12.48 4.88
C ASN A 211 0.71 13.11 3.53
N ILE A 212 0.34 12.28 2.61
CA ILE A 212 -0.04 12.70 1.25
C ILE A 212 -1.52 13.20 1.26
N GLN A 213 -2.03 13.27 2.45
CA GLN A 213 -3.42 13.47 2.74
C GLN A 213 -3.89 14.91 2.55
N PHE A 214 -5.07 15.03 1.96
CA PHE A 214 -5.82 16.29 1.79
C PHE A 214 -5.20 17.21 0.69
N ARG A 215 -4.18 16.73 -0.01
CA ARG A 215 -3.52 17.54 -1.04
C ARG A 215 -4.42 17.87 -2.21
N THR A 216 -4.96 16.87 -2.89
CA THR A 216 -5.87 17.08 -4.03
C THR A 216 -7.22 17.73 -3.58
N VAL A 217 -7.40 17.87 -2.28
CA VAL A 217 -8.58 18.48 -1.74
C VAL A 217 -8.36 19.98 -1.61
N HIS A 218 -7.27 20.34 -0.94
CA HIS A 218 -6.97 21.73 -0.68
C HIS A 218 -6.29 22.38 -1.88
N HIS A 219 -5.48 21.64 -2.58
CA HIS A 219 -4.82 22.13 -3.75
C HIS A 219 -5.68 21.84 -4.96
N HIS A 220 -6.04 22.87 -5.68
CA HIS A 220 -6.92 22.72 -6.82
C HIS A 220 -6.15 22.17 -8.02
N GLU A 221 -6.12 20.88 -8.11
CA GLU A 221 -5.43 20.20 -9.17
C GLU A 221 -6.38 19.35 -10.00
N LEU A 222 -7.13 18.49 -9.35
CA LEU A 222 -8.05 17.63 -10.05
C LEU A 222 -9.40 17.70 -9.44
N GLU A 223 -10.36 17.92 -10.26
CA GLU A 223 -11.73 18.07 -9.87
C GLU A 223 -12.65 17.36 -10.79
N HIS A 224 -13.77 16.98 -10.25
CA HIS A 224 -14.81 16.34 -11.00
C HIS A 224 -15.62 17.41 -11.68
N HIS A 225 -15.88 18.48 -10.91
CA HIS A 225 -16.60 19.68 -11.36
C HIS A 225 -18.08 19.39 -11.60
N HIS A 226 -18.93 20.29 -11.19
CA HIS A 226 -20.35 20.14 -11.42
C HIS A 226 -20.65 20.45 -12.86
N HIS A 227 -20.66 19.43 -13.67
CA HIS A 227 -20.93 19.58 -15.09
C HIS A 227 -22.43 19.72 -15.25
N HIS A 228 -23.15 18.98 -14.44
CA HIS A 228 -24.59 19.01 -14.44
C HIS A 228 -25.08 20.05 -13.47
N HIS A 229 -25.59 21.12 -14.00
CA HIS A 229 -26.11 22.19 -13.19
C HIS A 229 -27.61 22.10 -13.18
N ASN A 1 19.82 8.13 4.43
CA ASN A 1 18.67 7.28 4.12
C ASN A 1 17.87 7.13 5.37
N ASP A 2 16.60 6.90 5.27
CA ASP A 2 15.78 6.81 6.45
C ASP A 2 14.87 5.64 6.40
N GLU A 3 14.75 4.97 7.52
CA GLU A 3 13.85 3.86 7.63
C GLU A 3 12.43 4.39 7.78
N LEU A 4 12.34 5.52 8.46
CA LEU A 4 11.09 6.16 8.82
C LEU A 4 10.29 6.71 7.60
N LEU A 5 10.73 6.38 6.41
CA LEU A 5 10.08 6.81 5.19
C LEU A 5 9.09 5.74 4.73
N GLY A 6 9.19 4.57 5.33
CA GLY A 6 8.32 3.49 4.93
C GLY A 6 8.92 2.72 3.77
N LYS A 7 10.23 2.58 3.77
CA LYS A 7 10.90 1.87 2.71
C LYS A 7 11.53 0.60 3.24
N VAL A 8 12.24 -0.10 2.39
CA VAL A 8 12.88 -1.33 2.76
C VAL A 8 14.24 -1.04 3.42
N VAL A 9 14.46 -1.65 4.55
CA VAL A 9 15.65 -1.46 5.36
C VAL A 9 16.14 -2.81 5.89
N SER A 10 17.25 -2.81 6.57
CA SER A 10 17.83 -4.01 7.10
C SER A 10 17.49 -4.24 8.58
N VAL A 11 16.87 -5.36 8.88
CA VAL A 11 16.64 -5.75 10.27
C VAL A 11 17.59 -6.90 10.59
N VAL A 12 18.46 -6.68 11.54
CA VAL A 12 19.51 -7.64 11.83
C VAL A 12 19.09 -8.67 12.87
N SER A 13 19.95 -9.65 13.04
CA SER A 13 19.80 -10.62 14.09
C SER A 13 20.30 -9.99 15.42
N ALA A 14 19.50 -9.04 15.92
CA ALA A 14 19.70 -8.27 17.14
C ALA A 14 20.88 -7.33 17.05
N THR A 15 22.01 -7.89 16.94
CA THR A 15 23.24 -7.15 16.95
C THR A 15 24.23 -7.67 15.89
N GLU A 16 23.94 -8.82 15.31
CA GLU A 16 24.78 -9.35 14.26
C GLU A 16 24.44 -8.61 12.99
N ARG A 17 25.33 -7.75 12.56
CA ARG A 17 25.06 -6.85 11.46
C ARG A 17 25.36 -7.46 10.10
N THR A 18 26.05 -8.59 10.09
CA THR A 18 26.38 -9.23 8.83
C THR A 18 25.18 -10.00 8.30
N GLU A 19 24.40 -10.46 9.19
CA GLU A 19 23.22 -11.19 8.85
C GLU A 19 21.98 -10.42 9.23
N TRP A 20 21.16 -10.19 8.25
CA TRP A 20 19.97 -9.44 8.43
C TRP A 20 18.94 -9.85 7.42
N TYR A 21 17.73 -9.46 7.68
CA TYR A 21 16.62 -9.71 6.82
C TYR A 21 15.93 -8.39 6.49
N PRO A 22 15.91 -8.04 5.20
CA PRO A 22 15.30 -6.79 4.73
C PRO A 22 13.81 -6.75 5.00
N ALA A 23 13.37 -5.64 5.53
CA ALA A 23 12.00 -5.46 5.89
C ALA A 23 11.50 -4.10 5.44
N LEU A 24 10.21 -3.97 5.35
CA LEU A 24 9.56 -2.76 4.96
C LEU A 24 9.00 -2.10 6.17
N VAL A 25 9.28 -0.84 6.33
CA VAL A 25 8.74 -0.07 7.43
C VAL A 25 7.30 0.30 7.11
N ILE A 26 6.39 -0.20 7.90
CA ILE A 26 4.99 0.07 7.75
C ILE A 26 4.40 0.50 9.07
N SER A 27 3.17 0.88 9.10
CA SER A 27 2.60 1.32 10.33
C SER A 27 1.77 0.19 10.94
N PRO A 28 1.46 0.24 12.26
CA PRO A 28 0.62 -0.79 12.92
C PRO A 28 -0.86 -0.69 12.51
N SER A 29 -1.09 -0.26 11.31
CA SER A 29 -2.39 -0.12 10.78
C SER A 29 -2.79 -1.46 10.16
N CYS A 30 -1.83 -2.17 9.59
CA CYS A 30 -2.10 -3.46 8.97
C CYS A 30 -2.18 -4.56 10.02
N ASN A 31 -1.70 -4.25 11.18
CA ASN A 31 -1.65 -5.21 12.25
C ASN A 31 -2.34 -4.70 13.48
N ASP A 32 -3.47 -5.27 13.76
CA ASP A 32 -4.26 -4.87 14.92
C ASP A 32 -3.69 -5.46 16.21
N ASP A 33 -3.07 -6.61 16.09
CA ASP A 33 -2.54 -7.31 17.25
C ASP A 33 -1.21 -6.72 17.67
N ILE A 34 -0.30 -6.59 16.72
CA ILE A 34 1.00 -6.02 17.04
C ILE A 34 0.83 -4.53 17.20
N THR A 35 1.10 -4.04 18.35
CA THR A 35 1.03 -2.66 18.64
C THR A 35 2.43 -2.11 18.58
N VAL A 36 2.62 -0.99 17.92
CA VAL A 36 3.93 -0.43 17.81
C VAL A 36 4.42 0.06 19.19
N LYS A 37 5.46 -0.55 19.67
CA LYS A 37 6.03 -0.16 20.92
C LYS A 37 6.98 1.00 20.70
N LYS A 38 7.16 1.82 21.72
CA LYS A 38 7.89 3.11 21.62
C LYS A 38 9.28 3.01 20.96
N ASP A 39 10.02 1.98 21.31
CA ASP A 39 11.43 1.84 20.87
C ASP A 39 11.50 1.05 19.59
N GLN A 40 10.34 0.69 19.11
CA GLN A 40 10.24 -0.24 18.02
C GLN A 40 9.48 0.32 16.85
N CYS A 41 9.76 -0.25 15.72
CA CYS A 41 9.11 0.09 14.50
C CYS A 41 8.30 -1.11 14.06
N LEU A 42 7.41 -0.91 13.12
CA LEU A 42 6.65 -2.00 12.61
C LEU A 42 7.27 -2.37 11.27
N VAL A 43 7.80 -3.54 11.20
CA VAL A 43 8.47 -3.98 10.01
C VAL A 43 7.98 -5.31 9.56
N ARG A 44 7.85 -5.43 8.28
CA ARG A 44 7.41 -6.64 7.65
C ARG A 44 8.44 -7.05 6.64
N SER A 45 8.86 -8.27 6.69
CA SER A 45 9.79 -8.72 5.74
C SER A 45 9.16 -9.70 4.80
N PHE A 46 9.30 -9.41 3.54
CA PHE A 46 8.84 -10.26 2.46
C PHE A 46 9.56 -11.61 2.48
N ILE A 47 10.72 -11.61 3.08
CA ILE A 47 11.57 -12.76 3.09
C ILE A 47 11.42 -13.56 4.39
N ASP A 48 11.15 -12.90 5.51
CA ASP A 48 11.18 -13.59 6.80
C ASP A 48 9.80 -13.68 7.45
N SER A 49 9.35 -12.61 8.07
CA SER A 49 8.09 -12.64 8.79
C SER A 49 7.12 -11.56 8.34
N LYS A 50 5.85 -11.84 8.49
CA LYS A 50 4.78 -10.99 7.98
C LYS A 50 4.49 -9.80 8.90
N PHE A 51 4.68 -9.96 10.19
CA PHE A 51 4.46 -8.89 11.18
C PHE A 51 5.30 -9.10 12.41
N TYR A 52 6.08 -8.11 12.74
CA TYR A 52 6.90 -8.10 13.91
C TYR A 52 7.26 -6.67 14.29
N SER A 53 7.48 -6.44 15.54
CA SER A 53 7.83 -5.15 16.01
C SER A 53 9.23 -5.28 16.56
N ILE A 54 10.13 -4.48 16.06
CA ILE A 54 11.53 -4.60 16.36
C ILE A 54 12.12 -3.24 16.59
N ALA A 55 13.04 -3.18 17.52
CA ALA A 55 13.62 -1.96 17.98
C ALA A 55 14.58 -1.36 16.98
N ARG A 56 14.69 -0.04 17.08
CA ARG A 56 15.57 0.80 16.27
C ARG A 56 17.03 0.32 16.29
N LYS A 57 17.43 -0.26 17.39
CA LYS A 57 18.78 -0.76 17.56
C LYS A 57 19.05 -1.94 16.61
N ASP A 58 18.01 -2.70 16.26
CA ASP A 58 18.18 -3.92 15.46
C ASP A 58 17.93 -3.60 14.00
N ILE A 59 17.60 -2.38 13.71
CA ILE A 59 17.28 -1.99 12.38
C ILE A 59 18.31 -1.00 11.92
N LYS A 60 18.73 -1.14 10.72
CA LYS A 60 19.64 -0.23 10.12
C LYS A 60 19.14 0.11 8.73
N GLU A 61 19.09 1.35 8.44
CA GLU A 61 18.60 1.82 7.17
C GLU A 61 19.64 1.68 6.09
N VAL A 62 19.22 1.11 5.01
CA VAL A 62 20.09 0.84 3.91
C VAL A 62 19.21 0.78 2.70
N ASP A 63 19.75 0.99 1.54
CA ASP A 63 18.98 0.75 0.35
C ASP A 63 19.47 -0.58 -0.18
N ILE A 64 18.60 -1.57 -0.09
CA ILE A 64 18.97 -2.98 -0.27
C ILE A 64 19.57 -3.28 -1.63
N LEU A 65 18.84 -2.97 -2.69
CA LEU A 65 19.29 -3.32 -4.03
C LEU A 65 20.42 -2.43 -4.52
N ASN A 66 20.74 -1.47 -3.72
CA ASN A 66 21.80 -0.54 -3.99
C ASN A 66 23.14 -1.15 -3.55
N LEU A 67 23.06 -2.17 -2.71
CA LEU A 67 24.25 -2.89 -2.28
C LEU A 67 24.76 -3.74 -3.45
N PRO A 68 26.09 -3.87 -3.60
CA PRO A 68 26.69 -4.63 -4.71
C PRO A 68 26.26 -6.09 -4.77
N GLU A 69 26.30 -6.65 -5.97
CA GLU A 69 25.89 -8.04 -6.21
C GLU A 69 26.67 -9.05 -5.36
N SER A 70 27.91 -8.73 -5.08
CA SER A 70 28.78 -9.51 -4.21
C SER A 70 28.12 -9.67 -2.81
N GLU A 71 27.53 -8.59 -2.35
CA GLU A 71 26.91 -8.52 -1.05
C GLU A 71 25.59 -9.30 -1.09
N LEU A 72 24.80 -8.99 -2.11
CA LEU A 72 23.48 -9.55 -2.33
C LEU A 72 23.51 -11.06 -2.51
N SER A 73 24.29 -11.50 -3.46
CA SER A 73 24.33 -12.90 -3.85
C SER A 73 24.85 -13.84 -2.75
N THR A 74 25.58 -13.32 -1.80
CA THR A 74 26.13 -14.17 -0.76
C THR A 74 25.16 -14.37 0.40
N LYS A 75 24.28 -13.42 0.62
CA LYS A 75 23.26 -13.53 1.64
C LYS A 75 21.89 -13.61 0.97
N PRO A 76 21.28 -14.82 0.93
CA PRO A 76 19.99 -15.08 0.24
C PRO A 76 18.87 -14.09 0.55
N GLY A 77 18.89 -13.54 1.76
CA GLY A 77 17.87 -12.59 2.17
C GLY A 77 17.89 -11.33 1.33
N LEU A 78 19.08 -10.81 1.12
CA LEU A 78 19.24 -9.59 0.35
C LEU A 78 19.24 -9.87 -1.14
N GLN A 79 19.54 -11.10 -1.51
CA GLN A 79 19.45 -11.48 -2.89
C GLN A 79 17.98 -11.51 -3.30
N LYS A 80 17.16 -12.21 -2.52
CA LYS A 80 15.73 -12.28 -2.79
C LYS A 80 15.15 -10.91 -2.72
N ALA A 81 15.66 -10.11 -1.80
CA ALA A 81 15.30 -8.72 -1.69
C ALA A 81 15.47 -8.02 -2.99
N SER A 82 16.65 -8.10 -3.57
CA SER A 82 16.95 -7.46 -4.83
C SER A 82 15.95 -7.89 -5.91
N ILE A 83 15.72 -9.19 -6.00
CA ILE A 83 14.80 -9.78 -6.96
C ILE A 83 13.36 -9.26 -6.74
N PHE A 84 12.95 -9.27 -5.49
CA PHE A 84 11.61 -8.87 -5.07
C PHE A 84 11.42 -7.36 -5.25
N LEU A 85 12.40 -6.58 -4.82
CA LEU A 85 12.33 -5.13 -4.84
C LEU A 85 12.37 -4.55 -6.23
N LYS A 86 13.28 -5.07 -7.09
CA LYS A 86 13.49 -4.51 -8.44
C LYS A 86 12.24 -4.57 -9.30
N THR A 87 11.34 -5.43 -8.96
CA THR A 87 10.12 -5.54 -9.69
C THR A 87 8.97 -4.79 -8.98
N ARG A 88 9.23 -4.02 -7.94
CA ARG A 88 8.11 -3.37 -7.27
C ARG A 88 8.36 -1.94 -6.80
N VAL A 89 8.98 -1.79 -5.65
CA VAL A 89 9.09 -0.48 -5.03
C VAL A 89 10.44 0.15 -5.34
N VAL A 90 10.50 0.59 -6.55
CA VAL A 90 11.65 1.16 -7.19
C VAL A 90 11.11 2.11 -8.24
N PRO A 91 11.98 2.78 -9.03
CA PRO A 91 11.56 3.49 -10.23
C PRO A 91 10.81 2.55 -11.24
N ASP A 92 10.70 2.99 -12.48
CA ASP A 92 9.96 2.31 -13.60
C ASP A 92 10.27 0.76 -13.84
N ASN A 93 11.19 0.19 -13.08
CA ASN A 93 11.59 -1.22 -13.24
C ASN A 93 10.52 -2.22 -12.78
N TRP A 94 9.44 -1.74 -12.16
CA TRP A 94 8.38 -2.61 -11.67
C TRP A 94 7.73 -3.44 -12.79
N LYS A 95 7.52 -4.73 -12.54
CA LYS A 95 6.92 -5.60 -13.56
C LYS A 95 5.83 -6.51 -13.04
N MET A 96 4.63 -6.25 -13.49
CA MET A 96 3.49 -7.11 -13.31
C MET A 96 2.52 -6.78 -14.41
N ASP A 97 1.88 -7.77 -14.96
CA ASP A 97 0.92 -7.54 -16.03
C ASP A 97 -0.25 -6.76 -15.53
N ILE A 98 -0.40 -5.57 -16.03
CA ILE A 98 -1.46 -4.66 -15.60
C ILE A 98 -2.84 -5.21 -16.04
N SER A 99 -2.81 -6.04 -17.06
CA SER A 99 -3.97 -6.64 -17.64
C SER A 99 -4.70 -7.56 -16.64
N GLU A 100 -3.96 -8.48 -16.03
CA GLU A 100 -4.56 -9.41 -15.06
C GLU A 100 -4.82 -8.75 -13.73
N ILE A 101 -4.37 -7.54 -13.59
CA ILE A 101 -4.61 -6.79 -12.39
C ILE A 101 -6.07 -6.34 -12.32
N LEU A 102 -6.48 -5.50 -13.22
CA LEU A 102 -7.83 -4.95 -13.14
C LEU A 102 -8.71 -5.49 -14.28
N GLU A 103 -8.04 -5.87 -15.38
CA GLU A 103 -8.64 -6.20 -16.72
C GLU A 103 -8.84 -4.91 -17.46
N SER A 104 -9.74 -4.13 -16.96
CA SER A 104 -9.95 -2.80 -17.46
C SER A 104 -9.00 -1.86 -16.70
N SER A 105 -7.72 -2.03 -16.98
CA SER A 105 -6.59 -1.42 -16.30
C SER A 105 -6.42 0.10 -16.51
N SER A 106 -7.50 0.80 -16.65
CA SER A 106 -7.46 2.21 -16.83
C SER A 106 -8.68 2.81 -16.19
N SER A 107 -8.55 3.98 -15.62
CA SER A 107 -9.70 4.69 -15.17
C SER A 107 -10.28 5.37 -16.41
N LYS A 108 -11.19 4.67 -17.02
CA LYS A 108 -11.68 4.97 -18.35
C LYS A 108 -12.68 6.08 -18.37
N ASP A 109 -13.49 6.16 -17.32
CA ASP A 109 -14.59 7.13 -17.23
C ASP A 109 -15.60 6.83 -18.37
N LYS A 110 -16.42 7.77 -18.75
CA LYS A 110 -17.37 7.57 -19.79
C LYS A 110 -16.75 7.96 -21.11
N GLU A 111 -15.92 8.99 -21.08
CA GLU A 111 -15.30 9.51 -22.29
C GLU A 111 -13.78 9.57 -22.19
N LYS A 112 -13.30 10.44 -21.35
CA LYS A 112 -11.88 10.71 -21.26
C LYS A 112 -11.32 10.04 -20.04
N GLU A 113 -10.20 9.35 -20.22
CA GLU A 113 -9.54 8.66 -19.13
C GLU A 113 -9.13 9.67 -18.07
N LEU A 114 -9.35 9.30 -16.84
CA LEU A 114 -9.07 10.17 -15.73
C LEU A 114 -7.59 10.32 -15.51
N ASP A 115 -6.87 9.24 -15.75
CA ASP A 115 -5.43 9.19 -15.56
C ASP A 115 -4.84 8.00 -16.29
N PRO A 116 -3.73 8.20 -17.03
CA PRO A 116 -2.96 7.10 -17.60
C PRO A 116 -1.67 6.75 -16.80
N GLU A 117 -1.21 7.64 -15.96
CA GLU A 117 0.06 7.47 -15.26
C GLU A 117 -0.07 6.69 -13.97
N GLU A 118 -0.85 7.24 -13.07
CA GLU A 118 -0.84 6.84 -11.70
C GLU A 118 -1.59 5.54 -11.47
N ARG A 119 -2.68 5.29 -12.22
CA ARG A 119 -3.44 4.03 -12.06
C ARG A 119 -2.52 2.84 -12.34
N ASP A 120 -1.61 3.01 -13.29
CA ASP A 120 -0.66 1.95 -13.62
C ASP A 120 0.24 1.67 -12.45
N ASN A 121 0.89 2.72 -11.97
CA ASN A 121 1.80 2.66 -10.83
C ASN A 121 1.10 2.12 -9.58
N PHE A 122 -0.03 2.74 -9.24
CA PHE A 122 -0.80 2.42 -8.06
C PHE A 122 -1.25 0.96 -8.08
N LEU A 123 -1.70 0.50 -9.22
CA LEU A 123 -2.16 -0.87 -9.36
C LEU A 123 -0.99 -1.84 -9.19
N GLN A 124 0.14 -1.53 -9.85
CA GLN A 124 1.37 -2.32 -9.73
C GLN A 124 1.75 -2.44 -8.26
N GLN A 125 1.98 -1.29 -7.64
CA GLN A 125 2.43 -1.21 -6.27
C GLN A 125 1.50 -1.90 -5.32
N LEU A 126 0.21 -1.65 -5.46
CA LEU A 126 -0.76 -2.17 -4.53
C LEU A 126 -0.78 -3.69 -4.57
N TYR A 127 -0.80 -4.25 -5.78
CA TYR A 127 -0.77 -5.70 -5.95
C TYR A 127 0.51 -6.28 -5.33
N LYS A 128 1.61 -5.63 -5.61
CA LYS A 128 2.92 -6.04 -5.13
C LYS A 128 3.05 -5.90 -3.62
N PHE A 129 2.38 -4.95 -3.05
CA PHE A 129 2.34 -4.77 -1.61
C PHE A 129 1.36 -5.73 -0.95
N MET A 130 0.35 -6.14 -1.69
CA MET A 130 -0.62 -7.09 -1.17
C MET A 130 -0.05 -8.48 -1.02
N GLU A 131 0.64 -8.96 -2.04
CA GLU A 131 1.31 -10.25 -1.98
C GLU A 131 2.38 -10.26 -0.87
N ASP A 132 2.96 -9.10 -0.67
CA ASP A 132 3.99 -8.87 0.34
C ASP A 132 3.45 -8.98 1.76
N ARG A 133 2.17 -8.65 1.95
CA ARG A 133 1.67 -8.59 3.32
C ARG A 133 0.91 -9.83 3.74
N GLY A 134 0.87 -10.81 2.87
CA GLY A 134 0.11 -12.00 3.17
C GLY A 134 -1.36 -11.74 3.01
N THR A 135 -1.66 -10.78 2.17
CA THR A 135 -3.01 -10.38 1.86
C THR A 135 -3.07 -10.20 0.33
N PRO A 136 -2.67 -11.24 -0.46
CA PRO A 136 -2.48 -11.10 -1.89
C PRO A 136 -3.79 -11.17 -2.65
N ILE A 137 -3.71 -10.93 -3.92
CA ILE A 137 -4.85 -10.99 -4.77
C ILE A 137 -4.99 -12.37 -5.34
N ASN A 138 -5.80 -13.14 -4.72
CA ASN A 138 -6.10 -14.47 -5.19
C ASN A 138 -7.43 -14.44 -5.89
N LYS A 139 -8.13 -13.33 -5.68
CA LYS A 139 -9.42 -13.05 -6.24
C LYS A 139 -9.32 -11.70 -6.92
N PRO A 140 -9.50 -11.62 -8.25
CA PRO A 140 -9.39 -10.37 -9.01
C PRO A 140 -10.34 -9.28 -8.48
N PRO A 141 -9.98 -7.99 -8.62
CA PRO A 141 -10.79 -6.90 -8.14
C PRO A 141 -12.04 -6.69 -8.95
N VAL A 142 -13.09 -7.17 -8.40
CA VAL A 142 -14.41 -7.01 -8.88
C VAL A 142 -15.26 -6.77 -7.71
N LEU A 143 -16.13 -5.88 -7.87
CA LEU A 143 -17.01 -5.54 -6.83
C LEU A 143 -18.33 -5.20 -7.45
N GLY A 144 -19.33 -5.93 -7.06
CA GLY A 144 -20.66 -5.73 -7.59
C GLY A 144 -20.73 -6.02 -9.07
N TYR A 145 -20.04 -7.10 -9.49
CA TYR A 145 -19.97 -7.61 -10.91
C TYR A 145 -19.12 -6.73 -11.83
N LYS A 146 -18.70 -5.61 -11.33
CA LYS A 146 -17.97 -4.66 -12.07
C LYS A 146 -16.51 -4.74 -11.76
N ASP A 147 -15.66 -4.52 -12.78
CA ASP A 147 -14.21 -4.52 -12.58
C ASP A 147 -13.91 -3.34 -11.70
N LEU A 148 -13.39 -3.60 -10.54
CA LEU A 148 -13.25 -2.58 -9.57
C LEU A 148 -11.97 -1.80 -9.80
N ASN A 149 -12.14 -0.52 -10.05
CA ASN A 149 -11.03 0.37 -10.28
C ASN A 149 -10.53 0.87 -8.97
N LEU A 150 -9.37 0.42 -8.63
CA LEU A 150 -8.73 0.74 -7.37
C LEU A 150 -8.48 2.23 -7.28
N PHE A 151 -8.02 2.77 -8.37
CA PHE A 151 -7.57 4.15 -8.46
C PHE A 151 -8.72 5.14 -8.23
N LYS A 152 -9.81 4.98 -8.95
CA LYS A 152 -10.97 5.87 -8.83
C LYS A 152 -11.52 5.92 -7.43
N LEU A 153 -11.76 4.75 -6.90
CA LEU A 153 -12.34 4.57 -5.59
C LEU A 153 -11.39 5.18 -4.56
N PHE A 154 -10.09 4.90 -4.74
CA PHE A 154 -9.05 5.44 -3.89
C PHE A 154 -9.11 6.93 -3.88
N ARG A 155 -9.15 7.55 -5.08
CA ARG A 155 -9.15 9.00 -5.19
C ARG A 155 -10.33 9.62 -4.48
N LEU A 156 -11.50 9.01 -4.58
CA LEU A 156 -12.65 9.56 -3.89
C LEU A 156 -12.53 9.51 -2.40
N VAL A 157 -12.07 8.40 -1.85
CA VAL A 157 -11.84 8.34 -0.39
C VAL A 157 -10.68 9.26 0.00
N TYR A 158 -9.69 9.32 -0.86
CA TYR A 158 -8.54 10.18 -0.69
C TYR A 158 -8.99 11.65 -0.72
N HIS A 159 -10.07 11.92 -1.43
CA HIS A 159 -10.63 13.27 -1.50
C HIS A 159 -11.50 13.58 -0.29
N GLN A 160 -11.90 12.54 0.43
CA GLN A 160 -12.73 12.73 1.61
C GLN A 160 -11.88 12.95 2.84
N GLY A 161 -10.57 12.77 2.69
CA GLY A 161 -9.67 12.94 3.79
C GLY A 161 -9.17 11.62 4.33
N GLY A 162 -9.28 10.59 3.52
CA GLY A 162 -8.80 9.30 3.92
C GLY A 162 -9.92 8.45 4.44
N CYS A 163 -9.69 7.16 4.52
CA CYS A 163 -10.75 6.24 4.91
C CYS A 163 -11.03 6.35 6.40
N ASP A 164 -10.07 6.87 7.12
CA ASP A 164 -10.19 7.06 8.57
C ASP A 164 -11.22 8.16 8.88
N ASN A 165 -11.35 9.11 7.98
CA ASN A 165 -12.26 10.25 8.18
C ASN A 165 -13.70 9.82 7.92
N ILE A 166 -13.85 8.77 7.16
CA ILE A 166 -15.15 8.32 6.74
C ILE A 166 -15.76 7.37 7.75
N ASP A 167 -16.96 7.70 8.16
CA ASP A 167 -17.73 6.87 9.04
C ASP A 167 -19.04 6.49 8.36
N SER A 168 -19.53 7.39 7.55
CA SER A 168 -20.81 7.23 6.91
C SER A 168 -20.73 6.28 5.74
N GLY A 169 -21.66 5.35 5.69
CA GLY A 169 -21.77 4.43 4.58
C GLY A 169 -22.22 5.15 3.34
N ALA A 170 -22.78 6.34 3.54
CA ALA A 170 -23.19 7.23 2.48
C ALA A 170 -21.99 7.55 1.56
N VAL A 171 -20.84 7.75 2.18
CA VAL A 171 -19.63 8.09 1.45
C VAL A 171 -19.14 6.85 0.71
N TRP A 172 -19.07 5.72 1.42
CA TRP A 172 -18.79 4.41 0.82
C TRP A 172 -19.71 4.17 -0.40
N LYS A 173 -20.97 4.50 -0.25
CA LYS A 173 -21.93 4.40 -1.31
C LYS A 173 -21.53 5.28 -2.50
N GLN A 174 -21.13 6.51 -2.21
CA GLN A 174 -20.74 7.44 -3.27
C GLN A 174 -19.45 6.95 -3.96
N ILE A 175 -18.42 6.62 -3.19
CA ILE A 175 -17.13 6.17 -3.78
C ILE A 175 -17.35 4.90 -4.66
N TYR A 176 -18.29 4.06 -4.24
CA TYR A 176 -18.66 2.88 -4.99
C TYR A 176 -19.36 3.31 -6.28
N MET A 177 -20.21 4.30 -6.14
CA MET A 177 -20.95 4.85 -7.25
C MET A 177 -20.10 5.66 -8.21
N ASP A 178 -18.93 6.11 -7.76
CA ASP A 178 -17.98 6.81 -8.62
C ASP A 178 -17.57 5.91 -9.77
N LEU A 179 -17.49 4.61 -9.47
CA LEU A 179 -17.23 3.59 -10.47
C LEU A 179 -18.36 3.46 -11.50
N GLY A 180 -19.54 3.95 -11.14
CA GLY A 180 -20.66 3.81 -12.01
C GLY A 180 -21.47 2.60 -11.66
N ILE A 181 -21.26 2.09 -10.48
CA ILE A 181 -21.99 0.92 -10.00
C ILE A 181 -23.16 1.45 -9.18
N PRO A 182 -24.39 1.04 -9.51
CA PRO A 182 -25.65 1.58 -8.91
C PRO A 182 -25.91 1.22 -7.42
N ILE A 183 -24.85 0.94 -6.64
CA ILE A 183 -24.87 0.48 -5.22
C ILE A 183 -25.76 -0.76 -4.93
N LEU A 184 -27.04 -0.70 -5.34
CA LEU A 184 -28.04 -1.77 -5.19
C LEU A 184 -28.44 -2.01 -3.76
N ASN A 185 -27.53 -2.57 -3.02
CA ASN A 185 -27.78 -3.03 -1.67
C ASN A 185 -26.77 -2.38 -0.74
N SER A 186 -27.15 -2.13 0.52
CA SER A 186 -26.23 -1.49 1.47
C SER A 186 -25.12 -2.46 1.88
N ALA A 187 -25.29 -3.74 1.53
CA ALA A 187 -24.24 -4.72 1.71
C ALA A 187 -23.06 -4.32 0.84
N ALA A 188 -23.34 -3.63 -0.26
CA ALA A 188 -22.32 -3.17 -1.16
C ALA A 188 -21.52 -2.02 -0.54
N SER A 189 -22.15 -1.27 0.37
CA SER A 189 -21.45 -0.23 1.12
C SER A 189 -20.41 -0.91 2.02
N TYR A 190 -20.82 -2.02 2.60
CA TYR A 190 -19.92 -2.85 3.37
C TYR A 190 -18.84 -3.43 2.46
N ASN A 191 -19.24 -3.92 1.30
CA ASN A 191 -18.33 -4.52 0.33
C ASN A 191 -17.29 -3.53 -0.14
N VAL A 192 -17.70 -2.30 -0.39
CA VAL A 192 -16.78 -1.28 -0.84
C VAL A 192 -15.83 -0.87 0.28
N LYS A 193 -16.33 -0.85 1.53
CA LYS A 193 -15.47 -0.61 2.67
C LYS A 193 -14.46 -1.74 2.76
N THR A 194 -14.96 -2.97 2.55
CA THR A 194 -14.13 -4.16 2.56
C THR A 194 -13.04 -4.04 1.49
N ALA A 195 -13.46 -3.65 0.30
CA ALA A 195 -12.58 -3.51 -0.85
C ALA A 195 -11.49 -2.50 -0.56
N TYR A 196 -11.88 -1.32 -0.12
CA TYR A 196 -10.92 -0.29 0.20
C TYR A 196 -10.01 -0.76 1.32
N ARG A 197 -10.62 -1.25 2.35
CA ARG A 197 -9.92 -1.65 3.55
C ARG A 197 -9.04 -2.86 3.41
N LYS A 198 -9.23 -3.67 2.42
CA LYS A 198 -8.30 -4.75 2.24
C LYS A 198 -7.36 -4.54 1.09
N TYR A 199 -7.85 -4.00 0.00
CA TYR A 199 -7.02 -3.85 -1.16
C TYR A 199 -6.23 -2.56 -1.10
N LEU A 200 -6.89 -1.49 -0.76
CA LEU A 200 -6.29 -0.15 -0.85
C LEU A 200 -5.70 0.25 0.52
N TYR A 201 -5.89 -0.62 1.52
CA TYR A 201 -5.53 -0.35 2.92
C TYR A 201 -4.09 0.16 3.09
N GLY A 202 -3.17 -0.60 2.54
CA GLY A 202 -1.76 -0.33 2.68
C GLY A 202 -1.34 1.02 2.13
N PHE A 203 -1.98 1.46 1.08
CA PHE A 203 -1.57 2.69 0.49
C PHE A 203 -2.24 3.86 1.21
N GLU A 204 -3.35 3.58 1.88
CA GLU A 204 -4.03 4.59 2.68
C GLU A 204 -3.14 4.90 3.87
N GLU A 205 -2.68 3.84 4.57
CA GLU A 205 -1.79 4.05 5.71
C GLU A 205 -0.46 4.64 5.25
N TYR A 206 0.01 4.22 4.07
CA TYR A 206 1.23 4.77 3.49
C TYR A 206 1.08 6.27 3.28
N CYS A 207 -0.08 6.67 2.78
CA CYS A 207 -0.36 8.08 2.56
C CYS A 207 -0.45 8.84 3.87
N ARG A 208 -0.95 8.20 4.92
CA ARG A 208 -1.03 8.85 6.23
C ARG A 208 0.37 9.08 6.76
N SER A 209 1.10 7.99 6.84
CA SER A 209 2.44 7.99 7.39
C SER A 209 3.44 8.84 6.58
N ALA A 210 3.34 8.83 5.27
CA ALA A 210 4.31 9.55 4.47
C ALA A 210 3.78 10.90 4.03
N ASN A 211 2.62 11.28 4.59
CA ASN A 211 2.00 12.61 4.39
C ASN A 211 1.59 12.87 2.97
N ILE A 212 1.26 11.81 2.25
CA ILE A 212 0.73 11.96 0.90
C ILE A 212 -0.69 12.49 1.01
N GLN A 213 -1.37 12.13 2.08
CA GLN A 213 -2.70 12.62 2.29
C GLN A 213 -2.67 13.77 3.29
N PHE A 214 -3.27 14.84 2.89
CA PHE A 214 -3.47 16.01 3.73
C PHE A 214 -4.72 16.65 3.19
N ARG A 215 -4.66 16.94 1.89
CA ARG A 215 -5.78 17.43 1.11
C ARG A 215 -6.31 18.78 1.59
N THR A 216 -7.44 19.15 1.09
CA THR A 216 -8.07 20.40 1.42
C THR A 216 -9.06 20.23 2.58
N VAL A 217 -8.97 19.10 3.25
CA VAL A 217 -9.85 18.78 4.35
C VAL A 217 -9.23 19.31 5.64
N HIS A 218 -9.62 20.50 6.01
CA HIS A 218 -9.10 21.14 7.19
C HIS A 218 -10.14 21.11 8.27
N HIS A 219 -9.80 20.50 9.37
CA HIS A 219 -10.71 20.38 10.53
C HIS A 219 -9.91 20.33 11.81
N HIS A 220 -8.96 19.40 11.86
CA HIS A 220 -8.18 19.16 13.08
C HIS A 220 -7.17 20.27 13.38
N GLU A 221 -6.85 21.03 12.38
CA GLU A 221 -5.97 22.16 12.54
C GLU A 221 -6.72 23.48 12.51
N LEU A 222 -6.93 24.07 11.31
CA LEU A 222 -7.66 25.35 11.15
C LEU A 222 -7.15 26.45 12.10
N GLU A 223 -7.92 27.50 12.22
CA GLU A 223 -7.72 28.49 13.24
C GLU A 223 -8.80 28.27 14.28
N HIS A 224 -8.55 27.35 15.20
CA HIS A 224 -9.57 26.98 16.19
C HIS A 224 -9.86 28.10 17.15
N HIS A 225 -8.83 28.76 17.64
CA HIS A 225 -9.05 29.79 18.60
C HIS A 225 -7.93 30.82 18.56
N HIS A 226 -8.14 31.81 17.75
CA HIS A 226 -7.26 32.95 17.66
C HIS A 226 -8.10 34.17 17.71
N HIS A 227 -8.33 34.64 18.91
CA HIS A 227 -9.17 35.78 19.16
C HIS A 227 -8.38 37.01 18.77
N HIS A 228 -9.01 37.93 18.10
CA HIS A 228 -8.35 39.14 17.68
C HIS A 228 -8.11 40.01 18.89
N HIS A 229 -6.87 40.17 19.24
CA HIS A 229 -6.45 40.90 20.41
C HIS A 229 -4.95 41.12 20.26
N ASN A 1 20.34 7.21 7.13
CA ASN A 1 19.27 6.85 6.21
C ASN A 1 17.98 6.83 7.00
N ASP A 2 16.86 7.09 6.37
CA ASP A 2 15.61 7.21 7.12
C ASP A 2 14.79 5.96 7.06
N GLU A 3 14.73 5.31 8.18
CA GLU A 3 14.03 4.06 8.34
C GLU A 3 12.49 4.28 8.38
N LEU A 4 12.10 5.36 9.02
CA LEU A 4 10.70 5.62 9.35
C LEU A 4 9.82 6.00 8.16
N LEU A 5 10.40 6.24 7.00
CA LEU A 5 9.60 6.74 5.87
C LEU A 5 8.85 5.64 5.12
N GLY A 6 9.05 4.41 5.52
CA GLY A 6 8.37 3.30 4.88
C GLY A 6 9.17 2.67 3.79
N LYS A 7 10.47 2.60 3.98
CA LYS A 7 11.31 1.93 3.02
C LYS A 7 11.69 0.55 3.53
N VAL A 8 12.58 -0.08 2.83
CA VAL A 8 13.08 -1.37 3.19
C VAL A 8 14.26 -1.16 4.15
N VAL A 9 14.41 -2.04 5.10
CA VAL A 9 15.43 -1.93 6.10
C VAL A 9 15.98 -3.31 6.42
N SER A 10 17.06 -3.33 7.14
CA SER A 10 17.67 -4.55 7.57
C SER A 10 17.22 -4.86 8.99
N VAL A 11 16.66 -6.01 9.20
CA VAL A 11 16.35 -6.42 10.55
C VAL A 11 17.39 -7.45 10.92
N VAL A 12 18.26 -7.08 11.82
CA VAL A 12 19.36 -7.94 12.25
C VAL A 12 18.85 -9.25 12.84
N SER A 13 19.56 -10.32 12.58
CA SER A 13 19.19 -11.62 13.05
C SER A 13 19.51 -11.76 14.57
N ALA A 14 19.49 -12.99 15.06
CA ALA A 14 19.69 -13.28 16.47
C ALA A 14 21.07 -12.85 16.95
N THR A 15 22.09 -13.29 16.29
CA THR A 15 23.45 -12.97 16.69
C THR A 15 24.24 -12.37 15.53
N GLU A 16 23.82 -12.67 14.32
CA GLU A 16 24.49 -12.23 13.12
C GLU A 16 24.21 -10.75 12.88
N ARG A 17 25.22 -9.93 13.02
CA ARG A 17 25.09 -8.55 12.85
C ARG A 17 25.31 -8.19 11.39
N THR A 18 26.12 -9.00 10.74
CA THR A 18 26.53 -8.74 9.40
C THR A 18 25.47 -9.20 8.42
N GLU A 19 24.70 -10.16 8.81
CA GLU A 19 23.65 -10.64 7.98
C GLU A 19 22.35 -10.51 8.71
N TRP A 20 21.42 -10.00 8.03
CA TRP A 20 20.17 -9.62 8.54
C TRP A 20 19.08 -10.07 7.60
N TYR A 21 17.85 -9.86 7.97
CA TYR A 21 16.74 -10.17 7.13
C TYR A 21 15.98 -8.88 6.78
N PRO A 22 15.84 -8.59 5.50
CA PRO A 22 15.22 -7.34 5.04
C PRO A 22 13.70 -7.31 5.21
N ALA A 23 13.21 -6.16 5.62
CA ALA A 23 11.82 -5.96 5.87
C ALA A 23 11.39 -4.58 5.41
N LEU A 24 10.09 -4.34 5.37
CA LEU A 24 9.54 -3.04 4.99
C LEU A 24 8.98 -2.40 6.20
N VAL A 25 9.19 -1.13 6.35
CA VAL A 25 8.60 -0.39 7.42
C VAL A 25 7.18 -0.02 7.04
N ILE A 26 6.24 -0.64 7.71
CA ILE A 26 4.84 -0.41 7.45
C ILE A 26 4.17 0.11 8.72
N SER A 27 2.88 0.15 8.78
CA SER A 27 2.25 0.70 9.92
C SER A 27 1.27 -0.28 10.56
N PRO A 28 0.96 -0.14 11.87
CA PRO A 28 -0.04 -0.97 12.56
C PRO A 28 -1.48 -0.61 12.13
N SER A 29 -1.58 0.07 11.01
CA SER A 29 -2.85 0.43 10.40
C SER A 29 -3.29 -0.77 9.57
N CYS A 30 -2.33 -1.62 9.33
CA CYS A 30 -2.50 -2.77 8.50
C CYS A 30 -2.76 -4.00 9.39
N ASN A 31 -2.45 -3.87 10.66
CA ASN A 31 -2.61 -4.96 11.63
C ASN A 31 -3.33 -4.51 12.90
N ASP A 32 -4.53 -5.03 13.12
CA ASP A 32 -5.30 -4.77 14.37
C ASP A 32 -4.86 -5.69 15.48
N ASP A 33 -4.25 -6.78 15.11
CA ASP A 33 -3.82 -7.80 16.04
C ASP A 33 -2.45 -7.48 16.62
N ILE A 34 -1.46 -7.27 15.77
CA ILE A 34 -0.17 -6.82 16.28
C ILE A 34 -0.34 -5.32 16.57
N THR A 35 0.30 -4.82 17.57
CA THR A 35 0.17 -3.43 17.89
C THR A 35 1.56 -2.88 18.15
N VAL A 36 1.86 -1.73 17.57
CA VAL A 36 3.17 -1.16 17.67
C VAL A 36 3.43 -0.65 19.09
N LYS A 37 4.63 -0.81 19.52
CA LYS A 37 5.06 -0.32 20.80
C LYS A 37 6.04 0.82 20.52
N LYS A 38 6.31 1.67 21.48
CA LYS A 38 7.15 2.86 21.27
C LYS A 38 8.60 2.53 20.87
N ASP A 39 9.10 1.43 21.33
CA ASP A 39 10.47 1.00 21.03
C ASP A 39 10.49 0.19 19.74
N GLN A 40 9.33 -0.18 19.29
CA GLN A 40 9.21 -1.04 18.16
C GLN A 40 8.69 -0.32 16.94
N CYS A 41 8.78 -1.00 15.86
CA CYS A 41 8.32 -0.56 14.59
C CYS A 41 7.62 -1.75 13.97
N LEU A 42 6.65 -1.50 13.14
CA LEU A 42 5.95 -2.56 12.49
C LEU A 42 6.59 -2.80 11.13
N VAL A 43 7.16 -3.94 10.99
CA VAL A 43 7.80 -4.30 9.75
C VAL A 43 7.25 -5.58 9.22
N ARG A 44 7.66 -5.90 8.06
CA ARG A 44 7.28 -7.12 7.45
C ARG A 44 8.44 -7.61 6.62
N SER A 45 9.00 -8.72 6.99
CA SER A 45 10.05 -9.30 6.22
C SER A 45 9.43 -10.06 5.06
N PHE A 46 9.59 -9.51 3.85
CA PHE A 46 8.97 -10.05 2.60
C PHE A 46 9.37 -11.49 2.28
N ILE A 47 10.35 -12.00 2.99
CA ILE A 47 10.79 -13.31 2.83
C ILE A 47 9.75 -14.30 3.41
N ASP A 48 9.32 -14.06 4.65
CA ASP A 48 8.48 -15.03 5.35
C ASP A 48 7.36 -14.40 6.17
N SER A 49 7.55 -13.20 6.61
CA SER A 49 6.69 -12.61 7.61
C SER A 49 5.51 -11.88 7.00
N LYS A 50 4.40 -11.86 7.71
CA LYS A 50 3.24 -11.11 7.28
C LYS A 50 3.11 -9.79 8.09
N PHE A 51 3.54 -9.83 9.36
CA PHE A 51 3.57 -8.68 10.29
C PHE A 51 4.55 -8.99 11.40
N TYR A 52 5.56 -8.18 11.54
CA TYR A 52 6.59 -8.37 12.53
C TYR A 52 6.72 -7.16 13.43
N SER A 53 6.59 -7.39 14.70
CA SER A 53 6.79 -6.40 15.67
C SER A 53 8.26 -6.48 16.09
N ILE A 54 9.02 -5.50 15.68
CA ILE A 54 10.44 -5.54 15.82
C ILE A 54 10.92 -4.24 16.42
N ALA A 55 11.81 -4.34 17.36
CA ALA A 55 12.41 -3.20 17.98
C ALA A 55 13.33 -2.53 16.99
N ARG A 56 13.36 -1.21 16.98
CA ARG A 56 14.19 -0.50 16.01
C ARG A 56 15.68 -0.69 16.22
N LYS A 57 16.03 -1.24 17.37
CA LYS A 57 17.41 -1.58 17.66
C LYS A 57 17.89 -2.72 16.73
N ASP A 58 16.96 -3.54 16.25
CA ASP A 58 17.28 -4.64 15.32
C ASP A 58 17.29 -4.10 13.91
N ILE A 59 16.62 -3.00 13.73
CA ILE A 59 16.44 -2.42 12.43
C ILE A 59 17.56 -1.45 12.06
N LYS A 60 18.18 -1.72 10.97
CA LYS A 60 19.17 -0.85 10.40
C LYS A 60 18.58 -0.36 9.11
N GLU A 61 18.82 0.85 8.78
CA GLU A 61 18.26 1.42 7.59
C GLU A 61 19.19 1.25 6.42
N VAL A 62 18.83 0.37 5.53
CA VAL A 62 19.67 0.11 4.41
C VAL A 62 18.79 -0.08 3.17
N ASP A 63 19.19 0.52 2.10
CA ASP A 63 18.50 0.36 0.86
C ASP A 63 19.17 -0.75 0.14
N ILE A 64 18.60 -1.93 0.32
CA ILE A 64 19.13 -3.20 -0.20
C ILE A 64 19.50 -3.10 -1.67
N LEU A 65 18.66 -2.39 -2.41
CA LEU A 65 18.81 -2.24 -3.83
C LEU A 65 19.98 -1.41 -4.24
N ASN A 66 20.63 -0.77 -3.30
CA ASN A 66 21.73 0.03 -3.68
C ASN A 66 23.04 -0.55 -3.17
N LEU A 67 22.94 -1.62 -2.40
CA LEU A 67 24.11 -2.29 -1.86
C LEU A 67 24.85 -3.03 -2.98
N PRO A 68 26.17 -3.27 -2.79
CA PRO A 68 27.00 -4.02 -3.74
C PRO A 68 26.39 -5.36 -4.11
N GLU A 69 26.29 -5.61 -5.39
CA GLU A 69 25.72 -6.82 -5.95
C GLU A 69 26.39 -8.10 -5.43
N SER A 70 27.68 -8.03 -5.09
CA SER A 70 28.38 -9.17 -4.58
C SER A 70 27.78 -9.57 -3.24
N GLU A 71 27.48 -8.56 -2.42
CA GLU A 71 26.94 -8.76 -1.09
C GLU A 71 25.57 -9.43 -1.20
N LEU A 72 24.73 -8.80 -1.99
CA LEU A 72 23.35 -9.23 -2.23
C LEU A 72 23.28 -10.66 -2.70
N SER A 73 24.02 -10.94 -3.74
CA SER A 73 24.00 -12.23 -4.38
C SER A 73 24.67 -13.34 -3.54
N THR A 74 25.46 -12.99 -2.54
CA THR A 74 26.13 -14.02 -1.76
C THR A 74 25.41 -14.30 -0.43
N LYS A 75 24.84 -13.28 0.16
CA LYS A 75 24.18 -13.44 1.44
C LYS A 75 22.70 -13.74 1.24
N PRO A 76 22.20 -14.83 1.84
CA PRO A 76 20.79 -15.22 1.75
C PRO A 76 19.84 -14.12 2.25
N GLY A 77 18.84 -13.84 1.47
CA GLY A 77 17.84 -12.88 1.84
C GLY A 77 17.96 -11.58 1.08
N LEU A 78 19.16 -11.03 1.04
CA LEU A 78 19.37 -9.73 0.43
C LEU A 78 19.30 -9.74 -1.11
N GLN A 79 19.50 -10.89 -1.73
CA GLN A 79 19.32 -10.96 -3.19
C GLN A 79 17.84 -10.98 -3.50
N LYS A 80 17.10 -11.77 -2.72
CA LYS A 80 15.64 -11.87 -2.85
C LYS A 80 15.02 -10.51 -2.60
N ALA A 81 15.65 -9.78 -1.69
CA ALA A 81 15.34 -8.42 -1.42
C ALA A 81 15.45 -7.60 -2.66
N SER A 82 16.64 -7.58 -3.24
CA SER A 82 16.93 -6.85 -4.47
C SER A 82 15.86 -7.15 -5.52
N ILE A 83 15.61 -8.43 -5.71
CA ILE A 83 14.63 -8.95 -6.65
C ILE A 83 13.21 -8.45 -6.35
N PHE A 84 12.77 -8.54 -5.09
CA PHE A 84 11.42 -8.16 -4.75
C PHE A 84 11.27 -6.63 -4.70
N LEU A 85 12.36 -5.95 -4.50
CA LEU A 85 12.33 -4.51 -4.45
C LEU A 85 12.31 -3.90 -5.83
N LYS A 86 13.22 -4.35 -6.69
CA LYS A 86 13.34 -3.78 -8.03
C LYS A 86 12.06 -3.86 -8.85
N THR A 87 11.28 -4.88 -8.58
CA THR A 87 10.07 -5.14 -9.33
C THR A 87 8.89 -4.19 -8.91
N ARG A 88 9.11 -3.30 -7.93
CA ARG A 88 8.05 -2.36 -7.51
C ARG A 88 8.53 -1.08 -6.81
N VAL A 89 9.81 -1.01 -6.48
CA VAL A 89 10.34 0.22 -5.88
C VAL A 89 10.99 1.11 -6.98
N VAL A 90 11.35 0.48 -8.09
CA VAL A 90 12.04 1.18 -9.16
C VAL A 90 11.06 1.49 -10.34
N PRO A 91 11.01 2.78 -10.77
CA PRO A 91 10.09 3.32 -11.81
C PRO A 91 9.69 2.37 -12.97
N ASP A 92 10.61 2.09 -13.86
CA ASP A 92 10.30 1.27 -15.05
C ASP A 92 10.49 -0.19 -14.75
N ASN A 93 11.03 -0.45 -13.60
CA ASN A 93 11.32 -1.80 -13.19
C ASN A 93 10.12 -2.43 -12.50
N TRP A 94 9.11 -1.62 -12.34
CA TRP A 94 7.80 -2.02 -11.86
C TRP A 94 7.28 -3.11 -12.82
N LYS A 95 7.16 -4.34 -12.36
CA LYS A 95 6.79 -5.43 -13.25
C LYS A 95 5.61 -6.26 -12.82
N MET A 96 4.60 -6.29 -13.68
CA MET A 96 3.44 -7.15 -13.63
C MET A 96 2.58 -6.79 -14.84
N ASP A 97 1.64 -7.60 -15.23
CA ASP A 97 0.78 -7.19 -16.33
C ASP A 97 -0.36 -6.40 -15.76
N ILE A 98 -0.48 -5.18 -16.19
CA ILE A 98 -1.49 -4.28 -15.67
C ILE A 98 -2.91 -4.79 -16.03
N SER A 99 -3.00 -5.59 -17.09
CA SER A 99 -4.27 -6.05 -17.60
C SER A 99 -4.87 -7.14 -16.69
N GLU A 100 -4.00 -7.94 -16.07
CA GLU A 100 -4.44 -9.04 -15.23
C GLU A 100 -4.76 -8.53 -13.83
N ILE A 101 -4.27 -7.37 -13.53
CA ILE A 101 -4.42 -6.77 -12.22
C ILE A 101 -5.87 -6.38 -11.93
N LEU A 102 -6.49 -5.70 -12.84
CA LEU A 102 -7.86 -5.32 -12.63
C LEU A 102 -8.74 -6.34 -13.32
N GLU A 103 -8.64 -6.32 -14.66
CA GLU A 103 -9.35 -7.17 -15.61
C GLU A 103 -9.51 -6.29 -16.83
N SER A 104 -10.28 -5.26 -16.62
CA SER A 104 -10.68 -4.29 -17.60
C SER A 104 -9.64 -3.18 -17.77
N SER A 105 -8.40 -3.51 -17.54
CA SER A 105 -7.34 -2.57 -17.68
C SER A 105 -6.74 -2.82 -19.06
N SER A 106 -6.13 -1.80 -19.67
CA SER A 106 -5.60 -1.86 -21.05
C SER A 106 -6.77 -1.98 -22.04
N SER A 107 -7.90 -1.44 -21.62
CA SER A 107 -9.18 -1.51 -22.30
C SER A 107 -9.29 -0.50 -23.45
N LYS A 108 -8.36 0.43 -23.49
CA LYS A 108 -8.27 1.51 -24.44
C LYS A 108 -9.41 2.58 -24.37
N ASP A 109 -10.59 2.20 -23.84
CA ASP A 109 -11.65 3.22 -23.53
C ASP A 109 -11.21 3.91 -22.24
N LYS A 110 -10.27 3.22 -21.61
CA LYS A 110 -9.49 3.50 -20.41
C LYS A 110 -9.39 5.00 -20.02
N GLU A 111 -9.10 5.84 -20.99
CA GLU A 111 -8.85 7.28 -20.77
C GLU A 111 -10.15 8.12 -20.72
N LYS A 112 -11.27 7.42 -20.63
CA LYS A 112 -12.62 7.99 -20.55
C LYS A 112 -12.76 8.95 -19.36
N GLU A 113 -12.57 8.44 -18.16
CA GLU A 113 -12.69 9.25 -16.96
C GLU A 113 -11.30 9.79 -16.57
N LEU A 114 -10.58 10.23 -17.59
CA LEU A 114 -9.18 10.71 -17.52
C LEU A 114 -8.21 9.54 -17.51
N ASP A 115 -6.96 9.81 -17.78
CA ASP A 115 -5.98 8.76 -17.91
C ASP A 115 -4.83 8.99 -16.94
N PRO A 116 -4.95 8.47 -15.70
CA PRO A 116 -3.95 8.66 -14.67
C PRO A 116 -2.89 7.55 -14.64
N GLU A 117 -1.65 7.92 -14.95
CA GLU A 117 -0.47 7.00 -14.87
C GLU A 117 -0.34 6.44 -13.47
N GLU A 118 -0.80 7.21 -12.53
CA GLU A 118 -0.81 6.87 -11.13
C GLU A 118 -1.57 5.57 -10.86
N ARG A 119 -2.53 5.24 -11.72
CA ARG A 119 -3.34 4.03 -11.56
C ARG A 119 -2.43 2.81 -11.67
N ASP A 120 -1.40 2.92 -12.50
CA ASP A 120 -0.45 1.87 -12.74
C ASP A 120 0.40 1.69 -11.53
N ASN A 121 0.85 2.81 -10.99
CA ASN A 121 1.59 2.87 -9.74
C ASN A 121 0.79 2.17 -8.65
N PHE A 122 -0.47 2.57 -8.52
CA PHE A 122 -1.37 1.99 -7.54
C PHE A 122 -1.55 0.51 -7.72
N LEU A 123 -2.08 0.13 -8.85
CA LEU A 123 -2.45 -1.24 -9.10
C LEU A 123 -1.27 -2.20 -9.00
N GLN A 124 -0.18 -1.83 -9.58
CA GLN A 124 0.94 -2.70 -9.68
C GLN A 124 1.76 -2.75 -8.40
N GLN A 125 1.92 -1.59 -7.73
CA GLN A 125 2.68 -1.61 -6.51
C GLN A 125 1.87 -2.34 -5.47
N LEU A 126 0.56 -2.09 -5.42
CA LEU A 126 -0.33 -2.80 -4.49
C LEU A 126 -0.27 -4.30 -4.70
N TYR A 127 -0.34 -4.73 -5.93
CA TYR A 127 -0.26 -6.15 -6.25
C TYR A 127 1.07 -6.80 -5.78
N LYS A 128 2.19 -6.13 -6.03
CA LYS A 128 3.47 -6.67 -5.54
C LYS A 128 3.64 -6.52 -4.03
N PHE A 129 3.14 -5.41 -3.50
CA PHE A 129 3.20 -5.12 -2.06
C PHE A 129 2.39 -6.12 -1.28
N MET A 130 1.28 -6.50 -1.80
CA MET A 130 0.45 -7.41 -1.11
C MET A 130 0.91 -8.84 -1.24
N GLU A 131 1.75 -9.09 -2.24
CA GLU A 131 2.36 -10.39 -2.38
C GLU A 131 3.28 -10.66 -1.16
N ASP A 132 3.82 -9.60 -0.55
CA ASP A 132 4.68 -9.76 0.62
C ASP A 132 3.90 -9.85 1.92
N ARG A 133 2.58 -9.62 1.89
CA ARG A 133 1.82 -9.63 3.15
C ARG A 133 1.11 -10.95 3.43
N GLY A 134 1.49 -11.97 2.70
CA GLY A 134 0.89 -13.28 2.95
C GLY A 134 -0.22 -13.59 2.00
N THR A 135 -0.96 -12.58 1.62
CA THR A 135 -2.03 -12.77 0.72
C THR A 135 -1.94 -11.82 -0.47
N PRO A 136 -1.45 -12.32 -1.62
CA PRO A 136 -1.43 -11.57 -2.85
C PRO A 136 -2.86 -11.47 -3.38
N ILE A 137 -3.04 -10.86 -4.50
CA ILE A 137 -4.37 -10.71 -5.00
C ILE A 137 -4.61 -11.68 -6.14
N ASN A 138 -5.26 -12.76 -5.80
CA ASN A 138 -5.61 -13.79 -6.78
C ASN A 138 -7.02 -13.55 -7.21
N LYS A 139 -7.73 -12.84 -6.37
CA LYS A 139 -9.09 -12.47 -6.60
C LYS A 139 -9.11 -10.99 -6.91
N PRO A 140 -9.20 -10.62 -8.19
CA PRO A 140 -9.13 -9.22 -8.63
C PRO A 140 -10.29 -8.38 -8.07
N PRO A 141 -10.18 -7.05 -8.08
CA PRO A 141 -11.20 -6.19 -7.52
C PRO A 141 -12.48 -6.14 -8.36
N VAL A 142 -13.45 -6.88 -7.93
CA VAL A 142 -14.76 -6.88 -8.52
C VAL A 142 -15.67 -6.58 -7.39
N LEU A 143 -16.61 -5.74 -7.58
CA LEU A 143 -17.52 -5.43 -6.54
C LEU A 143 -18.79 -4.88 -7.13
N GLY A 144 -19.90 -5.33 -6.62
CA GLY A 144 -21.17 -4.92 -7.13
C GLY A 144 -21.47 -5.61 -8.42
N TYR A 145 -20.93 -6.83 -8.54
CA TYR A 145 -21.05 -7.75 -9.69
C TYR A 145 -20.23 -7.30 -10.88
N LYS A 146 -19.51 -6.20 -10.77
CA LYS A 146 -18.75 -5.74 -11.91
C LYS A 146 -17.39 -5.28 -11.47
N ASP A 147 -16.49 -5.10 -12.41
CA ASP A 147 -15.13 -4.70 -12.12
C ASP A 147 -15.07 -3.42 -11.35
N LEU A 148 -14.45 -3.52 -10.23
CA LEU A 148 -14.35 -2.45 -9.32
C LEU A 148 -13.13 -1.66 -9.71
N ASN A 149 -13.37 -0.49 -10.30
CA ASN A 149 -12.28 0.36 -10.75
C ASN A 149 -11.59 0.99 -9.56
N LEU A 150 -10.67 0.23 -9.05
CA LEU A 150 -9.96 0.47 -7.82
C LEU A 150 -9.30 1.86 -7.75
N PHE A 151 -8.56 2.21 -8.78
CA PHE A 151 -7.85 3.49 -8.80
C PHE A 151 -8.80 4.69 -8.89
N LYS A 152 -9.90 4.52 -9.60
CA LYS A 152 -10.90 5.58 -9.73
C LYS A 152 -11.59 5.79 -8.40
N LEU A 153 -11.83 4.70 -7.71
CA LEU A 153 -12.49 4.73 -6.44
C LEU A 153 -11.52 5.31 -5.38
N PHE A 154 -10.24 4.96 -5.47
CA PHE A 154 -9.22 5.54 -4.59
C PHE A 154 -9.13 7.02 -4.83
N ARG A 155 -9.23 7.41 -6.09
CA ARG A 155 -9.16 8.80 -6.50
C ARG A 155 -10.31 9.57 -5.85
N LEU A 156 -11.48 8.95 -5.83
CA LEU A 156 -12.64 9.51 -5.17
C LEU A 156 -12.41 9.67 -3.67
N VAL A 157 -11.86 8.65 -3.02
CA VAL A 157 -11.53 8.73 -1.59
C VAL A 157 -10.47 9.80 -1.34
N TYR A 158 -9.48 9.87 -2.21
CA TYR A 158 -8.44 10.90 -2.14
C TYR A 158 -9.08 12.27 -2.32
N HIS A 159 -10.15 12.31 -3.09
CA HIS A 159 -10.86 13.55 -3.34
C HIS A 159 -11.79 13.88 -2.15
N GLN A 160 -11.87 12.96 -1.21
CA GLN A 160 -12.60 13.18 0.03
C GLN A 160 -11.59 13.52 1.12
N GLY A 161 -10.32 13.50 0.74
CA GLY A 161 -9.24 13.80 1.65
C GLY A 161 -8.47 12.57 2.07
N GLY A 162 -8.89 11.45 1.61
CA GLY A 162 -8.25 10.22 1.95
C GLY A 162 -9.05 9.47 2.96
N CYS A 163 -8.58 8.29 3.31
CA CYS A 163 -9.28 7.42 4.25
C CYS A 163 -9.24 8.04 5.64
N ASP A 164 -8.18 8.81 5.92
CA ASP A 164 -8.01 9.48 7.22
C ASP A 164 -9.10 10.54 7.43
N ASN A 165 -9.65 11.04 6.34
CA ASN A 165 -10.69 12.07 6.41
C ASN A 165 -12.09 11.49 6.27
N ILE A 166 -12.21 10.17 6.29
CA ILE A 166 -13.51 9.57 6.16
C ILE A 166 -13.90 8.86 7.43
N ASP A 167 -15.01 9.25 7.96
CA ASP A 167 -15.58 8.64 9.15
C ASP A 167 -16.96 8.06 8.84
N SER A 168 -17.64 8.67 7.91
CA SER A 168 -18.99 8.32 7.62
C SER A 168 -19.07 7.28 6.52
N GLY A 169 -19.97 6.32 6.69
CA GLY A 169 -20.20 5.30 5.69
C GLY A 169 -20.83 5.89 4.45
N ALA A 170 -21.37 7.10 4.60
CA ALA A 170 -21.98 7.84 3.51
C ALA A 170 -20.95 8.21 2.45
N VAL A 171 -19.71 8.32 2.85
CA VAL A 171 -18.67 8.68 1.91
C VAL A 171 -18.29 7.46 1.11
N TRP A 172 -18.09 6.33 1.80
CA TRP A 172 -17.90 5.02 1.17
C TRP A 172 -19.08 4.73 0.22
N LYS A 173 -20.27 5.07 0.66
CA LYS A 173 -21.47 4.96 -0.16
C LYS A 173 -21.30 5.77 -1.43
N GLN A 174 -20.86 7.02 -1.28
CA GLN A 174 -20.70 7.92 -2.39
C GLN A 174 -19.64 7.43 -3.38
N ILE A 175 -18.48 7.02 -2.88
CA ILE A 175 -17.40 6.56 -3.76
C ILE A 175 -17.86 5.34 -4.57
N TYR A 176 -18.52 4.40 -3.90
CA TYR A 176 -19.03 3.20 -4.52
C TYR A 176 -20.07 3.54 -5.57
N MET A 177 -20.99 4.38 -5.18
CA MET A 177 -22.12 4.76 -6.00
C MET A 177 -21.68 5.61 -7.19
N ASP A 178 -20.57 6.32 -7.03
CA ASP A 178 -20.10 7.21 -8.07
C ASP A 178 -19.49 6.45 -9.24
N LEU A 179 -18.99 5.23 -8.98
CA LEU A 179 -18.53 4.35 -10.08
C LEU A 179 -19.70 3.85 -10.95
N GLY A 180 -20.92 4.09 -10.50
CA GLY A 180 -22.08 3.66 -11.22
C GLY A 180 -22.57 2.34 -10.71
N ILE A 181 -22.09 1.97 -9.55
CA ILE A 181 -22.45 0.74 -8.95
C ILE A 181 -23.50 1.04 -7.90
N PRO A 182 -24.71 0.50 -8.06
CA PRO A 182 -25.81 0.79 -7.15
C PRO A 182 -25.57 0.26 -5.76
N ILE A 183 -25.65 1.15 -4.80
CA ILE A 183 -25.55 0.76 -3.42
C ILE A 183 -26.85 0.06 -2.98
N LEU A 184 -26.88 -1.22 -3.22
CA LEU A 184 -28.02 -2.04 -2.93
C LEU A 184 -28.25 -2.17 -1.44
N ASN A 185 -27.43 -2.95 -0.83
CA ASN A 185 -27.59 -3.23 0.57
C ASN A 185 -26.46 -2.55 1.32
N SER A 186 -26.62 -2.36 2.61
CA SER A 186 -25.59 -1.73 3.43
C SER A 186 -24.38 -2.65 3.59
N ALA A 187 -24.56 -3.90 3.20
CA ALA A 187 -23.45 -4.82 3.14
C ALA A 187 -22.48 -4.35 2.07
N ALA A 188 -23.00 -3.70 1.04
CA ALA A 188 -22.20 -3.25 -0.08
C ALA A 188 -21.35 -2.03 0.28
N SER A 189 -21.82 -1.20 1.19
CA SER A 189 -21.01 -0.10 1.67
C SER A 189 -19.88 -0.65 2.57
N TYR A 190 -20.21 -1.69 3.32
CA TYR A 190 -19.21 -2.42 4.05
C TYR A 190 -18.21 -3.04 3.07
N ASN A 191 -18.74 -3.64 2.01
CA ASN A 191 -17.94 -4.29 0.99
C ASN A 191 -17.01 -3.31 0.32
N VAL A 192 -17.48 -2.09 0.04
CA VAL A 192 -16.61 -1.11 -0.59
C VAL A 192 -15.52 -0.67 0.37
N LYS A 193 -15.85 -0.57 1.66
CA LYS A 193 -14.83 -0.28 2.66
C LYS A 193 -13.82 -1.42 2.65
N THR A 194 -14.32 -2.64 2.57
CA THR A 194 -13.51 -3.83 2.56
C THR A 194 -12.63 -3.89 1.28
N ALA A 195 -13.20 -3.50 0.16
CA ALA A 195 -12.51 -3.49 -1.12
C ALA A 195 -11.40 -2.47 -1.06
N TYR A 196 -11.74 -1.26 -0.64
CA TYR A 196 -10.75 -0.21 -0.47
C TYR A 196 -9.67 -0.66 0.50
N ARG A 197 -10.11 -1.13 1.64
CA ARG A 197 -9.20 -1.50 2.69
C ARG A 197 -8.37 -2.74 2.42
N LYS A 198 -8.77 -3.63 1.53
CA LYS A 198 -7.89 -4.75 1.27
C LYS A 198 -7.13 -4.62 0.00
N TYR A 199 -7.71 -3.99 -0.97
CA TYR A 199 -7.07 -3.86 -2.25
C TYR A 199 -6.17 -2.62 -2.34
N LEU A 200 -6.51 -1.59 -1.60
CA LEU A 200 -5.73 -0.36 -1.57
C LEU A 200 -5.05 -0.22 -0.23
N TYR A 201 -4.99 -1.36 0.49
CA TYR A 201 -4.47 -1.45 1.87
C TYR A 201 -3.11 -0.76 2.00
N GLY A 202 -2.18 -1.19 1.17
CA GLY A 202 -0.84 -0.65 1.16
C GLY A 202 -0.79 0.86 1.01
N PHE A 203 -1.58 1.40 0.11
CA PHE A 203 -1.55 2.83 -0.10
C PHE A 203 -2.38 3.58 0.89
N GLU A 204 -3.37 2.93 1.48
CA GLU A 204 -4.12 3.55 2.55
C GLU A 204 -3.16 3.84 3.69
N GLU A 205 -2.46 2.79 4.14
CA GLU A 205 -1.58 2.92 5.28
C GLU A 205 -0.40 3.81 4.98
N TYR A 206 0.23 3.60 3.83
CA TYR A 206 1.42 4.34 3.44
C TYR A 206 1.09 5.82 3.28
N CYS A 207 0.05 6.11 2.52
CA CYS A 207 -0.29 7.48 2.25
C CYS A 207 -0.86 8.21 3.44
N ARG A 208 -1.50 7.51 4.37
CA ARG A 208 -2.00 8.23 5.52
C ARG A 208 -0.89 8.49 6.54
N SER A 209 -0.05 7.49 6.75
CA SER A 209 1.02 7.57 7.73
C SER A 209 2.12 8.54 7.30
N ALA A 210 2.41 8.60 6.01
CA ALA A 210 3.47 9.46 5.54
C ALA A 210 2.90 10.76 4.99
N ASN A 211 1.58 10.93 5.17
CA ASN A 211 0.84 12.14 4.73
C ASN A 211 0.99 12.43 3.24
N ILE A 212 0.48 11.53 2.45
CA ILE A 212 0.44 11.68 1.00
C ILE A 212 -1.01 11.96 0.57
N GLN A 213 -1.95 11.52 1.38
CA GLN A 213 -3.35 11.80 1.12
C GLN A 213 -3.74 13.12 1.78
N PHE A 214 -4.01 14.10 0.96
CA PHE A 214 -4.30 15.44 1.43
C PHE A 214 -5.79 15.72 1.35
N ARG A 215 -6.23 16.68 2.13
CA ARG A 215 -7.62 17.05 2.17
C ARG A 215 -7.99 17.99 1.02
N THR A 216 -8.24 17.37 -0.11
CA THR A 216 -8.54 18.04 -1.36
C THR A 216 -9.91 18.74 -1.33
N VAL A 217 -10.70 18.43 -0.31
CA VAL A 217 -12.02 19.04 -0.12
C VAL A 217 -11.91 20.52 0.27
N HIS A 218 -10.68 20.98 0.47
CA HIS A 218 -10.43 22.36 0.80
C HIS A 218 -10.35 23.18 -0.51
N HIS A 219 -10.40 22.48 -1.64
CA HIS A 219 -10.37 23.15 -2.95
C HIS A 219 -11.70 23.80 -3.22
N HIS A 220 -11.65 25.02 -3.72
CA HIS A 220 -12.86 25.80 -3.93
C HIS A 220 -13.41 25.61 -5.35
N GLU A 221 -12.54 25.41 -6.32
CA GLU A 221 -13.01 25.26 -7.70
C GLU A 221 -13.61 23.89 -8.01
N LEU A 222 -12.87 22.83 -7.68
CA LEU A 222 -13.30 21.43 -7.83
C LEU A 222 -13.49 20.97 -9.29
N GLU A 223 -13.45 19.67 -9.48
CA GLU A 223 -13.58 19.03 -10.78
C GLU A 223 -15.04 18.72 -11.13
N HIS A 224 -16.01 19.35 -10.46
CA HIS A 224 -17.43 19.07 -10.78
C HIS A 224 -17.78 19.68 -12.12
N HIS A 225 -17.18 20.80 -12.41
CA HIS A 225 -17.37 21.44 -13.68
C HIS A 225 -16.30 21.00 -14.67
N HIS A 226 -16.53 19.87 -15.29
CA HIS A 226 -15.61 19.35 -16.27
C HIS A 226 -16.35 19.15 -17.58
N HIS A 227 -17.21 18.16 -17.66
CA HIS A 227 -18.04 17.98 -18.85
C HIS A 227 -19.37 18.70 -18.64
N HIS A 228 -19.76 18.80 -17.38
CA HIS A 228 -20.96 19.50 -17.00
C HIS A 228 -20.51 20.83 -16.43
N HIS A 229 -21.05 21.88 -16.93
CA HIS A 229 -20.69 23.21 -16.51
C HIS A 229 -21.91 24.09 -16.47
N ASN A 1 19.12 7.58 5.88
CA ASN A 1 18.17 6.85 5.03
C ASN A 1 16.79 7.05 5.59
N ASP A 2 16.68 6.88 6.92
CA ASP A 2 15.46 7.10 7.68
C ASP A 2 14.51 5.93 7.63
N GLU A 3 14.52 5.23 8.71
CA GLU A 3 13.81 4.03 8.95
C GLU A 3 12.31 4.28 8.93
N LEU A 4 11.93 5.33 9.60
CA LEU A 4 10.55 5.68 9.87
C LEU A 4 9.79 6.22 8.64
N LEU A 5 10.38 6.09 7.47
CA LEU A 5 9.75 6.56 6.24
C LEU A 5 8.78 5.55 5.67
N GLY A 6 8.93 4.29 6.06
CA GLY A 6 8.05 3.27 5.51
C GLY A 6 8.66 2.62 4.30
N LYS A 7 9.94 2.43 4.31
CA LYS A 7 10.63 1.82 3.21
C LYS A 7 11.35 0.56 3.67
N VAL A 8 12.18 0.01 2.82
CA VAL A 8 12.92 -1.19 3.15
C VAL A 8 14.09 -0.84 4.10
N VAL A 9 14.42 -1.77 4.96
CA VAL A 9 15.40 -1.63 6.02
C VAL A 9 15.91 -3.04 6.33
N SER A 10 16.74 -3.15 7.32
CA SER A 10 17.33 -4.40 7.71
C SER A 10 16.95 -4.74 9.15
N VAL A 11 16.66 -5.99 9.43
CA VAL A 11 16.37 -6.44 10.77
C VAL A 11 17.36 -7.54 11.08
N VAL A 12 18.21 -7.32 12.06
CA VAL A 12 19.26 -8.27 12.40
C VAL A 12 18.69 -9.50 13.11
N SER A 13 19.23 -10.66 12.75
CA SER A 13 18.77 -11.92 13.25
C SER A 13 19.02 -12.10 14.76
N ALA A 14 20.21 -12.57 15.16
CA ALA A 14 20.43 -12.80 16.58
C ALA A 14 21.89 -12.63 16.99
N THR A 15 22.75 -13.40 16.40
CA THR A 15 24.13 -13.43 16.84
C THR A 15 25.05 -12.89 15.76
N GLU A 16 24.49 -12.58 14.63
CA GLU A 16 25.24 -12.11 13.53
C GLU A 16 24.60 -10.88 12.90
N ARG A 17 25.37 -9.84 12.76
CA ARG A 17 24.94 -8.65 12.03
C ARG A 17 25.24 -8.86 10.56
N THR A 18 25.95 -9.93 10.32
CA THR A 18 26.35 -10.41 9.04
C THR A 18 25.12 -10.86 8.24
N GLU A 19 24.27 -11.64 8.89
CA GLU A 19 23.13 -12.24 8.29
C GLU A 19 21.88 -11.67 8.95
N TRP A 20 21.18 -10.89 8.22
CA TRP A 20 19.99 -10.23 8.68
C TRP A 20 18.93 -10.35 7.61
N TYR A 21 17.69 -10.27 7.99
CA TYR A 21 16.63 -10.36 7.04
C TYR A 21 16.00 -8.98 6.81
N PRO A 22 15.99 -8.51 5.54
CA PRO A 22 15.43 -7.21 5.20
C PRO A 22 13.91 -7.15 5.33
N ALA A 23 13.39 -5.99 5.66
CA ALA A 23 11.98 -5.83 5.87
C ALA A 23 11.51 -4.48 5.39
N LEU A 24 10.21 -4.33 5.32
CA LEU A 24 9.55 -3.10 4.93
C LEU A 24 8.92 -2.50 6.14
N VAL A 25 9.15 -1.25 6.38
CA VAL A 25 8.56 -0.54 7.48
C VAL A 25 7.11 -0.16 7.16
N ILE A 26 6.21 -0.55 8.00
CA ILE A 26 4.80 -0.19 7.90
C ILE A 26 4.27 0.19 9.28
N SER A 27 3.00 0.45 9.39
CA SER A 27 2.44 0.85 10.66
C SER A 27 1.61 -0.32 11.18
N PRO A 28 1.06 -0.26 12.42
CA PRO A 28 0.20 -1.33 12.92
C PRO A 28 -1.20 -1.29 12.30
N SER A 29 -1.33 -0.65 11.15
CA SER A 29 -2.59 -0.53 10.50
C SER A 29 -2.88 -1.84 9.82
N CYS A 30 -1.84 -2.45 9.27
CA CYS A 30 -1.98 -3.67 8.51
C CYS A 30 -2.04 -4.92 9.41
N ASN A 31 -1.73 -4.74 10.67
CA ASN A 31 -1.66 -5.86 11.61
C ASN A 31 -2.55 -5.67 12.82
N ASP A 32 -3.43 -6.61 13.04
CA ASP A 32 -4.38 -6.58 14.15
C ASP A 32 -3.73 -7.10 15.41
N ASP A 33 -3.07 -8.22 15.28
CA ASP A 33 -2.50 -8.94 16.42
C ASP A 33 -1.27 -8.23 16.95
N ILE A 34 -0.42 -7.82 16.05
CA ILE A 34 0.79 -7.15 16.43
C ILE A 34 0.46 -5.69 16.77
N THR A 35 1.13 -5.15 17.74
CA THR A 35 0.94 -3.80 18.17
C THR A 35 2.27 -3.07 18.01
N VAL A 36 2.25 -1.81 17.66
CA VAL A 36 3.48 -1.09 17.59
C VAL A 36 3.77 -0.53 18.97
N LYS A 37 4.96 -0.65 19.41
CA LYS A 37 5.31 -0.14 20.70
C LYS A 37 6.23 1.05 20.52
N LYS A 38 6.33 1.92 21.51
CA LYS A 38 7.09 3.16 21.38
C LYS A 38 8.56 2.94 21.02
N ASP A 39 9.12 1.85 21.48
CA ASP A 39 10.52 1.53 21.27
C ASP A 39 10.69 0.69 20.00
N GLN A 40 9.57 0.35 19.42
CA GLN A 40 9.55 -0.57 18.32
C GLN A 40 8.95 0.03 17.08
N CYS A 41 9.07 -0.69 16.02
CA CYS A 41 8.55 -0.31 14.75
C CYS A 41 7.91 -1.55 14.16
N LEU A 42 7.05 -1.36 13.17
CA LEU A 42 6.37 -2.46 12.58
C LEU A 42 7.01 -2.75 11.23
N VAL A 43 7.42 -3.97 11.06
CA VAL A 43 8.09 -4.37 9.85
C VAL A 43 7.51 -5.62 9.25
N ARG A 44 7.68 -5.73 7.97
CA ARG A 44 7.22 -6.86 7.21
C ARG A 44 8.39 -7.41 6.42
N SER A 45 8.79 -8.61 6.69
CA SER A 45 9.86 -9.22 5.95
C SER A 45 9.28 -9.92 4.75
N PHE A 46 9.77 -9.58 3.60
CA PHE A 46 9.38 -10.27 2.38
C PHE A 46 9.99 -11.66 2.35
N ILE A 47 11.04 -11.83 3.13
CA ILE A 47 11.76 -13.07 3.19
C ILE A 47 11.38 -13.93 4.40
N ASP A 48 11.03 -13.32 5.52
CA ASP A 48 10.85 -14.09 6.74
C ASP A 48 9.44 -13.99 7.33
N SER A 49 9.20 -13.03 8.20
CA SER A 49 7.92 -12.88 8.85
C SER A 49 7.15 -11.72 8.26
N LYS A 50 5.89 -11.96 7.92
CA LYS A 50 5.08 -10.95 7.28
C LYS A 50 4.59 -9.86 8.25
N PHE A 51 4.47 -10.19 9.53
CA PHE A 51 4.15 -9.19 10.55
C PHE A 51 4.77 -9.55 11.86
N TYR A 52 5.61 -8.68 12.35
CA TYR A 52 6.32 -8.86 13.59
C TYR A 52 6.76 -7.48 14.09
N SER A 53 7.01 -7.36 15.37
CA SER A 53 7.32 -6.09 15.97
C SER A 53 8.74 -6.14 16.44
N ILE A 54 9.52 -5.20 16.02
CA ILE A 54 10.92 -5.20 16.26
C ILE A 54 11.36 -3.85 16.77
N ALA A 55 12.23 -3.87 17.73
CA ALA A 55 12.74 -2.69 18.34
C ALA A 55 13.77 -2.02 17.45
N ARG A 56 13.85 -0.69 17.56
CA ARG A 56 14.79 0.15 16.77
C ARG A 56 16.21 -0.43 16.80
N LYS A 57 16.60 -0.97 17.94
CA LYS A 57 17.92 -1.55 18.17
C LYS A 57 18.27 -2.70 17.19
N ASP A 58 17.28 -3.42 16.70
CA ASP A 58 17.52 -4.59 15.83
C ASP A 58 17.46 -4.20 14.38
N ILE A 59 16.95 -3.03 14.12
CA ILE A 59 16.76 -2.56 12.77
C ILE A 59 17.92 -1.66 12.37
N LYS A 60 18.29 -1.77 11.14
CA LYS A 60 19.27 -0.92 10.52
C LYS A 60 18.58 -0.34 9.30
N GLU A 61 18.38 0.95 9.28
CA GLU A 61 17.77 1.59 8.11
C GLU A 61 18.67 1.54 6.90
N VAL A 62 18.33 0.67 5.99
CA VAL A 62 19.17 0.34 4.87
C VAL A 62 18.38 0.22 3.57
N ASP A 63 18.88 0.88 2.54
CA ASP A 63 18.28 0.77 1.23
C ASP A 63 18.99 -0.38 0.55
N ILE A 64 18.36 -1.52 0.58
CA ILE A 64 18.96 -2.79 0.19
C ILE A 64 19.52 -2.77 -1.23
N LEU A 65 18.79 -2.17 -2.15
CA LEU A 65 19.18 -2.25 -3.55
C LEU A 65 20.34 -1.32 -3.88
N ASN A 66 20.70 -0.50 -2.93
CA ASN A 66 21.80 0.42 -3.07
C ASN A 66 23.08 -0.12 -2.49
N LEU A 67 22.99 -1.25 -1.80
CA LEU A 67 24.16 -1.88 -1.23
C LEU A 67 25.01 -2.45 -2.35
N PRO A 68 26.34 -2.47 -2.18
CA PRO A 68 27.24 -3.05 -3.17
C PRO A 68 26.90 -4.51 -3.43
N GLU A 69 27.07 -4.95 -4.65
CA GLU A 69 26.73 -6.31 -5.04
C GLU A 69 27.52 -7.35 -4.26
N SER A 70 28.72 -6.98 -3.84
CA SER A 70 29.58 -7.84 -3.07
C SER A 70 28.95 -8.12 -1.68
N GLU A 71 28.12 -7.20 -1.23
CA GLU A 71 27.38 -7.33 0.00
C GLU A 71 26.16 -8.21 -0.28
N LEU A 72 25.42 -7.82 -1.31
CA LEU A 72 24.18 -8.48 -1.71
C LEU A 72 24.37 -9.95 -2.00
N SER A 73 25.24 -10.24 -2.94
CA SER A 73 25.42 -11.58 -3.44
C SER A 73 25.98 -12.57 -2.36
N THR A 74 26.56 -12.05 -1.28
CA THR A 74 27.14 -12.94 -0.28
C THR A 74 26.16 -13.23 0.87
N LYS A 75 25.03 -12.57 0.86
CA LYS A 75 23.98 -12.80 1.82
C LYS A 75 22.73 -13.22 1.07
N PRO A 76 22.27 -14.47 1.22
CA PRO A 76 21.11 -15.01 0.47
C PRO A 76 19.86 -14.13 0.56
N GLY A 77 19.65 -13.51 1.72
CA GLY A 77 18.50 -12.68 1.89
C GLY A 77 18.61 -11.39 1.11
N LEU A 78 19.81 -10.84 1.07
CA LEU A 78 20.07 -9.60 0.32
C LEU A 78 20.01 -9.87 -1.16
N GLN A 79 20.42 -11.07 -1.54
CA GLN A 79 20.36 -11.49 -2.90
C GLN A 79 18.91 -11.44 -3.36
N LYS A 80 18.05 -12.15 -2.64
CA LYS A 80 16.65 -12.22 -2.93
C LYS A 80 16.05 -10.85 -2.87
N ALA A 81 16.44 -10.11 -1.83
CA ALA A 81 16.05 -8.73 -1.63
C ALA A 81 16.20 -7.91 -2.86
N SER A 82 17.42 -7.81 -3.39
CA SER A 82 17.66 -6.99 -4.57
C SER A 82 16.71 -7.37 -5.70
N ILE A 83 16.55 -8.66 -5.93
CA ILE A 83 15.71 -9.21 -6.97
C ILE A 83 14.23 -8.87 -6.73
N PHE A 84 13.80 -9.13 -5.53
CA PHE A 84 12.43 -8.98 -5.11
C PHE A 84 12.05 -7.50 -5.05
N LEU A 85 13.01 -6.66 -4.68
CA LEU A 85 12.77 -5.22 -4.60
C LEU A 85 12.73 -4.60 -5.97
N LYS A 86 13.62 -5.05 -6.88
CA LYS A 86 13.69 -4.54 -8.27
C LYS A 86 12.37 -4.72 -8.97
N THR A 87 11.63 -5.72 -8.60
CA THR A 87 10.40 -5.97 -9.24
C THR A 87 9.22 -5.30 -8.48
N ARG A 88 9.48 -4.50 -7.43
CA ARG A 88 8.35 -3.91 -6.71
C ARG A 88 8.53 -2.49 -6.18
N VAL A 89 9.61 -2.22 -5.45
CA VAL A 89 9.79 -0.91 -4.84
C VAL A 89 10.96 -0.17 -5.49
N VAL A 90 10.66 0.34 -6.64
CA VAL A 90 11.58 0.98 -7.54
C VAL A 90 10.75 1.93 -8.38
N PRO A 91 11.35 2.75 -9.26
CA PRO A 91 10.59 3.61 -10.15
C PRO A 91 10.03 2.87 -11.39
N ASP A 92 10.82 2.78 -12.43
CA ASP A 92 10.35 2.15 -13.70
C ASP A 92 10.65 0.66 -13.74
N ASN A 93 11.42 0.24 -12.78
CA ASN A 93 12.06 -1.04 -12.78
C ASN A 93 11.13 -2.19 -12.39
N TRP A 94 9.94 -1.88 -11.81
CA TRP A 94 9.05 -2.96 -11.36
C TRP A 94 8.54 -3.83 -12.49
N LYS A 95 8.05 -5.01 -12.15
CA LYS A 95 7.56 -5.90 -13.15
C LYS A 95 6.42 -6.83 -12.65
N MET A 96 5.43 -6.90 -13.49
CA MET A 96 4.33 -7.85 -13.49
C MET A 96 3.55 -7.45 -14.69
N ASP A 97 2.64 -8.24 -15.13
CA ASP A 97 1.94 -7.89 -16.34
C ASP A 97 0.66 -7.17 -15.99
N ILE A 98 0.37 -6.11 -16.71
CA ILE A 98 -0.84 -5.35 -16.49
C ILE A 98 -2.03 -6.12 -17.08
N SER A 99 -1.74 -7.09 -17.95
CA SER A 99 -2.75 -7.92 -18.62
C SER A 99 -3.67 -8.62 -17.60
N GLU A 100 -3.08 -9.20 -16.56
CA GLU A 100 -3.86 -9.88 -15.52
C GLU A 100 -4.64 -8.87 -14.70
N ILE A 101 -4.08 -7.70 -14.60
CA ILE A 101 -4.64 -6.61 -13.82
C ILE A 101 -5.79 -5.90 -14.58
N LEU A 102 -5.82 -6.09 -15.88
CA LEU A 102 -6.78 -5.45 -16.79
C LEU A 102 -8.19 -5.75 -16.41
N GLU A 103 -8.35 -6.88 -15.76
CA GLU A 103 -9.63 -7.31 -15.27
C GLU A 103 -10.24 -6.25 -14.33
N SER A 104 -9.37 -5.58 -13.59
CA SER A 104 -9.75 -4.57 -12.66
C SER A 104 -9.31 -3.18 -13.14
N SER A 105 -8.90 -3.08 -14.41
CA SER A 105 -8.45 -1.82 -14.95
C SER A 105 -9.36 -1.38 -16.08
N SER A 106 -10.39 -2.12 -16.34
CA SER A 106 -11.24 -1.83 -17.43
C SER A 106 -12.68 -1.60 -16.99
N SER A 107 -13.09 -0.36 -16.99
CA SER A 107 -14.46 -0.04 -16.67
C SER A 107 -15.32 -0.11 -17.95
N LYS A 108 -14.62 -0.12 -19.09
CA LYS A 108 -15.11 -0.17 -20.48
C LYS A 108 -16.25 0.79 -20.88
N ASP A 109 -17.35 0.83 -20.13
CA ASP A 109 -18.40 1.81 -20.40
C ASP A 109 -17.85 3.15 -20.07
N LYS A 110 -17.15 3.19 -18.94
CA LYS A 110 -16.34 4.32 -18.62
C LYS A 110 -15.05 4.12 -19.38
N GLU A 111 -15.00 4.75 -20.50
CA GLU A 111 -13.98 4.55 -21.47
C GLU A 111 -12.73 5.38 -21.14
N LYS A 112 -12.85 6.68 -21.28
CA LYS A 112 -11.73 7.57 -21.09
C LYS A 112 -11.67 8.13 -19.69
N GLU A 113 -12.40 7.51 -18.80
CA GLU A 113 -12.31 7.82 -17.40
C GLU A 113 -11.12 7.06 -16.82
N LEU A 114 -10.64 6.11 -17.62
CA LEU A 114 -9.48 5.29 -17.32
C LEU A 114 -8.20 6.01 -17.76
N ASP A 115 -8.39 7.24 -18.21
CA ASP A 115 -7.32 8.13 -18.72
C ASP A 115 -6.06 8.23 -17.85
N PRO A 116 -6.18 8.53 -16.52
CA PRO A 116 -5.02 8.63 -15.63
C PRO A 116 -4.14 7.37 -15.64
N GLU A 117 -2.92 7.55 -16.11
CA GLU A 117 -1.89 6.49 -16.12
C GLU A 117 -1.60 6.04 -14.71
N GLU A 118 -1.90 6.91 -13.76
CA GLU A 118 -1.77 6.63 -12.36
C GLU A 118 -2.50 5.35 -12.02
N ARG A 119 -3.64 5.11 -12.67
CA ARG A 119 -4.42 3.87 -12.52
C ARG A 119 -3.54 2.64 -12.76
N ASP A 120 -2.76 2.69 -13.86
CA ASP A 120 -1.89 1.58 -14.27
C ASP A 120 -0.93 1.23 -13.17
N ASN A 121 -0.12 2.22 -12.79
CA ASN A 121 0.89 2.02 -11.78
C ASN A 121 0.30 1.79 -10.42
N PHE A 122 -0.86 2.39 -10.17
CA PHE A 122 -1.54 2.23 -8.88
C PHE A 122 -1.92 0.76 -8.68
N LEU A 123 -2.53 0.20 -9.70
CA LEU A 123 -2.94 -1.19 -9.68
C LEU A 123 -1.73 -2.09 -9.54
N GLN A 124 -0.77 -1.89 -10.41
CA GLN A 124 0.42 -2.70 -10.41
C GLN A 124 1.21 -2.56 -9.10
N GLN A 125 1.23 -1.36 -8.55
CA GLN A 125 1.89 -1.07 -7.29
C GLN A 125 1.28 -1.93 -6.20
N LEU A 126 -0.04 -1.87 -6.08
CA LEU A 126 -0.78 -2.64 -5.09
C LEU A 126 -0.64 -4.13 -5.27
N TYR A 127 -0.83 -4.61 -6.50
CA TYR A 127 -0.68 -6.03 -6.80
C TYR A 127 0.67 -6.57 -6.32
N LYS A 128 1.76 -5.89 -6.69
CA LYS A 128 3.10 -6.25 -6.23
C LYS A 128 3.24 -6.12 -4.70
N PHE A 129 2.93 -4.93 -4.18
CA PHE A 129 3.14 -4.58 -2.75
C PHE A 129 2.38 -5.52 -1.79
N MET A 130 1.22 -5.94 -2.19
CA MET A 130 0.46 -6.81 -1.32
C MET A 130 0.83 -8.27 -1.46
N GLU A 131 1.51 -8.62 -2.56
CA GLU A 131 1.94 -10.00 -2.80
C GLU A 131 2.81 -10.51 -1.65
N ASP A 132 3.65 -9.63 -1.14
CA ASP A 132 4.55 -9.99 -0.06
C ASP A 132 3.93 -9.90 1.33
N ARG A 133 2.68 -9.45 1.45
CA ARG A 133 2.10 -9.34 2.81
C ARG A 133 1.27 -10.55 3.19
N GLY A 134 1.21 -11.53 2.33
CA GLY A 134 0.46 -12.73 2.63
C GLY A 134 -0.76 -12.87 1.77
N THR A 135 -1.20 -11.79 1.17
CA THR A 135 -2.34 -11.82 0.31
C THR A 135 -2.11 -11.01 -0.96
N PRO A 136 -1.57 -11.65 -2.01
CA PRO A 136 -1.40 -11.02 -3.30
C PRO A 136 -2.73 -10.93 -3.98
N ILE A 137 -2.86 -10.09 -4.96
CA ILE A 137 -4.12 -10.01 -5.61
C ILE A 137 -4.21 -11.08 -6.66
N ASN A 138 -4.51 -12.23 -6.18
CA ASN A 138 -4.78 -13.40 -6.97
C ASN A 138 -6.25 -13.68 -6.81
N LYS A 139 -6.83 -12.93 -5.89
CA LYS A 139 -8.24 -12.89 -5.67
C LYS A 139 -8.59 -11.50 -6.14
N PRO A 140 -9.07 -11.33 -7.37
CA PRO A 140 -9.29 -10.02 -7.96
C PRO A 140 -10.40 -9.22 -7.25
N PRO A 141 -10.37 -7.87 -7.36
CA PRO A 141 -11.35 -7.03 -6.71
C PRO A 141 -12.68 -7.01 -7.43
N VAL A 142 -13.67 -7.60 -6.82
CA VAL A 142 -15.02 -7.59 -7.33
C VAL A 142 -15.86 -7.06 -6.23
N LEU A 143 -16.80 -6.23 -6.52
CA LEU A 143 -17.62 -5.70 -5.50
C LEU A 143 -18.94 -5.33 -6.11
N GLY A 144 -20.02 -5.70 -5.46
CA GLY A 144 -21.31 -5.40 -5.99
C GLY A 144 -21.59 -6.20 -7.23
N TYR A 145 -21.10 -7.46 -7.24
CA TYR A 145 -21.28 -8.46 -8.32
C TYR A 145 -20.49 -8.09 -9.59
N LYS A 146 -19.79 -6.99 -9.54
CA LYS A 146 -19.11 -6.46 -10.71
C LYS A 146 -17.69 -6.13 -10.33
N ASP A 147 -16.80 -6.02 -11.30
CA ASP A 147 -15.38 -5.81 -11.00
C ASP A 147 -15.16 -4.44 -10.39
N LEU A 148 -14.42 -4.42 -9.32
CA LEU A 148 -14.21 -3.21 -8.57
C LEU A 148 -12.94 -2.50 -9.04
N ASN A 149 -13.13 -1.33 -9.60
CA ASN A 149 -12.03 -0.51 -10.08
C ASN A 149 -11.47 0.28 -8.91
N LEU A 150 -10.50 -0.31 -8.28
CA LEU A 150 -9.94 0.18 -7.01
C LEU A 150 -9.26 1.56 -7.11
N PHE A 151 -8.59 1.80 -8.22
CA PHE A 151 -7.84 3.04 -8.45
C PHE A 151 -8.72 4.28 -8.33
N LYS A 152 -9.87 4.23 -8.97
CA LYS A 152 -10.79 5.33 -8.96
C LYS A 152 -11.38 5.53 -7.59
N LEU A 153 -11.64 4.43 -6.91
CA LEU A 153 -12.29 4.49 -5.62
C LEU A 153 -11.34 5.14 -4.59
N PHE A 154 -10.06 4.81 -4.69
CA PHE A 154 -9.04 5.46 -3.86
C PHE A 154 -8.96 6.93 -4.20
N ARG A 155 -8.97 7.22 -5.50
CA ARG A 155 -8.95 8.58 -6.04
C ARG A 155 -10.08 9.39 -5.42
N LEU A 156 -11.23 8.75 -5.29
CA LEU A 156 -12.40 9.36 -4.72
C LEU A 156 -12.20 9.68 -3.25
N VAL A 157 -11.77 8.70 -2.46
CA VAL A 157 -11.49 8.95 -1.03
C VAL A 157 -10.44 10.05 -0.88
N TYR A 158 -9.44 10.01 -1.72
CA TYR A 158 -8.39 10.99 -1.74
C TYR A 158 -8.96 12.37 -2.09
N HIS A 159 -9.98 12.39 -2.94
CA HIS A 159 -10.60 13.65 -3.37
C HIS A 159 -11.58 14.14 -2.29
N GLN A 160 -11.97 13.25 -1.40
CA GLN A 160 -12.92 13.59 -0.35
C GLN A 160 -12.23 14.20 0.86
N GLY A 161 -10.97 14.53 0.69
CA GLY A 161 -10.19 15.08 1.77
C GLY A 161 -9.17 14.09 2.24
N GLY A 162 -9.22 12.91 1.69
CA GLY A 162 -8.26 11.92 2.02
C GLY A 162 -8.81 10.86 2.91
N CYS A 163 -8.02 9.84 3.05
CA CYS A 163 -8.33 8.64 3.78
C CYS A 163 -8.55 8.96 5.25
N ASP A 164 -7.76 9.88 5.75
CA ASP A 164 -7.78 10.23 7.15
C ASP A 164 -8.96 11.16 7.46
N ASN A 165 -9.49 11.80 6.43
CA ASN A 165 -10.55 12.80 6.61
C ASN A 165 -11.92 12.17 6.72
N ILE A 166 -12.08 11.00 6.16
CA ILE A 166 -13.39 10.39 6.13
C ILE A 166 -13.74 9.70 7.42
N ASP A 167 -14.75 10.20 8.06
CA ASP A 167 -15.30 9.60 9.26
C ASP A 167 -16.69 9.10 9.01
N SER A 168 -17.38 9.75 8.08
CA SER A 168 -18.75 9.47 7.80
C SER A 168 -18.89 8.35 6.76
N GLY A 169 -19.80 7.43 7.01
CA GLY A 169 -20.07 6.34 6.07
C GLY A 169 -20.73 6.86 4.82
N ALA A 170 -21.32 8.03 4.94
CA ALA A 170 -21.95 8.75 3.84
C ALA A 170 -20.96 8.96 2.69
N VAL A 171 -19.71 9.19 3.03
CA VAL A 171 -18.71 9.44 2.04
C VAL A 171 -18.31 8.13 1.34
N TRP A 172 -18.15 7.07 2.13
CA TRP A 172 -17.96 5.71 1.61
C TRP A 172 -19.13 5.32 0.67
N LYS A 173 -20.32 5.68 1.07
CA LYS A 173 -21.51 5.50 0.26
C LYS A 173 -21.33 6.23 -1.08
N GLN A 174 -20.89 7.47 -1.02
CA GLN A 174 -20.69 8.29 -2.21
C GLN A 174 -19.57 7.71 -3.08
N ILE A 175 -18.43 7.34 -2.50
CA ILE A 175 -17.31 6.79 -3.30
C ILE A 175 -17.76 5.52 -4.05
N TYR A 176 -18.55 4.68 -3.38
CA TYR A 176 -19.08 3.47 -3.98
C TYR A 176 -20.02 3.84 -5.13
N MET A 177 -20.81 4.87 -4.89
CA MET A 177 -21.75 5.35 -5.88
C MET A 177 -21.12 6.08 -7.03
N ASP A 178 -19.96 6.66 -6.84
CA ASP A 178 -19.31 7.40 -7.92
C ASP A 178 -18.79 6.42 -8.98
N LEU A 179 -18.55 5.16 -8.58
CA LEU A 179 -18.24 4.13 -9.56
C LEU A 179 -19.50 3.71 -10.32
N GLY A 180 -20.67 4.02 -9.76
CA GLY A 180 -21.89 3.68 -10.41
C GLY A 180 -22.34 2.32 -10.02
N ILE A 181 -22.07 1.96 -8.80
CA ILE A 181 -22.45 0.68 -8.31
C ILE A 181 -23.68 0.90 -7.44
N PRO A 182 -24.74 0.08 -7.60
CA PRO A 182 -25.94 0.19 -6.78
C PRO A 182 -25.60 0.04 -5.30
N ILE A 183 -25.99 1.04 -4.53
CA ILE A 183 -25.68 1.06 -3.11
C ILE A 183 -26.54 0.07 -2.32
N LEU A 184 -27.67 -0.33 -2.91
CA LEU A 184 -28.58 -1.39 -2.36
C LEU A 184 -29.03 -1.13 -0.91
N ASN A 185 -28.18 -1.50 0.02
CA ASN A 185 -28.41 -1.39 1.45
C ASN A 185 -27.04 -1.27 2.11
N SER A 186 -27.01 -1.16 3.44
CA SER A 186 -25.76 -0.98 4.19
C SER A 186 -24.69 -2.05 3.95
N ALA A 187 -25.08 -3.22 3.42
CA ALA A 187 -24.11 -4.26 3.10
C ALA A 187 -23.16 -3.76 2.02
N ALA A 188 -23.61 -2.83 1.20
CA ALA A 188 -22.78 -2.28 0.16
C ALA A 188 -21.83 -1.25 0.74
N SER A 189 -22.25 -0.59 1.81
CA SER A 189 -21.40 0.31 2.54
C SER A 189 -20.32 -0.54 3.21
N TYR A 190 -20.72 -1.71 3.69
CA TYR A 190 -19.81 -2.69 4.20
C TYR A 190 -18.87 -3.17 3.08
N ASN A 191 -19.44 -3.44 1.91
CA ASN A 191 -18.69 -3.86 0.73
C ASN A 191 -17.60 -2.87 0.40
N VAL A 192 -17.97 -1.60 0.25
CA VAL A 192 -17.00 -0.56 -0.08
C VAL A 192 -15.94 -0.44 1.02
N LYS A 193 -16.38 -0.57 2.27
CA LYS A 193 -15.47 -0.57 3.40
C LYS A 193 -14.46 -1.69 3.23
N THR A 194 -14.96 -2.89 3.04
CA THR A 194 -14.16 -4.08 2.89
C THR A 194 -13.18 -3.95 1.71
N ALA A 195 -13.67 -3.46 0.59
CA ALA A 195 -12.86 -3.30 -0.61
C ALA A 195 -11.71 -2.35 -0.36
N TYR A 196 -12.00 -1.17 0.16
CA TYR A 196 -10.95 -0.21 0.46
C TYR A 196 -10.02 -0.77 1.54
N ARG A 197 -10.58 -1.55 2.44
CA ARG A 197 -9.85 -2.12 3.57
C ARG A 197 -8.97 -3.29 3.21
N LYS A 198 -9.22 -3.95 2.10
CA LYS A 198 -8.28 -4.97 1.69
C LYS A 198 -7.46 -4.59 0.49
N TYR A 199 -8.12 -4.04 -0.49
CA TYR A 199 -7.49 -3.76 -1.77
C TYR A 199 -6.71 -2.47 -1.77
N LEU A 200 -7.21 -1.49 -1.06
CA LEU A 200 -6.56 -0.18 -1.06
C LEU A 200 -5.93 0.08 0.28
N TYR A 201 -5.86 -0.95 1.10
CA TYR A 201 -5.38 -0.80 2.46
C TYR A 201 -3.90 -0.47 2.46
N GLY A 202 -3.17 -1.06 1.51
CA GLY A 202 -1.75 -0.81 1.39
C GLY A 202 -1.47 0.64 1.07
N PHE A 203 -2.29 1.21 0.19
CA PHE A 203 -2.11 2.60 -0.17
C PHE A 203 -2.58 3.53 0.89
N GLU A 204 -3.60 3.16 1.65
CA GLU A 204 -4.02 4.02 2.73
C GLU A 204 -2.93 4.09 3.77
N GLU A 205 -2.42 2.91 4.14
CA GLU A 205 -1.30 2.77 5.08
C GLU A 205 -0.17 3.69 4.63
N TYR A 206 0.30 3.46 3.41
CA TYR A 206 1.38 4.23 2.84
C TYR A 206 1.06 5.74 2.80
N CYS A 207 -0.07 6.10 2.27
CA CYS A 207 -0.40 7.49 2.06
C CYS A 207 -0.63 8.26 3.37
N ARG A 208 -1.35 7.68 4.32
CA ARG A 208 -1.64 8.41 5.55
C ARG A 208 -0.42 8.40 6.48
N SER A 209 0.31 7.30 6.50
CA SER A 209 1.44 7.16 7.39
C SER A 209 2.71 7.82 6.84
N ALA A 210 2.93 7.79 5.52
CA ALA A 210 4.16 8.38 4.97
C ALA A 210 3.92 9.86 4.69
N ASN A 211 2.69 10.25 4.96
CA ASN A 211 2.18 11.61 4.86
C ASN A 211 2.12 12.09 3.43
N ILE A 212 1.35 11.40 2.64
CA ILE A 212 1.08 11.79 1.26
C ILE A 212 -0.32 12.47 1.25
N GLN A 213 -0.89 12.59 2.44
CA GLN A 213 -2.14 13.28 2.59
C GLN A 213 -1.86 14.77 2.50
N PHE A 214 -2.30 15.37 1.43
CA PHE A 214 -2.13 16.80 1.19
C PHE A 214 -3.37 17.34 0.52
N ARG A 215 -4.38 16.52 0.40
CA ARG A 215 -5.58 16.90 -0.28
C ARG A 215 -6.58 17.22 0.78
N THR A 216 -6.56 18.44 1.21
CA THR A 216 -7.34 18.89 2.33
C THR A 216 -8.86 18.82 2.02
N VAL A 217 -9.31 19.56 1.01
CA VAL A 217 -10.70 19.55 0.49
C VAL A 217 -11.77 19.84 1.59
N HIS A 218 -12.16 18.83 2.35
CA HIS A 218 -13.22 18.98 3.35
C HIS A 218 -12.62 19.09 4.73
N HIS A 219 -11.33 18.97 4.78
CA HIS A 219 -10.59 19.03 6.01
C HIS A 219 -10.24 20.50 6.26
N HIS A 220 -10.05 20.89 7.49
CA HIS A 220 -9.65 22.27 7.77
C HIS A 220 -8.74 22.29 8.99
N GLU A 221 -9.28 21.93 10.13
CA GLU A 221 -8.52 21.85 11.36
C GLU A 221 -8.96 20.61 12.14
N LEU A 222 -8.27 20.28 13.20
CA LEU A 222 -8.58 19.10 13.97
C LEU A 222 -8.83 19.44 15.41
N GLU A 223 -9.69 18.68 16.06
CA GLU A 223 -9.94 18.83 17.45
C GLU A 223 -8.74 18.29 18.22
N HIS A 224 -7.83 19.19 18.59
CA HIS A 224 -6.59 18.86 19.27
C HIS A 224 -5.72 17.92 18.47
N HIS A 225 -4.93 18.49 17.59
CA HIS A 225 -3.96 17.73 16.81
C HIS A 225 -2.98 17.19 17.86
N HIS A 226 -2.83 15.86 17.92
CA HIS A 226 -2.17 15.18 19.07
C HIS A 226 -0.75 15.67 19.36
N HIS A 227 0.22 15.16 18.65
CA HIS A 227 1.59 15.58 18.86
C HIS A 227 1.95 16.52 17.71
N HIS A 228 2.40 15.96 16.63
CA HIS A 228 2.51 16.65 15.36
C HIS A 228 1.65 15.87 14.39
N HIS A 229 1.12 14.82 14.95
CA HIS A 229 0.15 13.94 14.44
C HIS A 229 -0.64 13.64 15.67
N ASN A 1 19.34 7.14 5.22
CA ASN A 1 18.48 6.34 4.35
C ASN A 1 17.01 6.65 4.65
N ASP A 2 16.73 6.87 5.93
CA ASP A 2 15.40 7.19 6.44
C ASP A 2 14.49 6.01 6.34
N GLU A 3 14.55 5.20 7.34
CA GLU A 3 13.80 3.97 7.40
C GLU A 3 12.33 4.27 7.69
N LEU A 4 12.13 5.33 8.44
CA LEU A 4 10.84 5.69 9.00
C LEU A 4 9.83 6.18 7.95
N LEU A 5 10.26 6.22 6.69
CA LEU A 5 9.37 6.64 5.63
C LEU A 5 8.64 5.46 5.01
N GLY A 6 9.10 4.25 5.31
CA GLY A 6 8.44 3.08 4.78
C GLY A 6 9.22 2.36 3.68
N LYS A 7 10.54 2.32 3.80
CA LYS A 7 11.36 1.62 2.80
C LYS A 7 12.02 0.37 3.41
N VAL A 8 12.88 -0.29 2.65
CA VAL A 8 13.54 -1.51 3.11
C VAL A 8 14.79 -1.13 3.92
N VAL A 9 15.09 -1.94 4.93
CA VAL A 9 16.26 -1.79 5.78
C VAL A 9 16.74 -3.16 6.26
N SER A 10 17.88 -3.17 6.94
CA SER A 10 18.44 -4.36 7.52
C SER A 10 17.82 -4.63 8.88
N VAL A 11 17.24 -5.80 9.04
CA VAL A 11 16.80 -6.23 10.34
C VAL A 11 17.74 -7.35 10.78
N VAL A 12 18.46 -7.09 11.80
CA VAL A 12 19.52 -7.92 12.29
C VAL A 12 19.02 -9.18 13.01
N SER A 13 19.70 -10.30 12.79
CA SER A 13 19.35 -11.55 13.40
C SER A 13 19.89 -11.61 14.83
N ALA A 14 19.03 -11.23 15.77
CA ALA A 14 19.24 -11.29 17.22
C ALA A 14 20.30 -10.33 17.77
N THR A 15 21.45 -10.32 17.16
CA THR A 15 22.56 -9.55 17.67
C THR A 15 23.68 -9.45 16.62
N GLU A 16 23.80 -10.46 15.78
CA GLU A 16 24.81 -10.50 14.79
C GLU A 16 24.38 -9.70 13.58
N ARG A 17 25.10 -8.64 13.31
CA ARG A 17 24.71 -7.70 12.27
C ARG A 17 25.08 -8.12 10.90
N THR A 18 25.99 -9.05 10.80
CA THR A 18 26.45 -9.53 9.52
C THR A 18 25.36 -10.41 8.89
N GLU A 19 24.64 -11.08 9.74
CA GLU A 19 23.55 -11.91 9.33
C GLU A 19 22.25 -11.18 9.63
N TRP A 20 21.59 -10.77 8.61
CA TRP A 20 20.39 -10.01 8.75
C TRP A 20 19.37 -10.34 7.69
N TYR A 21 18.14 -10.19 8.05
CA TYR A 21 17.04 -10.41 7.17
C TYR A 21 16.40 -9.05 6.87
N PRO A 22 16.44 -8.61 5.60
CA PRO A 22 15.91 -7.30 5.23
C PRO A 22 14.40 -7.24 5.33
N ALA A 23 13.89 -6.08 5.61
CA ALA A 23 12.47 -5.89 5.77
C ALA A 23 12.06 -4.51 5.35
N LEU A 24 10.79 -4.35 5.13
CA LEU A 24 10.18 -3.12 4.71
C LEU A 24 9.50 -2.52 5.90
N VAL A 25 9.84 -1.30 6.21
CA VAL A 25 9.21 -0.61 7.30
C VAL A 25 7.78 -0.28 6.89
N ILE A 26 6.83 -0.75 7.64
CA ILE A 26 5.46 -0.49 7.36
C ILE A 26 4.78 0.12 8.55
N SER A 27 3.60 0.61 8.35
CA SER A 27 2.89 1.26 9.40
C SER A 27 2.11 0.22 10.20
N PRO A 28 2.09 0.37 11.56
CA PRO A 28 1.35 -0.55 12.46
C PRO A 28 -0.15 -0.40 12.26
N SER A 29 -0.50 0.56 11.48
CA SER A 29 -1.85 0.86 11.14
C SER A 29 -2.42 -0.29 10.27
N CYS A 30 -1.52 -1.09 9.71
CA CYS A 30 -1.88 -2.20 8.88
C CYS A 30 -2.09 -3.48 9.72
N ASN A 31 -1.84 -3.39 11.03
CA ASN A 31 -1.96 -4.51 11.94
C ASN A 31 -2.63 -4.13 13.28
N ASP A 32 -3.76 -4.77 13.58
CA ASP A 32 -4.45 -4.53 14.88
C ASP A 32 -3.80 -5.36 15.95
N ASP A 33 -3.18 -6.44 15.52
CA ASP A 33 -2.61 -7.42 16.42
C ASP A 33 -1.31 -6.94 17.00
N ILE A 34 -0.35 -6.68 16.15
CA ILE A 34 0.91 -6.15 16.59
C ILE A 34 0.73 -4.63 16.76
N THR A 35 1.48 -4.01 17.62
CA THR A 35 1.39 -2.61 17.80
C THR A 35 2.82 -2.06 17.85
N VAL A 36 3.03 -0.90 17.24
CA VAL A 36 4.34 -0.31 17.20
C VAL A 36 4.67 0.23 18.58
N LYS A 37 5.91 0.29 18.90
CA LYS A 37 6.33 0.88 20.13
C LYS A 37 7.06 2.14 19.78
N LYS A 38 7.52 2.87 20.75
CA LYS A 38 8.21 4.12 20.49
C LYS A 38 9.60 3.90 19.87
N ASP A 39 10.21 2.79 20.16
CA ASP A 39 11.49 2.47 19.54
C ASP A 39 11.33 1.28 18.61
N GLN A 40 10.53 0.30 19.02
CA GLN A 40 10.30 -0.86 18.17
C GLN A 40 9.34 -0.51 17.07
N CYS A 41 9.75 -0.78 15.87
CA CYS A 41 9.04 -0.37 14.70
C CYS A 41 8.45 -1.58 14.00
N LEU A 42 7.53 -1.34 13.07
CA LEU A 42 6.86 -2.39 12.34
C LEU A 42 7.54 -2.64 11.03
N VAL A 43 7.87 -3.87 10.80
CA VAL A 43 8.53 -4.28 9.59
C VAL A 43 7.90 -5.50 9.01
N ARG A 44 7.88 -5.53 7.72
CA ARG A 44 7.39 -6.64 6.97
C ARG A 44 8.55 -7.18 6.18
N SER A 45 8.93 -8.37 6.45
CA SER A 45 10.00 -8.96 5.76
C SER A 45 9.47 -9.85 4.67
N PHE A 46 10.12 -9.80 3.54
CA PHE A 46 9.78 -10.61 2.41
C PHE A 46 10.30 -12.04 2.66
N ILE A 47 11.30 -12.15 3.53
CA ILE A 47 11.95 -13.41 3.82
C ILE A 47 11.52 -13.99 5.18
N ASP A 48 11.38 -13.13 6.17
CA ASP A 48 11.07 -13.59 7.50
C ASP A 48 9.57 -13.62 7.79
N SER A 49 9.04 -12.56 8.37
CA SER A 49 7.65 -12.53 8.76
C SER A 49 6.92 -11.33 8.13
N LYS A 50 5.62 -11.46 7.96
CA LYS A 50 4.81 -10.41 7.37
C LYS A 50 4.51 -9.27 8.34
N PHE A 51 4.44 -9.59 9.62
CA PHE A 51 4.22 -8.58 10.65
C PHE A 51 5.02 -8.95 11.88
N TYR A 52 5.91 -8.07 12.26
CA TYR A 52 6.70 -8.21 13.47
C TYR A 52 7.22 -6.84 13.88
N SER A 53 7.42 -6.67 15.15
CA SER A 53 7.82 -5.42 15.70
C SER A 53 9.23 -5.56 16.27
N ILE A 54 10.13 -4.73 15.81
CA ILE A 54 11.54 -4.89 16.12
C ILE A 54 12.17 -3.56 16.48
N ALA A 55 13.10 -3.61 17.41
CA ALA A 55 13.75 -2.42 17.95
C ALA A 55 14.74 -1.80 16.98
N ARG A 56 14.96 -0.51 17.16
CA ARG A 56 15.89 0.32 16.37
C ARG A 56 17.33 -0.25 16.43
N LYS A 57 17.65 -0.97 17.49
CA LYS A 57 18.96 -1.60 17.67
C LYS A 57 19.12 -2.83 16.78
N ASP A 58 18.02 -3.34 16.30
CA ASP A 58 18.02 -4.55 15.49
C ASP A 58 17.71 -4.20 14.06
N ILE A 59 17.73 -2.94 13.78
CA ILE A 59 17.47 -2.44 12.48
C ILE A 59 18.62 -1.54 12.13
N LYS A 60 19.03 -1.56 10.91
CA LYS A 60 20.03 -0.65 10.47
C LYS A 60 19.75 -0.21 9.05
N GLU A 61 19.88 1.07 8.85
CA GLU A 61 19.58 1.72 7.59
C GLU A 61 20.42 1.21 6.47
N VAL A 62 19.77 0.60 5.53
CA VAL A 62 20.40 0.12 4.35
C VAL A 62 19.32 -0.01 3.31
N ASP A 63 19.60 0.28 2.11
CA ASP A 63 18.70 -0.10 1.08
C ASP A 63 19.43 -1.17 0.32
N ILE A 64 18.73 -2.17 -0.04
CA ILE A 64 19.38 -3.33 -0.64
C ILE A 64 19.76 -3.09 -2.09
N LEU A 65 19.03 -2.23 -2.74
CA LEU A 65 19.15 -2.08 -4.15
C LEU A 65 20.41 -1.31 -4.56
N ASN A 66 20.90 -0.46 -3.68
CA ASN A 66 22.14 0.27 -3.92
C ASN A 66 23.40 -0.50 -3.48
N LEU A 67 23.23 -1.62 -2.81
CA LEU A 67 24.35 -2.44 -2.40
C LEU A 67 24.99 -3.09 -3.63
N PRO A 68 26.31 -3.26 -3.62
CA PRO A 68 27.03 -3.90 -4.73
C PRO A 68 26.60 -5.35 -4.91
N GLU A 69 26.65 -5.80 -6.15
CA GLU A 69 26.24 -7.15 -6.52
C GLU A 69 26.92 -8.27 -5.72
N SER A 70 28.18 -8.06 -5.37
CA SER A 70 28.93 -9.02 -4.60
C SER A 70 28.36 -9.18 -3.19
N GLU A 71 27.87 -8.09 -2.60
CA GLU A 71 27.30 -8.12 -1.25
C GLU A 71 26.02 -8.94 -1.27
N LEU A 72 25.22 -8.64 -2.26
CA LEU A 72 23.94 -9.26 -2.47
C LEU A 72 24.09 -10.74 -2.74
N SER A 73 24.88 -11.05 -3.72
CA SER A 73 25.09 -12.41 -4.17
C SER A 73 25.78 -13.31 -3.11
N THR A 74 26.52 -12.72 -2.17
CA THR A 74 27.18 -13.54 -1.17
C THR A 74 26.22 -14.00 -0.08
N LYS A 75 25.15 -13.25 0.12
CA LYS A 75 24.15 -13.61 1.11
C LYS A 75 22.81 -13.76 0.38
N PRO A 76 22.39 -15.02 0.09
CA PRO A 76 21.15 -15.34 -0.68
C PRO A 76 19.92 -14.48 -0.32
N GLY A 77 19.74 -14.19 0.96
CA GLY A 77 18.60 -13.38 1.38
C GLY A 77 18.67 -11.96 0.84
N LEU A 78 19.88 -11.47 0.64
CA LEU A 78 20.09 -10.11 0.16
C LEU A 78 19.92 -10.08 -1.35
N GLN A 79 20.29 -11.19 -1.99
CA GLN A 79 20.06 -11.33 -3.42
C GLN A 79 18.57 -11.35 -3.69
N LYS A 80 17.85 -12.21 -2.95
CA LYS A 80 16.39 -12.28 -3.05
C LYS A 80 15.78 -10.92 -2.88
N ALA A 81 16.28 -10.19 -1.88
CA ALA A 81 15.85 -8.83 -1.61
C ALA A 81 15.99 -7.98 -2.86
N SER A 82 17.20 -7.94 -3.42
CA SER A 82 17.49 -7.19 -4.64
C SER A 82 16.44 -7.50 -5.74
N ILE A 83 16.25 -8.79 -5.99
CA ILE A 83 15.35 -9.30 -7.02
C ILE A 83 13.88 -8.93 -6.71
N PHE A 84 13.53 -9.04 -5.47
CA PHE A 84 12.19 -8.80 -4.99
C PHE A 84 11.87 -7.31 -5.00
N LEU A 85 12.83 -6.52 -4.59
CA LEU A 85 12.66 -5.10 -4.37
C LEU A 85 12.61 -4.24 -5.61
N LYS A 86 13.59 -4.37 -6.51
CA LYS A 86 13.71 -3.40 -7.64
C LYS A 86 12.44 -3.35 -8.48
N THR A 87 11.76 -4.46 -8.57
CA THR A 87 10.56 -4.56 -9.35
C THR A 87 9.32 -3.99 -8.61
N ARG A 88 9.41 -3.74 -7.31
CA ARG A 88 8.23 -3.30 -6.59
C ARG A 88 8.41 -2.02 -5.77
N VAL A 89 9.60 -1.78 -5.25
CA VAL A 89 9.81 -0.60 -4.42
C VAL A 89 10.45 0.51 -5.28
N VAL A 90 10.71 0.18 -6.52
CA VAL A 90 11.24 1.12 -7.47
C VAL A 90 10.21 1.34 -8.57
N PRO A 91 9.73 2.58 -8.73
CA PRO A 91 8.71 2.92 -9.73
C PRO A 91 9.26 3.03 -11.15
N ASP A 92 10.56 2.88 -11.28
CA ASP A 92 11.22 2.85 -12.61
C ASP A 92 11.32 1.42 -13.16
N ASN A 93 11.33 0.45 -12.29
CA ASN A 93 11.56 -0.96 -12.67
C ASN A 93 10.36 -1.82 -12.35
N TRP A 94 9.18 -1.30 -12.52
CA TRP A 94 7.97 -2.01 -12.18
C TRP A 94 7.71 -3.22 -13.12
N LYS A 95 7.77 -4.44 -12.57
CA LYS A 95 7.42 -5.60 -13.36
C LYS A 95 6.26 -6.38 -12.80
N MET A 96 5.17 -6.25 -13.50
CA MET A 96 3.94 -6.99 -13.34
C MET A 96 3.08 -6.55 -14.46
N ASP A 97 2.52 -7.47 -15.16
CA ASP A 97 1.68 -7.16 -16.29
C ASP A 97 0.42 -6.46 -15.84
N ILE A 98 0.26 -5.24 -16.31
CA ILE A 98 -0.92 -4.42 -16.00
C ILE A 98 -2.18 -5.14 -16.56
N SER A 99 -1.95 -5.94 -17.58
CA SER A 99 -2.94 -6.76 -18.21
C SER A 99 -3.53 -7.76 -17.20
N GLU A 100 -2.64 -8.49 -16.50
CA GLU A 100 -3.00 -9.53 -15.51
C GLU A 100 -3.83 -8.94 -14.38
N ILE A 101 -3.44 -7.77 -13.97
CA ILE A 101 -4.05 -7.05 -12.88
C ILE A 101 -5.57 -6.85 -13.07
N LEU A 102 -5.97 -6.50 -14.26
CA LEU A 102 -7.38 -6.28 -14.54
C LEU A 102 -7.95 -7.40 -15.40
N GLU A 103 -7.48 -7.49 -16.63
CA GLU A 103 -7.93 -8.47 -17.61
C GLU A 103 -7.26 -8.13 -18.93
N SER A 104 -7.59 -6.95 -19.42
CA SER A 104 -7.03 -6.41 -20.64
C SER A 104 -6.71 -4.94 -20.35
N SER A 105 -6.35 -4.70 -19.09
CA SER A 105 -6.05 -3.40 -18.50
C SER A 105 -7.10 -2.29 -18.75
N SER A 106 -6.91 -1.51 -19.79
CA SER A 106 -7.74 -0.32 -20.05
C SER A 106 -9.11 -0.64 -20.68
N SER A 107 -9.61 -1.81 -20.42
CA SER A 107 -10.92 -2.20 -20.90
C SER A 107 -11.98 -1.67 -19.97
N LYS A 108 -11.55 -1.07 -18.90
CA LYS A 108 -12.45 -0.53 -17.92
C LYS A 108 -12.74 0.87 -18.36
N ASP A 109 -13.89 1.07 -18.92
CA ASP A 109 -14.15 2.31 -19.57
C ASP A 109 -15.43 2.94 -19.12
N LYS A 110 -15.25 4.11 -18.64
CA LYS A 110 -16.32 5.06 -18.37
C LYS A 110 -16.38 5.89 -19.62
N GLU A 111 -15.26 6.53 -19.82
CA GLU A 111 -14.82 7.23 -21.01
C GLU A 111 -13.32 7.09 -20.90
N LYS A 112 -12.96 6.05 -20.13
CA LYS A 112 -11.66 5.89 -19.50
C LYS A 112 -11.38 7.11 -18.66
N GLU A 113 -10.67 8.06 -19.26
CA GLU A 113 -10.31 9.39 -18.76
C GLU A 113 -9.31 9.93 -19.73
N LEU A 114 -8.79 11.11 -19.48
CA LEU A 114 -7.82 11.69 -20.32
C LEU A 114 -6.50 10.94 -20.18
N ASP A 115 -5.88 11.05 -19.02
CA ASP A 115 -4.63 10.34 -18.76
C ASP A 115 -4.64 9.89 -17.33
N PRO A 116 -4.83 8.61 -17.11
CA PRO A 116 -4.87 8.06 -15.78
C PRO A 116 -3.61 7.23 -15.44
N GLU A 117 -2.40 7.75 -15.75
CA GLU A 117 -1.16 6.98 -15.46
C GLU A 117 -1.02 6.67 -13.96
N GLU A 118 -1.68 7.48 -13.11
CA GLU A 118 -1.63 7.30 -11.69
C GLU A 118 -2.27 5.99 -11.27
N ARG A 119 -3.13 5.43 -12.11
CA ARG A 119 -3.77 4.19 -11.75
C ARG A 119 -2.89 3.00 -12.05
N ASP A 120 -1.99 3.17 -12.99
CA ASP A 120 -1.05 2.12 -13.37
C ASP A 120 -0.07 1.91 -12.26
N ASN A 121 0.52 3.00 -11.82
CA ASN A 121 1.49 2.95 -10.74
C ASN A 121 0.82 2.54 -9.44
N PHE A 122 -0.45 2.92 -9.28
CA PHE A 122 -1.22 2.54 -8.13
C PHE A 122 -1.37 1.04 -8.08
N LEU A 123 -1.85 0.47 -9.17
CA LEU A 123 -2.07 -0.96 -9.29
C LEU A 123 -0.78 -1.75 -9.07
N GLN A 124 0.30 -1.25 -9.64
CA GLN A 124 1.60 -1.84 -9.45
C GLN A 124 1.97 -1.93 -7.98
N GLN A 125 1.94 -0.79 -7.32
CA GLN A 125 2.27 -0.71 -5.90
C GLN A 125 1.31 -1.56 -5.07
N LEU A 126 0.04 -1.45 -5.38
CA LEU A 126 -1.01 -2.15 -4.67
C LEU A 126 -0.79 -3.67 -4.75
N TYR A 127 -0.69 -4.19 -5.96
CA TYR A 127 -0.52 -5.61 -6.20
C TYR A 127 0.77 -6.18 -5.61
N LYS A 128 1.88 -5.52 -5.87
CA LYS A 128 3.17 -6.02 -5.41
C LYS A 128 3.35 -5.92 -3.90
N PHE A 129 2.77 -4.91 -3.30
CA PHE A 129 2.82 -4.77 -1.85
C PHE A 129 1.79 -5.65 -1.14
N MET A 130 0.70 -5.97 -1.84
CA MET A 130 -0.34 -6.84 -1.29
C MET A 130 0.23 -8.24 -1.15
N GLU A 131 0.93 -8.62 -2.20
CA GLU A 131 1.57 -9.91 -2.36
C GLU A 131 2.51 -10.27 -1.19
N ASP A 132 3.26 -9.31 -0.72
CA ASP A 132 4.31 -9.55 0.27
C ASP A 132 3.79 -9.54 1.75
N ARG A 133 2.53 -9.23 1.96
CA ARG A 133 2.05 -9.17 3.35
C ARG A 133 1.17 -10.35 3.72
N GLY A 134 1.18 -11.38 2.91
CA GLY A 134 0.40 -12.56 3.21
C GLY A 134 -1.02 -12.43 2.75
N THR A 135 -1.37 -11.32 2.14
CA THR A 135 -2.72 -11.13 1.67
C THR A 135 -2.76 -10.84 0.15
N PRO A 136 -2.01 -11.61 -0.73
CA PRO A 136 -1.91 -11.27 -2.17
C PRO A 136 -3.26 -11.35 -2.86
N ILE A 137 -3.33 -10.78 -4.03
CA ILE A 137 -4.53 -10.78 -4.80
C ILE A 137 -4.79 -12.17 -5.38
N ASN A 138 -5.46 -12.98 -4.61
CA ASN A 138 -5.91 -14.30 -5.04
C ASN A 138 -7.39 -14.20 -5.30
N LYS A 139 -7.84 -12.99 -5.28
CA LYS A 139 -9.19 -12.62 -5.46
C LYS A 139 -9.23 -11.22 -6.06
N PRO A 140 -9.60 -11.11 -7.35
CA PRO A 140 -9.65 -9.82 -8.04
C PRO A 140 -10.76 -8.92 -7.47
N PRO A 141 -10.58 -7.60 -7.48
CA PRO A 141 -11.57 -6.69 -6.95
C PRO A 141 -12.83 -6.57 -7.83
N VAL A 142 -13.88 -7.17 -7.36
CA VAL A 142 -15.18 -7.12 -8.00
C VAL A 142 -16.13 -6.77 -6.90
N LEU A 143 -17.07 -5.93 -7.15
CA LEU A 143 -18.01 -5.61 -6.14
C LEU A 143 -19.25 -5.08 -6.82
N GLY A 144 -20.39 -5.56 -6.41
CA GLY A 144 -21.62 -5.10 -7.01
C GLY A 144 -21.73 -5.62 -8.41
N TYR A 145 -21.37 -6.90 -8.57
CA TYR A 145 -21.35 -7.65 -9.84
C TYR A 145 -20.50 -7.01 -10.95
N LYS A 146 -19.67 -6.07 -10.62
CA LYS A 146 -18.85 -5.41 -11.60
C LYS A 146 -17.49 -5.07 -11.01
N ASP A 147 -16.55 -4.72 -11.88
CA ASP A 147 -15.16 -4.48 -11.46
C ASP A 147 -15.07 -3.37 -10.46
N LEU A 148 -14.48 -3.67 -9.35
CA LEU A 148 -14.27 -2.69 -8.34
C LEU A 148 -12.97 -2.01 -8.69
N ASN A 149 -13.08 -0.94 -9.45
CA ASN A 149 -11.94 -0.16 -9.88
C ASN A 149 -11.38 0.63 -8.72
N LEU A 150 -10.64 -0.08 -7.94
CA LEU A 150 -10.06 0.36 -6.69
C LEU A 150 -9.23 1.62 -6.81
N PHE A 151 -8.52 1.73 -7.91
CA PHE A 151 -7.68 2.90 -8.16
C PHE A 151 -8.50 4.20 -8.21
N LYS A 152 -9.61 4.19 -8.93
CA LYS A 152 -10.45 5.37 -9.00
C LYS A 152 -11.20 5.57 -7.72
N LEU A 153 -11.50 4.49 -7.05
CA LEU A 153 -12.22 4.54 -5.80
C LEU A 153 -11.34 5.13 -4.72
N PHE A 154 -10.07 4.77 -4.71
CA PHE A 154 -9.14 5.36 -3.77
C PHE A 154 -8.93 6.82 -4.13
N ARG A 155 -8.86 7.10 -5.42
CA ARG A 155 -8.71 8.47 -5.90
C ARG A 155 -9.95 9.31 -5.49
N LEU A 156 -11.11 8.68 -5.51
CA LEU A 156 -12.34 9.29 -5.04
C LEU A 156 -12.25 9.56 -3.57
N VAL A 157 -11.83 8.55 -2.81
CA VAL A 157 -11.57 8.72 -1.36
C VAL A 157 -10.55 9.86 -1.11
N TYR A 158 -9.51 9.90 -1.92
CA TYR A 158 -8.48 10.91 -1.84
C TYR A 158 -9.10 12.30 -2.11
N HIS A 159 -10.08 12.33 -3.01
CA HIS A 159 -10.80 13.57 -3.31
C HIS A 159 -11.75 13.94 -2.19
N GLN A 160 -12.11 12.96 -1.38
CA GLN A 160 -13.02 13.15 -0.26
C GLN A 160 -12.26 13.57 0.99
N GLY A 161 -11.00 13.87 0.80
CA GLY A 161 -10.19 14.32 1.89
C GLY A 161 -9.22 13.26 2.34
N GLY A 162 -9.35 12.09 1.78
CA GLY A 162 -8.47 11.02 2.11
C GLY A 162 -9.08 10.12 3.16
N CYS A 163 -8.36 9.09 3.49
CA CYS A 163 -8.79 8.06 4.42
C CYS A 163 -9.08 8.61 5.82
N ASP A 164 -8.35 9.63 6.20
CA ASP A 164 -8.46 10.21 7.53
C ASP A 164 -9.51 11.29 7.59
N ASN A 165 -10.14 11.59 6.47
CA ASN A 165 -11.19 12.59 6.47
C ASN A 165 -12.54 11.90 6.33
N ILE A 166 -12.54 10.60 6.11
CA ILE A 166 -13.77 9.89 5.99
C ILE A 166 -14.12 9.21 7.30
N ASP A 167 -15.24 9.57 7.82
CA ASP A 167 -15.74 8.99 9.04
C ASP A 167 -17.09 8.38 8.78
N SER A 168 -17.78 8.91 7.80
CA SER A 168 -19.11 8.50 7.51
C SER A 168 -19.11 7.46 6.38
N GLY A 169 -19.90 6.41 6.57
CA GLY A 169 -20.04 5.37 5.56
C GLY A 169 -20.75 5.88 4.32
N ALA A 170 -21.39 7.02 4.47
CA ALA A 170 -22.07 7.71 3.40
C ALA A 170 -21.08 8.11 2.29
N VAL A 171 -19.86 8.39 2.68
CA VAL A 171 -18.84 8.79 1.74
C VAL A 171 -18.37 7.57 0.95
N TRP A 172 -18.23 6.46 1.64
CA TRP A 172 -17.95 5.17 1.00
C TRP A 172 -19.08 4.82 -0.01
N LYS A 173 -20.30 5.16 0.35
CA LYS A 173 -21.44 5.01 -0.56
C LYS A 173 -21.23 5.90 -1.80
N GLN A 174 -20.74 7.11 -1.56
CA GLN A 174 -20.47 8.05 -2.63
C GLN A 174 -19.38 7.53 -3.59
N ILE A 175 -18.25 7.06 -3.05
CA ILE A 175 -17.15 6.55 -3.88
C ILE A 175 -17.63 5.33 -4.70
N TYR A 176 -18.44 4.48 -4.06
CA TYR A 176 -19.00 3.29 -4.70
C TYR A 176 -19.90 3.70 -5.88
N MET A 177 -20.70 4.72 -5.66
CA MET A 177 -21.61 5.27 -6.68
C MET A 177 -20.81 5.91 -7.81
N ASP A 178 -19.68 6.51 -7.49
CA ASP A 178 -18.89 7.19 -8.51
C ASP A 178 -18.17 6.26 -9.45
N LEU A 179 -17.93 5.02 -9.04
CA LEU A 179 -17.44 4.02 -10.00
C LEU A 179 -18.52 3.64 -11.02
N GLY A 180 -19.74 3.98 -10.72
CA GLY A 180 -20.84 3.64 -11.58
C GLY A 180 -21.47 2.34 -11.15
N ILE A 181 -21.35 2.04 -9.89
CA ILE A 181 -21.92 0.85 -9.35
C ILE A 181 -23.15 1.26 -8.55
N PRO A 182 -24.31 0.66 -8.82
CA PRO A 182 -25.53 0.98 -8.10
C PRO A 182 -25.41 0.61 -6.63
N ILE A 183 -25.75 1.53 -5.76
CA ILE A 183 -25.65 1.32 -4.35
C ILE A 183 -26.71 0.31 -3.88
N LEU A 184 -27.94 0.47 -4.39
CA LEU A 184 -29.09 -0.41 -4.09
C LEU A 184 -29.51 -0.36 -2.63
N ASN A 185 -28.66 -0.89 -1.80
CA ASN A 185 -28.92 -1.10 -0.41
C ASN A 185 -27.68 -0.67 0.34
N SER A 186 -27.82 -0.14 1.55
CA SER A 186 -26.68 0.27 2.34
C SER A 186 -25.82 -0.92 2.81
N ALA A 187 -26.25 -2.13 2.50
CA ALA A 187 -25.41 -3.30 2.68
C ALA A 187 -24.25 -3.20 1.71
N ALA A 188 -24.46 -2.47 0.62
CA ALA A 188 -23.42 -2.25 -0.35
C ALA A 188 -22.44 -1.20 0.16
N SER A 189 -22.91 -0.33 1.07
CA SER A 189 -22.03 0.60 1.75
C SER A 189 -21.08 -0.23 2.63
N TYR A 190 -21.63 -1.28 3.23
CA TYR A 190 -20.85 -2.25 3.97
C TYR A 190 -19.89 -2.98 3.02
N ASN A 191 -20.40 -3.34 1.86
CA ASN A 191 -19.60 -4.05 0.86
C ASN A 191 -18.40 -3.22 0.46
N VAL A 192 -18.64 -1.96 0.12
CA VAL A 192 -17.55 -1.08 -0.29
C VAL A 192 -16.64 -0.78 0.89
N LYS A 193 -17.20 -0.73 2.10
CA LYS A 193 -16.40 -0.58 3.30
C LYS A 193 -15.41 -1.75 3.40
N THR A 194 -15.94 -2.94 3.24
CA THR A 194 -15.14 -4.16 3.26
C THR A 194 -14.04 -4.10 2.17
N ALA A 195 -14.48 -3.81 0.96
CA ALA A 195 -13.62 -3.78 -0.22
C ALA A 195 -12.54 -2.75 -0.07
N TYR A 196 -12.93 -1.53 0.23
CA TYR A 196 -12.01 -0.44 0.44
C TYR A 196 -11.03 -0.75 1.57
N ARG A 197 -11.51 -1.41 2.61
CA ARG A 197 -10.69 -1.72 3.76
C ARG A 197 -9.76 -2.91 3.55
N LYS A 198 -10.02 -3.77 2.59
CA LYS A 198 -9.04 -4.83 2.31
C LYS A 198 -8.21 -4.55 1.07
N TYR A 199 -8.84 -4.10 0.03
CA TYR A 199 -8.20 -3.91 -1.24
C TYR A 199 -7.34 -2.65 -1.27
N LEU A 200 -7.84 -1.56 -0.70
CA LEU A 200 -7.08 -0.31 -0.74
C LEU A 200 -6.23 -0.15 0.49
N TYR A 201 -6.49 -0.98 1.49
CA TYR A 201 -5.90 -0.87 2.86
C TYR A 201 -4.40 -0.66 2.84
N GLY A 202 -3.72 -1.39 1.98
CA GLY A 202 -2.29 -1.30 1.91
C GLY A 202 -1.79 0.09 1.57
N PHE A 203 -2.32 0.65 0.50
CA PHE A 203 -1.86 1.94 0.09
C PHE A 203 -2.53 2.99 0.95
N GLU A 204 -3.73 2.71 1.43
CA GLU A 204 -4.44 3.60 2.34
C GLU A 204 -3.60 3.90 3.55
N GLU A 205 -3.21 2.85 4.26
CA GLU A 205 -2.44 2.99 5.46
C GLU A 205 -1.05 3.53 5.16
N TYR A 206 -0.46 3.11 4.05
CA TYR A 206 0.85 3.62 3.66
C TYR A 206 0.76 5.12 3.36
N CYS A 207 -0.29 5.52 2.68
CA CYS A 207 -0.54 6.91 2.29
C CYS A 207 -0.75 7.80 3.48
N ARG A 208 -1.53 7.33 4.43
CA ARG A 208 -1.82 8.12 5.61
C ARG A 208 -0.60 8.24 6.51
N SER A 209 0.15 7.17 6.60
CA SER A 209 1.27 7.14 7.48
C SER A 209 2.49 7.84 6.87
N ALA A 210 2.76 7.62 5.59
CA ALA A 210 3.98 8.15 4.99
C ALA A 210 3.75 9.56 4.48
N ASN A 211 2.51 9.98 4.57
CA ASN A 211 2.06 11.30 4.13
C ASN A 211 2.11 11.48 2.65
N ILE A 212 1.26 10.74 2.01
CA ILE A 212 1.01 10.87 0.59
C ILE A 212 -0.38 11.52 0.46
N GLN A 213 -1.08 11.51 1.58
CA GLN A 213 -2.42 12.00 1.67
C GLN A 213 -2.50 13.52 1.68
N PHE A 214 -3.69 13.99 1.47
CA PHE A 214 -4.04 15.38 1.45
C PHE A 214 -5.53 15.44 1.64
N ARG A 215 -5.99 16.34 2.47
CA ARG A 215 -7.39 16.47 2.70
C ARG A 215 -7.97 17.42 1.67
N THR A 216 -8.32 16.85 0.52
CA THR A 216 -8.90 17.58 -0.58
C THR A 216 -10.21 18.28 -0.13
N VAL A 217 -10.98 17.59 0.70
CA VAL A 217 -12.15 18.18 1.28
C VAL A 217 -11.79 18.72 2.64
N HIS A 218 -11.75 20.01 2.75
CA HIS A 218 -11.49 20.65 4.00
C HIS A 218 -12.79 20.91 4.69
N HIS A 219 -13.18 19.97 5.50
CA HIS A 219 -14.43 20.00 6.23
C HIS A 219 -14.43 21.18 7.20
N HIS A 220 -15.05 22.26 6.77
CA HIS A 220 -15.08 23.51 7.53
C HIS A 220 -16.18 23.44 8.57
N GLU A 221 -17.10 22.55 8.33
CA GLU A 221 -18.21 22.28 9.21
C GLU A 221 -17.71 21.82 10.56
N LEU A 222 -18.52 22.09 11.56
CA LEU A 222 -18.24 21.78 12.97
C LEU A 222 -17.12 22.64 13.56
N GLU A 223 -17.34 23.08 14.76
CA GLU A 223 -16.37 23.88 15.47
C GLU A 223 -15.31 22.95 16.05
N HIS A 224 -14.10 23.07 15.59
CA HIS A 224 -13.04 22.18 16.01
C HIS A 224 -12.34 22.72 17.27
N HIS A 225 -12.97 22.42 18.39
CA HIS A 225 -12.50 22.80 19.75
C HIS A 225 -12.94 21.65 20.63
N HIS A 226 -13.07 21.87 21.95
CA HIS A 226 -13.73 20.85 22.78
C HIS A 226 -15.23 21.05 22.53
N HIS A 227 -15.69 20.41 21.52
CA HIS A 227 -17.03 20.59 20.98
C HIS A 227 -17.83 19.31 21.16
N HIS A 228 -17.24 18.41 21.85
CA HIS A 228 -17.85 17.16 22.17
C HIS A 228 -17.71 17.00 23.66
N HIS A 229 -18.60 16.22 24.26
CA HIS A 229 -18.54 15.93 25.69
C HIS A 229 -17.20 15.28 26.02
N ASN A 1 17.77 8.81 2.30
CA ASN A 1 17.17 7.53 1.94
C ASN A 1 15.93 7.30 2.79
N ASP A 2 16.10 7.37 4.12
CA ASP A 2 15.00 7.28 5.13
C ASP A 2 14.42 5.86 5.23
N GLU A 3 14.49 5.32 6.41
CA GLU A 3 13.99 3.97 6.68
C GLU A 3 12.51 3.98 7.02
N LEU A 4 12.09 5.06 7.59
CA LEU A 4 10.81 5.16 8.22
C LEU A 4 9.65 5.34 7.24
N LEU A 5 9.91 5.88 6.07
CA LEU A 5 8.85 6.16 5.09
C LEU A 5 8.26 4.91 4.41
N GLY A 6 8.78 3.73 4.73
CA GLY A 6 8.28 2.52 4.13
C GLY A 6 9.22 1.99 3.07
N LYS A 7 10.47 2.33 3.22
CA LYS A 7 11.52 1.92 2.31
C LYS A 7 12.02 0.51 2.67
N VAL A 8 12.60 -0.18 1.69
CA VAL A 8 13.23 -1.47 1.96
C VAL A 8 14.58 -1.23 2.64
N VAL A 9 14.70 -1.69 3.83
CA VAL A 9 15.85 -1.42 4.66
C VAL A 9 16.41 -2.67 5.29
N SER A 10 17.44 -2.51 6.07
CA SER A 10 18.05 -3.60 6.79
C SER A 10 17.36 -3.76 8.14
N VAL A 11 17.10 -4.97 8.52
CA VAL A 11 16.64 -5.26 9.85
C VAL A 11 17.63 -6.28 10.36
N VAL A 12 18.40 -5.86 11.29
CA VAL A 12 19.50 -6.65 11.76
C VAL A 12 19.03 -7.82 12.64
N SER A 13 19.76 -8.91 12.55
CA SER A 13 19.54 -10.12 13.31
C SER A 13 19.95 -9.87 14.80
N ALA A 14 20.56 -10.86 15.46
CA ALA A 14 20.91 -10.68 16.85
C ALA A 14 22.17 -9.83 16.99
N THR A 15 23.32 -10.39 16.70
CA THR A 15 24.55 -9.66 16.77
C THR A 15 25.27 -9.78 15.41
N GLU A 16 24.54 -10.32 14.47
CA GLU A 16 25.04 -10.58 13.16
C GLU A 16 24.89 -9.34 12.30
N ARG A 17 25.96 -8.60 12.13
CA ARG A 17 25.93 -7.42 11.28
C ARG A 17 26.24 -7.84 9.87
N THR A 18 26.74 -9.05 9.74
CA THR A 18 27.14 -9.60 8.50
C THR A 18 25.90 -9.99 7.72
N GLU A 19 25.00 -10.62 8.44
CA GLU A 19 23.79 -11.10 7.90
C GLU A 19 22.60 -10.47 8.62
N TRP A 20 21.92 -9.68 7.90
CA TRP A 20 20.75 -8.99 8.33
C TRP A 20 19.69 -9.25 7.31
N TYR A 21 18.47 -9.13 7.67
CA TYR A 21 17.41 -9.42 6.76
C TYR A 21 16.74 -8.16 6.24
N PRO A 22 16.79 -7.95 4.92
CA PRO A 22 16.13 -6.81 4.26
C PRO A 22 14.62 -6.91 4.42
N ALA A 23 14.01 -5.80 4.70
CA ALA A 23 12.60 -5.79 4.95
C ALA A 23 11.95 -4.47 4.53
N LEU A 24 10.64 -4.51 4.41
CA LEU A 24 9.83 -3.36 4.01
C LEU A 24 9.15 -2.80 5.23
N VAL A 25 9.39 -1.56 5.55
CA VAL A 25 8.73 -0.91 6.67
C VAL A 25 7.27 -0.64 6.32
N ILE A 26 6.37 -1.18 7.11
CA ILE A 26 4.96 -1.01 6.87
C ILE A 26 4.25 -0.41 8.08
N SER A 27 2.97 -0.18 7.96
CA SER A 27 2.21 0.43 9.03
C SER A 27 1.65 -0.60 10.00
N PRO A 28 1.79 -0.38 11.31
CA PRO A 28 1.29 -1.30 12.36
C PRO A 28 -0.20 -1.21 12.51
N SER A 29 -0.80 -0.38 11.73
CA SER A 29 -2.19 -0.24 11.73
C SER A 29 -2.82 -1.26 10.77
N CYS A 30 -1.96 -1.97 10.05
CA CYS A 30 -2.43 -3.02 9.17
C CYS A 30 -2.53 -4.33 9.96
N ASN A 31 -1.83 -4.35 11.07
CA ASN A 31 -1.82 -5.45 11.98
C ASN A 31 -2.51 -5.06 13.26
N ASP A 32 -3.66 -5.62 13.48
CA ASP A 32 -4.47 -5.28 14.66
C ASP A 32 -3.87 -5.87 15.93
N ASP A 33 -3.17 -6.97 15.78
CA ASP A 33 -2.60 -7.66 16.93
C ASP A 33 -1.31 -7.00 17.37
N ILE A 34 -0.34 -6.94 16.48
CA ILE A 34 0.93 -6.35 16.80
C ILE A 34 0.72 -4.85 16.94
N THR A 35 1.24 -4.27 17.96
CA THR A 35 1.07 -2.91 18.23
C THR A 35 2.44 -2.28 18.35
N VAL A 36 2.67 -1.24 17.58
CA VAL A 36 3.96 -0.62 17.51
C VAL A 36 4.29 0.11 18.81
N LYS A 37 5.50 -0.03 19.26
CA LYS A 37 5.96 0.67 20.44
C LYS A 37 6.67 1.94 19.98
N LYS A 38 7.04 2.80 20.90
CA LYS A 38 7.73 4.04 20.55
C LYS A 38 9.17 3.77 20.05
N ASP A 39 9.79 2.74 20.58
CA ASP A 39 11.17 2.32 20.22
C ASP A 39 11.12 1.32 19.04
N GLN A 40 9.95 1.09 18.55
CA GLN A 40 9.72 0.04 17.60
C GLN A 40 9.09 0.56 16.33
N CYS A 41 9.16 -0.23 15.30
CA CYS A 41 8.53 0.05 14.04
C CYS A 41 8.05 -1.28 13.46
N LEU A 42 7.06 -1.23 12.63
CA LEU A 42 6.54 -2.41 12.00
C LEU A 42 7.17 -2.56 10.66
N VAL A 43 7.63 -3.73 10.38
CA VAL A 43 8.36 -3.97 9.20
C VAL A 43 8.20 -5.45 8.84
N ARG A 44 8.16 -5.75 7.56
CA ARG A 44 8.03 -7.12 7.12
C ARG A 44 9.21 -7.52 6.26
N SER A 45 9.74 -8.68 6.51
CA SER A 45 10.76 -9.24 5.70
C SER A 45 10.05 -10.00 4.59
N PHE A 46 10.36 -9.70 3.34
CA PHE A 46 9.75 -10.39 2.19
C PHE A 46 10.08 -11.91 2.18
N ILE A 47 11.03 -12.31 3.03
CA ILE A 47 11.52 -13.64 3.12
C ILE A 47 10.46 -14.64 3.61
N ASP A 48 10.01 -14.50 4.85
CA ASP A 48 9.07 -15.46 5.39
C ASP A 48 8.01 -14.79 6.25
N SER A 49 8.44 -14.19 7.34
CA SER A 49 7.58 -13.55 8.32
C SER A 49 6.71 -12.46 7.67
N LYS A 50 5.49 -12.30 8.14
CA LYS A 50 4.63 -11.29 7.60
C LYS A 50 4.51 -10.10 8.56
N PHE A 51 4.61 -10.37 9.85
CA PHE A 51 4.49 -9.34 10.87
C PHE A 51 5.38 -9.66 12.05
N TYR A 52 6.29 -8.78 12.36
CA TYR A 52 7.12 -8.90 13.52
C TYR A 52 7.41 -7.53 14.04
N SER A 53 7.58 -7.42 15.30
CA SER A 53 7.82 -6.19 15.93
C SER A 53 9.31 -6.05 16.23
N ILE A 54 9.95 -5.06 15.66
CA ILE A 54 11.35 -4.89 15.85
C ILE A 54 11.62 -3.46 16.25
N ALA A 55 12.71 -3.25 16.91
CA ALA A 55 13.08 -1.96 17.32
C ALA A 55 13.58 -1.17 16.14
N ARG A 56 13.41 0.13 16.22
CA ARG A 56 13.84 1.04 15.20
C ARG A 56 15.36 0.94 15.12
N LYS A 57 15.99 0.78 16.26
CA LYS A 57 17.44 0.64 16.34
C LYS A 57 17.96 -0.69 15.77
N ASP A 58 17.06 -1.57 15.37
CA ASP A 58 17.47 -2.81 14.70
C ASP A 58 17.35 -2.64 13.20
N ILE A 59 16.78 -1.54 12.81
CA ILE A 59 16.58 -1.23 11.42
C ILE A 59 17.66 -0.26 10.97
N LYS A 60 18.13 -0.43 9.76
CA LYS A 60 19.13 0.43 9.18
C LYS A 60 18.69 0.82 7.79
N GLU A 61 18.64 2.07 7.49
CA GLU A 61 18.31 2.49 6.15
C GLU A 61 19.45 2.24 5.19
N VAL A 62 19.16 1.47 4.20
CA VAL A 62 20.12 1.10 3.22
C VAL A 62 19.36 0.96 1.93
N ASP A 63 20.03 0.99 0.83
CA ASP A 63 19.36 0.58 -0.35
C ASP A 63 19.97 -0.71 -0.79
N ILE A 64 19.17 -1.74 -0.79
CA ILE A 64 19.64 -3.08 -1.06
C ILE A 64 20.17 -3.18 -2.46
N LEU A 65 19.50 -2.53 -3.39
CA LEU A 65 19.87 -2.64 -4.77
C LEU A 65 21.06 -1.72 -5.12
N ASN A 66 21.56 -1.03 -4.11
CA ASN A 66 22.75 -0.18 -4.26
C ASN A 66 23.97 -0.96 -3.87
N LEU A 67 23.78 -1.98 -3.08
CA LEU A 67 24.86 -2.79 -2.58
C LEU A 67 25.47 -3.66 -3.70
N PRO A 68 26.78 -3.94 -3.61
CA PRO A 68 27.47 -4.77 -4.61
C PRO A 68 26.99 -6.21 -4.59
N GLU A 69 27.05 -6.85 -5.75
CA GLU A 69 26.60 -8.23 -5.94
C GLU A 69 27.34 -9.21 -5.01
N SER A 70 28.58 -8.90 -4.69
CA SER A 70 29.39 -9.71 -3.80
C SER A 70 28.72 -9.79 -2.42
N GLU A 71 28.11 -8.69 -2.02
CA GLU A 71 27.47 -8.58 -0.73
C GLU A 71 26.12 -9.28 -0.80
N LEU A 72 25.38 -8.94 -1.82
CA LEU A 72 24.03 -9.44 -2.04
C LEU A 72 23.98 -10.94 -2.11
N SER A 73 24.72 -11.49 -3.02
CA SER A 73 24.75 -12.91 -3.30
C SER A 73 25.19 -13.77 -2.10
N THR A 74 25.94 -13.20 -1.18
CA THR A 74 26.42 -13.98 -0.08
C THR A 74 25.47 -14.05 1.09
N LYS A 75 24.74 -12.99 1.35
CA LYS A 75 23.84 -12.99 2.49
C LYS A 75 22.42 -13.24 2.06
N PRO A 76 21.82 -14.35 2.55
CA PRO A 76 20.44 -14.72 2.25
C PRO A 76 19.48 -13.59 2.55
N GLY A 77 18.78 -13.17 1.55
CA GLY A 77 17.85 -12.12 1.68
C GLY A 77 18.24 -10.95 0.84
N LEU A 78 19.53 -10.67 0.77
CA LEU A 78 20.02 -9.50 0.05
C LEU A 78 19.90 -9.67 -1.46
N GLN A 79 20.26 -10.83 -1.97
CA GLN A 79 20.13 -11.06 -3.38
C GLN A 79 18.66 -11.25 -3.73
N LYS A 80 17.97 -12.02 -2.89
CA LYS A 80 16.55 -12.25 -3.01
C LYS A 80 15.80 -10.92 -3.08
N ALA A 81 16.20 -9.97 -2.22
CA ALA A 81 15.69 -8.61 -2.24
C ALA A 81 15.88 -8.02 -3.59
N SER A 82 17.12 -7.97 -4.04
CA SER A 82 17.47 -7.37 -5.31
C SER A 82 16.60 -7.92 -6.44
N ILE A 83 16.44 -9.24 -6.47
CA ILE A 83 15.61 -9.94 -7.45
C ILE A 83 14.16 -9.44 -7.34
N PHE A 84 13.65 -9.46 -6.12
CA PHE A 84 12.28 -9.06 -5.80
C PHE A 84 12.04 -7.58 -6.13
N LEU A 85 12.97 -6.74 -5.74
CA LEU A 85 12.86 -5.29 -5.87
C LEU A 85 12.89 -4.84 -7.33
N LYS A 86 13.85 -5.35 -8.10
CA LYS A 86 14.04 -4.89 -9.47
C LYS A 86 12.85 -5.15 -10.38
N THR A 87 12.03 -6.13 -10.02
CA THR A 87 10.92 -6.49 -10.87
C THR A 87 9.57 -6.01 -10.30
N ARG A 88 9.59 -5.03 -9.40
CA ARG A 88 8.31 -4.51 -8.89
C ARG A 88 8.45 -3.14 -8.22
N VAL A 89 9.59 -2.90 -7.63
CA VAL A 89 9.83 -1.65 -6.90
C VAL A 89 10.47 -0.61 -7.82
N VAL A 90 11.34 -1.07 -8.70
CA VAL A 90 11.97 -0.19 -9.66
C VAL A 90 11.10 -0.15 -10.90
N PRO A 91 10.37 0.93 -11.13
CA PRO A 91 9.38 1.01 -12.19
C PRO A 91 9.98 1.10 -13.58
N ASP A 92 11.22 1.48 -13.65
CA ASP A 92 11.87 1.67 -14.92
C ASP A 92 12.51 0.40 -15.43
N ASN A 93 12.98 -0.44 -14.53
CA ASN A 93 13.79 -1.59 -14.96
C ASN A 93 12.94 -2.80 -15.35
N TRP A 94 12.11 -3.23 -14.46
CA TRP A 94 11.24 -4.37 -14.65
C TRP A 94 9.94 -4.06 -13.95
N LYS A 95 9.00 -4.97 -13.92
CA LYS A 95 7.71 -4.68 -13.32
C LYS A 95 6.92 -5.98 -13.22
N MET A 96 5.88 -5.96 -12.44
CA MET A 96 4.94 -7.05 -12.34
C MET A 96 3.88 -6.77 -13.40
N ASP A 97 3.00 -7.70 -13.71
CA ASP A 97 1.99 -7.42 -14.73
C ASP A 97 0.99 -6.38 -14.21
N ILE A 98 0.30 -5.74 -15.14
CA ILE A 98 -0.73 -4.77 -14.83
C ILE A 98 -2.03 -5.18 -15.55
N SER A 99 -1.92 -6.18 -16.39
CA SER A 99 -3.02 -6.63 -17.20
C SER A 99 -3.97 -7.55 -16.41
N GLU A 100 -3.42 -8.44 -15.60
CA GLU A 100 -4.21 -9.43 -14.88
C GLU A 100 -4.63 -8.89 -13.53
N ILE A 101 -4.13 -7.73 -13.19
CA ILE A 101 -4.47 -7.07 -11.95
C ILE A 101 -5.96 -6.76 -11.88
N LEU A 102 -6.45 -6.05 -12.85
CA LEU A 102 -7.84 -5.70 -12.89
C LEU A 102 -8.52 -6.45 -14.02
N GLU A 103 -8.12 -6.12 -15.25
CA GLU A 103 -8.64 -6.69 -16.49
C GLU A 103 -8.07 -5.88 -17.64
N SER A 104 -8.49 -4.64 -17.70
CA SER A 104 -8.03 -3.72 -18.70
C SER A 104 -7.37 -2.54 -18.00
N SER A 105 -6.13 -2.72 -17.61
CA SER A 105 -5.42 -1.67 -16.91
C SER A 105 -4.10 -1.33 -17.58
N SER A 106 -3.92 -1.82 -18.77
CA SER A 106 -2.72 -1.54 -19.51
C SER A 106 -3.01 -0.41 -20.50
N SER A 107 -4.20 0.13 -20.37
CA SER A 107 -4.70 1.17 -21.19
C SER A 107 -4.01 2.51 -20.84
N LYS A 108 -3.16 2.96 -21.71
CA LYS A 108 -2.44 4.21 -21.50
C LYS A 108 -2.95 5.28 -22.45
N ASP A 109 -3.81 4.89 -23.35
CA ASP A 109 -4.40 5.81 -24.30
C ASP A 109 -5.90 5.88 -24.08
N LYS A 110 -6.57 4.75 -24.20
CA LYS A 110 -8.02 4.71 -24.05
C LYS A 110 -8.42 4.41 -22.61
N GLU A 111 -9.60 4.87 -22.20
CA GLU A 111 -10.18 4.71 -20.86
C GLU A 111 -9.24 5.16 -19.75
N LYS A 112 -9.15 6.45 -19.57
CA LYS A 112 -8.28 7.02 -18.58
C LYS A 112 -9.01 8.04 -17.73
N GLU A 113 -9.72 8.93 -18.40
CA GLU A 113 -10.54 10.00 -17.82
C GLU A 113 -9.68 11.11 -17.18
N LEU A 114 -8.96 10.76 -16.15
CA LEU A 114 -8.19 11.64 -15.40
C LEU A 114 -6.68 11.46 -15.74
N ASP A 115 -6.42 10.60 -16.73
CA ASP A 115 -5.06 10.19 -17.12
C ASP A 115 -4.25 9.70 -15.91
N PRO A 116 -4.54 8.49 -15.42
CA PRO A 116 -3.91 7.97 -14.27
C PRO A 116 -2.63 7.17 -14.57
N GLU A 117 -1.52 7.76 -14.26
CA GLU A 117 -0.22 7.09 -14.36
C GLU A 117 -0.01 6.34 -13.09
N GLU A 118 -0.55 6.90 -12.04
CA GLU A 118 -0.42 6.36 -10.74
C GLU A 118 -1.27 5.13 -10.55
N ARG A 119 -2.25 4.88 -11.46
CA ARG A 119 -3.02 3.65 -11.34
C ARG A 119 -2.12 2.47 -11.58
N ASP A 120 -1.15 2.66 -12.45
CA ASP A 120 -0.12 1.66 -12.71
C ASP A 120 0.63 1.40 -11.41
N ASN A 121 1.25 2.46 -10.91
CA ASN A 121 2.02 2.46 -9.66
C ASN A 121 1.23 1.83 -8.51
N PHE A 122 0.07 2.40 -8.22
CA PHE A 122 -0.78 1.95 -7.14
C PHE A 122 -1.18 0.50 -7.29
N LEU A 123 -1.65 0.11 -8.47
CA LEU A 123 -2.15 -1.25 -8.68
C LEU A 123 -1.08 -2.30 -8.50
N GLN A 124 0.10 -2.01 -8.99
CA GLN A 124 1.16 -2.99 -8.93
C GLN A 124 1.83 -3.01 -7.56
N GLN A 125 1.92 -1.86 -6.94
CA GLN A 125 2.50 -1.76 -5.62
C GLN A 125 1.50 -2.36 -4.62
N LEU A 126 0.21 -2.22 -4.93
CA LEU A 126 -0.83 -2.84 -4.15
C LEU A 126 -0.72 -4.34 -4.24
N TYR A 127 -0.56 -4.85 -5.45
CA TYR A 127 -0.39 -6.28 -5.67
C TYR A 127 0.81 -6.82 -4.93
N LYS A 128 1.87 -5.99 -4.86
CA LYS A 128 3.05 -6.29 -4.06
C LYS A 128 2.59 -6.43 -2.60
N PHE A 129 1.95 -5.38 -2.10
CA PHE A 129 1.54 -5.27 -0.70
C PHE A 129 0.51 -6.33 -0.30
N MET A 130 -0.28 -6.74 -1.24
CA MET A 130 -1.28 -7.73 -0.96
C MET A 130 -0.61 -9.06 -0.69
N GLU A 131 0.31 -9.44 -1.56
CA GLU A 131 1.07 -10.66 -1.36
C GLU A 131 1.94 -10.53 -0.11
N ASP A 132 2.40 -9.32 0.11
CA ASP A 132 3.27 -8.96 1.22
C ASP A 132 2.54 -9.08 2.56
N ARG A 133 1.22 -8.93 2.56
CA ARG A 133 0.50 -8.99 3.85
C ARG A 133 0.19 -10.44 4.22
N GLY A 134 0.52 -11.34 3.30
CA GLY A 134 0.27 -12.74 3.53
C GLY A 134 -0.87 -13.25 2.69
N THR A 135 -1.86 -12.41 2.47
CA THR A 135 -3.00 -12.81 1.70
C THR A 135 -3.08 -11.98 0.41
N PRO A 136 -2.62 -12.57 -0.71
CA PRO A 136 -2.58 -11.87 -1.99
C PRO A 136 -3.98 -11.78 -2.63
N ILE A 137 -4.02 -11.23 -3.80
CA ILE A 137 -5.27 -11.04 -4.51
C ILE A 137 -5.78 -12.38 -5.07
N ASN A 138 -6.79 -12.94 -4.44
CA ASN A 138 -7.39 -14.19 -4.93
C ASN A 138 -8.67 -13.87 -5.67
N LYS A 139 -9.00 -12.62 -5.67
CA LYS A 139 -10.13 -12.10 -6.37
C LYS A 139 -9.85 -10.70 -6.83
N PRO A 140 -9.72 -10.49 -8.16
CA PRO A 140 -9.48 -9.17 -8.76
C PRO A 140 -10.55 -8.14 -8.33
N PRO A 141 -10.25 -6.83 -8.43
CA PRO A 141 -11.15 -5.80 -8.00
C PRO A 141 -12.39 -5.59 -8.88
N VAL A 142 -13.33 -6.41 -8.62
CA VAL A 142 -14.64 -6.31 -9.16
C VAL A 142 -15.53 -5.92 -8.04
N LEU A 143 -16.42 -5.05 -8.33
CA LEU A 143 -17.30 -4.54 -7.33
C LEU A 143 -18.59 -4.20 -8.01
N GLY A 144 -19.68 -4.71 -7.48
CA GLY A 144 -20.97 -4.49 -8.09
C GLY A 144 -21.11 -5.28 -9.36
N TYR A 145 -20.49 -6.46 -9.36
CA TYR A 145 -20.45 -7.40 -10.48
C TYR A 145 -19.90 -6.82 -11.80
N LYS A 146 -19.18 -5.71 -11.72
CA LYS A 146 -18.47 -5.19 -12.88
C LYS A 146 -17.09 -4.80 -12.44
N ASP A 147 -16.21 -4.56 -13.40
CA ASP A 147 -14.84 -4.16 -13.09
C ASP A 147 -14.85 -2.87 -12.31
N LEU A 148 -13.95 -2.74 -11.39
CA LEU A 148 -13.89 -1.59 -10.58
C LEU A 148 -12.50 -0.98 -10.66
N ASN A 149 -12.39 0.19 -11.28
CA ASN A 149 -11.13 0.93 -11.27
C ASN A 149 -10.86 1.45 -9.89
N LEU A 150 -10.21 0.62 -9.13
CA LEU A 150 -9.91 0.86 -7.74
C LEU A 150 -9.12 2.11 -7.51
N PHE A 151 -8.24 2.46 -8.45
CA PHE A 151 -7.45 3.68 -8.30
C PHE A 151 -8.35 4.91 -8.38
N LYS A 152 -9.40 4.85 -9.18
CA LYS A 152 -10.29 5.98 -9.28
C LYS A 152 -11.08 6.11 -8.00
N LEU A 153 -11.51 4.98 -7.46
CA LEU A 153 -12.27 4.96 -6.23
C LEU A 153 -11.34 5.39 -5.05
N PHE A 154 -10.07 5.02 -5.17
CA PHE A 154 -9.00 5.41 -4.24
C PHE A 154 -8.84 6.94 -4.29
N ARG A 155 -8.77 7.45 -5.50
CA ARG A 155 -8.67 8.87 -5.74
C ARG A 155 -9.92 9.57 -5.19
N LEU A 156 -11.04 8.88 -5.26
CA LEU A 156 -12.29 9.37 -4.74
C LEU A 156 -12.30 9.45 -3.23
N VAL A 157 -11.84 8.39 -2.54
CA VAL A 157 -11.77 8.45 -1.08
C VAL A 157 -10.84 9.55 -0.62
N TYR A 158 -9.72 9.73 -1.31
CA TYR A 158 -8.84 10.84 -1.01
C TYR A 158 -9.52 12.16 -1.28
N HIS A 159 -10.30 12.22 -2.35
CA HIS A 159 -11.03 13.43 -2.72
C HIS A 159 -12.10 13.76 -1.65
N GLN A 160 -12.39 12.79 -0.80
CA GLN A 160 -13.33 12.95 0.28
C GLN A 160 -12.57 13.13 1.61
N GLY A 161 -11.26 13.31 1.53
CA GLY A 161 -10.46 13.57 2.69
C GLY A 161 -9.57 12.41 3.10
N GLY A 162 -9.71 11.28 2.44
CA GLY A 162 -8.91 10.12 2.76
C GLY A 162 -9.52 9.32 3.89
N CYS A 163 -8.99 8.13 4.15
CA CYS A 163 -9.47 7.22 5.21
C CYS A 163 -9.50 7.92 6.57
N ASP A 164 -8.54 8.82 6.76
CA ASP A 164 -8.40 9.54 8.01
C ASP A 164 -9.58 10.51 8.24
N ASN A 165 -10.31 10.81 7.17
CA ASN A 165 -11.46 11.71 7.25
C ASN A 165 -12.78 10.96 7.00
N ILE A 166 -12.69 9.79 6.38
CA ILE A 166 -13.88 9.02 6.09
C ILE A 166 -14.33 8.23 7.26
N ASP A 167 -15.29 8.78 7.88
CA ASP A 167 -15.90 8.23 9.07
C ASP A 167 -17.39 7.98 8.84
N SER A 168 -17.88 8.51 7.74
CA SER A 168 -19.28 8.42 7.42
C SER A 168 -19.50 7.40 6.28
N GLY A 169 -20.53 6.58 6.40
CA GLY A 169 -20.86 5.58 5.39
C GLY A 169 -21.36 6.24 4.12
N ALA A 170 -21.80 7.49 4.27
CA ALA A 170 -22.24 8.36 3.18
C ALA A 170 -21.18 8.43 2.09
N VAL A 171 -19.94 8.45 2.52
CA VAL A 171 -18.82 8.60 1.62
C VAL A 171 -18.65 7.34 0.77
N TRP A 172 -18.67 6.17 1.43
CA TRP A 172 -18.61 4.88 0.73
C TRP A 172 -19.69 4.80 -0.35
N LYS A 173 -20.87 5.25 0.00
CA LYS A 173 -21.99 5.32 -0.90
C LYS A 173 -21.66 6.24 -2.09
N GLN A 174 -21.12 7.41 -1.79
CA GLN A 174 -20.79 8.38 -2.80
C GLN A 174 -19.68 7.92 -3.74
N ILE A 175 -18.62 7.35 -3.17
CA ILE A 175 -17.50 6.89 -3.98
C ILE A 175 -17.93 5.74 -4.91
N TYR A 176 -18.77 4.85 -4.40
CA TYR A 176 -19.29 3.73 -5.19
C TYR A 176 -20.20 4.26 -6.31
N MET A 177 -21.01 5.23 -5.95
CA MET A 177 -21.98 5.82 -6.86
C MET A 177 -21.29 6.68 -7.93
N ASP A 178 -20.11 7.20 -7.61
CA ASP A 178 -19.33 8.07 -8.53
C ASP A 178 -18.86 7.25 -9.73
N LEU A 179 -18.50 5.97 -9.49
CA LEU A 179 -18.10 5.05 -10.58
C LEU A 179 -19.27 4.74 -11.53
N GLY A 180 -20.48 5.14 -11.16
CA GLY A 180 -21.59 4.90 -12.03
C GLY A 180 -22.24 3.59 -11.73
N ILE A 181 -22.11 3.16 -10.51
CA ILE A 181 -22.68 1.95 -10.08
C ILE A 181 -23.80 2.28 -9.13
N PRO A 182 -24.98 1.70 -9.33
CA PRO A 182 -26.09 1.91 -8.42
C PRO A 182 -25.78 1.27 -7.06
N ILE A 183 -25.89 2.06 -6.01
CA ILE A 183 -25.56 1.60 -4.66
C ILE A 183 -26.49 0.46 -4.21
N LEU A 184 -27.73 0.45 -4.71
CA LEU A 184 -28.75 -0.59 -4.42
C LEU A 184 -29.16 -0.59 -2.95
N ASN A 185 -28.29 -1.12 -2.11
CA ASN A 185 -28.53 -1.29 -0.69
C ASN A 185 -27.20 -1.24 0.06
N SER A 186 -27.23 -1.46 1.36
CA SER A 186 -26.04 -1.29 2.16
C SER A 186 -25.05 -2.47 2.10
N ALA A 187 -25.42 -3.57 1.45
CA ALA A 187 -24.44 -4.64 1.25
C ALA A 187 -23.42 -4.15 0.28
N ALA A 188 -23.83 -3.21 -0.56
CA ALA A 188 -22.93 -2.59 -1.47
C ALA A 188 -21.96 -1.71 -0.72
N SER A 189 -22.48 -0.97 0.26
CA SER A 189 -21.62 -0.17 1.14
C SER A 189 -20.66 -1.08 1.92
N TYR A 190 -21.11 -2.32 2.17
CA TYR A 190 -20.30 -3.31 2.82
C TYR A 190 -19.20 -3.76 1.88
N ASN A 191 -19.55 -4.01 0.63
CA ASN A 191 -18.54 -4.40 -0.30
C ASN A 191 -17.61 -3.26 -0.66
N VAL A 192 -18.08 -2.02 -0.52
CA VAL A 192 -17.21 -0.85 -0.64
C VAL A 192 -16.21 -0.88 0.50
N LYS A 193 -16.73 -1.06 1.74
CA LYS A 193 -15.91 -1.19 2.95
C LYS A 193 -14.89 -2.32 2.77
N THR A 194 -15.32 -3.39 2.13
CA THR A 194 -14.48 -4.53 1.85
C THR A 194 -13.36 -4.15 0.84
N ALA A 195 -13.75 -3.51 -0.26
CA ALA A 195 -12.80 -3.06 -1.27
C ALA A 195 -11.78 -2.12 -0.65
N TYR A 196 -12.30 -1.14 0.04
CA TYR A 196 -11.57 -0.17 0.84
C TYR A 196 -10.57 -0.89 1.79
N ARG A 197 -11.08 -1.85 2.56
CA ARG A 197 -10.28 -2.57 3.57
C ARG A 197 -9.24 -3.51 2.94
N LYS A 198 -9.48 -3.98 1.76
CA LYS A 198 -8.52 -4.86 1.18
C LYS A 198 -7.62 -4.12 0.23
N TYR A 199 -8.22 -3.62 -0.80
CA TYR A 199 -7.54 -3.14 -1.97
C TYR A 199 -6.99 -1.73 -1.82
N LEU A 200 -7.39 -1.00 -0.79
CA LEU A 200 -6.83 0.33 -0.65
C LEU A 200 -6.10 0.47 0.67
N TYR A 201 -6.44 -0.42 1.60
CA TYR A 201 -6.11 -0.27 3.03
C TYR A 201 -4.64 0.01 3.32
N GLY A 202 -3.77 -0.97 3.06
CA GLY A 202 -2.37 -0.86 3.46
C GLY A 202 -1.69 0.42 3.03
N PHE A 203 -1.80 0.73 1.76
CA PHE A 203 -1.16 1.89 1.19
C PHE A 203 -1.74 3.16 1.79
N GLU A 204 -3.06 3.27 1.83
CA GLU A 204 -3.73 4.42 2.44
C GLU A 204 -3.34 4.56 3.91
N GLU A 205 -3.31 3.44 4.63
CA GLU A 205 -2.99 3.44 6.04
C GLU A 205 -1.59 4.05 6.26
N TYR A 206 -0.60 3.59 5.50
CA TYR A 206 0.70 4.20 5.67
C TYR A 206 0.80 5.58 5.05
N CYS A 207 -0.03 5.87 4.07
CA CYS A 207 -0.08 7.19 3.50
C CYS A 207 -0.62 8.19 4.50
N ARG A 208 -1.71 7.86 5.15
CA ARG A 208 -2.28 8.73 6.15
C ARG A 208 -1.35 8.90 7.34
N SER A 209 -0.64 7.84 7.70
CA SER A 209 0.31 7.94 8.78
C SER A 209 1.63 8.63 8.36
N ALA A 210 1.96 8.62 7.05
CA ALA A 210 3.18 9.27 6.57
C ALA A 210 2.88 10.63 5.97
N ASN A 211 1.60 11.01 6.07
CA ASN A 211 1.09 12.34 5.69
C ASN A 211 0.93 12.57 4.21
N ILE A 212 0.84 11.50 3.47
CA ILE A 212 0.49 11.58 2.08
C ILE A 212 -1.03 11.62 2.08
N GLN A 213 -1.57 12.78 2.25
CA GLN A 213 -2.98 12.96 2.43
C GLN A 213 -3.53 14.09 1.61
N PHE A 214 -4.82 14.02 1.42
CA PHE A 214 -5.60 15.02 0.76
C PHE A 214 -6.34 15.65 1.93
N ARG A 215 -5.90 16.80 2.38
CA ARG A 215 -6.34 17.25 3.68
C ARG A 215 -7.50 18.24 3.67
N THR A 216 -7.35 19.33 2.96
CA THR A 216 -8.34 20.40 3.00
C THR A 216 -9.61 20.04 2.20
N VAL A 217 -9.52 18.95 1.42
CA VAL A 217 -10.66 18.36 0.68
C VAL A 217 -11.19 19.26 -0.47
N HIS A 218 -11.78 20.38 -0.10
CA HIS A 218 -12.51 21.32 -1.00
C HIS A 218 -11.90 21.52 -2.39
N HIS A 219 -10.60 21.77 -2.47
CA HIS A 219 -10.01 21.99 -3.79
C HIS A 219 -8.74 21.20 -3.99
N HIS A 220 -8.32 20.47 -2.94
CA HIS A 220 -7.00 19.80 -2.89
C HIS A 220 -5.87 20.82 -2.87
N GLU A 221 -5.10 20.77 -1.85
CA GLU A 221 -3.96 21.62 -1.73
C GLU A 221 -2.82 21.02 -2.53
N LEU A 222 -1.87 21.82 -2.84
CA LEU A 222 -0.75 21.40 -3.58
C LEU A 222 0.48 21.60 -2.76
N GLU A 223 1.26 20.60 -2.67
CA GLU A 223 2.39 20.63 -1.83
C GLU A 223 3.66 20.97 -2.56
N HIS A 224 3.96 22.24 -2.51
CA HIS A 224 5.18 22.76 -3.06
C HIS A 224 6.31 22.61 -2.06
N HIS A 225 5.96 22.48 -0.78
CA HIS A 225 6.94 22.13 0.22
C HIS A 225 6.91 20.61 0.37
N HIS A 226 8.08 20.01 0.37
CA HIS A 226 8.27 18.55 0.41
C HIS A 226 7.57 17.88 -0.77
N HIS A 227 8.24 17.91 -1.90
CA HIS A 227 7.67 17.31 -3.08
C HIS A 227 8.03 15.83 -3.11
N HIS A 228 7.06 14.99 -3.36
CA HIS A 228 7.30 13.55 -3.44
C HIS A 228 8.16 13.26 -4.66
N HIS A 229 7.78 13.84 -5.76
CA HIS A 229 8.52 13.73 -6.99
C HIS A 229 8.06 14.86 -7.89
N ASN A 1 20.46 6.54 5.18
CA ASN A 1 19.29 7.18 4.58
C ASN A 1 18.34 7.70 5.66
N ASP A 2 17.49 6.83 6.14
CA ASP A 2 16.56 7.05 7.21
C ASP A 2 15.86 5.75 7.41
N GLU A 3 16.01 5.18 8.56
CA GLU A 3 15.47 3.88 8.81
C GLU A 3 14.05 3.90 9.35
N LEU A 4 13.59 5.05 9.75
CA LEU A 4 12.31 5.09 10.43
C LEU A 4 11.17 5.60 9.56
N LEU A 5 11.48 5.92 8.31
CA LEU A 5 10.50 6.42 7.33
C LEU A 5 9.34 5.48 7.12
N GLY A 6 9.64 4.22 6.99
CA GLY A 6 8.62 3.29 6.59
C GLY A 6 9.03 2.61 5.31
N LYS A 7 10.31 2.37 5.20
CA LYS A 7 10.87 1.81 4.02
C LYS A 7 11.58 0.52 4.36
N VAL A 8 12.20 -0.07 3.37
CA VAL A 8 12.93 -1.28 3.55
C VAL A 8 14.29 -0.96 4.18
N VAL A 9 14.61 -1.68 5.22
CA VAL A 9 15.84 -1.49 5.98
C VAL A 9 16.40 -2.83 6.39
N SER A 10 17.57 -2.81 7.01
CA SER A 10 18.19 -4.00 7.53
C SER A 10 17.57 -4.40 8.86
N VAL A 11 17.24 -5.65 9.01
CA VAL A 11 16.86 -6.20 10.29
C VAL A 11 17.89 -7.29 10.59
N VAL A 12 18.76 -7.01 11.51
CA VAL A 12 19.88 -7.86 11.82
C VAL A 12 19.47 -9.15 12.52
N SER A 13 20.17 -10.24 12.17
CA SER A 13 19.94 -11.54 12.77
C SER A 13 20.58 -11.57 14.18
N ALA A 14 19.92 -10.87 15.11
CA ALA A 14 20.24 -10.76 16.53
C ALA A 14 21.55 -10.03 16.82
N THR A 15 22.60 -10.50 16.26
CA THR A 15 23.91 -10.00 16.55
C THR A 15 24.88 -10.16 15.36
N GLU A 16 24.54 -11.03 14.41
CA GLU A 16 25.42 -11.22 13.27
C GLU A 16 25.18 -10.16 12.25
N ARG A 17 26.17 -9.32 12.07
CA ARG A 17 26.06 -8.17 11.20
C ARG A 17 26.41 -8.56 9.78
N THR A 18 26.82 -9.80 9.61
CA THR A 18 27.19 -10.29 8.32
C THR A 18 25.96 -10.49 7.47
N GLU A 19 24.91 -10.94 8.08
CA GLU A 19 23.71 -11.24 7.39
C GLU A 19 22.49 -10.77 8.15
N TRP A 20 21.69 -10.05 7.47
CA TRP A 20 20.53 -9.46 7.99
C TRP A 20 19.40 -9.62 6.99
N TYR A 21 18.24 -9.97 7.46
CA TYR A 21 17.10 -10.12 6.60
C TYR A 21 16.33 -8.81 6.55
N PRO A 22 16.26 -8.19 5.38
CA PRO A 22 15.62 -6.89 5.21
C PRO A 22 14.11 -6.93 5.38
N ALA A 23 13.56 -5.81 5.74
CA ALA A 23 12.14 -5.70 5.98
C ALA A 23 11.66 -4.28 5.79
N LEU A 24 10.37 -4.12 5.76
CA LEU A 24 9.71 -2.86 5.55
C LEU A 24 9.18 -2.36 6.86
N VAL A 25 9.60 -1.19 7.25
CA VAL A 25 9.11 -0.57 8.47
C VAL A 25 7.69 -0.09 8.23
N ILE A 26 6.77 -0.60 8.99
CA ILE A 26 5.40 -0.17 8.89
C ILE A 26 4.82 0.04 10.26
N SER A 27 3.67 0.59 10.32
CA SER A 27 3.02 0.88 11.57
C SER A 27 2.18 -0.32 11.99
N PRO A 28 1.79 -0.43 13.29
CA PRO A 28 0.93 -1.54 13.78
C PRO A 28 -0.52 -1.31 13.38
N SER A 29 -0.69 -0.65 12.29
CA SER A 29 -1.93 -0.32 11.77
C SER A 29 -2.40 -1.49 10.90
N CYS A 30 -1.45 -2.19 10.28
CA CYS A 30 -1.77 -3.30 9.41
C CYS A 30 -2.04 -4.52 10.25
N ASN A 31 -1.40 -4.54 11.38
CA ASN A 31 -1.48 -5.62 12.30
C ASN A 31 -2.12 -5.20 13.60
N ASP A 32 -3.37 -5.52 13.75
CA ASP A 32 -4.08 -5.26 15.00
C ASP A 32 -3.77 -6.36 16.00
N ASP A 33 -3.05 -7.35 15.52
CA ASP A 33 -2.63 -8.50 16.30
C ASP A 33 -1.36 -8.17 17.09
N ILE A 34 -0.31 -7.80 16.39
CA ILE A 34 0.97 -7.45 17.02
C ILE A 34 0.92 -5.98 17.39
N THR A 35 1.45 -5.62 18.52
CA THR A 35 1.47 -4.24 18.90
C THR A 35 2.91 -3.70 18.93
N VAL A 36 3.13 -2.55 18.32
CA VAL A 36 4.40 -1.88 18.39
C VAL A 36 4.60 -1.34 19.79
N LYS A 37 5.47 -1.97 20.51
CA LYS A 37 5.83 -1.51 21.82
C LYS A 37 6.92 -0.44 21.68
N LYS A 38 7.18 0.28 22.76
CA LYS A 38 8.07 1.47 22.76
C LYS A 38 9.42 1.19 22.14
N ASP A 39 9.97 0.10 22.55
CA ASP A 39 11.31 -0.31 22.18
C ASP A 39 11.38 -0.81 20.75
N GLN A 40 10.23 -1.05 20.14
CA GLN A 40 10.22 -1.74 18.88
C GLN A 40 9.48 -1.01 17.79
N CYS A 41 9.62 -1.53 16.61
CA CYS A 41 8.98 -1.07 15.42
C CYS A 41 8.37 -2.29 14.75
N LEU A 42 7.50 -2.09 13.80
CA LEU A 42 6.88 -3.20 13.14
C LEU A 42 7.50 -3.34 11.78
N VAL A 43 7.98 -4.50 11.48
CA VAL A 43 8.57 -4.75 10.20
C VAL A 43 7.92 -5.89 9.50
N ARG A 44 7.69 -5.69 8.24
CA ARG A 44 7.17 -6.69 7.38
C ARG A 44 8.26 -7.13 6.44
N SER A 45 8.66 -8.35 6.54
CA SER A 45 9.68 -8.85 5.69
C SER A 45 9.07 -9.64 4.57
N PHE A 46 9.53 -9.33 3.40
CA PHE A 46 9.13 -10.02 2.20
C PHE A 46 9.85 -11.37 2.09
N ILE A 47 10.92 -11.52 2.86
CA ILE A 47 11.72 -12.72 2.82
C ILE A 47 11.49 -13.63 4.02
N ASP A 48 11.52 -13.09 5.22
CA ASP A 48 11.46 -13.93 6.40
C ASP A 48 10.03 -14.07 6.99
N SER A 49 9.68 -13.19 7.88
CA SER A 49 8.37 -13.22 8.51
C SER A 49 7.60 -12.00 8.07
N LYS A 50 6.30 -12.07 8.08
CA LYS A 50 5.53 -10.96 7.57
C LYS A 50 5.15 -9.94 8.60
N PHE A 51 4.94 -10.35 9.81
CA PHE A 51 4.71 -9.40 10.87
C PHE A 51 5.51 -9.82 12.07
N TYR A 52 6.40 -8.97 12.47
CA TYR A 52 7.23 -9.20 13.61
C TYR A 52 7.69 -7.88 14.15
N SER A 53 7.56 -7.75 15.43
CA SER A 53 7.91 -6.57 16.11
C SER A 53 9.36 -6.66 16.52
N ILE A 54 10.14 -5.76 16.05
CA ILE A 54 11.57 -5.80 16.24
C ILE A 54 12.06 -4.46 16.74
N ALA A 55 13.00 -4.51 17.66
CA ALA A 55 13.60 -3.33 18.22
C ALA A 55 14.33 -2.56 17.15
N ARG A 56 14.22 -1.24 17.20
CA ARG A 56 14.77 -0.36 16.18
C ARG A 56 16.30 -0.50 16.16
N LYS A 57 16.86 -0.88 17.29
CA LYS A 57 18.29 -1.12 17.44
C LYS A 57 18.77 -2.23 16.49
N ASP A 58 17.89 -3.14 16.13
CA ASP A 58 18.26 -4.27 15.27
C ASP A 58 18.12 -3.90 13.81
N ILE A 59 17.63 -2.71 13.59
CA ILE A 59 17.45 -2.18 12.28
C ILE A 59 18.65 -1.30 11.87
N LYS A 60 18.97 -1.30 10.60
CA LYS A 60 20.01 -0.45 10.05
C LYS A 60 19.49 0.23 8.80
N GLU A 61 19.84 1.48 8.63
CA GLU A 61 19.47 2.26 7.49
C GLU A 61 20.16 1.69 6.25
N VAL A 62 19.41 1.22 5.29
CA VAL A 62 20.03 0.74 4.08
C VAL A 62 19.04 0.75 2.94
N ASP A 63 19.55 0.91 1.77
CA ASP A 63 18.80 0.64 0.58
C ASP A 63 19.44 -0.56 0.01
N ILE A 64 18.81 -1.69 0.17
CA ILE A 64 19.41 -2.97 -0.22
C ILE A 64 19.68 -3.01 -1.72
N LEU A 65 18.90 -2.24 -2.46
CA LEU A 65 19.03 -2.18 -3.88
C LEU A 65 20.24 -1.35 -4.34
N ASN A 66 20.91 -0.71 -3.38
CA ASN A 66 22.10 0.07 -3.71
C ASN A 66 23.36 -0.75 -3.50
N LEU A 67 23.21 -1.87 -2.80
CA LEU A 67 24.35 -2.76 -2.56
C LEU A 67 24.77 -3.44 -3.88
N PRO A 68 26.09 -3.63 -4.10
CA PRO A 68 26.61 -4.26 -5.33
C PRO A 68 26.26 -5.75 -5.45
N GLU A 69 26.32 -6.25 -6.68
CA GLU A 69 26.00 -7.63 -7.05
C GLU A 69 26.66 -8.69 -6.15
N SER A 70 27.94 -8.50 -5.83
CA SER A 70 28.68 -9.46 -5.03
C SER A 70 28.11 -9.50 -3.61
N GLU A 71 27.66 -8.35 -3.12
CA GLU A 71 27.12 -8.24 -1.78
C GLU A 71 25.81 -9.00 -1.71
N LEU A 72 24.99 -8.74 -2.70
CA LEU A 72 23.65 -9.28 -2.83
C LEU A 72 23.64 -10.79 -2.90
N SER A 73 24.32 -11.28 -3.89
CA SER A 73 24.35 -12.69 -4.19
C SER A 73 25.06 -13.55 -3.12
N THR A 74 25.82 -12.94 -2.21
CA THR A 74 26.53 -13.72 -1.23
C THR A 74 25.76 -13.88 0.10
N LYS A 75 25.12 -12.82 0.56
CA LYS A 75 24.39 -12.92 1.84
C LYS A 75 22.93 -13.17 1.66
N PRO A 76 22.41 -14.24 2.31
CA PRO A 76 20.99 -14.60 2.25
C PRO A 76 20.13 -13.48 2.79
N GLY A 77 19.41 -12.88 1.91
CA GLY A 77 18.55 -11.81 2.23
C GLY A 77 18.72 -10.67 1.29
N LEU A 78 19.93 -10.47 0.84
CA LEU A 78 20.27 -9.32 0.05
C LEU A 78 19.81 -9.43 -1.40
N GLN A 79 19.90 -10.61 -1.98
CA GLN A 79 19.50 -10.79 -3.36
C GLN A 79 17.99 -10.78 -3.52
N LYS A 80 17.29 -11.52 -2.66
CA LYS A 80 15.84 -11.59 -2.73
C LYS A 80 15.24 -10.24 -2.44
N ALA A 81 15.93 -9.47 -1.63
CA ALA A 81 15.59 -8.10 -1.36
C ALA A 81 15.63 -7.32 -2.61
N SER A 82 16.80 -7.28 -3.23
CA SER A 82 17.04 -6.55 -4.43
C SER A 82 15.99 -6.86 -5.49
N ILE A 83 15.77 -8.12 -5.75
CA ILE A 83 14.82 -8.57 -6.75
C ILE A 83 13.38 -8.11 -6.43
N PHE A 84 13.00 -8.17 -5.16
CA PHE A 84 11.67 -7.77 -4.75
C PHE A 84 11.53 -6.24 -4.68
N LEU A 85 12.59 -5.58 -4.32
CA LEU A 85 12.61 -4.13 -4.22
C LEU A 85 12.66 -3.47 -5.59
N LYS A 86 13.52 -3.97 -6.46
CA LYS A 86 13.72 -3.36 -7.78
C LYS A 86 12.51 -3.47 -8.69
N THR A 87 11.55 -4.24 -8.28
CA THR A 87 10.38 -4.41 -9.06
C THR A 87 9.19 -3.61 -8.43
N ARG A 88 9.50 -2.74 -7.43
CA ARG A 88 8.44 -1.96 -6.76
C ARG A 88 8.92 -0.58 -6.23
N VAL A 89 10.06 -0.53 -5.60
CA VAL A 89 10.54 0.73 -4.97
C VAL A 89 11.59 1.32 -5.87
N VAL A 90 11.14 1.68 -7.01
CA VAL A 90 11.97 2.12 -8.11
C VAL A 90 11.13 2.95 -9.07
N PRO A 91 11.77 3.53 -10.10
CA PRO A 91 11.04 4.09 -11.26
C PRO A 91 10.39 2.92 -12.09
N ASP A 92 10.30 3.08 -13.41
CA ASP A 92 9.66 2.10 -14.36
C ASP A 92 10.18 0.61 -14.27
N ASN A 93 11.13 0.32 -13.39
CA ASN A 93 11.63 -1.07 -13.18
C ASN A 93 10.52 -2.01 -12.63
N TRP A 94 9.35 -1.42 -12.23
CA TRP A 94 8.15 -2.20 -11.78
C TRP A 94 7.83 -3.34 -12.72
N LYS A 95 7.66 -4.53 -12.20
CA LYS A 95 7.29 -5.63 -13.06
C LYS A 95 6.17 -6.52 -12.51
N MET A 96 5.02 -6.43 -13.16
CA MET A 96 3.91 -7.32 -12.95
C MET A 96 2.86 -6.96 -13.99
N ASP A 97 2.05 -7.91 -14.42
CA ASP A 97 1.06 -7.65 -15.46
C ASP A 97 -0.17 -6.96 -14.90
N ILE A 98 -0.52 -5.84 -15.51
CA ILE A 98 -1.64 -5.03 -15.08
C ILE A 98 -2.98 -5.67 -15.50
N SER A 99 -2.94 -6.52 -16.52
CA SER A 99 -4.14 -7.15 -17.06
C SER A 99 -4.83 -8.05 -16.01
N GLU A 100 -4.01 -8.64 -15.14
CA GLU A 100 -4.51 -9.52 -14.06
C GLU A 100 -5.10 -8.71 -12.93
N ILE A 101 -4.83 -7.42 -12.92
CA ILE A 101 -5.18 -6.58 -11.81
C ILE A 101 -6.64 -6.14 -11.78
N LEU A 102 -7.07 -5.40 -12.76
CA LEU A 102 -8.44 -4.89 -12.78
C LEU A 102 -9.34 -5.71 -13.65
N GLU A 103 -8.71 -6.49 -14.52
CA GLU A 103 -9.38 -7.29 -15.56
C GLU A 103 -9.70 -6.32 -16.70
N SER A 104 -10.53 -5.37 -16.41
CA SER A 104 -10.87 -4.28 -17.31
C SER A 104 -9.74 -3.20 -17.34
N SER A 105 -8.50 -3.66 -17.21
CA SER A 105 -7.34 -2.80 -17.18
C SER A 105 -7.08 -2.14 -18.54
N SER A 106 -7.66 -0.95 -18.73
CA SER A 106 -7.44 -0.12 -19.90
C SER A 106 -7.99 -0.79 -21.18
N SER A 107 -7.79 -0.11 -22.31
CA SER A 107 -8.08 -0.61 -23.67
C SER A 107 -9.60 -0.75 -23.98
N LYS A 108 -10.32 -1.33 -23.06
CA LYS A 108 -11.72 -1.66 -23.21
C LYS A 108 -12.60 -0.42 -23.39
N ASP A 109 -12.78 0.32 -22.32
CA ASP A 109 -13.64 1.49 -22.38
C ASP A 109 -12.85 2.71 -22.79
N LYS A 110 -11.66 2.86 -22.18
CA LYS A 110 -10.71 3.92 -22.43
C LYS A 110 -11.26 5.32 -22.10
N GLU A 111 -10.54 5.99 -21.23
CA GLU A 111 -10.86 7.36 -20.79
C GLU A 111 -12.21 7.55 -20.14
N LYS A 112 -12.24 7.40 -18.83
CA LYS A 112 -13.43 7.72 -18.07
C LYS A 112 -13.46 9.24 -17.96
N GLU A 113 -12.34 9.74 -17.49
CA GLU A 113 -12.04 11.14 -17.33
C GLU A 113 -10.61 11.20 -16.82
N LEU A 114 -9.68 11.37 -17.75
CA LEU A 114 -8.25 11.36 -17.46
C LEU A 114 -7.82 9.98 -17.01
N ASP A 115 -7.67 9.13 -18.00
CA ASP A 115 -7.26 7.75 -17.84
C ASP A 115 -5.86 7.73 -17.27
N PRO A 116 -5.70 7.37 -16.00
CA PRO A 116 -4.46 7.51 -15.29
C PRO A 116 -3.50 6.33 -15.37
N GLU A 117 -2.29 6.60 -15.82
CA GLU A 117 -1.20 5.61 -15.81
C GLU A 117 -0.77 5.40 -14.36
N GLU A 118 -1.13 6.37 -13.51
CA GLU A 118 -0.86 6.32 -12.09
C GLU A 118 -1.56 5.10 -11.47
N ARG A 119 -2.63 4.62 -12.14
CA ARG A 119 -3.37 3.45 -11.68
C ARG A 119 -2.43 2.27 -11.70
N ASP A 120 -1.58 2.21 -12.73
CA ASP A 120 -0.70 1.09 -12.96
C ASP A 120 0.32 1.04 -11.87
N ASN A 121 0.89 2.20 -11.58
CA ASN A 121 1.90 2.37 -10.53
C ASN A 121 1.33 1.94 -9.18
N PHE A 122 0.19 2.53 -8.85
CA PHE A 122 -0.47 2.31 -7.59
C PHE A 122 -0.89 0.85 -7.45
N LEU A 123 -1.43 0.30 -8.50
CA LEU A 123 -1.88 -1.07 -8.54
C LEU A 123 -0.73 -2.08 -8.52
N GLN A 124 0.39 -1.74 -9.18
CA GLN A 124 1.61 -2.57 -9.09
C GLN A 124 2.02 -2.69 -7.63
N GLN A 125 2.02 -1.54 -6.97
CA GLN A 125 2.33 -1.49 -5.57
C GLN A 125 1.35 -2.34 -4.77
N LEU A 126 0.04 -2.11 -4.98
CA LEU A 126 -1.02 -2.83 -4.27
C LEU A 126 -0.88 -4.32 -4.39
N TYR A 127 -0.85 -4.79 -5.61
CA TYR A 127 -0.77 -6.20 -5.88
C TYR A 127 0.47 -6.84 -5.30
N LYS A 128 1.63 -6.23 -5.49
CA LYS A 128 2.82 -6.81 -4.90
C LYS A 128 2.83 -6.70 -3.39
N PHE A 129 2.28 -5.59 -2.86
CA PHE A 129 2.16 -5.43 -1.39
C PHE A 129 1.22 -6.45 -0.82
N MET A 130 0.29 -6.92 -1.63
CA MET A 130 -0.61 -7.93 -1.15
C MET A 130 0.13 -9.26 -1.04
N GLU A 131 0.97 -9.54 -2.05
CA GLU A 131 1.72 -10.80 -2.15
C GLU A 131 2.58 -11.05 -0.92
N ASP A 132 3.26 -10.03 -0.46
CA ASP A 132 4.18 -10.19 0.64
C ASP A 132 3.50 -10.18 1.99
N ARG A 133 2.20 -9.87 2.05
CA ARG A 133 1.57 -9.75 3.36
C ARG A 133 0.80 -11.00 3.77
N GLY A 134 0.97 -12.09 3.02
CA GLY A 134 0.39 -13.37 3.41
C GLY A 134 -0.70 -13.80 2.46
N THR A 135 -1.59 -12.91 2.14
CA THR A 135 -2.65 -13.22 1.24
C THR A 135 -2.66 -12.24 0.07
N PRO A 136 -2.36 -12.75 -1.14
CA PRO A 136 -2.33 -11.94 -2.35
C PRO A 136 -3.74 -11.76 -2.94
N ILE A 137 -3.81 -11.22 -4.11
CA ILE A 137 -5.07 -11.03 -4.76
C ILE A 137 -5.36 -12.18 -5.69
N ASN A 138 -6.22 -13.04 -5.26
CA ASN A 138 -6.63 -14.19 -6.04
C ASN A 138 -8.02 -13.97 -6.59
N LYS A 139 -8.51 -12.76 -6.39
CA LYS A 139 -9.82 -12.35 -6.81
C LYS A 139 -9.77 -10.85 -7.13
N PRO A 140 -9.90 -10.48 -8.42
CA PRO A 140 -9.81 -9.07 -8.84
C PRO A 140 -10.99 -8.23 -8.34
N PRO A 141 -10.85 -6.90 -8.32
CA PRO A 141 -11.86 -6.01 -7.79
C PRO A 141 -13.00 -5.71 -8.75
N VAL A 142 -14.13 -6.30 -8.46
CA VAL A 142 -15.34 -5.99 -9.08
C VAL A 142 -16.31 -5.72 -7.94
N LEU A 143 -17.30 -4.94 -8.17
CA LEU A 143 -18.28 -4.61 -7.16
C LEU A 143 -19.59 -4.37 -7.83
N GLY A 144 -20.66 -4.84 -7.23
CA GLY A 144 -21.97 -4.58 -7.76
C GLY A 144 -22.16 -5.19 -9.11
N TYR A 145 -21.77 -6.46 -9.22
CA TYR A 145 -21.81 -7.28 -10.45
C TYR A 145 -21.06 -6.70 -11.66
N LYS A 146 -20.27 -5.69 -11.44
CA LYS A 146 -19.55 -5.05 -12.52
C LYS A 146 -18.14 -4.75 -12.10
N ASP A 147 -17.26 -4.50 -13.06
CA ASP A 147 -15.85 -4.23 -12.78
C ASP A 147 -15.69 -2.97 -11.96
N LEU A 148 -14.69 -2.96 -11.13
CA LEU A 148 -14.46 -1.87 -10.25
C LEU A 148 -13.14 -1.19 -10.57
N ASN A 149 -13.21 0.05 -10.99
CA ASN A 149 -12.01 0.82 -11.24
C ASN A 149 -11.46 1.37 -9.95
N LEU A 150 -10.58 0.58 -9.45
CA LEU A 150 -9.90 0.75 -8.20
C LEU A 150 -9.30 2.15 -8.06
N PHE A 151 -8.56 2.60 -9.05
CA PHE A 151 -7.82 3.82 -8.90
C PHE A 151 -8.68 5.07 -8.90
N LYS A 152 -9.80 5.05 -9.59
CA LYS A 152 -10.61 6.26 -9.56
C LYS A 152 -11.35 6.32 -8.26
N LEU A 153 -11.69 5.15 -7.74
CA LEU A 153 -12.37 5.07 -6.48
C LEU A 153 -11.38 5.50 -5.38
N PHE A 154 -10.08 5.21 -5.61
CA PHE A 154 -9.02 5.74 -4.76
C PHE A 154 -9.04 7.25 -4.79
N ARG A 155 -8.99 7.83 -6.01
CA ARG A 155 -9.03 9.29 -6.19
C ARG A 155 -10.20 9.90 -5.44
N LEU A 156 -11.34 9.24 -5.51
CA LEU A 156 -12.53 9.69 -4.84
C LEU A 156 -12.36 9.72 -3.33
N VAL A 157 -11.95 8.58 -2.73
CA VAL A 157 -11.68 8.52 -1.26
C VAL A 157 -10.60 9.51 -0.88
N TYR A 158 -9.63 9.64 -1.74
CA TYR A 158 -8.53 10.55 -1.57
C TYR A 158 -9.06 11.99 -1.53
N HIS A 159 -10.11 12.28 -2.32
CA HIS A 159 -10.75 13.61 -2.32
C HIS A 159 -11.72 13.74 -1.18
N GLN A 160 -12.00 12.63 -0.53
CA GLN A 160 -12.89 12.61 0.60
C GLN A 160 -12.10 12.74 1.89
N GLY A 161 -10.78 12.81 1.76
CA GLY A 161 -9.92 13.00 2.90
C GLY A 161 -9.28 11.72 3.39
N GLY A 162 -9.48 10.64 2.66
CA GLY A 162 -8.91 9.37 3.06
C GLY A 162 -9.74 8.70 4.14
N CYS A 163 -9.36 7.48 4.49
CA CYS A 163 -10.05 6.68 5.49
C CYS A 163 -10.05 7.30 6.90
N ASP A 164 -9.11 8.20 7.14
CA ASP A 164 -9.06 8.90 8.43
C ASP A 164 -10.23 9.84 8.57
N ASN A 165 -10.67 10.40 7.46
CA ASN A 165 -11.79 11.33 7.47
C ASN A 165 -13.09 10.55 7.24
N ILE A 166 -13.00 9.44 6.54
CA ILE A 166 -14.18 8.66 6.22
C ILE A 166 -14.56 7.75 7.36
N ASP A 167 -15.61 8.10 7.99
CA ASP A 167 -16.17 7.32 9.08
C ASP A 167 -17.57 6.88 8.72
N SER A 168 -18.17 7.60 7.80
CA SER A 168 -19.51 7.37 7.40
C SER A 168 -19.56 6.47 6.18
N GLY A 169 -20.57 5.60 6.14
CA GLY A 169 -20.78 4.75 5.01
C GLY A 169 -21.32 5.53 3.83
N ALA A 170 -21.79 6.73 4.11
CA ALA A 170 -22.32 7.65 3.12
C ALA A 170 -21.26 8.01 2.09
N VAL A 171 -20.02 8.03 2.53
CA VAL A 171 -18.93 8.38 1.66
C VAL A 171 -18.60 7.20 0.76
N TRP A 172 -18.51 6.00 1.34
CA TRP A 172 -18.36 4.76 0.58
C TRP A 172 -19.48 4.64 -0.46
N LYS A 173 -20.69 4.99 -0.04
CA LYS A 173 -21.83 5.06 -0.93
C LYS A 173 -21.54 6.04 -2.07
N GLN A 174 -21.06 7.22 -1.71
CA GLN A 174 -20.78 8.27 -2.67
C GLN A 174 -19.73 7.85 -3.70
N ILE A 175 -18.61 7.29 -3.23
CA ILE A 175 -17.53 6.87 -4.12
C ILE A 175 -18.05 5.77 -5.08
N TYR A 176 -18.82 4.84 -4.54
CA TYR A 176 -19.42 3.73 -5.30
C TYR A 176 -20.39 4.28 -6.36
N MET A 177 -21.16 5.26 -5.94
CA MET A 177 -22.13 5.91 -6.79
C MET A 177 -21.48 6.78 -7.82
N ASP A 178 -20.27 7.20 -7.55
CA ASP A 178 -19.56 8.03 -8.51
C ASP A 178 -19.08 7.17 -9.65
N LEU A 179 -18.60 5.94 -9.35
CA LEU A 179 -18.25 5.03 -10.43
C LEU A 179 -19.49 4.59 -11.21
N GLY A 180 -20.66 4.60 -10.57
CA GLY A 180 -21.88 4.30 -11.29
C GLY A 180 -22.28 2.87 -11.12
N ILE A 181 -22.07 2.36 -9.96
CA ILE A 181 -22.46 1.02 -9.66
C ILE A 181 -23.69 1.10 -8.76
N PRO A 182 -24.73 0.29 -9.04
CA PRO A 182 -25.96 0.27 -8.24
C PRO A 182 -25.70 0.07 -6.76
N ILE A 183 -26.23 0.99 -5.97
CA ILE A 183 -26.02 0.98 -4.54
C ILE A 183 -26.68 -0.24 -3.88
N LEU A 184 -27.82 -0.68 -4.42
CA LEU A 184 -28.56 -1.86 -3.95
C LEU A 184 -29.07 -1.67 -2.51
N ASN A 185 -28.18 -1.79 -1.55
CA ASN A 185 -28.48 -1.65 -0.13
C ASN A 185 -27.17 -1.43 0.66
N SER A 186 -27.23 -1.59 1.97
CA SER A 186 -26.09 -1.29 2.84
C SER A 186 -24.91 -2.28 2.65
N ALA A 187 -25.15 -3.40 1.96
CA ALA A 187 -24.09 -4.36 1.68
C ALA A 187 -23.11 -3.75 0.70
N ALA A 188 -23.54 -2.71 0.01
CA ALA A 188 -22.68 -2.00 -0.89
C ALA A 188 -21.68 -1.18 -0.11
N SER A 189 -22.17 -0.43 0.88
CA SER A 189 -21.30 0.34 1.76
C SER A 189 -20.24 -0.60 2.37
N TYR A 190 -20.71 -1.78 2.75
CA TYR A 190 -19.85 -2.82 3.24
C TYR A 190 -18.88 -3.30 2.16
N ASN A 191 -19.39 -3.62 0.98
CA ASN A 191 -18.56 -4.18 -0.08
C ASN A 191 -17.53 -3.20 -0.59
N VAL A 192 -17.84 -1.91 -0.55
CA VAL A 192 -16.89 -0.88 -0.93
C VAL A 192 -15.83 -0.77 0.12
N LYS A 193 -16.27 -0.77 1.38
CA LYS A 193 -15.34 -0.69 2.49
C LYS A 193 -14.44 -1.92 2.47
N THR A 194 -15.00 -3.05 2.09
CA THR A 194 -14.24 -4.27 1.96
C THR A 194 -13.24 -4.18 0.79
N ALA A 195 -13.69 -3.62 -0.33
CA ALA A 195 -12.87 -3.46 -1.51
C ALA A 195 -11.70 -2.58 -1.18
N TYR A 196 -12.00 -1.38 -0.72
CA TYR A 196 -10.98 -0.43 -0.42
C TYR A 196 -10.04 -0.95 0.69
N ARG A 197 -10.63 -1.47 1.75
CA ARG A 197 -9.88 -1.89 2.93
C ARG A 197 -9.05 -3.15 2.70
N LYS A 198 -9.35 -3.98 1.73
CA LYS A 198 -8.41 -5.06 1.51
C LYS A 198 -7.53 -4.92 0.29
N TYR A 199 -8.00 -4.21 -0.70
CA TYR A 199 -7.21 -4.02 -1.91
C TYR A 199 -6.16 -2.91 -1.76
N LEU A 200 -6.49 -1.84 -1.06
CA LEU A 200 -5.56 -0.72 -1.00
C LEU A 200 -4.85 -0.62 0.33
N TYR A 201 -5.38 -1.31 1.32
CA TYR A 201 -5.02 -1.13 2.75
C TYR A 201 -3.55 -0.85 3.04
N GLY A 202 -2.66 -1.74 2.62
CA GLY A 202 -1.23 -1.55 2.89
C GLY A 202 -0.68 -0.22 2.37
N PHE A 203 -0.99 0.08 1.13
CA PHE A 203 -0.47 1.28 0.52
C PHE A 203 -1.29 2.48 0.98
N GLU A 204 -2.55 2.23 1.34
CA GLU A 204 -3.42 3.25 1.91
C GLU A 204 -2.84 3.74 3.23
N GLU A 205 -2.50 2.78 4.13
CA GLU A 205 -1.92 3.15 5.39
C GLU A 205 -0.58 3.81 5.21
N TYR A 206 0.18 3.34 4.23
CA TYR A 206 1.42 3.99 3.88
C TYR A 206 1.14 5.45 3.48
N CYS A 207 0.19 5.66 2.58
CA CYS A 207 -0.19 7.00 2.11
C CYS A 207 -0.67 7.89 3.25
N ARG A 208 -1.60 7.40 4.06
CA ARG A 208 -2.17 8.20 5.15
C ARG A 208 -1.13 8.50 6.23
N SER A 209 -0.12 7.66 6.36
CA SER A 209 0.95 7.94 7.30
C SER A 209 2.02 8.84 6.67
N ALA A 210 2.16 8.76 5.36
CA ALA A 210 3.20 9.48 4.65
C ALA A 210 2.65 10.75 4.01
N ASN A 211 1.58 11.30 4.58
CA ASN A 211 0.96 12.63 4.23
C ASN A 211 0.14 12.66 2.96
N ILE A 212 0.05 11.53 2.28
CA ILE A 212 -0.65 11.46 1.02
C ILE A 212 -2.14 11.34 1.27
N GLN A 213 -2.68 12.46 1.63
CA GLN A 213 -4.09 12.62 1.97
C GLN A 213 -4.50 14.04 1.59
N PHE A 214 -5.72 14.22 1.12
CA PHE A 214 -6.23 15.56 0.95
C PHE A 214 -6.74 16.07 2.26
N ARG A 215 -5.92 16.82 2.92
CA ARG A 215 -6.24 17.35 4.22
C ARG A 215 -6.93 18.70 4.06
N THR A 216 -6.85 19.21 2.86
CA THR A 216 -7.40 20.47 2.49
C THR A 216 -8.91 20.41 2.17
N VAL A 217 -9.45 19.21 2.07
CA VAL A 217 -10.86 19.05 1.75
C VAL A 217 -11.72 19.05 3.01
N HIS A 218 -11.08 19.02 4.15
CA HIS A 218 -11.77 19.00 5.41
C HIS A 218 -10.88 19.66 6.44
N HIS A 219 -11.02 20.96 6.61
CA HIS A 219 -10.13 21.69 7.51
C HIS A 219 -10.51 21.60 8.97
N HIS A 220 -10.37 20.39 9.45
CA HIS A 220 -10.52 19.98 10.82
C HIS A 220 -10.42 18.48 10.77
N GLU A 221 -9.23 18.02 10.59
CA GLU A 221 -8.97 16.60 10.48
C GLU A 221 -9.15 15.95 11.83
N LEU A 222 -9.45 14.70 11.81
CA LEU A 222 -9.82 14.00 12.99
C LEU A 222 -9.09 12.70 13.06
N GLU A 223 -8.84 12.27 14.26
CA GLU A 223 -8.29 10.98 14.53
C GLU A 223 -8.95 10.40 15.72
N HIS A 224 -8.91 9.13 15.77
CA HIS A 224 -9.15 8.41 16.97
C HIS A 224 -7.92 7.61 17.12
N HIS A 225 -6.88 8.35 17.51
CA HIS A 225 -5.51 7.90 17.54
C HIS A 225 -5.31 6.82 18.57
N HIS A 226 -5.63 5.61 18.14
CA HIS A 226 -5.61 4.41 18.94
C HIS A 226 -6.63 4.49 20.05
N HIS A 227 -6.27 5.07 21.17
CA HIS A 227 -7.20 5.30 22.28
C HIS A 227 -6.68 6.44 23.11
N HIS A 228 -7.32 7.56 23.01
CA HIS A 228 -6.96 8.69 23.82
C HIS A 228 -7.81 8.65 25.07
N HIS A 229 -7.41 7.80 25.99
CA HIS A 229 -8.12 7.60 27.22
C HIS A 229 -7.11 7.55 28.35
N ASN A 1 18.10 8.74 0.28
CA ASN A 1 17.63 7.45 0.79
C ASN A 1 17.08 7.74 2.18
N ASP A 2 16.09 7.00 2.64
CA ASP A 2 15.33 7.36 3.85
C ASP A 2 14.54 6.18 4.29
N GLU A 3 14.69 5.82 5.51
CA GLU A 3 13.94 4.74 6.10
C GLU A 3 12.65 5.29 6.69
N LEU A 4 11.94 4.44 7.42
CA LEU A 4 10.72 4.79 8.18
C LEU A 4 9.48 5.12 7.30
N LEU A 5 9.71 5.54 6.07
CA LEU A 5 8.63 5.94 5.18
C LEU A 5 7.88 4.77 4.51
N GLY A 6 8.37 3.55 4.70
CA GLY A 6 7.69 2.40 4.12
C GLY A 6 8.54 1.61 3.14
N LYS A 7 9.73 2.09 2.88
CA LYS A 7 10.63 1.43 1.93
C LYS A 7 11.35 0.24 2.57
N VAL A 8 12.24 -0.38 1.78
CA VAL A 8 13.01 -1.52 2.22
C VAL A 8 14.23 -1.07 3.04
N VAL A 9 14.35 -1.63 4.20
CA VAL A 9 15.40 -1.31 5.13
C VAL A 9 16.10 -2.58 5.57
N SER A 10 17.20 -2.41 6.25
CA SER A 10 17.92 -3.51 6.81
C SER A 10 17.34 -3.84 8.17
N VAL A 11 16.78 -5.00 8.33
CA VAL A 11 16.38 -5.41 9.63
C VAL A 11 17.46 -6.32 10.13
N VAL A 12 18.17 -5.84 11.07
CA VAL A 12 19.33 -6.48 11.55
C VAL A 12 18.97 -7.61 12.51
N SER A 13 19.82 -8.63 12.55
CA SER A 13 19.62 -9.75 13.41
C SER A 13 19.89 -9.34 14.86
N ALA A 14 19.51 -10.21 15.79
CA ALA A 14 19.60 -9.94 17.22
C ALA A 14 21.02 -9.56 17.66
N THR A 15 22.01 -10.23 17.13
CA THR A 15 23.36 -9.92 17.47
C THR A 15 24.24 -9.72 16.22
N GLU A 16 23.89 -10.35 15.08
CA GLU A 16 24.70 -10.13 13.87
C GLU A 16 24.30 -8.87 13.19
N ARG A 17 25.21 -7.95 13.08
CA ARG A 17 25.04 -6.82 12.20
C ARG A 17 25.56 -7.29 10.84
N THR A 18 26.24 -8.42 10.91
CA THR A 18 26.86 -9.11 9.81
C THR A 18 25.81 -9.59 8.83
N GLU A 19 24.68 -9.92 9.37
CA GLU A 19 23.62 -10.47 8.62
C GLU A 19 22.35 -9.80 9.03
N TRP A 20 21.67 -9.30 8.07
CA TRP A 20 20.46 -8.61 8.26
C TRP A 20 19.52 -8.95 7.14
N TYR A 21 18.27 -8.98 7.44
CA TYR A 21 17.28 -9.33 6.47
C TYR A 21 16.50 -8.11 6.03
N PRO A 22 16.54 -7.79 4.74
CA PRO A 22 15.84 -6.65 4.17
C PRO A 22 14.32 -6.78 4.31
N ALA A 23 13.67 -5.69 4.62
CA ALA A 23 12.25 -5.70 4.85
C ALA A 23 11.64 -4.35 4.56
N LEU A 24 10.33 -4.32 4.45
CA LEU A 24 9.57 -3.11 4.16
C LEU A 24 8.93 -2.61 5.43
N VAL A 25 9.01 -1.33 5.68
CA VAL A 25 8.43 -0.75 6.88
C VAL A 25 6.92 -0.60 6.70
N ILE A 26 6.15 -1.39 7.43
CA ILE A 26 4.71 -1.31 7.33
C ILE A 26 4.11 -0.70 8.58
N SER A 27 2.82 -0.51 8.61
CA SER A 27 2.22 0.17 9.72
C SER A 27 1.57 -0.82 10.68
N PRO A 28 1.52 -0.50 11.99
CA PRO A 28 0.86 -1.35 13.00
C PRO A 28 -0.67 -1.33 12.85
N SER A 29 -1.12 -0.69 11.81
CA SER A 29 -2.50 -0.64 11.45
C SER A 29 -2.87 -1.94 10.73
N CYS A 30 -1.86 -2.60 10.16
CA CYS A 30 -2.07 -3.79 9.39
C CYS A 30 -2.22 -4.98 10.34
N ASN A 31 -1.71 -4.80 11.52
CA ASN A 31 -1.67 -5.81 12.54
C ASN A 31 -2.32 -5.36 13.81
N ASP A 32 -3.42 -5.97 14.14
CA ASP A 32 -4.09 -5.70 15.39
C ASP A 32 -3.40 -6.44 16.52
N ASP A 33 -2.81 -7.57 16.16
CA ASP A 33 -2.17 -8.46 17.11
C ASP A 33 -0.86 -7.90 17.57
N ILE A 34 -0.07 -7.45 16.64
CA ILE A 34 1.19 -6.85 16.98
C ILE A 34 0.91 -5.36 17.20
N THR A 35 1.63 -4.75 18.06
CA THR A 35 1.47 -3.37 18.32
C THR A 35 2.85 -2.76 18.24
N VAL A 36 2.96 -1.54 17.76
CA VAL A 36 4.25 -0.91 17.71
C VAL A 36 4.60 -0.48 19.12
N LYS A 37 5.82 -0.70 19.51
CA LYS A 37 6.19 -0.44 20.87
C LYS A 37 7.14 0.75 20.96
N LYS A 38 7.71 0.98 22.13
CA LYS A 38 8.57 2.14 22.32
C LYS A 38 9.90 2.02 21.59
N ASP A 39 10.54 0.88 21.68
CA ASP A 39 11.83 0.70 21.04
C ASP A 39 11.63 -0.04 19.72
N GLN A 40 10.48 -0.65 19.57
CA GLN A 40 10.22 -1.49 18.40
C GLN A 40 9.29 -0.85 17.41
N CYS A 41 9.57 -1.10 16.16
CA CYS A 41 8.80 -0.61 15.04
C CYS A 41 8.16 -1.80 14.33
N LEU A 42 7.16 -1.58 13.50
CA LEU A 42 6.59 -2.64 12.69
C LEU A 42 7.31 -2.68 11.37
N VAL A 43 7.55 -3.87 10.89
CA VAL A 43 8.24 -4.07 9.65
C VAL A 43 7.88 -5.45 9.09
N ARG A 44 7.95 -5.62 7.79
CA ARG A 44 7.57 -6.87 7.13
C ARG A 44 8.60 -7.26 6.10
N SER A 45 9.04 -8.47 6.15
CA SER A 45 10.04 -8.90 5.25
C SER A 45 9.47 -9.82 4.20
N PHE A 46 10.03 -9.72 3.02
CA PHE A 46 9.73 -10.63 1.94
C PHE A 46 10.48 -11.94 2.15
N ILE A 47 11.60 -11.86 2.87
CA ILE A 47 12.47 -12.98 3.06
C ILE A 47 12.19 -13.61 4.45
N ASP A 48 11.98 -12.78 5.46
CA ASP A 48 11.68 -13.26 6.82
C ASP A 48 10.14 -13.27 7.01
N SER A 49 9.67 -13.01 8.21
CA SER A 49 8.25 -13.08 8.52
C SER A 49 7.40 -11.88 7.99
N LYS A 50 6.08 -12.01 8.15
CA LYS A 50 5.10 -11.10 7.58
C LYS A 50 4.73 -10.03 8.59
N PHE A 51 4.81 -10.38 9.86
CA PHE A 51 4.54 -9.49 10.95
C PHE A 51 5.48 -9.75 12.06
N TYR A 52 6.23 -8.76 12.40
CA TYR A 52 7.15 -8.81 13.49
C TYR A 52 7.47 -7.40 13.88
N SER A 53 7.91 -7.21 15.07
CA SER A 53 8.19 -5.91 15.55
C SER A 53 9.61 -5.97 16.04
N ILE A 54 10.40 -5.03 15.63
CA ILE A 54 11.82 -5.06 15.87
C ILE A 54 12.28 -3.68 16.21
N ALA A 55 13.25 -3.61 17.08
CA ALA A 55 13.75 -2.38 17.58
C ALA A 55 14.34 -1.46 16.53
N ARG A 56 14.16 -0.19 16.76
CA ARG A 56 14.60 0.90 15.94
C ARG A 56 16.14 0.85 15.78
N LYS A 57 16.79 0.37 16.81
CA LYS A 57 18.25 0.27 16.86
C LYS A 57 18.74 -0.94 16.05
N ASP A 58 17.80 -1.77 15.64
CA ASP A 58 18.11 -2.98 14.92
C ASP A 58 17.59 -2.87 13.50
N ILE A 59 17.20 -1.68 13.11
CA ILE A 59 16.76 -1.43 11.76
C ILE A 59 17.57 -0.27 11.21
N LYS A 60 18.10 -0.41 10.02
CA LYS A 60 18.92 0.62 9.43
C LYS A 60 18.67 0.81 7.96
N GLU A 61 18.72 2.05 7.57
CA GLU A 61 18.43 2.53 6.25
C GLU A 61 19.43 1.97 5.24
N VAL A 62 18.93 1.40 4.17
CA VAL A 62 19.74 0.84 3.11
C VAL A 62 18.93 0.81 1.81
N ASP A 63 19.58 0.98 0.70
CA ASP A 63 18.94 0.72 -0.57
C ASP A 63 19.62 -0.49 -1.14
N ILE A 64 18.93 -1.59 -1.13
CA ILE A 64 19.50 -2.89 -1.48
C ILE A 64 20.07 -2.89 -2.89
N LEU A 65 19.30 -2.37 -3.82
CA LEU A 65 19.69 -2.39 -5.22
C LEU A 65 20.79 -1.36 -5.52
N ASN A 66 21.17 -0.62 -4.50
CA ASN A 66 22.20 0.39 -4.61
C ASN A 66 23.56 -0.21 -4.25
N LEU A 67 23.54 -1.17 -3.33
CA LEU A 67 24.73 -1.88 -2.90
C LEU A 67 25.31 -2.72 -4.04
N PRO A 68 26.63 -2.96 -4.03
CA PRO A 68 27.27 -3.76 -5.06
C PRO A 68 26.95 -5.23 -4.91
N GLU A 69 26.96 -5.92 -6.04
CA GLU A 69 26.69 -7.35 -6.15
C GLU A 69 27.58 -8.19 -5.23
N SER A 70 28.76 -7.68 -4.93
CA SER A 70 29.71 -8.33 -4.07
C SER A 70 29.17 -8.47 -2.64
N GLU A 71 28.35 -7.51 -2.24
CA GLU A 71 27.72 -7.52 -0.94
C GLU A 71 26.46 -8.38 -1.03
N LEU A 72 25.66 -8.04 -2.02
CA LEU A 72 24.34 -8.66 -2.26
C LEU A 72 24.41 -10.16 -2.37
N SER A 73 25.17 -10.60 -3.32
CA SER A 73 25.26 -12.01 -3.66
C SER A 73 25.90 -12.87 -2.56
N THR A 74 26.55 -12.27 -1.56
CA THR A 74 27.18 -13.06 -0.55
C THR A 74 26.40 -13.13 0.77
N LYS A 75 25.54 -12.17 1.02
CA LYS A 75 24.75 -12.20 2.25
C LYS A 75 23.34 -12.73 1.97
N PRO A 76 23.02 -13.94 2.50
CA PRO A 76 21.71 -14.59 2.31
C PRO A 76 20.54 -13.70 2.68
N GLY A 77 19.78 -13.33 1.68
CA GLY A 77 18.69 -12.45 1.86
C GLY A 77 18.84 -11.30 0.92
N LEU A 78 20.05 -10.76 0.84
CA LEU A 78 20.35 -9.64 0.00
C LEU A 78 20.34 -10.05 -1.46
N GLN A 79 20.76 -11.28 -1.71
CA GLN A 79 20.74 -11.83 -3.05
C GLN A 79 19.30 -11.82 -3.59
N LYS A 80 18.40 -12.48 -2.85
CA LYS A 80 16.98 -12.53 -3.17
C LYS A 80 16.44 -11.13 -3.27
N ALA A 81 16.80 -10.31 -2.29
CA ALA A 81 16.42 -8.91 -2.25
C ALA A 81 16.73 -8.21 -3.55
N SER A 82 17.96 -8.38 -4.04
CA SER A 82 18.38 -7.77 -5.28
C SER A 82 17.41 -8.16 -6.40
N ILE A 83 17.28 -9.46 -6.58
CA ILE A 83 16.45 -10.07 -7.62
C ILE A 83 15.00 -9.60 -7.51
N PHE A 84 14.51 -9.58 -6.31
CA PHE A 84 13.15 -9.20 -6.03
C PHE A 84 12.95 -7.70 -6.24
N LEU A 85 13.77 -6.90 -5.60
CA LEU A 85 13.60 -5.46 -5.53
C LEU A 85 13.93 -4.74 -6.81
N LYS A 86 14.97 -5.17 -7.52
CA LYS A 86 15.37 -4.45 -8.75
C LYS A 86 14.28 -4.43 -9.78
N THR A 87 13.37 -5.37 -9.69
CA THR A 87 12.33 -5.45 -10.65
C THR A 87 10.96 -5.09 -10.00
N ARG A 88 10.96 -4.39 -8.84
CA ARG A 88 9.66 -3.98 -8.25
C ARG A 88 9.76 -2.85 -7.20
N VAL A 89 10.91 -2.26 -7.02
CA VAL A 89 10.99 -1.05 -6.19
C VAL A 89 11.05 0.16 -7.10
N VAL A 90 11.67 -0.03 -8.23
CA VAL A 90 11.86 0.99 -9.20
C VAL A 90 10.76 0.89 -10.30
N PRO A 91 10.35 2.03 -10.88
CA PRO A 91 9.14 2.12 -11.74
C PRO A 91 9.21 1.40 -13.08
N ASP A 92 10.30 1.50 -13.76
CA ASP A 92 10.40 0.98 -15.12
C ASP A 92 10.68 -0.51 -15.11
N ASN A 93 11.41 -0.96 -14.11
CA ASN A 93 11.77 -2.37 -14.00
C ASN A 93 10.66 -3.17 -13.31
N TRP A 94 9.70 -2.47 -12.71
CA TRP A 94 8.58 -3.10 -11.98
C TRP A 94 7.87 -4.13 -12.86
N LYS A 95 7.88 -5.39 -12.44
CA LYS A 95 7.30 -6.41 -13.26
C LYS A 95 6.49 -7.45 -12.47
N MET A 96 5.21 -7.36 -12.65
CA MET A 96 4.22 -8.33 -12.25
C MET A 96 3.05 -8.01 -13.13
N ASP A 97 2.29 -9.00 -13.56
CA ASP A 97 1.25 -8.81 -14.62
C ASP A 97 0.25 -7.73 -14.30
N ILE A 98 0.49 -6.56 -14.85
CA ILE A 98 -0.36 -5.41 -14.64
C ILE A 98 -1.70 -5.62 -15.35
N SER A 99 -1.68 -6.38 -16.42
CA SER A 99 -2.85 -6.66 -17.19
C SER A 99 -3.87 -7.44 -16.35
N GLU A 100 -3.40 -8.54 -15.75
CA GLU A 100 -4.27 -9.46 -14.99
C GLU A 100 -4.83 -8.82 -13.73
N ILE A 101 -4.23 -7.73 -13.30
CA ILE A 101 -4.67 -7.03 -12.12
C ILE A 101 -6.07 -6.43 -12.31
N LEU A 102 -6.25 -5.71 -13.39
CA LEU A 102 -7.52 -5.04 -13.62
C LEU A 102 -8.32 -5.68 -14.76
N GLU A 103 -7.66 -5.84 -15.89
CA GLU A 103 -8.27 -6.29 -17.15
C GLU A 103 -7.13 -6.30 -18.17
N SER A 104 -6.72 -5.12 -18.54
CA SER A 104 -5.50 -4.92 -19.28
C SER A 104 -4.70 -3.84 -18.57
N SER A 105 -5.39 -3.09 -17.68
CA SER A 105 -4.88 -1.91 -16.96
C SER A 105 -4.71 -0.76 -17.95
N SER A 106 -3.90 -1.00 -18.98
CA SER A 106 -3.76 -0.11 -20.10
C SER A 106 -5.13 -0.05 -20.75
N SER A 107 -5.79 1.04 -20.51
CA SER A 107 -7.16 1.22 -20.80
C SER A 107 -7.47 1.21 -22.29
N LYS A 108 -8.61 0.67 -22.61
CA LYS A 108 -9.14 0.64 -23.95
C LYS A 108 -9.90 1.91 -24.25
N ASP A 109 -9.77 2.83 -23.34
CA ASP A 109 -10.22 4.19 -23.45
C ASP A 109 -8.98 4.99 -23.70
N LYS A 110 -8.88 5.61 -24.85
CA LYS A 110 -7.65 6.33 -25.15
C LYS A 110 -7.66 7.70 -24.53
N GLU A 111 -8.83 8.20 -24.29
CA GLU A 111 -8.98 9.50 -23.70
C GLU A 111 -9.53 9.46 -22.28
N LYS A 112 -8.67 9.63 -21.33
CA LYS A 112 -9.07 9.85 -19.96
C LYS A 112 -8.98 11.35 -19.71
N GLU A 113 -9.18 11.78 -18.49
CA GLU A 113 -9.11 13.21 -18.20
C GLU A 113 -7.72 13.55 -17.68
N LEU A 114 -6.97 12.51 -17.37
CA LEU A 114 -5.64 12.61 -16.86
C LEU A 114 -4.82 11.54 -17.53
N ASP A 115 -3.53 11.58 -17.37
CA ASP A 115 -2.66 10.54 -17.90
C ASP A 115 -2.37 9.56 -16.78
N PRO A 116 -2.98 8.37 -16.83
CA PRO A 116 -2.98 7.43 -15.71
C PRO A 116 -1.69 6.63 -15.51
N GLU A 117 -0.70 7.26 -14.97
CA GLU A 117 0.57 6.60 -14.63
C GLU A 117 0.48 5.98 -13.24
N GLU A 118 0.01 6.78 -12.29
CA GLU A 118 -0.05 6.40 -10.88
C GLU A 118 -0.83 5.11 -10.65
N ARG A 119 -1.90 4.90 -11.46
CA ARG A 119 -2.73 3.68 -11.35
C ARG A 119 -1.83 2.44 -11.43
N ASP A 120 -0.87 2.47 -12.36
CA ASP A 120 -0.06 1.32 -12.66
C ASP A 120 0.89 1.05 -11.53
N ASN A 121 1.56 2.11 -11.08
CA ASN A 121 2.51 2.02 -9.96
C ASN A 121 1.79 1.51 -8.71
N PHE A 122 0.62 2.09 -8.45
CA PHE A 122 -0.23 1.74 -7.32
C PHE A 122 -0.65 0.28 -7.38
N LEU A 123 -1.20 -0.12 -8.52
CA LEU A 123 -1.70 -1.48 -8.69
C LEU A 123 -0.60 -2.53 -8.52
N GLN A 124 0.56 -2.26 -9.13
CA GLN A 124 1.73 -3.15 -9.02
C GLN A 124 2.13 -3.29 -7.54
N GLN A 125 2.34 -2.16 -6.90
CA GLN A 125 2.77 -2.11 -5.52
C GLN A 125 1.77 -2.76 -4.59
N LEU A 126 0.50 -2.43 -4.76
CA LEU A 126 -0.55 -2.94 -3.92
C LEU A 126 -0.68 -4.46 -4.04
N TYR A 127 -0.57 -4.97 -5.26
CA TYR A 127 -0.64 -6.40 -5.47
C TYR A 127 0.50 -7.15 -4.82
N LYS A 128 1.73 -6.72 -5.05
CA LYS A 128 2.87 -7.37 -4.40
C LYS A 128 2.75 -7.28 -2.87
N PHE A 129 2.41 -6.07 -2.39
CA PHE A 129 2.27 -5.79 -0.96
C PHE A 129 1.20 -6.68 -0.31
N MET A 130 0.12 -6.91 -1.06
CA MET A 130 -1.00 -7.69 -0.59
C MET A 130 -0.57 -9.12 -0.41
N GLU A 131 0.16 -9.61 -1.38
CA GLU A 131 0.63 -10.97 -1.39
C GLU A 131 1.59 -11.23 -0.22
N ASP A 132 2.59 -10.38 -0.10
CA ASP A 132 3.64 -10.56 0.91
C ASP A 132 3.18 -10.29 2.32
N ARG A 133 1.95 -9.82 2.51
CA ARG A 133 1.47 -9.65 3.87
C ARG A 133 0.75 -10.89 4.35
N GLY A 134 0.59 -11.85 3.46
CA GLY A 134 -0.13 -13.06 3.80
C GLY A 134 -1.61 -12.81 3.80
N THR A 135 -2.03 -11.95 2.92
CA THR A 135 -3.42 -11.60 2.77
C THR A 135 -3.60 -11.22 1.25
N PRO A 136 -3.16 -12.13 0.31
CA PRO A 136 -3.03 -11.80 -1.14
C PRO A 136 -4.36 -11.66 -1.87
N ILE A 137 -4.26 -11.26 -3.11
CA ILE A 137 -5.40 -11.11 -3.96
C ILE A 137 -5.88 -12.47 -4.49
N ASN A 138 -6.69 -13.12 -3.71
CA ASN A 138 -7.40 -14.34 -4.13
C ASN A 138 -8.84 -13.95 -4.35
N LYS A 139 -9.03 -12.65 -4.29
CA LYS A 139 -10.28 -11.98 -4.49
C LYS A 139 -10.01 -10.69 -5.22
N PRO A 140 -10.45 -10.60 -6.47
CA PRO A 140 -10.25 -9.40 -7.28
C PRO A 140 -11.24 -8.28 -6.92
N PRO A 141 -10.97 -7.04 -7.29
CA PRO A 141 -11.87 -5.94 -7.02
C PRO A 141 -13.13 -5.97 -7.91
N VAL A 142 -14.23 -6.34 -7.31
CA VAL A 142 -15.51 -6.40 -7.97
C VAL A 142 -16.51 -5.81 -7.02
N LEU A 143 -17.37 -4.97 -7.49
CA LEU A 143 -18.42 -4.42 -6.67
C LEU A 143 -19.63 -4.19 -7.52
N GLY A 144 -20.79 -4.42 -6.96
CA GLY A 144 -22.01 -4.23 -7.71
C GLY A 144 -22.14 -5.22 -8.81
N TYR A 145 -21.52 -6.38 -8.60
CA TYR A 145 -21.50 -7.55 -9.52
C TYR A 145 -20.66 -7.24 -10.77
N LYS A 146 -20.00 -6.08 -10.81
CA LYS A 146 -19.20 -5.73 -11.97
C LYS A 146 -17.78 -5.38 -11.53
N ASP A 147 -16.84 -5.47 -12.47
CA ASP A 147 -15.42 -5.20 -12.20
C ASP A 147 -15.25 -3.82 -11.67
N LEU A 148 -14.64 -3.73 -10.52
CA LEU A 148 -14.50 -2.48 -9.84
C LEU A 148 -13.16 -1.82 -10.17
N ASN A 149 -13.22 -0.59 -10.65
CA ASN A 149 -12.02 0.21 -10.94
C ASN A 149 -11.40 0.65 -9.65
N LEU A 150 -10.42 -0.10 -9.23
CA LEU A 150 -9.77 0.06 -7.96
C LEU A 150 -9.11 1.43 -7.80
N PHE A 151 -8.33 1.84 -8.78
CA PHE A 151 -7.61 3.10 -8.67
C PHE A 151 -8.57 4.28 -8.80
N LYS A 152 -9.58 4.11 -9.62
CA LYS A 152 -10.62 5.13 -9.78
C LYS A 152 -11.33 5.37 -8.44
N LEU A 153 -11.67 4.29 -7.74
CA LEU A 153 -12.33 4.42 -6.44
C LEU A 153 -11.33 5.00 -5.43
N PHE A 154 -10.06 4.63 -5.58
CA PHE A 154 -8.99 5.20 -4.76
C PHE A 154 -8.93 6.71 -4.98
N ARG A 155 -9.03 7.15 -6.24
CA ARG A 155 -9.09 8.58 -6.57
C ARG A 155 -10.23 9.24 -5.84
N LEU A 156 -11.38 8.61 -5.90
CA LEU A 156 -12.58 9.12 -5.26
C LEU A 156 -12.37 9.28 -3.76
N VAL A 157 -11.90 8.22 -3.11
CA VAL A 157 -11.62 8.27 -1.67
C VAL A 157 -10.49 9.27 -1.33
N TYR A 158 -9.47 9.32 -2.15
CA TYR A 158 -8.36 10.26 -1.97
C TYR A 158 -8.88 11.70 -2.11
N HIS A 159 -9.87 11.86 -2.97
CA HIS A 159 -10.51 13.15 -3.20
C HIS A 159 -11.35 13.54 -1.97
N GLN A 160 -11.66 12.55 -1.15
CA GLN A 160 -12.45 12.75 0.03
C GLN A 160 -11.55 12.90 1.25
N GLY A 161 -10.24 12.88 1.00
CA GLY A 161 -9.28 13.05 2.06
C GLY A 161 -8.54 11.79 2.41
N GLY A 162 -9.02 10.69 1.90
CA GLY A 162 -8.40 9.43 2.18
C GLY A 162 -9.24 8.57 3.10
N CYS A 163 -8.87 7.31 3.21
CA CYS A 163 -9.60 6.32 3.99
C CYS A 163 -9.55 6.63 5.50
N ASP A 164 -8.56 7.39 5.90
CA ASP A 164 -8.40 7.74 7.30
C ASP A 164 -9.18 9.03 7.63
N ASN A 165 -9.66 9.70 6.58
CA ASN A 165 -10.43 10.94 6.74
C ASN A 165 -11.92 10.64 6.63
N ILE A 166 -12.23 9.47 6.14
CA ILE A 166 -13.59 9.07 6.02
C ILE A 166 -14.02 8.32 7.24
N ASP A 167 -14.99 8.86 7.88
CA ASP A 167 -15.54 8.24 9.07
C ASP A 167 -17.01 7.96 8.87
N SER A 168 -17.63 8.70 7.98
CA SER A 168 -19.03 8.58 7.76
C SER A 168 -19.30 7.61 6.61
N GLY A 169 -20.35 6.82 6.78
CA GLY A 169 -20.77 5.88 5.75
C GLY A 169 -21.35 6.59 4.53
N ALA A 170 -21.60 7.87 4.69
CA ALA A 170 -22.15 8.70 3.63
C ALA A 170 -21.14 8.84 2.49
N VAL A 171 -19.87 8.94 2.84
CA VAL A 171 -18.83 9.16 1.87
C VAL A 171 -18.64 7.91 0.99
N TRP A 172 -18.61 6.75 1.64
CA TRP A 172 -18.63 5.45 0.95
C TRP A 172 -19.78 5.39 -0.10
N LYS A 173 -20.94 5.90 0.29
CA LYS A 173 -22.07 5.95 -0.63
C LYS A 173 -21.75 6.89 -1.79
N GLN A 174 -21.14 8.01 -1.47
CA GLN A 174 -20.78 9.01 -2.46
C GLN A 174 -19.75 8.47 -3.46
N ILE A 175 -18.73 7.80 -2.98
CA ILE A 175 -17.70 7.24 -3.87
C ILE A 175 -18.29 6.12 -4.76
N TYR A 176 -19.21 5.33 -4.20
CA TYR A 176 -19.88 4.27 -4.96
C TYR A 176 -20.79 4.91 -6.02
N MET A 177 -21.35 6.06 -5.67
CA MET A 177 -22.18 6.86 -6.56
C MET A 177 -21.39 7.66 -7.55
N ASP A 178 -20.13 7.85 -7.27
CA ASP A 178 -19.26 8.49 -8.22
C ASP A 178 -18.94 7.51 -9.31
N LEU A 179 -18.87 6.24 -8.96
CA LEU A 179 -18.80 5.17 -9.93
C LEU A 179 -20.16 5.03 -10.62
N GLY A 180 -21.22 5.36 -9.90
CA GLY A 180 -22.54 5.38 -10.46
C GLY A 180 -23.22 4.04 -10.35
N ILE A 181 -22.70 3.19 -9.51
CA ILE A 181 -23.23 1.86 -9.36
C ILE A 181 -24.44 1.92 -8.45
N PRO A 182 -25.52 1.23 -8.80
CA PRO A 182 -26.69 1.16 -7.96
C PRO A 182 -26.39 0.66 -6.56
N ILE A 183 -26.84 1.42 -5.58
CA ILE A 183 -26.75 1.07 -4.19
C ILE A 183 -27.72 -0.06 -3.91
N LEU A 184 -28.97 0.16 -4.31
CA LEU A 184 -30.09 -0.75 -4.08
C LEU A 184 -30.42 -0.87 -2.59
N ASN A 185 -29.55 -1.52 -1.89
CA ASN A 185 -29.68 -1.89 -0.51
C ASN A 185 -28.38 -1.54 0.22
N SER A 186 -28.39 -1.54 1.54
CA SER A 186 -27.23 -1.15 2.34
C SER A 186 -26.06 -2.16 2.20
N ALA A 187 -26.31 -3.27 1.52
CA ALA A 187 -25.27 -4.23 1.19
C ALA A 187 -24.23 -3.56 0.30
N ALA A 188 -24.66 -2.53 -0.42
CA ALA A 188 -23.76 -1.76 -1.24
C ALA A 188 -22.81 -0.99 -0.37
N SER A 189 -23.33 -0.22 0.58
CA SER A 189 -22.50 0.54 1.54
C SER A 189 -21.48 -0.41 2.20
N TYR A 190 -21.99 -1.59 2.55
CA TYR A 190 -21.20 -2.63 3.12
C TYR A 190 -20.10 -3.10 2.15
N ASN A 191 -20.45 -3.34 0.91
CA ASN A 191 -19.48 -3.85 -0.06
C ASN A 191 -18.45 -2.79 -0.41
N VAL A 192 -18.88 -1.52 -0.39
CA VAL A 192 -17.99 -0.40 -0.61
C VAL A 192 -16.91 -0.42 0.44
N LYS A 193 -17.33 -0.41 1.72
CA LYS A 193 -16.37 -0.40 2.80
C LYS A 193 -15.55 -1.67 2.81
N THR A 194 -16.12 -2.78 2.33
CA THR A 194 -15.41 -4.03 2.24
C THR A 194 -14.19 -3.88 1.29
N ALA A 195 -14.43 -3.33 0.09
CA ALA A 195 -13.37 -3.15 -0.92
C ALA A 195 -12.36 -2.14 -0.39
N TYR A 196 -12.89 -1.01 0.00
CA TYR A 196 -12.18 0.11 0.61
C TYR A 196 -11.24 -0.36 1.72
N ARG A 197 -11.74 -1.24 2.55
CA ARG A 197 -11.02 -1.65 3.73
C ARG A 197 -10.08 -2.82 3.49
N LYS A 198 -10.36 -3.69 2.54
CA LYS A 198 -9.45 -4.82 2.35
C LYS A 198 -8.44 -4.58 1.26
N TYR A 199 -8.85 -3.89 0.24
CA TYR A 199 -7.99 -3.68 -0.91
C TYR A 199 -7.11 -2.48 -0.73
N LEU A 200 -7.63 -1.44 -0.13
CA LEU A 200 -6.87 -0.22 -0.02
C LEU A 200 -6.14 -0.17 1.29
N TYR A 201 -6.28 -1.23 2.07
CA TYR A 201 -5.77 -1.30 3.45
C TYR A 201 -4.29 -0.94 3.57
N GLY A 202 -3.46 -1.56 2.75
CA GLY A 202 -2.02 -1.31 2.81
C GLY A 202 -1.65 0.11 2.42
N PHE A 203 -2.38 0.67 1.48
CA PHE A 203 -2.05 1.99 1.04
C PHE A 203 -2.68 2.99 2.00
N GLU A 204 -3.75 2.58 2.69
CA GLU A 204 -4.37 3.35 3.75
C GLU A 204 -3.35 3.52 4.88
N GLU A 205 -2.68 2.40 5.21
CA GLU A 205 -1.56 2.38 6.16
C GLU A 205 -0.57 3.43 5.76
N TYR A 206 -0.08 3.27 4.54
CA TYR A 206 0.92 4.14 3.97
C TYR A 206 0.46 5.62 4.00
N CYS A 207 -0.78 5.87 3.64
CA CYS A 207 -1.32 7.22 3.61
C CYS A 207 -1.40 7.88 4.98
N ARG A 208 -1.93 7.18 5.98
CA ARG A 208 -2.05 7.78 7.31
C ARG A 208 -0.68 8.00 7.93
N SER A 209 0.17 7.01 7.82
CA SER A 209 1.47 7.05 8.42
C SER A 209 2.40 8.08 7.76
N ALA A 210 2.30 8.25 6.44
CA ALA A 210 3.17 9.17 5.74
C ALA A 210 2.52 10.54 5.59
N ASN A 211 1.33 10.69 6.16
CA ASN A 211 0.58 11.97 6.19
C ASN A 211 0.16 12.44 4.85
N ILE A 212 -0.78 11.73 4.34
CA ILE A 212 -1.33 11.98 3.03
C ILE A 212 -2.87 12.07 3.20
N GLN A 213 -3.30 12.08 4.44
CA GLN A 213 -4.71 12.13 4.78
C GLN A 213 -5.01 13.49 5.38
N PHE A 214 -5.78 14.28 4.68
CA PHE A 214 -6.10 15.63 5.13
C PHE A 214 -7.58 15.90 4.92
N ARG A 215 -8.11 16.82 5.68
CA ARG A 215 -9.51 17.18 5.59
C ARG A 215 -9.72 18.11 4.40
N THR A 216 -9.87 17.52 3.24
CA THR A 216 -10.08 18.29 2.04
C THR A 216 -11.60 18.49 1.80
N VAL A 217 -12.38 17.85 2.63
CA VAL A 217 -13.81 17.95 2.61
C VAL A 217 -14.20 18.50 3.97
N HIS A 218 -15.22 19.33 4.03
CA HIS A 218 -15.66 19.91 5.29
C HIS A 218 -17.17 19.92 5.36
N HIS A 219 -17.75 18.77 5.07
CA HIS A 219 -19.18 18.61 5.06
C HIS A 219 -19.56 17.13 5.26
N HIS A 220 -19.63 16.73 6.51
CA HIS A 220 -20.13 15.41 6.96
C HIS A 220 -19.23 14.22 6.49
N GLU A 221 -17.98 14.48 6.24
CA GLU A 221 -17.03 13.41 5.95
C GLU A 221 -16.71 12.67 7.26
N LEU A 222 -16.59 13.45 8.30
CA LEU A 222 -16.42 12.97 9.62
C LEU A 222 -17.70 13.22 10.39
N GLU A 223 -18.03 12.35 11.30
CA GLU A 223 -19.17 12.57 12.13
C GLU A 223 -18.71 13.02 13.50
N HIS A 224 -19.34 14.09 14.01
CA HIS A 224 -18.96 14.73 15.27
C HIS A 224 -18.87 13.70 16.40
N HIS A 225 -19.95 12.98 16.61
CA HIS A 225 -19.91 11.92 17.55
C HIS A 225 -19.64 10.68 16.73
N HIS A 226 -18.38 10.29 16.72
CA HIS A 226 -17.89 9.25 15.81
C HIS A 226 -18.49 7.90 16.07
N HIS A 227 -18.53 7.50 17.32
CA HIS A 227 -18.96 6.16 17.66
C HIS A 227 -19.32 6.05 19.13
N HIS A 228 -19.67 4.82 19.53
CA HIS A 228 -20.07 4.43 20.90
C HIS A 228 -21.52 4.74 21.20
N HIS A 229 -21.95 5.92 20.88
CA HIS A 229 -23.33 6.33 21.09
C HIS A 229 -23.55 7.59 20.26
N ASN A 1 19.84 6.70 3.52
CA ASN A 1 18.45 6.65 3.08
C ASN A 1 17.57 6.76 4.31
N ASP A 2 16.27 6.66 4.16
CA ASP A 2 15.38 6.82 5.32
C ASP A 2 14.54 5.60 5.54
N GLU A 3 14.73 5.00 6.69
CA GLU A 3 14.05 3.76 7.07
C GLU A 3 12.54 3.97 7.26
N LEU A 4 12.20 5.11 7.79
CA LEU A 4 10.85 5.39 8.23
C LEU A 4 9.85 5.74 7.12
N LEU A 5 10.27 5.70 5.88
CA LEU A 5 9.36 6.05 4.79
C LEU A 5 8.70 4.82 4.18
N GLY A 6 8.92 3.68 4.81
CA GLY A 6 8.31 2.46 4.35
C GLY A 6 9.08 1.84 3.22
N LYS A 7 10.38 1.97 3.26
CA LYS A 7 11.21 1.33 2.27
C LYS A 7 11.91 0.15 2.89
N VAL A 8 12.74 -0.50 2.12
CA VAL A 8 13.46 -1.64 2.59
C VAL A 8 14.63 -1.20 3.47
N VAL A 9 14.94 -1.99 4.46
CA VAL A 9 16.01 -1.73 5.41
C VAL A 9 16.71 -3.02 5.83
N SER A 10 17.74 -2.86 6.61
CA SER A 10 18.49 -3.94 7.17
C SER A 10 18.02 -4.21 8.60
N VAL A 11 17.41 -5.34 8.82
CA VAL A 11 17.07 -5.74 10.17
C VAL A 11 18.18 -6.67 10.60
N VAL A 12 18.91 -6.25 11.56
CA VAL A 12 20.11 -6.90 11.99
C VAL A 12 19.83 -8.12 12.87
N SER A 13 20.62 -9.17 12.66
CA SER A 13 20.47 -10.39 13.39
C SER A 13 21.18 -10.32 14.74
N ALA A 14 20.44 -9.90 15.75
CA ALA A 14 20.82 -9.85 17.17
C ALA A 14 21.91 -8.85 17.53
N THR A 15 22.93 -8.79 16.75
CA THR A 15 24.04 -7.94 17.03
C THR A 15 24.96 -7.76 15.81
N GLU A 16 25.03 -8.77 14.95
CA GLU A 16 25.91 -8.68 13.79
C GLU A 16 25.39 -7.77 12.74
N ARG A 17 26.01 -6.61 12.62
CA ARG A 17 25.65 -5.66 11.59
C ARG A 17 26.00 -6.22 10.22
N THR A 18 26.81 -7.27 10.25
CA THR A 18 27.27 -7.96 9.08
C THR A 18 26.22 -8.97 8.60
N GLU A 19 25.50 -9.52 9.52
CA GLU A 19 24.51 -10.49 9.20
C GLU A 19 23.13 -9.94 9.51
N TRP A 20 22.40 -9.67 8.49
CA TRP A 20 21.13 -9.06 8.62
C TRP A 20 20.20 -9.58 7.57
N TYR A 21 18.93 -9.39 7.78
CA TYR A 21 17.95 -9.82 6.84
C TYR A 21 17.18 -8.63 6.29
N PRO A 22 17.16 -8.48 4.95
CA PRO A 22 16.42 -7.41 4.28
C PRO A 22 14.93 -7.46 4.62
N ALA A 23 14.39 -6.31 4.90
CA ALA A 23 13.01 -6.23 5.26
C ALA A 23 12.42 -4.91 4.84
N LEU A 24 11.13 -4.78 4.99
CA LEU A 24 10.40 -3.60 4.59
C LEU A 24 9.67 -3.04 5.83
N VAL A 25 9.77 -1.75 6.04
CA VAL A 25 9.11 -1.09 7.18
C VAL A 25 7.64 -0.83 6.86
N ILE A 26 6.75 -1.32 7.71
CA ILE A 26 5.32 -1.14 7.51
C ILE A 26 4.62 -0.63 8.78
N SER A 27 3.38 -0.24 8.65
CA SER A 27 2.65 0.32 9.77
C SER A 27 1.84 -0.80 10.45
N PRO A 28 1.67 -0.75 11.82
CA PRO A 28 0.91 -1.77 12.62
C PRO A 28 -0.61 -1.64 12.41
N SER A 29 -0.96 -0.97 11.36
CA SER A 29 -2.32 -0.75 10.98
C SER A 29 -2.80 -1.96 10.17
N CYS A 30 -1.86 -2.75 9.70
CA CYS A 30 -2.17 -3.89 8.87
C CYS A 30 -2.41 -5.15 9.70
N ASN A 31 -1.60 -5.32 10.70
CA ASN A 31 -1.62 -6.47 11.55
C ASN A 31 -2.41 -6.18 12.81
N ASP A 32 -3.33 -7.05 13.11
CA ASP A 32 -4.16 -6.92 14.30
C ASP A 32 -3.44 -7.49 15.52
N ASP A 33 -2.66 -8.54 15.27
CA ASP A 33 -2.00 -9.30 16.35
C ASP A 33 -0.93 -8.49 17.00
N ILE A 34 0.02 -8.08 16.22
CA ILE A 34 1.12 -7.32 16.73
C ILE A 34 0.80 -5.83 16.66
N THR A 35 0.85 -5.20 17.77
CA THR A 35 0.68 -3.80 17.84
C THR A 35 2.06 -3.22 18.06
N VAL A 36 2.37 -2.11 17.41
CA VAL A 36 3.71 -1.56 17.46
C VAL A 36 4.05 -1.13 18.90
N LYS A 37 5.30 -1.22 19.24
CA LYS A 37 5.74 -0.85 20.56
C LYS A 37 6.51 0.46 20.45
N LYS A 38 6.53 1.22 21.52
CA LYS A 38 7.09 2.58 21.57
C LYS A 38 8.55 2.74 21.07
N ASP A 39 9.38 1.74 21.33
CA ASP A 39 10.81 1.81 20.95
C ASP A 39 11.03 1.05 19.67
N GLN A 40 9.96 0.48 19.18
CA GLN A 40 10.03 -0.44 18.10
C GLN A 40 9.20 0.00 16.93
N CYS A 41 9.37 -0.68 15.84
CA CYS A 41 8.65 -0.45 14.62
C CYS A 41 8.15 -1.78 14.09
N LEU A 42 7.25 -1.72 13.15
CA LEU A 42 6.68 -2.90 12.56
C LEU A 42 7.41 -3.14 11.25
N VAL A 43 8.01 -4.27 11.11
CA VAL A 43 8.80 -4.54 9.93
C VAL A 43 8.46 -5.93 9.42
N ARG A 44 8.47 -6.10 8.13
CA ARG A 44 8.22 -7.39 7.55
C ARG A 44 9.36 -7.76 6.63
N SER A 45 9.89 -8.94 6.78
CA SER A 45 10.93 -9.39 5.92
C SER A 45 10.28 -10.10 4.76
N PHE A 46 10.64 -9.71 3.55
CA PHE A 46 10.10 -10.35 2.37
C PHE A 46 10.69 -11.75 2.15
N ILE A 47 11.71 -12.11 2.93
CA ILE A 47 12.28 -13.41 2.87
C ILE A 47 11.35 -14.41 3.60
N ASP A 48 11.10 -14.15 4.88
CA ASP A 48 10.43 -15.15 5.70
C ASP A 48 9.40 -14.58 6.66
N SER A 49 9.86 -13.88 7.66
CA SER A 49 9.01 -13.43 8.72
C SER A 49 8.01 -12.35 8.30
N LYS A 50 6.74 -12.70 8.45
CA LYS A 50 5.65 -11.85 8.00
C LYS A 50 5.26 -10.73 8.95
N PHE A 51 5.41 -10.92 10.24
CA PHE A 51 5.13 -9.85 11.21
C PHE A 51 6.01 -10.00 12.42
N TYR A 52 6.74 -8.97 12.71
CA TYR A 52 7.59 -8.92 13.87
C TYR A 52 7.77 -7.48 14.30
N SER A 53 7.99 -7.28 15.56
CA SER A 53 8.20 -5.98 16.09
C SER A 53 9.62 -5.88 16.55
N ILE A 54 10.34 -4.97 15.98
CA ILE A 54 11.75 -4.84 16.20
C ILE A 54 12.11 -3.38 16.46
N ALA A 55 13.06 -3.17 17.36
CA ALA A 55 13.51 -1.86 17.78
C ALA A 55 14.39 -1.21 16.75
N ARG A 56 14.47 0.11 16.83
CA ARG A 56 15.29 0.93 15.93
C ARG A 56 16.76 0.52 16.00
N LYS A 57 17.20 0.06 17.17
CA LYS A 57 18.59 -0.39 17.36
C LYS A 57 18.93 -1.59 16.48
N ASP A 58 17.93 -2.33 16.06
CA ASP A 58 18.15 -3.56 15.28
C ASP A 58 17.85 -3.31 13.83
N ILE A 59 17.54 -2.09 13.49
CA ILE A 59 17.18 -1.74 12.15
C ILE A 59 18.10 -0.66 11.70
N LYS A 60 18.74 -0.88 10.62
CA LYS A 60 19.56 0.12 10.06
C LYS A 60 19.21 0.25 8.61
N GLU A 61 19.02 1.46 8.16
CA GLU A 61 18.65 1.64 6.79
C GLU A 61 19.75 1.28 5.83
N VAL A 62 19.37 0.67 4.77
CA VAL A 62 20.27 0.25 3.76
C VAL A 62 19.43 0.12 2.53
N ASP A 63 19.96 0.40 1.40
CA ASP A 63 19.19 0.18 0.22
C ASP A 63 19.82 -0.95 -0.52
N ILE A 64 19.23 -2.10 -0.35
CA ILE A 64 19.81 -3.35 -0.77
C ILE A 64 20.22 -3.40 -2.23
N LEU A 65 19.40 -2.87 -3.11
CA LEU A 65 19.68 -2.99 -4.52
C LEU A 65 20.85 -2.08 -4.94
N ASN A 66 21.29 -1.24 -4.01
CA ASN A 66 22.40 -0.36 -4.28
C ASN A 66 23.71 -0.99 -3.83
N LEU A 67 23.62 -2.02 -3.02
CA LEU A 67 24.79 -2.74 -2.53
C LEU A 67 25.43 -3.55 -3.67
N PRO A 68 26.76 -3.78 -3.60
CA PRO A 68 27.48 -4.51 -4.64
C PRO A 68 27.03 -5.98 -4.79
N GLU A 69 27.12 -6.47 -6.01
CA GLU A 69 26.68 -7.82 -6.40
C GLU A 69 27.28 -8.96 -5.53
N SER A 70 28.53 -8.83 -5.15
CA SER A 70 29.19 -9.83 -4.33
C SER A 70 28.58 -9.88 -2.93
N GLU A 71 28.12 -8.73 -2.44
CA GLU A 71 27.52 -8.62 -1.13
C GLU A 71 26.19 -9.35 -1.15
N LEU A 72 25.39 -8.98 -2.14
CA LEU A 72 24.05 -9.48 -2.34
C LEU A 72 24.00 -10.99 -2.39
N SER A 73 24.87 -11.54 -3.19
CA SER A 73 24.89 -12.97 -3.39
C SER A 73 25.48 -13.74 -2.19
N THR A 74 26.28 -13.10 -1.36
CA THR A 74 26.91 -13.83 -0.28
C THR A 74 26.11 -13.76 1.02
N LYS A 75 25.27 -12.76 1.16
CA LYS A 75 24.54 -12.63 2.39
C LYS A 75 23.08 -13.07 2.19
N PRO A 76 22.49 -13.71 3.20
CA PRO A 76 21.11 -14.23 3.14
C PRO A 76 20.05 -13.17 2.83
N GLY A 77 19.38 -13.32 1.71
CA GLY A 77 18.25 -12.50 1.42
C GLY A 77 18.54 -11.35 0.48
N LEU A 78 19.72 -10.77 0.55
CA LEU A 78 20.00 -9.58 -0.24
C LEU A 78 20.06 -9.78 -1.75
N GLN A 79 20.35 -10.97 -2.20
CA GLN A 79 20.25 -11.24 -3.62
C GLN A 79 18.80 -11.26 -4.00
N LYS A 80 18.00 -11.98 -3.21
CA LYS A 80 16.58 -12.13 -3.45
C LYS A 80 15.94 -10.79 -3.42
N ALA A 81 16.41 -9.98 -2.48
CA ALA A 81 16.01 -8.61 -2.31
C ALA A 81 16.20 -7.84 -3.57
N SER A 82 17.42 -7.77 -4.06
CA SER A 82 17.76 -7.02 -5.25
C SER A 82 16.89 -7.47 -6.42
N ILE A 83 16.73 -8.79 -6.56
CA ILE A 83 15.89 -9.39 -7.60
C ILE A 83 14.45 -8.92 -7.43
N PHE A 84 13.93 -9.13 -6.24
CA PHE A 84 12.58 -8.76 -5.83
C PHE A 84 12.33 -7.29 -6.14
N LEU A 85 13.21 -6.46 -5.67
CA LEU A 85 13.08 -5.02 -5.77
C LEU A 85 13.11 -4.51 -7.20
N LYS A 86 14.08 -4.93 -8.01
CA LYS A 86 14.18 -4.35 -9.33
C LYS A 86 13.16 -4.94 -10.31
N THR A 87 12.57 -6.07 -9.97
CA THR A 87 11.66 -6.70 -10.87
C THR A 87 10.20 -6.32 -10.57
N ARG A 88 9.96 -5.58 -9.48
CA ARG A 88 8.56 -5.33 -9.11
C ARG A 88 8.35 -4.02 -8.30
N VAL A 89 9.42 -3.46 -7.75
CA VAL A 89 9.28 -2.29 -6.87
C VAL A 89 9.62 -1.02 -7.62
N VAL A 90 10.72 -1.04 -8.33
CA VAL A 90 11.08 0.08 -9.17
C VAL A 90 10.52 -0.15 -10.58
N PRO A 91 9.42 0.56 -10.91
CA PRO A 91 8.67 0.31 -12.13
C PRO A 91 9.37 0.76 -13.38
N ASP A 92 10.45 1.45 -13.21
CA ASP A 92 11.19 1.95 -14.32
C ASP A 92 12.20 0.90 -14.78
N ASN A 93 12.35 -0.16 -13.98
CA ASN A 93 13.22 -1.26 -14.35
C ASN A 93 12.38 -2.36 -14.93
N TRP A 94 11.40 -2.78 -14.15
CA TRP A 94 10.44 -3.78 -14.50
C TRP A 94 9.13 -3.46 -13.83
N LYS A 95 8.12 -4.23 -14.10
CA LYS A 95 6.77 -3.96 -13.65
C LYS A 95 6.00 -5.26 -13.57
N MET A 96 4.76 -5.15 -13.15
CA MET A 96 3.79 -6.20 -13.25
C MET A 96 2.69 -5.62 -14.10
N ASP A 97 2.41 -6.27 -15.19
CA ASP A 97 1.49 -5.73 -16.19
C ASP A 97 0.12 -5.57 -15.59
N ILE A 98 -0.52 -4.47 -15.93
CA ILE A 98 -1.81 -4.10 -15.42
C ILE A 98 -2.85 -5.23 -15.69
N SER A 99 -2.57 -6.08 -16.68
CA SER A 99 -3.41 -7.22 -17.04
C SER A 99 -3.44 -8.27 -15.92
N GLU A 100 -2.29 -8.58 -15.33
CA GLU A 100 -2.23 -9.55 -14.22
C GLU A 100 -2.87 -8.97 -12.99
N ILE A 101 -2.91 -7.67 -12.95
CA ILE A 101 -3.44 -6.93 -11.87
C ILE A 101 -4.98 -6.93 -11.85
N LEU A 102 -5.58 -6.27 -12.80
CA LEU A 102 -7.00 -6.07 -12.75
C LEU A 102 -7.74 -6.98 -13.73
N GLU A 103 -7.01 -7.45 -14.74
CA GLU A 103 -7.53 -8.36 -15.80
C GLU A 103 -8.45 -7.60 -16.77
N SER A 104 -9.48 -7.01 -16.22
CA SER A 104 -10.42 -6.20 -16.94
C SER A 104 -9.95 -4.73 -16.87
N SER A 105 -8.64 -4.58 -16.93
CA SER A 105 -7.95 -3.33 -16.85
C SER A 105 -8.45 -2.37 -17.92
N SER A 106 -8.83 -1.19 -17.48
CA SER A 106 -9.43 -0.17 -18.28
C SER A 106 -10.82 -0.54 -18.71
N SER A 107 -11.76 -0.20 -17.92
CA SER A 107 -13.10 -0.31 -18.32
C SER A 107 -13.50 1.05 -18.77
N LYS A 108 -13.17 1.30 -20.02
CA LYS A 108 -13.33 2.55 -20.69
C LYS A 108 -12.55 3.69 -20.03
N ASP A 109 -11.50 3.29 -19.31
CA ASP A 109 -10.52 4.21 -18.67
C ASP A 109 -9.55 4.76 -19.71
N LYS A 110 -9.94 4.66 -20.96
CA LYS A 110 -9.19 5.15 -22.09
C LYS A 110 -9.32 6.65 -22.13
N GLU A 111 -10.50 7.13 -21.77
CA GLU A 111 -10.79 8.54 -21.74
C GLU A 111 -9.95 9.19 -20.67
N LYS A 112 -9.40 10.33 -21.01
CA LYS A 112 -8.41 10.98 -20.20
C LYS A 112 -8.90 11.32 -18.81
N GLU A 113 -8.13 10.88 -17.90
CA GLU A 113 -8.26 11.15 -16.51
C GLU A 113 -7.15 12.12 -16.20
N LEU A 114 -7.33 13.01 -15.25
CA LEU A 114 -6.26 13.89 -14.86
C LEU A 114 -5.22 13.07 -14.11
N ASP A 115 -4.17 12.73 -14.82
CA ASP A 115 -3.11 11.81 -14.40
C ASP A 115 -3.62 10.38 -14.31
N PRO A 116 -3.53 9.62 -15.40
CA PRO A 116 -3.89 8.23 -15.40
C PRO A 116 -2.64 7.34 -15.24
N GLU A 117 -1.52 7.94 -14.92
CA GLU A 117 -0.26 7.22 -14.82
C GLU A 117 -0.11 6.58 -13.47
N GLU A 118 -0.66 7.22 -12.44
CA GLU A 118 -0.48 6.71 -11.10
C GLU A 118 -1.27 5.42 -10.88
N ARG A 119 -2.30 5.15 -11.71
CA ARG A 119 -3.12 3.92 -11.54
C ARG A 119 -2.22 2.70 -11.64
N ASP A 120 -1.36 2.73 -12.62
CA ASP A 120 -0.44 1.68 -12.93
C ASP A 120 0.55 1.50 -11.80
N ASN A 121 1.22 2.58 -11.47
CA ASN A 121 2.25 2.62 -10.41
C ASN A 121 1.67 2.23 -9.04
N PHE A 122 0.51 2.79 -8.73
CA PHE A 122 -0.20 2.52 -7.49
C PHE A 122 -0.50 1.04 -7.38
N LEU A 123 -1.01 0.48 -8.45
CA LEU A 123 -1.35 -0.92 -8.45
C LEU A 123 -0.13 -1.81 -8.47
N GLN A 124 0.99 -1.34 -9.06
CA GLN A 124 2.27 -2.08 -9.00
C GLN A 124 2.61 -2.30 -7.55
N GLN A 125 2.71 -1.18 -6.85
CA GLN A 125 3.08 -1.15 -5.46
C GLN A 125 2.07 -1.91 -4.63
N LEU A 126 0.78 -1.56 -4.76
CA LEU A 126 -0.30 -2.18 -3.97
C LEU A 126 -0.31 -3.68 -4.12
N TYR A 127 -0.25 -4.14 -5.35
CA TYR A 127 -0.31 -5.53 -5.64
C TYR A 127 0.86 -6.30 -5.14
N LYS A 128 2.06 -5.85 -5.41
CA LYS A 128 3.23 -6.57 -4.92
C LYS A 128 3.36 -6.47 -3.43
N PHE A 129 2.90 -5.38 -2.91
CA PHE A 129 2.86 -5.18 -1.46
C PHE A 129 1.87 -6.16 -0.88
N MET A 130 0.80 -6.42 -1.60
CA MET A 130 -0.23 -7.30 -1.13
C MET A 130 0.26 -8.73 -1.24
N GLU A 131 0.74 -9.08 -2.43
CA GLU A 131 1.19 -10.43 -2.72
C GLU A 131 2.28 -10.90 -1.79
N ASP A 132 3.27 -10.07 -1.61
CA ASP A 132 4.40 -10.46 -0.83
C ASP A 132 4.23 -10.25 0.65
N ARG A 133 3.10 -9.65 1.08
CA ARG A 133 2.88 -9.50 2.53
C ARG A 133 2.23 -10.74 3.12
N GLY A 134 1.91 -11.71 2.26
CA GLY A 134 1.37 -12.99 2.74
C GLY A 134 -0.08 -13.16 2.39
N THR A 135 -0.74 -12.06 2.14
CA THR A 135 -2.11 -12.09 1.78
C THR A 135 -2.30 -11.29 0.47
N PRO A 136 -2.10 -11.98 -0.69
CA PRO A 136 -2.19 -11.36 -2.03
C PRO A 136 -3.60 -11.08 -2.47
N ILE A 137 -3.71 -10.57 -3.66
CA ILE A 137 -4.98 -10.36 -4.28
C ILE A 137 -5.38 -11.67 -4.93
N ASN A 138 -6.16 -12.41 -4.20
CA ASN A 138 -6.60 -13.73 -4.64
C ASN A 138 -7.71 -13.56 -5.62
N LYS A 139 -8.41 -12.48 -5.44
CA LYS A 139 -9.62 -12.20 -6.15
C LYS A 139 -9.51 -10.77 -6.64
N PRO A 140 -9.50 -10.56 -7.96
CA PRO A 140 -9.46 -9.21 -8.52
C PRO A 140 -10.71 -8.43 -8.10
N PRO A 141 -10.61 -7.11 -7.93
CA PRO A 141 -11.72 -6.27 -7.48
C PRO A 141 -12.90 -6.22 -8.44
N VAL A 142 -14.01 -6.73 -7.95
CA VAL A 142 -15.29 -6.70 -8.62
C VAL A 142 -16.24 -6.32 -7.52
N LEU A 143 -17.15 -5.46 -7.77
CA LEU A 143 -18.02 -5.03 -6.74
C LEU A 143 -19.32 -4.60 -7.35
N GLY A 144 -20.40 -5.10 -6.81
CA GLY A 144 -21.68 -4.75 -7.35
C GLY A 144 -21.94 -5.51 -8.61
N TYR A 145 -21.40 -6.75 -8.67
CA TYR A 145 -21.56 -7.71 -9.78
C TYR A 145 -20.81 -7.25 -11.03
N LYS A 146 -20.07 -6.19 -10.92
CA LYS A 146 -19.37 -5.62 -12.04
C LYS A 146 -17.97 -5.25 -11.61
N ASP A 147 -17.01 -5.27 -12.54
CA ASP A 147 -15.59 -5.01 -12.22
C ASP A 147 -15.41 -3.69 -11.50
N LEU A 148 -14.57 -3.70 -10.51
CA LEU A 148 -14.40 -2.55 -9.70
C LEU A 148 -13.07 -1.90 -9.94
N ASN A 149 -13.11 -0.65 -10.31
CA ASN A 149 -11.95 0.14 -10.53
C ASN A 149 -11.52 0.70 -9.20
N LEU A 150 -10.61 0.03 -8.63
CA LEU A 150 -10.16 0.35 -7.29
C LEU A 150 -9.31 1.58 -7.24
N PHE A 151 -8.70 1.96 -8.36
CA PHE A 151 -7.89 3.16 -8.37
C PHE A 151 -8.78 4.38 -8.39
N LYS A 152 -9.79 4.34 -9.24
CA LYS A 152 -10.77 5.42 -9.28
C LYS A 152 -11.47 5.55 -7.94
N LEU A 153 -11.90 4.43 -7.37
CA LEU A 153 -12.59 4.45 -6.09
C LEU A 153 -11.62 4.88 -4.97
N PHE A 154 -10.33 4.53 -5.14
CA PHE A 154 -9.30 5.00 -4.22
C PHE A 154 -9.28 6.51 -4.26
N ARG A 155 -9.21 7.08 -5.46
CA ARG A 155 -9.23 8.54 -5.60
C ARG A 155 -10.49 9.14 -5.05
N LEU A 156 -11.59 8.43 -5.15
CA LEU A 156 -12.83 8.86 -4.56
C LEU A 156 -12.69 9.04 -3.03
N VAL A 157 -12.24 8.01 -2.32
CA VAL A 157 -12.06 8.18 -0.85
C VAL A 157 -10.90 9.10 -0.51
N TYR A 158 -9.85 9.01 -1.30
CA TYR A 158 -8.63 9.82 -1.16
C TYR A 158 -8.93 11.31 -1.38
N HIS A 159 -9.97 11.59 -2.16
CA HIS A 159 -10.39 12.98 -2.43
C HIS A 159 -11.14 13.51 -1.21
N GLN A 160 -11.69 12.58 -0.45
CA GLN A 160 -12.43 12.86 0.76
C GLN A 160 -11.52 12.77 2.00
N GLY A 161 -10.25 12.45 1.79
CA GLY A 161 -9.31 12.39 2.91
C GLY A 161 -8.96 10.97 3.35
N GLY A 162 -9.55 9.99 2.72
CA GLY A 162 -9.27 8.61 3.05
C GLY A 162 -10.09 8.14 4.24
N CYS A 163 -9.73 6.98 4.78
CA CYS A 163 -10.44 6.38 5.93
C CYS A 163 -10.26 7.27 7.16
N ASP A 164 -9.24 8.07 7.07
CA ASP A 164 -8.87 9.04 8.08
C ASP A 164 -9.99 10.04 8.31
N ASN A 165 -10.61 10.46 7.23
CA ASN A 165 -11.64 11.47 7.32
C ASN A 165 -13.04 10.91 7.11
N ILE A 166 -13.14 9.78 6.45
CA ILE A 166 -14.44 9.20 6.17
C ILE A 166 -14.96 8.36 7.31
N ASP A 167 -16.02 8.84 7.86
CA ASP A 167 -16.72 8.17 8.95
C ASP A 167 -18.16 7.89 8.56
N SER A 168 -18.64 8.59 7.56
CA SER A 168 -20.02 8.54 7.18
C SER A 168 -20.25 7.64 5.97
N GLY A 169 -21.42 7.00 5.98
CA GLY A 169 -21.82 6.14 4.89
C GLY A 169 -22.28 6.93 3.69
N ALA A 170 -22.42 8.24 3.89
CA ALA A 170 -22.77 9.17 2.82
C ALA A 170 -21.66 9.18 1.77
N VAL A 171 -20.44 9.11 2.26
CA VAL A 171 -19.30 9.11 1.39
C VAL A 171 -19.26 7.81 0.63
N TRP A 172 -19.38 6.70 1.37
CA TRP A 172 -19.46 5.35 0.81
C TRP A 172 -20.49 5.28 -0.32
N LYS A 173 -21.66 5.86 -0.08
CA LYS A 173 -22.73 5.94 -1.03
C LYS A 173 -22.26 6.65 -2.29
N GLN A 174 -21.69 7.83 -2.09
CA GLN A 174 -21.29 8.67 -3.19
C GLN A 174 -20.13 8.06 -4.00
N ILE A 175 -19.11 7.56 -3.31
CA ILE A 175 -17.95 6.99 -3.97
C ILE A 175 -18.38 5.77 -4.80
N TYR A 176 -19.24 4.92 -4.25
CA TYR A 176 -19.71 3.71 -4.91
C TYR A 176 -20.57 4.09 -6.12
N MET A 177 -21.41 5.10 -5.92
CA MET A 177 -22.30 5.58 -6.96
C MET A 177 -21.52 6.16 -8.13
N ASP A 178 -20.40 6.81 -7.81
CA ASP A 178 -19.59 7.50 -8.83
C ASP A 178 -18.98 6.52 -9.84
N LEU A 179 -18.67 5.31 -9.37
CA LEU A 179 -18.14 4.26 -10.26
C LEU A 179 -19.22 3.72 -11.22
N GLY A 180 -20.44 4.18 -11.06
CA GLY A 180 -21.50 3.75 -11.93
C GLY A 180 -22.09 2.46 -11.47
N ILE A 181 -22.16 2.31 -10.18
CA ILE A 181 -22.72 1.14 -9.61
C ILE A 181 -23.94 1.53 -8.82
N PRO A 182 -25.08 0.86 -9.03
CA PRO A 182 -26.28 1.11 -8.26
C PRO A 182 -26.04 0.79 -6.79
N ILE A 183 -26.40 1.71 -5.92
CA ILE A 183 -26.15 1.53 -4.51
C ILE A 183 -27.08 0.46 -3.92
N LEU A 184 -28.28 0.34 -4.50
CA LEU A 184 -29.28 -0.68 -4.11
C LEU A 184 -29.71 -0.55 -2.63
N ASN A 185 -28.91 -1.14 -1.76
CA ASN A 185 -29.18 -1.16 -0.32
C ASN A 185 -27.88 -0.92 0.44
N SER A 186 -27.94 -0.91 1.76
CA SER A 186 -26.76 -0.63 2.55
C SER A 186 -25.78 -1.80 2.58
N ALA A 187 -26.16 -2.92 1.99
CA ALA A 187 -25.24 -4.01 1.82
C ALA A 187 -24.14 -3.55 0.91
N ALA A 188 -24.49 -2.73 -0.06
CA ALA A 188 -23.54 -2.18 -0.97
C ALA A 188 -22.68 -1.12 -0.31
N SER A 189 -23.23 -0.46 0.70
CA SER A 189 -22.46 0.48 1.51
C SER A 189 -21.38 -0.32 2.25
N TYR A 190 -21.80 -1.48 2.78
CA TYR A 190 -20.89 -2.43 3.38
C TYR A 190 -19.85 -2.86 2.34
N ASN A 191 -20.33 -3.28 1.17
CA ASN A 191 -19.48 -3.76 0.08
C ASN A 191 -18.40 -2.76 -0.26
N VAL A 192 -18.79 -1.51 -0.47
CA VAL A 192 -17.83 -0.49 -0.84
C VAL A 192 -16.83 -0.18 0.27
N LYS A 193 -17.30 -0.06 1.52
CA LYS A 193 -16.39 0.25 2.59
C LYS A 193 -15.39 -0.89 2.78
N THR A 194 -15.90 -2.11 2.67
CA THR A 194 -15.09 -3.28 2.79
C THR A 194 -14.06 -3.33 1.68
N ALA A 195 -14.51 -2.99 0.46
CA ALA A 195 -13.67 -3.04 -0.71
C ALA A 195 -12.49 -2.11 -0.56
N TYR A 196 -12.75 -0.85 -0.23
CA TYR A 196 -11.64 0.08 -0.13
C TYR A 196 -10.79 -0.22 1.11
N ARG A 197 -11.43 -0.74 2.14
CA ARG A 197 -10.75 -1.08 3.37
C ARG A 197 -9.97 -2.35 3.33
N LYS A 198 -10.24 -3.22 2.40
CA LYS A 198 -9.42 -4.41 2.29
C LYS A 198 -8.46 -4.36 1.12
N TYR A 199 -8.90 -3.78 0.04
CA TYR A 199 -8.08 -3.75 -1.14
C TYR A 199 -7.07 -2.63 -1.11
N LEU A 200 -7.39 -1.52 -0.48
CA LEU A 200 -6.46 -0.41 -0.49
C LEU A 200 -5.86 -0.10 0.88
N TYR A 201 -6.36 -0.75 1.96
CA TYR A 201 -5.96 -0.34 3.35
C TYR A 201 -4.46 -0.26 3.61
N GLY A 202 -3.64 -1.20 3.08
CA GLY A 202 -2.20 -1.10 3.30
C GLY A 202 -1.65 0.24 2.81
N PHE A 203 -2.04 0.60 1.61
CA PHE A 203 -1.53 1.79 0.98
C PHE A 203 -2.24 3.02 1.55
N GLU A 204 -3.53 2.88 1.87
CA GLU A 204 -4.34 3.99 2.40
C GLU A 204 -3.84 4.35 3.81
N GLU A 205 -3.69 3.33 4.67
CA GLU A 205 -3.15 3.54 6.02
C GLU A 205 -1.75 4.14 5.93
N TYR A 206 -0.94 3.66 4.97
CA TYR A 206 0.37 4.26 4.72
C TYR A 206 0.21 5.75 4.35
N CYS A 207 -0.68 6.03 3.41
CA CYS A 207 -0.91 7.38 2.92
C CYS A 207 -1.36 8.32 4.00
N ARG A 208 -2.32 7.92 4.80
CA ARG A 208 -2.79 8.78 5.88
C ARG A 208 -1.73 8.97 6.96
N SER A 209 -0.96 7.93 7.22
CA SER A 209 0.10 8.02 8.22
C SER A 209 1.22 8.97 7.75
N ALA A 210 1.50 8.96 6.46
CA ALA A 210 2.51 9.84 5.91
C ALA A 210 1.82 11.04 5.26
N ASN A 211 0.55 11.24 5.64
CA ASN A 211 -0.35 12.38 5.34
C ASN A 211 -0.40 12.82 3.85
N ILE A 212 -0.32 11.85 2.98
CA ILE A 212 -0.33 12.03 1.51
C ILE A 212 -1.79 12.26 1.03
N GLN A 213 -2.64 12.55 1.96
CA GLN A 213 -4.05 12.67 1.74
C GLN A 213 -4.30 14.00 1.05
N PHE A 214 -4.86 13.91 -0.15
CA PHE A 214 -4.97 15.03 -1.10
C PHE A 214 -5.56 16.30 -0.48
N ARG A 215 -5.00 17.41 -0.89
CA ARG A 215 -5.32 18.75 -0.42
C ARG A 215 -6.67 19.29 -1.00
N THR A 216 -7.56 18.40 -1.36
CA THR A 216 -8.88 18.79 -1.80
C THR A 216 -9.69 19.24 -0.59
N VAL A 217 -9.40 18.61 0.51
CA VAL A 217 -9.98 18.91 1.78
C VAL A 217 -8.84 18.95 2.79
N HIS A 218 -9.10 19.40 3.98
CA HIS A 218 -8.08 19.34 5.00
C HIS A 218 -8.17 18.01 5.70
N HIS A 219 -7.15 17.21 5.55
CA HIS A 219 -7.09 15.89 6.15
C HIS A 219 -6.79 16.03 7.64
N HIS A 220 -6.74 14.95 8.36
CA HIS A 220 -6.47 15.05 9.77
C HIS A 220 -4.99 14.99 10.00
N GLU A 221 -4.47 16.02 10.63
CA GLU A 221 -3.07 16.06 11.05
C GLU A 221 -2.98 15.17 12.26
N LEU A 222 -4.14 15.07 12.92
CA LEU A 222 -4.43 14.22 14.05
C LEU A 222 -3.76 14.67 15.32
N GLU A 223 -4.52 14.57 16.38
CA GLU A 223 -3.99 14.79 17.69
C GLU A 223 -3.35 13.48 18.07
N HIS A 224 -4.08 12.41 17.73
CA HIS A 224 -3.71 11.01 17.88
C HIS A 224 -4.95 10.16 17.66
N HIS A 225 -6.12 10.81 17.84
CA HIS A 225 -7.45 10.20 17.71
C HIS A 225 -7.74 9.38 18.93
N HIS A 226 -8.32 10.03 19.90
CA HIS A 226 -8.60 9.42 21.17
C HIS A 226 -10.00 8.83 21.19
N HIS A 227 -10.05 7.54 21.33
CA HIS A 227 -11.31 6.83 21.47
C HIS A 227 -11.14 5.73 22.51
N HIS A 228 -9.95 5.10 22.49
CA HIS A 228 -9.51 4.08 23.46
C HIS A 228 -10.36 2.78 23.34
N HIS A 229 -10.93 2.56 22.18
CA HIS A 229 -11.75 1.39 21.92
C HIS A 229 -11.86 1.22 20.44
N ASN A 1 21.09 7.74 5.49
CA ASN A 1 20.01 7.48 4.53
C ASN A 1 18.71 7.49 5.35
N ASP A 2 17.56 7.75 4.75
CA ASP A 2 16.35 7.96 5.59
C ASP A 2 15.34 6.87 5.38
N GLU A 3 15.81 5.66 5.18
CA GLU A 3 14.93 4.52 4.89
C GLU A 3 14.00 4.18 6.07
N LEU A 4 14.30 4.78 7.21
CA LEU A 4 13.49 4.62 8.39
C LEU A 4 12.14 5.37 8.31
N LEU A 5 11.92 6.09 7.20
CA LEU A 5 10.66 6.80 6.97
C LEU A 5 9.57 5.83 6.50
N GLY A 6 9.97 4.61 6.22
CA GLY A 6 9.05 3.64 5.69
C GLY A 6 9.50 3.08 4.36
N LYS A 7 10.80 2.93 4.21
CA LYS A 7 11.39 2.30 3.05
C LYS A 7 11.86 0.91 3.46
N VAL A 8 12.85 0.40 2.77
CA VAL A 8 13.39 -0.92 3.07
C VAL A 8 14.70 -0.73 3.88
N VAL A 9 14.90 -1.58 4.85
CA VAL A 9 16.01 -1.45 5.77
C VAL A 9 16.62 -2.81 6.07
N SER A 10 17.72 -2.78 6.78
CA SER A 10 18.38 -3.95 7.28
C SER A 10 17.90 -4.21 8.69
N VAL A 11 17.40 -5.38 8.96
CA VAL A 11 17.12 -5.77 10.32
C VAL A 11 18.19 -6.77 10.68
N VAL A 12 19.11 -6.34 11.49
CA VAL A 12 20.26 -7.13 11.80
C VAL A 12 19.94 -8.24 12.77
N SER A 13 20.49 -9.41 12.48
CA SER A 13 20.32 -10.60 13.27
C SER A 13 20.86 -10.37 14.69
N ALA A 14 20.39 -11.19 15.62
CA ALA A 14 20.65 -11.07 17.06
C ALA A 14 22.11 -10.79 17.44
N THR A 15 23.03 -11.62 17.02
CA THR A 15 24.41 -11.44 17.45
C THR A 15 25.37 -11.25 16.27
N GLU A 16 24.88 -11.32 15.06
CA GLU A 16 25.74 -11.27 13.91
C GLU A 16 25.31 -10.18 12.92
N ARG A 17 26.26 -9.30 12.55
CA ARG A 17 26.02 -8.28 11.53
C ARG A 17 26.30 -8.85 10.16
N THR A 18 26.82 -10.04 10.15
CA THR A 18 27.20 -10.75 8.97
C THR A 18 25.96 -11.09 8.15
N GLU A 19 24.91 -11.42 8.85
CA GLU A 19 23.65 -11.76 8.27
C GLU A 19 22.59 -10.85 8.83
N TRP A 20 21.84 -10.28 7.98
CA TRP A 20 20.77 -9.43 8.34
C TRP A 20 19.68 -9.62 7.35
N TYR A 21 18.48 -9.68 7.83
CA TYR A 21 17.35 -9.90 6.99
C TYR A 21 16.65 -8.59 6.70
N PRO A 22 16.68 -8.15 5.43
CA PRO A 22 16.06 -6.90 5.02
C PRO A 22 14.55 -6.91 5.21
N ALA A 23 14.00 -5.75 5.46
CA ALA A 23 12.59 -5.62 5.73
C ALA A 23 12.12 -4.22 5.40
N LEU A 24 10.83 -4.05 5.35
CA LEU A 24 10.19 -2.77 5.07
C LEU A 24 9.69 -2.18 6.37
N VAL A 25 9.97 -0.92 6.59
CA VAL A 25 9.50 -0.25 7.80
C VAL A 25 8.05 0.13 7.59
N ILE A 26 7.18 -0.51 8.31
CA ILE A 26 5.77 -0.26 8.17
C ILE A 26 5.17 0.21 9.46
N SER A 27 4.12 0.97 9.37
CA SER A 27 3.43 1.43 10.53
C SER A 27 2.61 0.28 11.12
N PRO A 28 2.53 0.21 12.47
CA PRO A 28 1.83 -0.89 13.20
C PRO A 28 0.30 -0.82 13.08
N SER A 29 -0.16 -0.14 12.08
CA SER A 29 -1.57 0.00 11.86
C SER A 29 -2.12 -1.28 11.24
N CYS A 30 -1.23 -2.06 10.61
CA CYS A 30 -1.61 -3.29 9.91
C CYS A 30 -1.66 -4.45 10.87
N ASN A 31 -1.21 -4.23 12.06
CA ASN A 31 -1.11 -5.27 13.04
C ASN A 31 -1.85 -4.95 14.30
N ASP A 32 -2.91 -5.68 14.52
CA ASP A 32 -3.74 -5.54 15.71
C ASP A 32 -3.13 -6.32 16.87
N ASP A 33 -2.46 -7.41 16.56
CA ASP A 33 -1.85 -8.28 17.54
C ASP A 33 -0.54 -7.70 18.05
N ILE A 34 0.34 -7.38 17.12
CA ILE A 34 1.61 -6.76 17.48
C ILE A 34 1.35 -5.28 17.70
N THR A 35 2.10 -4.65 18.52
CA THR A 35 1.97 -3.27 18.79
C THR A 35 3.35 -2.66 18.66
N VAL A 36 3.45 -1.44 18.19
CA VAL A 36 4.74 -0.82 18.18
C VAL A 36 5.07 -0.44 19.61
N LYS A 37 6.22 -0.81 20.04
CA LYS A 37 6.61 -0.54 21.38
C LYS A 37 7.34 0.78 21.41
N LYS A 38 7.31 1.46 22.53
CA LYS A 38 7.87 2.82 22.64
C LYS A 38 9.36 2.90 22.28
N ASP A 39 10.07 1.84 22.52
CA ASP A 39 11.50 1.80 22.27
C ASP A 39 11.83 0.97 21.02
N GLN A 40 10.80 0.66 20.25
CA GLN A 40 10.94 -0.17 19.07
C GLN A 40 10.10 0.37 17.91
N CYS A 41 10.14 -0.33 16.80
CA CYS A 41 9.42 0.03 15.60
C CYS A 41 8.78 -1.22 15.01
N LEU A 42 7.87 -1.04 14.09
CA LEU A 42 7.26 -2.16 13.41
C LEU A 42 7.93 -2.31 12.08
N VAL A 43 8.22 -3.52 11.70
CA VAL A 43 8.90 -3.74 10.48
C VAL A 43 8.38 -5.06 9.87
N ARG A 44 8.40 -5.15 8.55
CA ARG A 44 7.89 -6.31 7.85
C ARG A 44 8.96 -6.87 6.93
N SER A 45 9.39 -8.08 7.19
CA SER A 45 10.39 -8.69 6.40
C SER A 45 9.77 -9.58 5.36
N PHE A 46 10.23 -9.42 4.16
CA PHE A 46 9.79 -10.24 3.07
C PHE A 46 10.46 -11.61 3.10
N ILE A 47 11.52 -11.71 3.88
CA ILE A 47 12.27 -12.94 3.96
C ILE A 47 12.03 -13.70 5.26
N ASP A 48 11.99 -13.01 6.38
CA ASP A 48 11.89 -13.71 7.65
C ASP A 48 10.47 -13.68 8.25
N SER A 49 10.12 -12.60 8.91
CA SER A 49 8.82 -12.46 9.56
C SER A 49 8.07 -11.27 8.94
N LYS A 50 6.77 -11.36 8.82
CA LYS A 50 5.97 -10.30 8.18
C LYS A 50 5.48 -9.28 9.19
N PHE A 51 5.44 -9.67 10.42
CA PHE A 51 5.11 -8.75 11.49
C PHE A 51 5.94 -9.08 12.68
N TYR A 52 6.75 -8.15 13.09
CA TYR A 52 7.58 -8.30 14.24
C TYR A 52 7.99 -6.91 14.73
N SER A 53 8.08 -6.77 16.01
CA SER A 53 8.37 -5.52 16.62
C SER A 53 9.86 -5.53 16.96
N ILE A 54 10.59 -4.65 16.33
CA ILE A 54 12.04 -4.63 16.38
C ILE A 54 12.56 -3.26 16.78
N ALA A 55 13.62 -3.25 17.54
CA ALA A 55 14.19 -2.04 18.05
C ALA A 55 14.90 -1.24 16.97
N ARG A 56 14.86 0.07 17.13
CA ARG A 56 15.43 1.05 16.18
C ARG A 56 16.92 0.77 15.90
N LYS A 57 17.67 0.33 16.91
CA LYS A 57 19.12 0.12 16.74
C LYS A 57 19.45 -1.16 15.96
N ASP A 58 18.47 -2.04 15.81
CA ASP A 58 18.67 -3.30 15.09
C ASP A 58 18.42 -3.07 13.62
N ILE A 59 17.83 -1.96 13.34
CA ILE A 59 17.48 -1.58 12.02
C ILE A 59 18.50 -0.58 11.46
N LYS A 60 18.95 -0.84 10.27
CA LYS A 60 19.86 0.03 9.57
C LYS A 60 19.21 0.47 8.29
N GLU A 61 19.42 1.67 7.91
CA GLU A 61 18.84 2.21 6.69
C GLU A 61 19.75 1.98 5.50
N VAL A 62 19.37 1.06 4.66
CA VAL A 62 20.22 0.68 3.58
C VAL A 62 19.40 0.36 2.36
N ASP A 63 19.94 0.68 1.21
CA ASP A 63 19.32 0.30 -0.03
C ASP A 63 19.97 -0.95 -0.47
N ILE A 64 19.27 -2.03 -0.36
CA ILE A 64 19.85 -3.32 -0.60
C ILE A 64 20.23 -3.49 -2.06
N LEU A 65 19.40 -3.00 -2.95
CA LEU A 65 19.66 -3.15 -4.38
C LEU A 65 20.67 -2.10 -4.89
N ASN A 66 21.21 -1.34 -3.96
CA ASN A 66 22.20 -0.31 -4.24
C ASN A 66 23.59 -0.85 -3.88
N LEU A 67 23.60 -1.92 -3.10
CA LEU A 67 24.82 -2.57 -2.67
C LEU A 67 25.44 -3.33 -3.85
N PRO A 68 26.75 -3.63 -3.80
CA PRO A 68 27.41 -4.38 -4.87
C PRO A 68 26.86 -5.81 -4.97
N GLU A 69 26.78 -6.30 -6.19
CA GLU A 69 26.29 -7.65 -6.48
C GLU A 69 27.08 -8.71 -5.71
N SER A 70 28.36 -8.43 -5.47
CA SER A 70 29.25 -9.28 -4.73
C SER A 70 28.70 -9.50 -3.31
N GLU A 71 28.13 -8.45 -2.75
CA GLU A 71 27.58 -8.45 -1.41
C GLU A 71 26.25 -9.20 -1.42
N LEU A 72 25.44 -8.84 -2.38
CA LEU A 72 24.09 -9.35 -2.54
C LEU A 72 24.05 -10.84 -2.71
N SER A 73 24.78 -11.32 -3.67
CA SER A 73 24.81 -12.72 -3.98
C SER A 73 25.46 -13.60 -2.88
N THR A 74 26.32 -13.01 -2.05
CA THR A 74 26.96 -13.79 -1.01
C THR A 74 26.05 -13.99 0.21
N LYS A 75 25.23 -13.02 0.52
CA LYS A 75 24.30 -13.21 1.61
C LYS A 75 22.92 -13.43 0.99
N PRO A 76 22.38 -14.66 1.08
CA PRO A 76 21.10 -15.06 0.41
C PRO A 76 19.95 -14.07 0.57
N GLY A 77 19.85 -13.47 1.75
CA GLY A 77 18.78 -12.52 2.03
C GLY A 77 18.89 -11.24 1.26
N LEU A 78 20.11 -10.86 0.95
CA LEU A 78 20.37 -9.64 0.21
C LEU A 78 20.06 -9.85 -1.26
N GLN A 79 20.34 -11.04 -1.73
CA GLN A 79 20.01 -11.38 -3.09
C GLN A 79 18.50 -11.50 -3.22
N LYS A 80 17.87 -12.10 -2.22
CA LYS A 80 16.42 -12.24 -2.18
C LYS A 80 15.77 -10.88 -2.16
N ALA A 81 16.37 -9.96 -1.41
CA ALA A 81 15.95 -8.59 -1.36
C ALA A 81 15.94 -7.99 -2.73
N SER A 82 17.05 -8.13 -3.44
CA SER A 82 17.18 -7.59 -4.79
C SER A 82 16.05 -8.14 -5.70
N ILE A 83 15.85 -9.44 -5.64
CA ILE A 83 14.85 -10.15 -6.44
C ILE A 83 13.42 -9.73 -6.07
N PHE A 84 13.18 -9.54 -4.80
CA PHE A 84 11.88 -9.15 -4.32
C PHE A 84 11.63 -7.69 -4.64
N LEU A 85 12.54 -6.84 -4.26
CA LEU A 85 12.39 -5.40 -4.38
C LEU A 85 12.30 -4.93 -5.81
N LYS A 86 13.03 -5.60 -6.72
CA LYS A 86 13.03 -5.20 -8.14
C LYS A 86 11.65 -5.32 -8.76
N THR A 87 10.80 -6.14 -8.17
CA THR A 87 9.47 -6.28 -8.68
C THR A 87 8.43 -5.63 -7.75
N ARG A 88 8.88 -4.81 -6.81
CA ARG A 88 7.95 -4.15 -5.88
C ARG A 88 8.15 -2.66 -5.91
N VAL A 89 9.26 -2.22 -5.36
CA VAL A 89 9.47 -0.81 -5.13
C VAL A 89 10.70 -0.32 -5.85
N VAL A 90 10.52 -0.03 -7.10
CA VAL A 90 11.54 0.50 -7.97
C VAL A 90 10.85 1.35 -9.02
N PRO A 91 11.51 2.38 -9.55
CA PRO A 91 10.95 3.23 -10.58
C PRO A 91 10.46 2.49 -11.84
N ASP A 92 11.39 2.00 -12.63
CA ASP A 92 11.07 1.38 -13.92
C ASP A 92 10.85 -0.16 -13.92
N ASN A 93 11.41 -0.88 -12.97
CA ASN A 93 11.44 -2.38 -13.06
C ASN A 93 10.26 -3.14 -12.44
N TRP A 94 9.37 -2.48 -11.70
CA TRP A 94 8.28 -3.21 -11.03
C TRP A 94 7.30 -3.85 -12.04
N LYS A 95 7.16 -5.17 -11.97
CA LYS A 95 6.38 -5.86 -12.99
C LYS A 95 5.40 -6.92 -12.51
N MET A 96 4.24 -6.84 -13.10
CA MET A 96 3.14 -7.78 -13.09
C MET A 96 2.12 -7.11 -13.95
N ASP A 97 1.63 -7.79 -14.95
CA ASP A 97 0.87 -7.11 -16.00
C ASP A 97 -0.38 -6.43 -15.54
N ILE A 98 -0.51 -5.20 -15.97
CA ILE A 98 -1.61 -4.33 -15.64
C ILE A 98 -2.96 -4.98 -16.01
N SER A 99 -2.95 -5.77 -17.05
CA SER A 99 -4.11 -6.45 -17.53
C SER A 99 -4.51 -7.61 -16.60
N GLU A 100 -3.56 -8.13 -15.82
CA GLU A 100 -3.82 -9.26 -14.92
C GLU A 100 -4.50 -8.74 -13.66
N ILE A 101 -4.32 -7.48 -13.43
CA ILE A 101 -4.77 -6.82 -12.23
C ILE A 101 -6.27 -6.55 -12.26
N LEU A 102 -6.73 -5.89 -13.29
CA LEU A 102 -8.14 -5.52 -13.38
C LEU A 102 -8.92 -6.49 -14.22
N GLU A 103 -8.19 -7.24 -15.03
CA GLU A 103 -8.76 -8.17 -16.03
C GLU A 103 -9.27 -7.36 -17.22
N SER A 104 -10.20 -6.48 -16.95
CA SER A 104 -10.67 -5.57 -17.92
C SER A 104 -10.04 -4.21 -17.61
N SER A 105 -8.82 -4.01 -18.03
CA SER A 105 -8.15 -2.76 -17.82
C SER A 105 -8.41 -1.80 -18.99
N SER A 106 -9.44 -0.99 -18.86
CA SER A 106 -9.81 -0.10 -19.92
C SER A 106 -10.13 1.30 -19.42
N SER A 107 -9.13 2.13 -19.37
CA SER A 107 -9.29 3.53 -19.07
C SER A 107 -8.47 4.33 -20.08
N LYS A 108 -8.10 3.62 -21.12
CA LYS A 108 -7.29 4.15 -22.23
C LYS A 108 -8.23 4.72 -23.27
N ASP A 109 -9.40 4.18 -23.21
CA ASP A 109 -10.45 4.31 -24.17
C ASP A 109 -11.07 5.69 -24.19
N LYS A 110 -11.49 6.17 -23.05
CA LYS A 110 -12.06 7.47 -22.96
C LYS A 110 -11.80 8.01 -21.58
N GLU A 111 -11.91 9.31 -21.40
CA GLU A 111 -11.60 9.95 -20.15
C GLU A 111 -12.58 9.61 -19.00
N LYS A 112 -12.23 8.57 -18.28
CA LYS A 112 -12.85 8.23 -17.04
C LYS A 112 -11.75 8.21 -16.01
N GLU A 113 -11.29 9.39 -15.74
CA GLU A 113 -10.13 9.66 -14.91
C GLU A 113 -8.85 9.05 -15.51
N LEU A 114 -8.22 9.84 -16.36
CA LEU A 114 -7.02 9.46 -17.09
C LEU A 114 -5.77 9.56 -16.22
N ASP A 115 -4.60 9.40 -16.86
CA ASP A 115 -3.26 9.32 -16.23
C ASP A 115 -2.96 7.89 -15.83
N PRO A 116 -2.26 7.16 -16.71
CA PRO A 116 -1.86 5.79 -16.43
C PRO A 116 -0.53 5.78 -15.70
N GLU A 117 -0.18 6.89 -15.13
CA GLU A 117 1.06 6.98 -14.42
C GLU A 117 0.86 6.52 -13.01
N GLU A 118 0.06 7.25 -12.27
CA GLU A 118 -0.10 6.98 -10.88
C GLU A 118 -1.15 5.90 -10.68
N ARG A 119 -2.11 5.87 -11.57
CA ARG A 119 -3.22 4.92 -11.50
C ARG A 119 -2.74 3.52 -11.85
N ASP A 120 -1.84 3.43 -12.83
CA ASP A 120 -1.20 2.15 -13.14
C ASP A 120 -0.35 1.75 -11.98
N ASN A 121 0.32 2.74 -11.39
CA ASN A 121 1.18 2.52 -10.23
C ASN A 121 0.34 2.02 -9.04
N PHE A 122 -0.84 2.61 -8.81
CA PHE A 122 -1.75 2.12 -7.76
C PHE A 122 -2.10 0.68 -7.98
N LEU A 123 -2.47 0.34 -9.20
CA LEU A 123 -2.81 -1.03 -9.55
C LEU A 123 -1.60 -1.95 -9.32
N GLN A 124 -0.47 -1.51 -9.87
CA GLN A 124 0.81 -2.20 -9.84
C GLN A 124 1.19 -2.51 -8.40
N GLN A 125 1.25 -1.45 -7.61
CA GLN A 125 1.67 -1.52 -6.25
C GLN A 125 0.72 -2.24 -5.37
N LEU A 126 -0.57 -2.00 -5.50
CA LEU A 126 -1.50 -2.69 -4.61
C LEU A 126 -1.47 -4.18 -4.83
N TYR A 127 -1.38 -4.59 -6.07
CA TYR A 127 -1.25 -6.01 -6.37
C TYR A 127 0.07 -6.60 -5.87
N LYS A 128 1.20 -5.96 -6.17
CA LYS A 128 2.50 -6.50 -5.74
C LYS A 128 2.76 -6.34 -4.25
N PHE A 129 2.18 -5.33 -3.68
CA PHE A 129 2.28 -5.08 -2.25
C PHE A 129 1.30 -5.98 -1.50
N MET A 130 0.22 -6.41 -2.15
CA MET A 130 -0.77 -7.30 -1.50
C MET A 130 -0.07 -8.53 -0.95
N GLU A 131 0.83 -9.08 -1.76
CA GLU A 131 1.59 -10.28 -1.41
C GLU A 131 2.47 -10.07 -0.15
N ASP A 132 2.77 -8.81 0.17
CA ASP A 132 3.77 -8.45 1.20
C ASP A 132 3.36 -8.83 2.61
N ARG A 133 2.09 -8.96 2.86
CA ARG A 133 1.66 -9.17 4.24
C ARG A 133 1.11 -10.54 4.47
N GLY A 134 1.29 -11.38 3.51
CA GLY A 134 0.81 -12.71 3.63
C GLY A 134 -0.62 -12.85 3.15
N THR A 135 -1.20 -11.74 2.73
CA THR A 135 -2.55 -11.75 2.20
C THR A 135 -2.52 -11.29 0.73
N PRO A 136 -2.16 -12.16 -0.21
CA PRO A 136 -2.00 -11.76 -1.59
C PRO A 136 -3.34 -11.83 -2.33
N ILE A 137 -3.30 -11.54 -3.61
CA ILE A 137 -4.50 -11.55 -4.43
C ILE A 137 -4.96 -12.93 -4.74
N ASN A 138 -6.12 -13.23 -4.24
CA ASN A 138 -6.70 -14.51 -4.45
C ASN A 138 -7.92 -14.38 -5.35
N LYS A 139 -8.28 -13.16 -5.60
CA LYS A 139 -9.43 -12.82 -6.37
C LYS A 139 -9.24 -11.40 -6.86
N PRO A 140 -9.66 -11.07 -8.07
CA PRO A 140 -9.51 -9.73 -8.61
C PRO A 140 -10.46 -8.73 -7.96
N PRO A 141 -10.12 -7.44 -7.97
CA PRO A 141 -11.01 -6.41 -7.48
C PRO A 141 -12.23 -6.25 -8.38
N VAL A 142 -13.37 -6.62 -7.86
CA VAL A 142 -14.63 -6.51 -8.54
C VAL A 142 -15.63 -6.09 -7.52
N LEU A 143 -16.53 -5.23 -7.88
CA LEU A 143 -17.60 -4.87 -7.00
C LEU A 143 -18.85 -4.71 -7.78
N GLY A 144 -19.91 -5.35 -7.32
CA GLY A 144 -21.19 -5.23 -7.99
C GLY A 144 -21.13 -5.81 -9.37
N TYR A 145 -20.18 -6.74 -9.56
CA TYR A 145 -19.82 -7.42 -10.82
C TYR A 145 -19.21 -6.51 -11.87
N LYS A 146 -18.79 -5.36 -11.43
CA LYS A 146 -18.08 -4.42 -12.22
C LYS A 146 -16.61 -4.52 -11.84
N ASP A 147 -15.75 -4.51 -12.82
CA ASP A 147 -14.29 -4.55 -12.60
C ASP A 147 -13.91 -3.33 -11.79
N LEU A 148 -13.39 -3.53 -10.61
CA LEU A 148 -13.15 -2.45 -9.72
C LEU A 148 -11.76 -1.83 -9.95
N ASN A 149 -11.78 -0.58 -10.37
CA ASN A 149 -10.60 0.19 -10.64
C ASN A 149 -10.17 1.00 -9.41
N LEU A 150 -9.18 0.44 -8.70
CA LEU A 150 -8.67 0.93 -7.38
C LEU A 150 -8.38 2.40 -7.41
N PHE A 151 -7.66 2.80 -8.44
CA PHE A 151 -7.17 4.14 -8.61
C PHE A 151 -8.26 5.21 -8.52
N LYS A 152 -9.40 4.93 -9.13
CA LYS A 152 -10.46 5.90 -9.18
C LYS A 152 -11.06 6.01 -7.80
N LEU A 153 -11.30 4.86 -7.22
CA LEU A 153 -11.91 4.76 -5.90
C LEU A 153 -11.00 5.45 -4.86
N PHE A 154 -9.69 5.30 -5.05
CA PHE A 154 -8.73 5.95 -4.19
C PHE A 154 -8.86 7.46 -4.31
N ARG A 155 -8.85 7.96 -5.57
CA ARG A 155 -8.99 9.40 -5.83
C ARG A 155 -10.26 9.93 -5.20
N LEU A 156 -11.30 9.15 -5.29
CA LEU A 156 -12.59 9.45 -4.71
C LEU A 156 -12.48 9.62 -3.21
N VAL A 157 -11.99 8.61 -2.49
CA VAL A 157 -11.82 8.68 -1.03
C VAL A 157 -10.85 9.81 -0.64
N TYR A 158 -9.81 9.97 -1.42
CA TYR A 158 -8.82 11.04 -1.24
C TYR A 158 -9.49 12.42 -1.38
N HIS A 159 -10.47 12.49 -2.26
CA HIS A 159 -11.22 13.72 -2.46
C HIS A 159 -12.18 13.94 -1.29
N GLN A 160 -12.55 12.86 -0.65
CA GLN A 160 -13.51 12.90 0.45
C GLN A 160 -12.80 13.13 1.77
N GLY A 161 -11.55 13.55 1.67
CA GLY A 161 -10.80 13.89 2.84
C GLY A 161 -9.79 12.85 3.20
N GLY A 162 -9.83 11.75 2.53
CA GLY A 162 -8.89 10.73 2.82
C GLY A 162 -9.52 9.59 3.56
N CYS A 163 -8.74 8.57 3.77
CA CYS A 163 -9.17 7.33 4.37
C CYS A 163 -9.69 7.53 5.80
N ASP A 164 -8.90 8.21 6.62
CA ASP A 164 -9.25 8.40 8.03
C ASP A 164 -10.28 9.47 8.24
N ASN A 165 -10.53 10.24 7.22
CA ASN A 165 -11.47 11.33 7.35
C ASN A 165 -12.89 10.84 7.26
N ILE A 166 -13.09 9.75 6.53
CA ILE A 166 -14.40 9.23 6.32
C ILE A 166 -14.94 8.55 7.56
N ASP A 167 -16.04 9.07 8.01
CA ASP A 167 -16.75 8.51 9.14
C ASP A 167 -18.09 7.96 8.68
N SER A 168 -18.65 8.60 7.67
CA SER A 168 -19.96 8.29 7.21
C SER A 168 -19.96 7.23 6.11
N GLY A 169 -20.85 6.24 6.26
CA GLY A 169 -21.04 5.21 5.26
C GLY A 169 -21.59 5.78 3.98
N ALA A 170 -22.19 6.96 4.11
CA ALA A 170 -22.71 7.74 3.00
C ALA A 170 -21.59 8.06 2.00
N VAL A 171 -20.38 8.18 2.50
CA VAL A 171 -19.25 8.51 1.66
C VAL A 171 -18.80 7.27 0.89
N TRP A 172 -18.67 6.13 1.57
CA TRP A 172 -18.41 4.85 0.91
C TRP A 172 -19.48 4.59 -0.17
N LYS A 173 -20.72 4.93 0.15
CA LYS A 173 -21.81 4.89 -0.80
C LYS A 173 -21.50 5.80 -2.02
N GLN A 174 -21.08 7.01 -1.72
CA GLN A 174 -20.78 8.02 -2.74
C GLN A 174 -19.62 7.59 -3.63
N ILE A 175 -18.54 7.11 -3.04
CA ILE A 175 -17.37 6.67 -3.79
C ILE A 175 -17.74 5.48 -4.70
N TYR A 176 -18.61 4.60 -4.18
CA TYR A 176 -19.08 3.44 -4.94
C TYR A 176 -19.88 3.91 -6.14
N MET A 177 -20.73 4.89 -5.91
CA MET A 177 -21.60 5.42 -6.93
C MET A 177 -20.78 6.25 -7.94
N ASP A 178 -19.66 6.79 -7.49
CA ASP A 178 -18.82 7.66 -8.33
C ASP A 178 -18.09 6.81 -9.36
N LEU A 179 -17.84 5.55 -9.02
CA LEU A 179 -17.24 4.60 -9.93
C LEU A 179 -18.20 4.31 -11.10
N GLY A 180 -19.46 4.66 -10.91
CA GLY A 180 -20.44 4.47 -11.92
C GLY A 180 -21.20 3.21 -11.67
N ILE A 181 -21.02 2.67 -10.49
CA ILE A 181 -21.68 1.47 -10.13
C ILE A 181 -22.90 1.85 -9.32
N PRO A 182 -24.10 1.45 -9.77
CA PRO A 182 -25.33 1.74 -9.06
C PRO A 182 -25.29 1.15 -7.66
N ILE A 183 -25.30 2.01 -6.67
CA ILE A 183 -25.37 1.55 -5.31
C ILE A 183 -26.71 0.85 -5.09
N LEU A 184 -26.66 -0.43 -4.81
CA LEU A 184 -27.87 -1.20 -4.65
C LEU A 184 -28.50 -0.99 -3.29
N ASN A 185 -27.69 -1.17 -2.27
CA ASN A 185 -28.12 -1.02 -0.89
C ASN A 185 -26.88 -0.97 -0.03
N SER A 186 -27.05 -0.94 1.28
CA SER A 186 -25.94 -0.80 2.21
C SER A 186 -24.96 -2.00 2.22
N ALA A 187 -25.37 -3.13 1.66
CA ALA A 187 -24.46 -4.26 1.53
C ALA A 187 -23.39 -3.93 0.50
N ALA A 188 -23.76 -3.11 -0.46
CA ALA A 188 -22.84 -2.68 -1.48
C ALA A 188 -21.88 -1.64 -0.88
N SER A 189 -22.35 -0.91 0.12
CA SER A 189 -21.53 0.02 0.87
C SER A 189 -20.47 -0.81 1.66
N TYR A 190 -20.94 -1.93 2.21
CA TYR A 190 -20.06 -2.90 2.85
C TYR A 190 -19.03 -3.41 1.84
N ASN A 191 -19.49 -3.80 0.67
CA ASN A 191 -18.64 -4.30 -0.41
C ASN A 191 -17.53 -3.31 -0.77
N VAL A 192 -17.90 -2.06 -1.00
CA VAL A 192 -16.92 -1.04 -1.38
C VAL A 192 -15.94 -0.74 -0.22
N LYS A 193 -16.45 -0.76 1.00
CA LYS A 193 -15.61 -0.53 2.15
C LYS A 193 -14.62 -1.67 2.30
N THR A 194 -15.08 -2.89 2.08
CA THR A 194 -14.26 -4.08 2.15
C THR A 194 -13.16 -4.02 1.08
N ALA A 195 -13.53 -3.56 -0.11
CA ALA A 195 -12.59 -3.40 -1.19
C ALA A 195 -11.49 -2.43 -0.80
N TYR A 196 -11.88 -1.29 -0.25
CA TYR A 196 -10.89 -0.32 0.17
C TYR A 196 -10.06 -0.90 1.33
N ARG A 197 -10.74 -1.54 2.28
CA ARG A 197 -10.12 -2.13 3.47
C ARG A 197 -9.11 -3.21 3.16
N LYS A 198 -9.33 -4.01 2.13
CA LYS A 198 -8.35 -5.02 1.84
C LYS A 198 -7.49 -4.77 0.59
N TYR A 199 -8.11 -4.32 -0.49
CA TYR A 199 -7.36 -4.11 -1.73
C TYR A 199 -6.51 -2.85 -1.67
N LEU A 200 -7.07 -1.78 -1.15
CA LEU A 200 -6.38 -0.50 -1.13
C LEU A 200 -5.74 -0.25 0.22
N TYR A 201 -5.75 -1.29 1.05
CA TYR A 201 -5.25 -1.20 2.42
C TYR A 201 -3.82 -0.70 2.46
N GLY A 202 -2.98 -1.22 1.55
CA GLY A 202 -1.58 -0.80 1.48
C GLY A 202 -1.43 0.71 1.33
N PHE A 203 -2.22 1.31 0.48
CA PHE A 203 -2.16 2.74 0.29
C PHE A 203 -2.90 3.50 1.33
N GLU A 204 -3.90 2.88 1.94
CA GLU A 204 -4.60 3.51 3.04
C GLU A 204 -3.60 3.74 4.18
N GLU A 205 -2.86 2.69 4.50
CA GLU A 205 -1.84 2.71 5.53
C GLU A 205 -0.74 3.69 5.16
N TYR A 206 -0.22 3.60 3.93
CA TYR A 206 0.85 4.49 3.50
C TYR A 206 0.43 5.96 3.57
N CYS A 207 -0.79 6.25 3.15
CA CYS A 207 -1.27 7.60 3.19
C CYS A 207 -1.46 8.11 4.61
N ARG A 208 -2.06 7.32 5.50
CA ARG A 208 -2.20 7.77 6.90
C ARG A 208 -0.83 7.90 7.55
N SER A 209 0.06 7.02 7.19
CA SER A 209 1.40 7.01 7.70
C SER A 209 2.17 8.26 7.26
N ALA A 210 2.14 8.58 5.97
CA ALA A 210 2.90 9.70 5.46
C ALA A 210 2.08 10.99 5.50
N ASN A 211 0.95 10.92 6.20
CA ASN A 211 0.10 12.09 6.52
C ASN A 211 -0.64 12.65 5.32
N ILE A 212 -0.86 11.81 4.34
CA ILE A 212 -1.66 12.19 3.19
C ILE A 212 -3.12 11.92 3.55
N GLN A 213 -3.65 12.74 4.40
CA GLN A 213 -5.01 12.62 4.92
C GLN A 213 -5.56 14.00 5.24
N PHE A 214 -6.88 14.09 5.32
CA PHE A 214 -7.63 15.25 5.81
C PHE A 214 -7.58 16.48 4.91
N ARG A 215 -8.16 17.59 5.42
CA ARG A 215 -8.20 18.91 4.80
C ARG A 215 -9.20 19.03 3.63
N THR A 216 -8.98 18.26 2.58
CA THR A 216 -9.67 18.33 1.28
C THR A 216 -11.21 18.55 1.37
N VAL A 217 -11.92 17.73 2.11
CA VAL A 217 -13.38 17.82 2.10
C VAL A 217 -13.89 18.79 3.20
N HIS A 218 -12.97 19.39 3.94
CA HIS A 218 -13.36 20.30 5.00
C HIS A 218 -13.40 21.72 4.50
N HIS A 219 -12.38 22.11 3.79
CA HIS A 219 -12.28 23.46 3.30
C HIS A 219 -11.37 23.50 2.10
N HIS A 220 -11.66 24.38 1.18
CA HIS A 220 -10.85 24.57 0.01
C HIS A 220 -10.58 26.06 -0.18
N GLU A 221 -9.34 26.44 -0.06
CA GLU A 221 -8.96 27.84 -0.20
C GLU A 221 -8.95 28.18 -1.66
N LEU A 222 -8.34 27.30 -2.40
CA LEU A 222 -8.33 27.36 -3.82
C LEU A 222 -8.63 25.99 -4.34
N GLU A 223 -9.42 25.93 -5.37
CA GLU A 223 -9.77 24.66 -5.96
C GLU A 223 -8.69 24.31 -6.90
N HIS A 224 -8.33 23.06 -6.96
CA HIS A 224 -7.37 22.64 -7.93
C HIS A 224 -8.12 22.34 -9.20
N HIS A 225 -8.40 23.40 -9.91
CA HIS A 225 -9.18 23.36 -11.10
C HIS A 225 -8.27 22.93 -12.23
N HIS A 226 -8.28 21.66 -12.51
CA HIS A 226 -7.40 21.11 -13.50
C HIS A 226 -7.90 21.26 -14.91
N HIS A 227 -7.76 22.45 -15.42
CA HIS A 227 -8.11 22.73 -16.78
C HIS A 227 -6.79 22.72 -17.51
N HIS A 228 -6.54 21.64 -18.25
CA HIS A 228 -5.21 21.40 -18.85
C HIS A 228 -4.82 22.54 -19.80
N HIS A 229 -5.79 23.11 -20.44
CA HIS A 229 -5.64 24.27 -21.26
C HIS A 229 -6.93 25.02 -21.14
N ASN A 1 18.63 8.09 4.82
CA ASN A 1 17.75 7.19 4.06
C ASN A 1 16.38 7.11 4.73
N ASP A 2 16.40 7.00 6.07
CA ASP A 2 15.18 6.94 6.92
C ASP A 2 14.42 5.65 6.75
N GLU A 3 14.56 4.81 7.72
CA GLU A 3 13.89 3.54 7.74
C GLU A 3 12.40 3.71 8.05
N LEU A 4 12.09 4.64 8.95
CA LEU A 4 10.73 4.94 9.36
C LEU A 4 9.84 5.62 8.30
N LEU A 5 10.31 5.67 7.06
CA LEU A 5 9.47 6.16 5.98
C LEU A 5 8.60 5.04 5.47
N GLY A 6 9.07 3.81 5.66
CA GLY A 6 8.32 2.67 5.19
C GLY A 6 8.91 2.05 3.95
N LYS A 7 10.23 2.05 3.84
CA LYS A 7 10.89 1.45 2.70
C LYS A 7 11.59 0.16 3.11
N VAL A 8 12.33 -0.41 2.19
CA VAL A 8 13.07 -1.62 2.43
C VAL A 8 14.35 -1.25 3.19
N VAL A 9 14.70 -2.05 4.19
CA VAL A 9 15.78 -1.76 5.10
C VAL A 9 16.43 -3.06 5.57
N SER A 10 17.35 -2.94 6.50
CA SER A 10 18.02 -4.06 7.09
C SER A 10 17.49 -4.28 8.48
N VAL A 11 17.16 -5.47 8.79
CA VAL A 11 16.85 -5.79 10.15
C VAL A 11 17.88 -6.82 10.56
N VAL A 12 18.67 -6.52 11.54
CA VAL A 12 19.74 -7.41 11.91
C VAL A 12 19.29 -8.50 12.86
N SER A 13 20.12 -9.49 13.00
CA SER A 13 19.81 -10.62 13.81
C SER A 13 20.19 -10.41 15.27
N ALA A 14 19.26 -9.80 16.02
CA ALA A 14 19.31 -9.63 17.47
C ALA A 14 20.38 -8.69 18.01
N THR A 15 21.54 -8.72 17.43
CA THR A 15 22.65 -7.96 17.87
C THR A 15 23.74 -7.92 16.80
N GLU A 16 23.84 -8.97 15.99
CA GLU A 16 24.86 -9.01 14.96
C GLU A 16 24.33 -8.41 13.67
N ARG A 17 25.02 -7.40 13.18
CA ARG A 17 24.68 -6.78 11.93
C ARG A 17 25.35 -7.55 10.81
N THR A 18 26.14 -8.50 11.23
CA THR A 18 26.92 -9.37 10.42
C THR A 18 26.01 -10.25 9.57
N GLU A 19 24.86 -10.55 10.11
CA GLU A 19 23.91 -11.33 9.42
C GLU A 19 22.56 -10.68 9.63
N TRP A 20 21.95 -10.30 8.56
CA TRP A 20 20.72 -9.60 8.62
C TRP A 20 19.76 -10.09 7.59
N TYR A 21 18.54 -9.71 7.76
CA TYR A 21 17.48 -10.06 6.89
C TYR A 21 16.80 -8.80 6.40
N PRO A 22 16.78 -8.61 5.08
CA PRO A 22 16.17 -7.43 4.47
C PRO A 22 14.65 -7.46 4.57
N ALA A 23 14.08 -6.34 4.90
CA ALA A 23 12.68 -6.28 5.12
C ALA A 23 12.12 -4.95 4.71
N LEU A 24 10.83 -4.87 4.63
CA LEU A 24 10.13 -3.67 4.26
C LEU A 24 9.42 -3.14 5.48
N VAL A 25 9.68 -1.91 5.82
CA VAL A 25 9.02 -1.30 6.97
C VAL A 25 7.56 -1.05 6.64
N ILE A 26 6.69 -1.58 7.45
CA ILE A 26 5.28 -1.38 7.27
C ILE A 26 4.70 -0.65 8.45
N SER A 27 3.50 -0.18 8.31
CA SER A 27 2.85 0.50 9.37
C SER A 27 2.24 -0.52 10.34
N PRO A 28 2.52 -0.41 11.66
CA PRO A 28 1.97 -1.33 12.70
C PRO A 28 0.46 -1.24 12.82
N SER A 29 -0.09 -0.33 12.10
CA SER A 29 -1.50 -0.14 11.99
C SER A 29 -2.11 -1.31 11.14
N CYS A 30 -1.24 -2.08 10.49
CA CYS A 30 -1.66 -3.20 9.67
C CYS A 30 -1.73 -4.48 10.48
N ASN A 31 -1.42 -4.39 11.75
CA ASN A 31 -1.38 -5.55 12.61
C ASN A 31 -2.16 -5.34 13.88
N ASP A 32 -3.08 -6.26 14.12
CA ASP A 32 -3.97 -6.22 15.27
C ASP A 32 -3.29 -6.76 16.51
N ASP A 33 -2.65 -7.91 16.36
CA ASP A 33 -2.05 -8.59 17.49
C ASP A 33 -0.78 -7.90 17.91
N ILE A 34 0.05 -7.57 16.95
CA ILE A 34 1.25 -6.85 17.25
C ILE A 34 0.90 -5.37 17.27
N THR A 35 1.49 -4.63 18.14
CA THR A 35 1.32 -3.23 18.27
C THR A 35 2.72 -2.66 18.44
N VAL A 36 2.97 -1.49 17.92
CA VAL A 36 4.28 -0.94 17.99
C VAL A 36 4.52 -0.32 19.36
N LYS A 37 5.69 -0.49 19.87
CA LYS A 37 6.11 0.15 21.08
C LYS A 37 7.11 1.25 20.72
N LYS A 38 7.46 2.10 21.67
CA LYS A 38 8.29 3.28 21.37
C LYS A 38 9.70 2.86 21.03
N ASP A 39 10.10 1.78 21.63
CA ASP A 39 11.45 1.22 21.48
C ASP A 39 11.59 0.36 20.23
N GLN A 40 10.54 0.24 19.45
CA GLN A 40 10.59 -0.67 18.33
C GLN A 40 9.82 -0.12 17.13
N CYS A 41 9.76 -0.90 16.10
CA CYS A 41 9.04 -0.58 14.91
C CYS A 41 8.51 -1.89 14.32
N LEU A 42 7.59 -1.79 13.39
CA LEU A 42 7.01 -2.94 12.74
C LEU A 42 7.62 -3.10 11.38
N VAL A 43 8.12 -4.27 11.11
CA VAL A 43 8.79 -4.50 9.87
C VAL A 43 8.26 -5.79 9.28
N ARG A 44 8.26 -5.88 7.97
CA ARG A 44 7.74 -7.03 7.27
C ARG A 44 8.82 -7.61 6.36
N SER A 45 9.23 -8.81 6.63
CA SER A 45 10.23 -9.44 5.80
C SER A 45 9.62 -10.22 4.65
N PHE A 46 10.13 -9.98 3.46
CA PHE A 46 9.78 -10.79 2.30
C PHE A 46 10.53 -12.11 2.36
N ILE A 47 11.61 -12.10 3.12
CA ILE A 47 12.49 -13.25 3.28
C ILE A 47 12.08 -14.08 4.51
N ASP A 48 11.36 -13.46 5.42
CA ASP A 48 11.04 -14.08 6.71
C ASP A 48 9.55 -13.80 7.00
N SER A 49 9.19 -13.66 8.26
CA SER A 49 7.81 -13.45 8.67
C SER A 49 7.29 -12.07 8.21
N LYS A 50 5.99 -11.98 8.05
CA LYS A 50 5.34 -10.78 7.62
C LYS A 50 5.21 -9.77 8.73
N PHE A 51 5.08 -10.22 9.95
CA PHE A 51 4.85 -9.33 11.06
C PHE A 51 5.62 -9.74 12.26
N TYR A 52 6.46 -8.85 12.71
CA TYR A 52 7.27 -9.06 13.87
C TYR A 52 7.60 -7.71 14.48
N SER A 53 7.74 -7.69 15.76
CA SER A 53 8.06 -6.53 16.47
C SER A 53 9.57 -6.49 16.73
N ILE A 54 10.25 -5.51 16.19
CA ILE A 54 11.66 -5.43 16.26
C ILE A 54 12.07 -4.05 16.66
N ALA A 55 13.05 -3.99 17.51
CA ALA A 55 13.51 -2.77 18.07
C ALA A 55 14.12 -1.85 17.02
N ARG A 56 13.99 -0.55 17.25
CA ARG A 56 14.47 0.52 16.35
C ARG A 56 15.98 0.35 16.07
N LYS A 57 16.68 -0.11 17.07
CA LYS A 57 18.14 -0.32 17.05
C LYS A 57 18.55 -1.45 16.09
N ASP A 58 17.67 -2.43 15.90
CA ASP A 58 17.99 -3.59 15.05
C ASP A 58 17.76 -3.31 13.60
N ILE A 59 17.17 -2.20 13.34
CA ILE A 59 16.90 -1.80 11.98
C ILE A 59 17.98 -0.87 11.52
N LYS A 60 18.51 -1.15 10.38
CA LYS A 60 19.52 -0.34 9.78
C LYS A 60 19.04 0.23 8.47
N GLU A 61 19.41 1.46 8.23
CA GLU A 61 19.03 2.17 7.03
C GLU A 61 19.85 1.67 5.87
N VAL A 62 19.22 0.90 5.04
CA VAL A 62 19.85 0.33 3.89
C VAL A 62 18.82 0.10 2.82
N ASP A 63 19.08 0.62 1.66
CA ASP A 63 18.27 0.33 0.51
C ASP A 63 19.07 -0.73 -0.22
N ILE A 64 18.62 -1.97 -0.12
CA ILE A 64 19.42 -3.12 -0.51
C ILE A 64 19.87 -3.12 -1.97
N LEU A 65 18.99 -2.75 -2.88
CA LEU A 65 19.39 -2.82 -4.28
C LEU A 65 20.35 -1.71 -4.66
N ASN A 66 20.38 -0.70 -3.86
CA ASN A 66 21.34 0.37 -4.02
C ASN A 66 22.74 0.02 -3.46
N LEU A 67 22.85 -1.09 -2.73
CA LEU A 67 24.14 -1.55 -2.21
C LEU A 67 24.96 -2.19 -3.34
N PRO A 68 26.29 -2.26 -3.19
CA PRO A 68 27.16 -2.94 -4.16
C PRO A 68 26.81 -4.41 -4.30
N GLU A 69 27.00 -4.92 -5.51
CA GLU A 69 26.74 -6.32 -5.90
C GLU A 69 27.40 -7.33 -4.96
N SER A 70 28.42 -6.89 -4.31
CA SER A 70 29.27 -7.70 -3.49
C SER A 70 28.58 -8.00 -2.17
N GLU A 71 27.76 -7.08 -1.76
CA GLU A 71 27.06 -7.22 -0.53
C GLU A 71 25.87 -8.13 -0.78
N LEU A 72 25.23 -7.89 -1.89
CA LEU A 72 24.01 -8.56 -2.24
C LEU A 72 24.22 -10.00 -2.64
N SER A 73 25.31 -10.28 -3.28
CA SER A 73 25.55 -11.60 -3.77
C SER A 73 26.13 -12.53 -2.68
N THR A 74 26.61 -11.97 -1.57
CA THR A 74 27.19 -12.80 -0.51
C THR A 74 26.13 -13.27 0.49
N LYS A 75 25.19 -12.40 0.79
CA LYS A 75 24.06 -12.75 1.61
C LYS A 75 22.89 -13.12 0.71
N PRO A 76 22.46 -14.41 0.70
CA PRO A 76 21.37 -14.91 -0.16
C PRO A 76 20.10 -14.05 -0.08
N GLY A 77 19.83 -13.56 1.12
CA GLY A 77 18.66 -12.73 1.32
C GLY A 77 18.73 -11.40 0.60
N LEU A 78 19.93 -10.89 0.42
CA LEU A 78 20.12 -9.59 -0.22
C LEU A 78 20.07 -9.75 -1.70
N GLN A 79 20.44 -10.93 -2.14
CA GLN A 79 20.36 -11.29 -3.51
C GLN A 79 18.90 -11.29 -3.90
N LYS A 80 18.10 -12.00 -3.10
CA LYS A 80 16.68 -12.10 -3.29
C LYS A 80 16.00 -10.75 -3.13
N ALA A 81 16.54 -9.92 -2.23
CA ALA A 81 16.12 -8.58 -2.08
C ALA A 81 16.26 -7.86 -3.39
N SER A 82 17.46 -7.82 -3.93
CA SER A 82 17.72 -7.14 -5.19
C SER A 82 16.75 -7.63 -6.28
N ILE A 83 16.49 -8.94 -6.27
CA ILE A 83 15.56 -9.57 -7.19
C ILE A 83 14.11 -9.04 -6.97
N PHE A 84 13.61 -9.17 -5.74
CA PHE A 84 12.25 -8.74 -5.40
C PHE A 84 12.10 -7.23 -5.52
N LEU A 85 12.93 -6.52 -4.85
CA LEU A 85 12.95 -5.08 -4.81
C LEU A 85 12.90 -4.42 -6.21
N LYS A 86 13.75 -4.84 -7.13
CA LYS A 86 13.83 -4.16 -8.44
C LYS A 86 12.52 -4.22 -9.23
N THR A 87 11.82 -5.31 -9.11
CA THR A 87 10.62 -5.54 -9.89
C THR A 87 9.36 -4.97 -9.21
N ARG A 88 9.53 -4.08 -8.21
CA ARG A 88 8.36 -3.55 -7.48
C ARG A 88 8.61 -2.27 -6.63
N VAL A 89 9.81 -2.08 -6.07
CA VAL A 89 10.01 -0.88 -5.26
C VAL A 89 10.72 0.21 -6.07
N VAL A 90 11.46 -0.21 -7.09
CA VAL A 90 12.04 0.72 -8.03
C VAL A 90 11.07 0.83 -9.21
N PRO A 91 10.42 2.00 -9.37
CA PRO A 91 9.31 2.19 -10.33
C PRO A 91 9.75 2.20 -11.77
N ASP A 92 11.02 2.15 -11.98
CA ASP A 92 11.55 2.11 -13.31
C ASP A 92 11.57 0.68 -13.82
N ASN A 93 11.75 -0.25 -12.92
CA ASN A 93 11.98 -1.64 -13.31
C ASN A 93 10.89 -2.58 -12.82
N TRP A 94 9.77 -2.05 -12.38
CA TRP A 94 8.73 -2.93 -11.93
C TRP A 94 8.11 -3.75 -13.06
N LYS A 95 7.68 -4.96 -12.75
CA LYS A 95 7.18 -5.83 -13.78
C LYS A 95 6.03 -6.73 -13.35
N MET A 96 4.90 -6.37 -13.88
CA MET A 96 3.66 -7.10 -13.82
C MET A 96 2.81 -6.40 -14.85
N ASP A 97 1.98 -7.10 -15.55
CA ASP A 97 1.17 -6.41 -16.53
C ASP A 97 -0.14 -6.06 -15.91
N ILE A 98 -0.66 -4.91 -16.26
CA ILE A 98 -1.87 -4.39 -15.69
C ILE A 98 -3.06 -5.35 -15.93
N SER A 99 -3.00 -6.20 -16.96
CA SER A 99 -4.09 -7.12 -17.28
C SER A 99 -4.31 -8.15 -16.19
N GLU A 100 -3.23 -8.58 -15.54
CA GLU A 100 -3.33 -9.55 -14.46
C GLU A 100 -3.92 -8.92 -13.21
N ILE A 101 -3.96 -7.62 -13.21
CA ILE A 101 -4.42 -6.84 -12.09
C ILE A 101 -5.95 -6.73 -12.01
N LEU A 102 -6.62 -6.53 -13.11
CA LEU A 102 -8.07 -6.55 -13.07
C LEU A 102 -8.56 -7.84 -13.66
N GLU A 103 -8.35 -7.99 -14.95
CA GLU A 103 -8.73 -9.16 -15.73
C GLU A 103 -8.38 -8.84 -17.18
N SER A 104 -8.94 -7.77 -17.65
CA SER A 104 -8.68 -7.26 -18.96
C SER A 104 -8.11 -5.86 -18.81
N SER A 105 -8.55 -5.18 -17.74
CA SER A 105 -8.02 -3.89 -17.30
C SER A 105 -8.20 -2.79 -18.33
N SER A 106 -9.36 -2.77 -18.93
CA SER A 106 -9.70 -1.81 -19.96
C SER A 106 -10.13 -0.45 -19.36
N SER A 107 -9.42 -0.02 -18.34
CA SER A 107 -9.70 1.25 -17.70
C SER A 107 -9.11 2.33 -18.56
N LYS A 108 -9.95 2.88 -19.32
CA LYS A 108 -9.58 3.92 -20.21
C LYS A 108 -9.97 5.23 -19.64
N ASP A 109 -9.11 5.70 -18.84
CA ASP A 109 -9.27 6.95 -18.17
C ASP A 109 -8.74 7.97 -19.13
N LYS A 110 -9.48 9.02 -19.37
CA LYS A 110 -9.04 10.05 -20.28
C LYS A 110 -7.81 10.73 -19.76
N GLU A 111 -6.89 11.00 -20.66
CA GLU A 111 -5.58 11.52 -20.27
C GLU A 111 -5.63 13.02 -19.96
N LYS A 112 -6.79 13.60 -20.11
CA LYS A 112 -6.98 14.98 -19.81
C LYS A 112 -7.63 15.05 -18.46
N GLU A 113 -7.08 15.87 -17.60
CA GLU A 113 -7.54 16.13 -16.21
C GLU A 113 -7.31 14.94 -15.26
N LEU A 114 -7.52 13.75 -15.74
CA LEU A 114 -7.35 12.53 -14.97
C LEU A 114 -5.96 11.96 -15.23
N ASP A 115 -5.42 11.24 -14.27
CA ASP A 115 -4.11 10.66 -14.43
C ASP A 115 -4.19 9.14 -14.38
N PRO A 116 -4.08 8.46 -15.53
CA PRO A 116 -4.10 7.00 -15.57
C PRO A 116 -2.73 6.38 -15.28
N GLU A 117 -1.70 7.22 -15.23
CA GLU A 117 -0.32 6.77 -15.08
C GLU A 117 -0.04 6.31 -13.67
N GLU A 118 -0.56 7.04 -12.70
CA GLU A 118 -0.40 6.65 -11.32
C GLU A 118 -1.22 5.40 -11.07
N ARG A 119 -2.32 5.24 -11.81
CA ARG A 119 -3.18 4.05 -11.69
C ARG A 119 -2.39 2.77 -11.91
N ASP A 120 -1.69 2.69 -13.04
CA ASP A 120 -0.90 1.49 -13.37
C ASP A 120 0.09 1.20 -12.25
N ASN A 121 0.82 2.22 -11.90
CA ASN A 121 1.84 2.18 -10.84
C ASN A 121 1.23 1.72 -9.52
N PHE A 122 0.22 2.45 -9.08
CA PHE A 122 -0.44 2.23 -7.82
C PHE A 122 -1.06 0.85 -7.72
N LEU A 123 -1.71 0.40 -8.80
CA LEU A 123 -2.35 -0.90 -8.78
C LEU A 123 -1.32 -2.00 -8.72
N GLN A 124 -0.21 -1.79 -9.39
CA GLN A 124 0.86 -2.76 -9.38
C GLN A 124 1.56 -2.79 -8.02
N GLN A 125 1.65 -1.63 -7.39
CA GLN A 125 2.18 -1.54 -6.03
C GLN A 125 1.34 -2.41 -5.11
N LEU A 126 0.01 -2.23 -5.21
CA LEU A 126 -0.96 -2.98 -4.42
C LEU A 126 -0.79 -4.45 -4.67
N TYR A 127 -0.77 -4.82 -5.92
CA TYR A 127 -0.68 -6.20 -6.34
C TYR A 127 0.54 -6.92 -5.84
N LYS A 128 1.71 -6.33 -6.01
CA LYS A 128 2.92 -7.01 -5.59
C LYS A 128 3.01 -7.04 -4.06
N PHE A 129 2.50 -5.99 -3.42
CA PHE A 129 2.50 -5.90 -1.96
C PHE A 129 1.49 -6.89 -1.36
N MET A 130 0.44 -7.18 -2.11
CA MET A 130 -0.60 -8.04 -1.67
C MET A 130 -0.07 -9.46 -1.59
N GLU A 131 0.83 -9.79 -2.52
CA GLU A 131 1.47 -11.10 -2.52
C GLU A 131 2.29 -11.35 -1.26
N ASP A 132 2.81 -10.29 -0.69
CA ASP A 132 3.69 -10.43 0.48
C ASP A 132 2.95 -10.51 1.80
N ARG A 133 1.84 -9.80 1.90
CA ARG A 133 1.15 -9.54 3.21
C ARG A 133 0.45 -10.76 3.88
N GLY A 134 0.61 -11.96 3.35
CA GLY A 134 -0.01 -13.14 3.95
C GLY A 134 -1.47 -13.28 3.54
N THR A 135 -1.89 -12.43 2.66
CA THR A 135 -3.21 -12.41 2.13
C THR A 135 -3.20 -11.68 0.76
N PRO A 136 -2.96 -12.44 -0.31
CA PRO A 136 -2.85 -11.90 -1.66
C PRO A 136 -4.21 -11.70 -2.30
N ILE A 137 -4.18 -11.40 -3.55
CA ILE A 137 -5.36 -11.26 -4.33
C ILE A 137 -5.90 -12.64 -4.64
N ASN A 138 -6.81 -13.11 -3.82
CA ASN A 138 -7.42 -14.42 -4.02
C ASN A 138 -8.61 -14.26 -4.93
N LYS A 139 -9.02 -13.04 -5.08
CA LYS A 139 -10.04 -12.64 -6.00
C LYS A 139 -9.67 -11.27 -6.52
N PRO A 140 -9.86 -11.01 -7.81
CA PRO A 140 -9.55 -9.72 -8.42
C PRO A 140 -10.46 -8.61 -7.85
N PRO A 141 -10.15 -7.32 -8.11
CA PRO A 141 -10.97 -6.24 -7.62
C PRO A 141 -12.30 -6.14 -8.36
N VAL A 142 -13.26 -6.82 -7.84
CA VAL A 142 -14.59 -6.80 -8.36
C VAL A 142 -15.44 -6.18 -7.31
N LEU A 143 -16.36 -5.37 -7.70
CA LEU A 143 -17.23 -4.75 -6.79
C LEU A 143 -18.47 -4.34 -7.53
N GLY A 144 -19.61 -4.76 -7.05
CA GLY A 144 -20.84 -4.46 -7.72
C GLY A 144 -21.05 -5.40 -8.87
N TYR A 145 -20.56 -6.64 -8.70
CA TYR A 145 -20.63 -7.76 -9.70
C TYR A 145 -19.75 -7.51 -10.93
N LYS A 146 -19.04 -6.42 -10.93
CA LYS A 146 -18.26 -6.05 -12.08
C LYS A 146 -16.89 -5.63 -11.64
N ASP A 147 -15.93 -5.73 -12.53
CA ASP A 147 -14.56 -5.37 -12.20
C ASP A 147 -14.46 -3.92 -11.87
N LEU A 148 -13.98 -3.67 -10.70
CA LEU A 148 -13.91 -2.36 -10.19
C LEU A 148 -12.51 -1.79 -10.36
N ASN A 149 -12.41 -0.81 -11.23
CA ASN A 149 -11.18 -0.07 -11.41
C ASN A 149 -11.03 0.89 -10.25
N LEU A 150 -10.33 0.42 -9.25
CA LEU A 150 -10.29 1.08 -7.97
C LEU A 150 -9.52 2.39 -7.93
N PHE A 151 -8.82 2.74 -9.00
CA PHE A 151 -8.06 3.97 -8.97
C PHE A 151 -8.99 5.17 -8.94
N LYS A 152 -10.01 5.14 -9.78
CA LYS A 152 -11.06 6.16 -9.74
C LYS A 152 -11.65 6.26 -8.35
N LEU A 153 -12.00 5.13 -7.79
CA LEU A 153 -12.64 5.06 -6.49
C LEU A 153 -11.67 5.56 -5.38
N PHE A 154 -10.39 5.24 -5.55
CA PHE A 154 -9.33 5.73 -4.67
C PHE A 154 -9.22 7.24 -4.79
N ARG A 155 -9.24 7.72 -6.02
CA ARG A 155 -9.19 9.15 -6.35
C ARG A 155 -10.35 9.88 -5.68
N LEU A 156 -11.51 9.26 -5.67
CA LEU A 156 -12.65 9.81 -4.99
C LEU A 156 -12.43 9.87 -3.48
N VAL A 157 -12.02 8.75 -2.86
CA VAL A 157 -11.71 8.73 -1.40
C VAL A 157 -10.63 9.76 -1.06
N TYR A 158 -9.63 9.85 -1.91
CA TYR A 158 -8.55 10.79 -1.78
C TYR A 158 -9.10 12.21 -1.81
N HIS A 159 -10.07 12.44 -2.68
CA HIS A 159 -10.64 13.77 -2.80
C HIS A 159 -11.55 14.07 -1.60
N GLN A 160 -12.03 13.04 -0.94
CA GLN A 160 -12.95 13.19 0.19
C GLN A 160 -12.22 13.48 1.48
N GLY A 161 -10.94 13.75 1.36
CA GLY A 161 -10.15 14.06 2.52
C GLY A 161 -9.21 12.95 2.85
N GLY A 162 -9.27 11.92 2.05
CA GLY A 162 -8.39 10.82 2.21
C GLY A 162 -9.08 9.67 2.89
N CYS A 163 -8.41 8.55 2.91
CA CYS A 163 -8.90 7.31 3.47
C CYS A 163 -9.19 7.48 4.96
N ASP A 164 -8.45 8.38 5.57
CA ASP A 164 -8.49 8.66 6.99
C ASP A 164 -9.71 9.50 7.38
N ASN A 165 -10.25 10.23 6.44
CA ASN A 165 -11.33 11.16 6.73
C ASN A 165 -12.70 10.51 6.57
N ILE A 166 -12.72 9.34 5.98
CA ILE A 166 -13.98 8.70 5.73
C ILE A 166 -14.30 7.65 6.76
N ASP A 167 -15.29 7.95 7.53
CA ASP A 167 -15.77 7.03 8.56
C ASP A 167 -17.26 6.71 8.32
N SER A 168 -17.92 7.51 7.49
CA SER A 168 -19.33 7.38 7.25
C SER A 168 -19.58 6.65 5.94
N GLY A 169 -20.67 5.91 5.88
CA GLY A 169 -21.03 5.16 4.70
C GLY A 169 -21.60 6.01 3.62
N ALA A 170 -21.89 7.24 3.96
CA ALA A 170 -22.39 8.22 3.00
C ALA A 170 -21.33 8.47 1.93
N VAL A 171 -20.10 8.53 2.36
CA VAL A 171 -19.02 8.83 1.48
C VAL A 171 -18.66 7.58 0.67
N TRP A 172 -18.59 6.43 1.35
CA TRP A 172 -18.50 5.11 0.70
C TRP A 172 -19.57 4.98 -0.41
N LYS A 173 -20.78 5.40 -0.10
CA LYS A 173 -21.86 5.45 -1.06
C LYS A 173 -21.48 6.32 -2.25
N GLN A 174 -20.96 7.51 -1.96
CA GLN A 174 -20.60 8.47 -3.00
C GLN A 174 -19.45 7.93 -3.87
N ILE A 175 -18.40 7.41 -3.26
CA ILE A 175 -17.26 6.89 -4.03
C ILE A 175 -17.72 5.74 -4.95
N TYR A 176 -18.61 4.90 -4.44
CA TYR A 176 -19.18 3.79 -5.20
C TYR A 176 -20.06 4.37 -6.34
N MET A 177 -20.85 5.37 -5.98
CA MET A 177 -21.79 6.04 -6.86
C MET A 177 -21.06 6.75 -8.01
N ASP A 178 -19.91 7.32 -7.72
CA ASP A 178 -19.18 8.12 -8.70
C ASP A 178 -18.61 7.24 -9.83
N LEU A 179 -18.37 5.97 -9.51
CA LEU A 179 -17.89 4.99 -10.50
C LEU A 179 -18.93 4.66 -11.55
N GLY A 180 -20.18 4.98 -11.26
CA GLY A 180 -21.24 4.73 -12.21
C GLY A 180 -21.90 3.39 -11.97
N ILE A 181 -21.82 2.92 -10.76
CA ILE A 181 -22.44 1.68 -10.40
C ILE A 181 -23.59 2.01 -9.47
N PRO A 182 -24.79 1.50 -9.76
CA PRO A 182 -25.97 1.78 -8.95
C PRO A 182 -25.80 1.27 -7.52
N ILE A 183 -26.00 2.16 -6.57
CA ILE A 183 -25.91 1.82 -5.20
C ILE A 183 -27.22 1.14 -4.78
N LEU A 184 -27.25 -0.15 -5.06
CA LEU A 184 -28.41 -1.02 -4.85
C LEU A 184 -28.85 -1.05 -3.42
N ASN A 185 -27.99 -1.54 -2.58
CA ASN A 185 -28.31 -1.77 -1.22
C ASN A 185 -27.25 -1.14 -0.35
N SER A 186 -27.52 -1.00 0.91
CA SER A 186 -26.56 -0.47 1.85
C SER A 186 -25.43 -1.49 2.09
N ALA A 187 -25.72 -2.75 1.76
CA ALA A 187 -24.73 -3.79 1.81
C ALA A 187 -23.63 -3.50 0.80
N ALA A 188 -23.94 -2.70 -0.22
CA ALA A 188 -22.96 -2.33 -1.22
C ALA A 188 -22.04 -1.26 -0.65
N SER A 189 -22.55 -0.45 0.27
CA SER A 189 -21.74 0.51 0.99
C SER A 189 -20.79 -0.28 1.91
N TYR A 190 -21.33 -1.34 2.51
CA TYR A 190 -20.54 -2.28 3.26
C TYR A 190 -19.48 -2.91 2.35
N ASN A 191 -19.90 -3.37 1.19
CA ASN A 191 -19.01 -3.99 0.21
C ASN A 191 -17.86 -3.08 -0.14
N VAL A 192 -18.16 -1.84 -0.47
CA VAL A 192 -17.11 -0.91 -0.87
C VAL A 192 -16.20 -0.53 0.31
N LYS A 193 -16.74 -0.43 1.52
CA LYS A 193 -15.89 -0.11 2.66
C LYS A 193 -14.97 -1.28 2.95
N THR A 194 -15.51 -2.49 2.81
CA THR A 194 -14.76 -3.70 3.01
C THR A 194 -13.68 -3.78 1.96
N ALA A 195 -14.09 -3.54 0.70
CA ALA A 195 -13.22 -3.54 -0.45
C ALA A 195 -12.08 -2.60 -0.24
N TYR A 196 -12.39 -1.34 0.02
CA TYR A 196 -11.37 -0.32 0.20
C TYR A 196 -10.43 -0.69 1.36
N ARG A 197 -11.03 -1.15 2.43
CA ARG A 197 -10.29 -1.51 3.63
C ARG A 197 -9.49 -2.80 3.48
N LYS A 198 -9.82 -3.64 2.54
CA LYS A 198 -9.03 -4.85 2.38
C LYS A 198 -8.03 -4.75 1.25
N TYR A 199 -8.43 -4.15 0.15
CA TYR A 199 -7.56 -3.99 -1.01
C TYR A 199 -6.53 -2.89 -0.76
N LEU A 200 -7.00 -1.78 -0.21
CA LEU A 200 -6.13 -0.62 -0.05
C LEU A 200 -5.62 -0.48 1.35
N TYR A 201 -5.83 -1.48 2.21
CA TYR A 201 -5.49 -1.31 3.67
C TYR A 201 -4.05 -0.89 3.89
N GLY A 202 -3.13 -1.60 3.24
CA GLY A 202 -1.72 -1.30 3.38
C GLY A 202 -1.41 0.12 3.00
N PHE A 203 -1.99 0.57 1.91
CA PHE A 203 -1.77 1.91 1.46
C PHE A 203 -2.57 2.95 2.20
N GLU A 204 -3.69 2.55 2.77
CA GLU A 204 -4.46 3.46 3.62
C GLU A 204 -3.59 3.87 4.80
N GLU A 205 -3.03 2.86 5.46
CA GLU A 205 -2.19 3.07 6.61
C GLU A 205 -0.89 3.76 6.22
N TYR A 206 -0.28 3.29 5.15
CA TYR A 206 0.96 3.86 4.63
C TYR A 206 0.75 5.33 4.26
N CYS A 207 -0.35 5.64 3.62
CA CYS A 207 -0.59 7.00 3.21
C CYS A 207 -0.98 7.92 4.36
N ARG A 208 -1.68 7.41 5.38
CA ARG A 208 -2.00 8.28 6.53
C ARG A 208 -0.76 8.53 7.38
N SER A 209 0.12 7.56 7.41
CA SER A 209 1.30 7.67 8.21
C SER A 209 2.47 8.39 7.49
N ALA A 210 2.67 8.12 6.20
CA ALA A 210 3.80 8.72 5.50
C ALA A 210 3.37 9.96 4.72
N ASN A 211 2.11 10.31 4.90
CA ASN A 211 1.51 11.56 4.39
C ASN A 211 1.38 11.58 2.89
N ILE A 212 1.02 10.47 2.33
CA ILE A 212 0.76 10.39 0.89
C ILE A 212 -0.67 10.83 0.62
N GLN A 213 -1.55 10.61 1.58
CA GLN A 213 -2.91 11.02 1.41
C GLN A 213 -3.07 12.42 1.97
N PHE A 214 -3.87 13.19 1.32
CA PHE A 214 -4.07 14.55 1.72
C PHE A 214 -5.53 14.80 1.97
N ARG A 215 -5.82 15.80 2.76
CA ARG A 215 -7.17 16.07 3.14
C ARG A 215 -7.73 17.21 2.33
N THR A 216 -8.21 16.85 1.18
CA THR A 216 -8.78 17.80 0.27
C THR A 216 -10.20 18.17 0.68
N VAL A 217 -11.11 17.18 0.58
CA VAL A 217 -12.56 17.32 0.80
C VAL A 217 -13.13 18.22 -0.30
N HIS A 218 -12.98 19.50 -0.12
CA HIS A 218 -13.36 20.51 -1.08
C HIS A 218 -12.88 21.81 -0.49
N HIS A 219 -11.98 22.47 -1.18
CA HIS A 219 -11.41 23.72 -0.66
C HIS A 219 -12.40 24.86 -0.62
N HIS A 220 -12.00 25.95 0.02
CA HIS A 220 -12.80 27.14 0.15
C HIS A 220 -13.11 27.68 -1.23
N GLU A 221 -14.39 27.87 -1.49
CA GLU A 221 -14.94 28.20 -2.81
C GLU A 221 -15.01 26.98 -3.67
N LEU A 222 -16.08 26.89 -4.37
CA LEU A 222 -16.29 25.83 -5.28
C LEU A 222 -15.65 26.19 -6.59
N GLU A 223 -15.69 25.29 -7.51
CA GLU A 223 -15.24 25.54 -8.83
C GLU A 223 -16.08 26.67 -9.40
N HIS A 224 -15.47 27.59 -10.08
CA HIS A 224 -16.15 28.80 -10.52
C HIS A 224 -17.11 28.56 -11.69
N HIS A 225 -17.13 27.34 -12.19
CA HIS A 225 -18.14 26.93 -13.17
C HIS A 225 -19.28 26.23 -12.43
N HIS A 226 -19.24 26.41 -11.10
CA HIS A 226 -20.20 25.95 -10.09
C HIS A 226 -20.64 24.50 -10.18
N HIS A 227 -19.97 23.64 -9.43
CA HIS A 227 -20.39 22.26 -9.33
C HIS A 227 -21.53 22.15 -8.36
N HIS A 228 -22.69 22.34 -8.86
CA HIS A 228 -23.87 22.24 -8.06
C HIS A 228 -24.82 21.31 -8.74
N HIS A 229 -24.66 20.06 -8.42
CA HIS A 229 -25.46 18.97 -8.93
C HIS A 229 -25.43 17.89 -7.89
N ASN A 1 18.47 8.81 4.12
CA ASN A 1 17.49 7.72 4.05
C ASN A 1 16.72 7.64 5.34
N ASP A 2 15.42 7.52 5.21
CA ASP A 2 14.52 7.43 6.37
C ASP A 2 13.65 6.24 6.19
N GLU A 3 13.73 5.30 7.07
CA GLU A 3 12.88 4.14 6.91
C GLU A 3 11.52 4.34 7.52
N LEU A 4 11.44 5.36 8.35
CA LEU A 4 10.25 5.76 9.06
C LEU A 4 9.09 6.19 8.11
N LEU A 5 9.33 6.14 6.80
CA LEU A 5 8.33 6.47 5.80
C LEU A 5 7.88 5.22 5.04
N GLY A 6 8.54 4.10 5.28
CA GLY A 6 8.18 2.89 4.56
C GLY A 6 9.28 2.35 3.66
N LYS A 7 10.52 2.48 4.07
CA LYS A 7 11.65 1.94 3.27
C LYS A 7 11.97 0.50 3.67
N VAL A 8 12.79 -0.13 2.85
CA VAL A 8 13.31 -1.47 3.12
C VAL A 8 14.64 -1.33 3.81
N VAL A 9 14.79 -1.98 4.94
CA VAL A 9 15.98 -1.82 5.75
C VAL A 9 16.51 -3.11 6.30
N SER A 10 17.62 -2.98 6.99
CA SER A 10 18.28 -4.07 7.63
C SER A 10 17.72 -4.29 9.03
N VAL A 11 17.15 -5.43 9.28
CA VAL A 11 16.77 -5.82 10.62
C VAL A 11 17.85 -6.82 11.05
N VAL A 12 18.65 -6.45 11.99
CA VAL A 12 19.78 -7.25 12.43
C VAL A 12 19.34 -8.59 13.05
N SER A 13 20.15 -9.62 12.82
CA SER A 13 19.92 -10.92 13.35
C SER A 13 20.38 -10.93 14.85
N ALA A 14 20.74 -12.10 15.36
CA ALA A 14 21.10 -12.27 16.76
C ALA A 14 22.25 -11.35 17.22
N THR A 15 23.37 -11.40 16.57
CA THR A 15 24.49 -10.58 16.99
C THR A 15 25.32 -10.06 15.79
N GLU A 16 25.21 -10.71 14.65
CA GLU A 16 26.02 -10.32 13.52
C GLU A 16 25.47 -9.13 12.81
N ARG A 17 26.34 -8.19 12.52
CA ARG A 17 25.99 -7.07 11.65
C ARG A 17 26.25 -7.51 10.24
N THR A 18 26.88 -8.67 10.17
CA THR A 18 27.23 -9.32 8.96
C THR A 18 26.00 -10.01 8.36
N GLU A 19 25.12 -10.42 9.23
CA GLU A 19 23.95 -11.15 8.87
C GLU A 19 22.73 -10.44 9.45
N TRP A 20 21.90 -9.99 8.57
CA TRP A 20 20.72 -9.25 8.90
C TRP A 20 19.67 -9.56 7.88
N TYR A 21 18.43 -9.50 8.25
CA TYR A 21 17.35 -9.80 7.35
C TYR A 21 16.60 -8.54 6.93
N PRO A 22 16.60 -8.23 5.63
CA PRO A 22 15.95 -7.03 5.09
C PRO A 22 14.42 -7.12 5.14
N ALA A 23 13.78 -6.00 5.42
CA ALA A 23 12.35 -5.96 5.54
C ALA A 23 11.82 -4.54 5.28
N LEU A 24 10.51 -4.42 5.08
CA LEU A 24 9.85 -3.12 4.77
C LEU A 24 9.16 -2.56 6.00
N VAL A 25 9.45 -1.33 6.35
CA VAL A 25 8.79 -0.68 7.47
C VAL A 25 7.39 -0.25 7.06
N ILE A 26 6.39 -0.71 7.79
CA ILE A 26 5.01 -0.39 7.47
C ILE A 26 4.25 0.04 8.74
N SER A 27 2.98 0.20 8.64
CA SER A 27 2.19 0.60 9.77
C SER A 27 1.34 -0.59 10.30
N PRO A 28 1.26 -0.74 11.64
CA PRO A 28 0.68 -1.93 12.30
C PRO A 28 -0.84 -2.05 12.26
N SER A 29 -1.49 -1.29 11.44
CA SER A 29 -2.93 -1.42 11.36
C SER A 29 -3.25 -2.54 10.39
N CYS A 30 -2.25 -2.98 9.65
CA CYS A 30 -2.40 -4.03 8.66
C CYS A 30 -2.41 -5.38 9.36
N ASN A 31 -1.96 -5.38 10.59
CA ASN A 31 -1.86 -6.55 11.39
C ASN A 31 -2.74 -6.47 12.62
N ASP A 32 -3.68 -7.38 12.69
CA ASP A 32 -4.55 -7.55 13.86
C ASP A 32 -3.81 -8.39 14.88
N ASP A 33 -3.04 -9.32 14.35
CA ASP A 33 -2.33 -10.33 15.11
C ASP A 33 -1.23 -9.71 15.92
N ILE A 34 -0.38 -8.99 15.25
CA ILE A 34 0.71 -8.31 15.90
C ILE A 34 0.22 -6.89 16.22
N THR A 35 0.80 -6.28 17.21
CA THR A 35 0.51 -4.95 17.61
C THR A 35 1.87 -4.29 17.81
N VAL A 36 2.01 -3.03 17.52
CA VAL A 36 3.30 -2.39 17.64
C VAL A 36 3.52 -1.99 19.10
N LYS A 37 4.74 -2.04 19.54
CA LYS A 37 5.06 -1.54 20.84
C LYS A 37 5.92 -0.31 20.72
N LYS A 38 5.99 0.45 21.79
CA LYS A 38 6.70 1.72 21.86
C LYS A 38 8.19 1.66 21.47
N ASP A 39 8.83 0.55 21.72
CA ASP A 39 10.26 0.41 21.37
C ASP A 39 10.41 -0.20 19.98
N GLN A 40 9.29 -0.65 19.43
CA GLN A 40 9.32 -1.31 18.15
C GLN A 40 8.68 -0.50 17.05
N CYS A 41 8.78 -1.03 15.88
CA CYS A 41 8.15 -0.53 14.70
C CYS A 41 7.62 -1.77 13.98
N LEU A 42 6.66 -1.61 13.11
CA LEU A 42 6.09 -2.77 12.45
C LEU A 42 6.76 -2.90 11.11
N VAL A 43 7.43 -3.99 10.93
CA VAL A 43 8.21 -4.19 9.77
C VAL A 43 7.78 -5.50 9.11
N ARG A 44 7.61 -5.51 7.81
CA ARG A 44 7.19 -6.70 7.11
C ARG A 44 8.40 -7.35 6.49
N SER A 45 8.70 -8.56 6.92
CA SER A 45 9.85 -9.26 6.42
C SER A 45 9.47 -10.09 5.20
N PHE A 46 10.04 -9.74 4.06
CA PHE A 46 9.81 -10.51 2.83
C PHE A 46 10.64 -11.79 2.81
N ILE A 47 11.56 -11.87 3.73
CA ILE A 47 12.43 -13.00 3.81
C ILE A 47 11.94 -13.98 4.88
N ASP A 48 11.48 -13.48 6.02
CA ASP A 48 11.07 -14.38 7.07
C ASP A 48 9.54 -14.52 7.18
N SER A 49 8.92 -13.75 8.08
CA SER A 49 7.47 -13.84 8.27
C SER A 49 6.82 -12.51 7.88
N LYS A 50 5.54 -12.54 7.61
CA LYS A 50 4.88 -11.41 7.00
C LYS A 50 4.38 -10.30 7.91
N PHE A 51 4.72 -10.36 9.17
CA PHE A 51 4.46 -9.27 10.14
C PHE A 51 5.38 -9.42 11.33
N TYR A 52 6.17 -8.40 11.60
CA TYR A 52 7.08 -8.41 12.71
C TYR A 52 7.09 -7.09 13.44
N SER A 53 7.13 -7.17 14.73
CA SER A 53 7.29 -6.04 15.57
C SER A 53 8.77 -6.03 15.89
N ILE A 54 9.46 -5.11 15.30
CA ILE A 54 10.88 -5.08 15.35
C ILE A 54 11.34 -3.84 16.02
N ALA A 55 12.18 -4.02 16.98
CA ALA A 55 12.71 -2.97 17.78
C ALA A 55 13.61 -2.05 16.97
N ARG A 56 13.61 -0.80 17.35
CA ARG A 56 14.37 0.26 16.70
C ARG A 56 15.89 -0.02 16.75
N LYS A 57 16.30 -0.80 17.71
CA LYS A 57 17.68 -1.21 17.88
C LYS A 57 18.13 -2.19 16.78
N ASP A 58 17.18 -2.91 16.20
CA ASP A 58 17.51 -3.95 15.22
C ASP A 58 17.47 -3.42 13.82
N ILE A 59 16.74 -2.36 13.65
CA ILE A 59 16.58 -1.76 12.35
C ILE A 59 17.75 -0.81 12.06
N LYS A 60 18.33 -0.96 10.90
CA LYS A 60 19.36 -0.07 10.45
C LYS A 60 18.98 0.43 9.07
N GLU A 61 19.12 1.71 8.87
CA GLU A 61 18.72 2.35 7.62
C GLU A 61 19.71 2.02 6.51
N VAL A 62 19.22 1.42 5.46
CA VAL A 62 20.04 1.04 4.34
C VAL A 62 19.17 1.08 3.09
N ASP A 63 19.78 1.27 1.95
CA ASP A 63 19.11 1.10 0.69
C ASP A 63 19.70 -0.13 0.06
N ILE A 64 18.93 -1.20 0.07
CA ILE A 64 19.41 -2.53 -0.35
C ILE A 64 19.97 -2.55 -1.76
N LEU A 65 19.17 -2.12 -2.72
CA LEU A 65 19.57 -2.21 -4.12
C LEU A 65 20.69 -1.22 -4.44
N ASN A 66 20.90 -0.30 -3.53
CA ASN A 66 21.91 0.70 -3.67
C ASN A 66 23.29 0.13 -3.37
N LEU A 67 23.31 -0.93 -2.58
CA LEU A 67 24.53 -1.60 -2.21
C LEU A 67 25.12 -2.31 -3.43
N PRO A 68 26.45 -2.44 -3.49
CA PRO A 68 27.11 -3.18 -4.57
C PRO A 68 26.66 -4.62 -4.58
N GLU A 69 26.47 -5.16 -5.76
CA GLU A 69 26.03 -6.53 -5.96
C GLU A 69 26.96 -7.54 -5.28
N SER A 70 28.22 -7.15 -5.11
CA SER A 70 29.21 -7.95 -4.44
C SER A 70 28.79 -8.25 -2.98
N GLU A 71 28.03 -7.34 -2.40
CA GLU A 71 27.55 -7.46 -1.03
C GLU A 71 26.27 -8.32 -1.06
N LEU A 72 25.38 -7.93 -1.95
CA LEU A 72 24.06 -8.53 -2.11
C LEU A 72 24.15 -10.00 -2.42
N SER A 73 24.92 -10.31 -3.40
CA SER A 73 25.08 -11.66 -3.87
C SER A 73 25.85 -12.55 -2.87
N THR A 74 26.59 -11.96 -1.94
CA THR A 74 27.35 -12.79 -1.02
C THR A 74 26.55 -13.20 0.22
N LYS A 75 25.72 -12.32 0.72
CA LYS A 75 24.95 -12.65 1.92
C LYS A 75 23.58 -13.21 1.55
N PRO A 76 23.10 -14.19 2.33
CA PRO A 76 21.77 -14.76 2.12
C PRO A 76 20.70 -13.71 2.39
N GLY A 77 19.68 -13.70 1.56
CA GLY A 77 18.61 -12.77 1.77
C GLY A 77 18.79 -11.50 1.01
N LEU A 78 19.99 -10.94 1.03
CA LEU A 78 20.28 -9.70 0.31
C LEU A 78 20.08 -9.87 -1.20
N GLN A 79 20.39 -11.07 -1.68
CA GLN A 79 20.16 -11.42 -3.07
C GLN A 79 18.66 -11.31 -3.37
N LYS A 80 17.88 -12.01 -2.56
CA LYS A 80 16.42 -12.08 -2.67
C LYS A 80 15.82 -10.72 -2.52
N ALA A 81 16.40 -9.95 -1.62
CA ALA A 81 16.01 -8.59 -1.38
C ALA A 81 16.03 -7.80 -2.63
N SER A 82 17.20 -7.75 -3.24
CA SER A 82 17.39 -7.01 -4.45
C SER A 82 16.39 -7.46 -5.52
N ILE A 83 16.20 -8.77 -5.63
CA ILE A 83 15.26 -9.37 -6.57
C ILE A 83 13.81 -8.89 -6.30
N PHE A 84 13.36 -9.06 -5.07
CA PHE A 84 12.03 -8.73 -4.61
C PHE A 84 11.77 -7.24 -4.78
N LEU A 85 12.75 -6.46 -4.46
CA LEU A 85 12.65 -5.02 -4.55
C LEU A 85 12.63 -4.54 -6.01
N LYS A 86 13.59 -5.00 -6.84
CA LYS A 86 13.75 -4.48 -8.23
C LYS A 86 12.54 -4.71 -9.14
N THR A 87 11.68 -5.62 -8.79
CA THR A 87 10.53 -5.90 -9.61
C THR A 87 9.25 -5.46 -8.91
N ARG A 88 9.41 -4.77 -7.78
CA ARG A 88 8.28 -4.39 -6.95
C ARG A 88 8.43 -3.02 -6.30
N VAL A 89 9.08 -2.96 -5.16
CA VAL A 89 9.14 -1.73 -4.41
C VAL A 89 10.38 -0.91 -4.73
N VAL A 90 10.35 -0.41 -5.94
CA VAL A 90 11.32 0.49 -6.50
C VAL A 90 10.53 1.39 -7.42
N PRO A 91 10.83 2.70 -7.44
CA PRO A 91 10.00 3.70 -8.13
C PRO A 91 9.64 3.37 -9.58
N ASP A 92 10.62 3.22 -10.40
CA ASP A 92 10.36 3.01 -11.80
C ASP A 92 10.23 1.54 -12.21
N ASN A 93 11.01 0.68 -11.58
CA ASN A 93 11.19 -0.70 -12.07
C ASN A 93 10.12 -1.73 -11.64
N TRP A 94 9.04 -1.35 -10.93
CA TRP A 94 8.01 -2.37 -10.62
C TRP A 94 7.37 -2.94 -11.89
N LYS A 95 7.17 -4.24 -11.95
CA LYS A 95 6.48 -4.79 -13.08
C LYS A 95 5.59 -5.99 -12.78
N MET A 96 4.34 -5.79 -13.11
CA MET A 96 3.30 -6.79 -13.14
C MET A 96 2.68 -6.64 -14.51
N ASP A 97 2.10 -7.67 -15.07
CA ASP A 97 1.40 -7.50 -16.33
C ASP A 97 0.17 -6.71 -16.03
N ILE A 98 0.03 -5.58 -16.66
CA ILE A 98 -1.11 -4.73 -16.42
C ILE A 98 -2.41 -5.44 -16.86
N SER A 99 -2.31 -6.35 -17.83
CA SER A 99 -3.47 -7.05 -18.30
C SER A 99 -3.85 -8.22 -17.40
N GLU A 100 -2.90 -8.73 -16.62
CA GLU A 100 -3.21 -9.81 -15.68
C GLU A 100 -3.89 -9.28 -14.42
N ILE A 101 -3.93 -7.97 -14.30
CA ILE A 101 -4.52 -7.33 -13.16
C ILE A 101 -6.05 -7.31 -13.28
N LEU A 102 -6.58 -6.55 -14.22
CA LEU A 102 -8.02 -6.53 -14.40
C LEU A 102 -8.45 -7.60 -15.37
N GLU A 103 -8.02 -7.41 -16.59
CA GLU A 103 -8.32 -8.20 -17.77
C GLU A 103 -7.96 -7.31 -18.92
N SER A 104 -8.74 -6.27 -19.07
CA SER A 104 -8.57 -5.34 -20.09
C SER A 104 -7.93 -4.13 -19.52
N SER A 105 -6.65 -4.22 -19.38
CA SER A 105 -5.91 -3.15 -18.89
C SER A 105 -4.70 -3.02 -19.79
N SER A 106 -5.00 -2.40 -20.89
CA SER A 106 -4.13 -2.09 -21.98
C SER A 106 -5.08 -1.29 -22.84
N SER A 107 -6.21 -1.91 -23.10
CA SER A 107 -7.36 -1.23 -23.54
C SER A 107 -8.17 -1.09 -22.28
N LYS A 108 -7.87 -0.05 -21.58
CA LYS A 108 -8.37 0.17 -20.23
C LYS A 108 -9.76 0.74 -20.26
N ASP A 109 -9.86 1.96 -20.71
CA ASP A 109 -11.11 2.66 -20.82
C ASP A 109 -10.86 3.71 -21.87
N LYS A 110 -11.89 4.18 -22.52
CA LYS A 110 -11.73 5.18 -23.54
C LYS A 110 -11.39 6.53 -22.92
N GLU A 111 -11.89 6.75 -21.72
CA GLU A 111 -11.66 7.99 -21.02
C GLU A 111 -10.34 8.02 -20.30
N LYS A 112 -9.63 9.09 -20.50
CA LYS A 112 -8.42 9.36 -19.79
C LYS A 112 -8.51 10.80 -19.29
N GLU A 113 -7.83 11.10 -18.24
CA GLU A 113 -7.91 12.41 -17.63
C GLU A 113 -6.52 13.05 -17.64
N LEU A 114 -6.24 14.00 -16.73
CA LEU A 114 -4.99 14.66 -16.67
C LEU A 114 -3.93 13.66 -16.21
N ASP A 115 -4.21 12.98 -15.15
CA ASP A 115 -3.37 11.89 -14.71
C ASP A 115 -4.14 10.62 -14.74
N PRO A 116 -3.85 9.74 -15.68
CA PRO A 116 -4.32 8.38 -15.62
C PRO A 116 -3.18 7.40 -15.20
N GLU A 117 -1.95 7.93 -15.09
CA GLU A 117 -0.74 7.14 -14.91
C GLU A 117 -0.63 6.53 -13.54
N GLU A 118 -0.96 7.32 -12.52
CA GLU A 118 -0.84 6.84 -11.16
C GLU A 118 -1.81 5.68 -10.86
N ARG A 119 -2.82 5.51 -11.71
CA ARG A 119 -3.78 4.43 -11.57
C ARG A 119 -3.11 3.10 -11.88
N ASP A 120 -2.31 3.09 -12.94
CA ASP A 120 -1.54 1.91 -13.35
C ASP A 120 -0.57 1.57 -12.25
N ASN A 121 0.03 2.62 -11.72
CA ASN A 121 0.99 2.51 -10.62
C ASN A 121 0.36 1.89 -9.39
N PHE A 122 -0.86 2.34 -9.03
CA PHE A 122 -1.60 1.73 -7.92
C PHE A 122 -1.79 0.26 -8.17
N LEU A 123 -2.30 -0.06 -9.37
CA LEU A 123 -2.55 -1.44 -9.78
C LEU A 123 -1.32 -2.31 -9.63
N GLN A 124 -0.22 -1.86 -10.20
CA GLN A 124 1.06 -2.56 -10.18
C GLN A 124 1.50 -2.86 -8.74
N GLN A 125 1.69 -1.81 -7.97
CA GLN A 125 2.25 -1.94 -6.64
C GLN A 125 1.31 -2.67 -5.70
N LEU A 126 0.03 -2.33 -5.74
CA LEU A 126 -0.96 -2.97 -4.87
C LEU A 126 -1.04 -4.45 -5.13
N TYR A 127 -1.07 -4.83 -6.39
CA TYR A 127 -1.11 -6.23 -6.73
C TYR A 127 0.13 -6.97 -6.30
N LYS A 128 1.30 -6.37 -6.51
CA LYS A 128 2.54 -7.00 -6.07
C LYS A 128 2.52 -7.12 -4.54
N PHE A 129 2.21 -6.03 -3.89
CA PHE A 129 2.24 -5.90 -2.43
C PHE A 129 1.17 -6.75 -1.73
N MET A 130 0.08 -7.04 -2.38
CA MET A 130 -0.90 -7.86 -1.74
C MET A 130 -0.51 -9.32 -1.70
N GLU A 131 0.28 -9.75 -2.70
CA GLU A 131 0.81 -11.12 -2.74
C GLU A 131 1.62 -11.44 -1.49
N ASP A 132 2.44 -10.52 -1.08
CA ASP A 132 3.34 -10.76 0.02
C ASP A 132 2.69 -10.50 1.38
N ARG A 133 1.47 -9.99 1.38
CA ARG A 133 0.77 -9.81 2.65
C ARG A 133 0.15 -11.10 3.13
N GLY A 134 0.04 -12.05 2.22
CA GLY A 134 -0.58 -13.30 2.56
C GLY A 134 -2.03 -13.30 2.15
N THR A 135 -2.48 -12.18 1.60
CA THR A 135 -3.81 -12.05 1.07
C THR A 135 -3.71 -11.45 -0.36
N PRO A 136 -3.38 -12.32 -1.35
CA PRO A 136 -3.17 -11.92 -2.74
C PRO A 136 -4.46 -11.80 -3.53
N ILE A 137 -4.34 -11.38 -4.76
CA ILE A 137 -5.47 -11.21 -5.61
C ILE A 137 -5.66 -12.46 -6.44
N ASN A 138 -6.41 -13.38 -5.90
CA ASN A 138 -6.75 -14.60 -6.65
C ASN A 138 -8.03 -14.37 -7.40
N LYS A 139 -8.77 -13.40 -6.94
CA LYS A 139 -10.01 -13.02 -7.56
C LYS A 139 -9.84 -11.58 -7.95
N PRO A 140 -10.14 -11.21 -9.20
CA PRO A 140 -10.06 -9.82 -9.64
C PRO A 140 -11.06 -8.97 -8.83
N PRO A 141 -10.88 -7.65 -8.77
CA PRO A 141 -11.70 -6.84 -7.94
C PRO A 141 -13.09 -6.60 -8.54
N VAL A 142 -14.05 -7.18 -7.90
CA VAL A 142 -15.42 -7.01 -8.25
C VAL A 142 -16.18 -6.66 -7.03
N LEU A 143 -17.03 -5.73 -7.21
CA LEU A 143 -17.87 -5.26 -6.18
C LEU A 143 -19.02 -4.61 -6.87
N GLY A 144 -20.21 -5.00 -6.52
CA GLY A 144 -21.35 -4.45 -7.18
C GLY A 144 -21.52 -5.07 -8.55
N TYR A 145 -21.06 -6.34 -8.65
CA TYR A 145 -21.18 -7.22 -9.85
C TYR A 145 -20.35 -6.70 -11.01
N LYS A 146 -19.53 -5.75 -10.75
CA LYS A 146 -18.72 -5.14 -11.76
C LYS A 146 -17.36 -4.89 -11.21
N ASP A 147 -16.43 -4.59 -12.09
CA ASP A 147 -15.07 -4.35 -11.70
C ASP A 147 -14.95 -3.17 -10.78
N LEU A 148 -14.40 -3.42 -9.66
CA LEU A 148 -14.21 -2.45 -8.66
C LEU A 148 -12.92 -1.75 -8.96
N ASN A 149 -13.01 -0.51 -9.37
CA ASN A 149 -11.83 0.22 -9.74
C ASN A 149 -11.18 0.80 -8.53
N LEU A 150 -10.42 -0.04 -7.89
CA LEU A 150 -9.73 0.25 -6.63
C LEU A 150 -8.90 1.54 -6.70
N PHE A 151 -8.16 1.69 -7.77
CA PHE A 151 -7.33 2.86 -8.01
C PHE A 151 -8.16 4.16 -8.05
N LYS A 152 -9.28 4.09 -8.73
CA LYS A 152 -10.14 5.22 -8.94
C LYS A 152 -10.94 5.49 -7.67
N LEU A 153 -11.24 4.43 -6.96
CA LEU A 153 -11.97 4.50 -5.72
C LEU A 153 -11.06 5.15 -4.66
N PHE A 154 -9.79 4.76 -4.67
CA PHE A 154 -8.81 5.34 -3.77
C PHE A 154 -8.70 6.82 -4.05
N ARG A 155 -8.62 7.16 -5.33
CA ARG A 155 -8.61 8.55 -5.76
C ARG A 155 -9.83 9.30 -5.21
N LEU A 156 -10.99 8.67 -5.29
CA LEU A 156 -12.23 9.24 -4.78
C LEU A 156 -12.13 9.50 -3.29
N VAL A 157 -11.73 8.49 -2.52
CA VAL A 157 -11.56 8.64 -1.07
C VAL A 157 -10.53 9.71 -0.74
N TYR A 158 -9.42 9.69 -1.45
CA TYR A 158 -8.36 10.68 -1.30
C TYR A 158 -8.90 12.08 -1.59
N HIS A 159 -9.81 12.16 -2.54
CA HIS A 159 -10.42 13.41 -2.97
C HIS A 159 -11.37 13.91 -1.87
N GLN A 160 -11.85 12.96 -1.06
CA GLN A 160 -12.76 13.26 0.03
C GLN A 160 -11.96 13.51 1.31
N GLY A 161 -10.64 13.56 1.16
CA GLY A 161 -9.77 13.85 2.26
C GLY A 161 -8.98 12.65 2.72
N GLY A 162 -9.35 11.49 2.28
CA GLY A 162 -8.69 10.30 2.73
C GLY A 162 -9.54 9.54 3.71
N CYS A 163 -9.15 8.33 4.01
CA CYS A 163 -9.93 7.46 4.89
C CYS A 163 -10.03 8.01 6.31
N ASP A 164 -8.99 8.71 6.77
CA ASP A 164 -9.03 9.29 8.12
C ASP A 164 -9.92 10.49 8.16
N ASN A 165 -10.11 11.09 7.02
CA ASN A 165 -10.92 12.28 6.95
C ASN A 165 -12.39 11.89 6.82
N ILE A 166 -12.62 10.68 6.32
CA ILE A 166 -13.96 10.18 6.20
C ILE A 166 -14.50 9.79 7.56
N ASP A 167 -15.58 10.40 7.90
CA ASP A 167 -16.28 10.13 9.14
C ASP A 167 -17.64 9.51 8.82
N SER A 168 -18.19 9.91 7.70
CA SER A 168 -19.52 9.49 7.35
C SER A 168 -19.51 8.35 6.33
N GLY A 169 -20.38 7.37 6.56
CA GLY A 169 -20.56 6.28 5.62
C GLY A 169 -21.20 6.76 4.32
N ALA A 170 -21.68 7.99 4.36
CA ALA A 170 -22.26 8.65 3.20
C ALA A 170 -21.17 8.92 2.16
N VAL A 171 -19.93 9.00 2.61
CA VAL A 171 -18.83 9.21 1.70
C VAL A 171 -18.51 7.90 1.01
N TRP A 172 -18.49 6.82 1.80
CA TRP A 172 -18.38 5.45 1.26
C TRP A 172 -19.47 5.22 0.19
N LYS A 173 -20.69 5.65 0.50
CA LYS A 173 -21.80 5.64 -0.44
C LYS A 173 -21.39 6.40 -1.71
N GLN A 174 -20.88 7.60 -1.51
CA GLN A 174 -20.51 8.49 -2.60
C GLN A 174 -19.39 7.91 -3.48
N ILE A 175 -18.34 7.39 -2.87
CA ILE A 175 -17.21 6.82 -3.63
C ILE A 175 -17.67 5.61 -4.46
N TYR A 176 -18.52 4.77 -3.86
CA TYR A 176 -19.07 3.60 -4.54
C TYR A 176 -19.94 4.06 -5.72
N MET A 177 -20.70 5.11 -5.46
CA MET A 177 -21.61 5.71 -6.42
C MET A 177 -20.84 6.42 -7.56
N ASP A 178 -19.69 6.98 -7.25
CA ASP A 178 -18.91 7.75 -8.26
C ASP A 178 -18.23 6.87 -9.26
N LEU A 179 -17.93 5.64 -8.87
CA LEU A 179 -17.44 4.65 -9.82
C LEU A 179 -18.53 4.31 -10.84
N GLY A 180 -19.77 4.58 -10.46
CA GLY A 180 -20.88 4.29 -11.32
C GLY A 180 -21.60 3.04 -10.90
N ILE A 181 -21.27 2.55 -9.74
CA ILE A 181 -21.87 1.36 -9.23
C ILE A 181 -23.10 1.75 -8.43
N PRO A 182 -24.25 1.14 -8.69
CA PRO A 182 -25.47 1.43 -7.93
C PRO A 182 -25.29 0.99 -6.49
N ILE A 183 -25.58 1.87 -5.55
CA ILE A 183 -25.39 1.58 -4.13
C ILE A 183 -26.33 0.45 -3.70
N LEU A 184 -27.56 0.47 -4.24
CA LEU A 184 -28.59 -0.57 -4.01
C LEU A 184 -29.03 -0.66 -2.54
N ASN A 185 -28.15 -1.16 -1.73
CA ASN A 185 -28.41 -1.51 -0.35
C ASN A 185 -27.23 -1.06 0.51
N SER A 186 -27.45 -0.86 1.80
CA SER A 186 -26.40 -0.41 2.70
C SER A 186 -25.28 -1.44 2.89
N ALA A 187 -25.53 -2.69 2.50
CA ALA A 187 -24.48 -3.71 2.52
C ALA A 187 -23.37 -3.30 1.57
N ALA A 188 -23.71 -2.46 0.59
CA ALA A 188 -22.74 -1.97 -0.35
C ALA A 188 -21.87 -0.89 0.27
N SER A 189 -22.37 -0.22 1.30
CA SER A 189 -21.57 0.73 2.02
C SER A 189 -20.55 -0.06 2.85
N TYR A 190 -21.03 -1.15 3.43
CA TYR A 190 -20.19 -2.08 4.14
C TYR A 190 -19.16 -2.70 3.20
N ASN A 191 -19.60 -3.16 2.06
CA ASN A 191 -18.73 -3.86 1.14
C ASN A 191 -17.73 -2.93 0.46
N VAL A 192 -18.10 -1.66 0.24
CA VAL A 192 -17.14 -0.72 -0.32
C VAL A 192 -16.09 -0.39 0.74
N LYS A 193 -16.53 -0.30 2.01
CA LYS A 193 -15.61 -0.11 3.12
C LYS A 193 -14.65 -1.30 3.15
N THR A 194 -15.20 -2.48 3.02
CA THR A 194 -14.45 -3.71 3.05
C THR A 194 -13.47 -3.80 1.84
N ALA A 195 -13.96 -3.44 0.66
CA ALA A 195 -13.16 -3.46 -0.55
C ALA A 195 -12.01 -2.50 -0.42
N TYR A 196 -12.30 -1.27 -0.01
CA TYR A 196 -11.27 -0.27 0.23
C TYR A 196 -10.27 -0.81 1.26
N ARG A 197 -10.81 -1.31 2.35
CA ARG A 197 -10.03 -1.84 3.45
C ARG A 197 -9.21 -3.06 3.10
N LYS A 198 -9.55 -3.79 2.06
CA LYS A 198 -8.68 -4.87 1.71
C LYS A 198 -7.80 -4.55 0.52
N TYR A 199 -8.37 -3.99 -0.53
CA TYR A 199 -7.65 -3.77 -1.76
C TYR A 199 -6.78 -2.51 -1.70
N LEU A 200 -7.17 -1.51 -0.94
CA LEU A 200 -6.41 -0.28 -0.87
C LEU A 200 -5.73 -0.13 0.47
N TYR A 201 -5.75 -1.18 1.29
CA TYR A 201 -5.21 -1.10 2.67
C TYR A 201 -3.75 -0.63 2.68
N GLY A 202 -2.97 -1.14 1.73
CA GLY A 202 -1.56 -0.77 1.62
C GLY A 202 -1.37 0.72 1.41
N PHE A 203 -2.13 1.30 0.50
CA PHE A 203 -2.02 2.71 0.23
C PHE A 203 -2.75 3.55 1.24
N GLU A 204 -3.72 2.98 1.93
CA GLU A 204 -4.40 3.71 2.98
C GLU A 204 -3.39 4.00 4.09
N GLU A 205 -2.76 2.94 4.57
CA GLU A 205 -1.73 3.03 5.58
C GLU A 205 -0.57 3.89 5.10
N TYR A 206 -0.14 3.68 3.87
CA TYR A 206 0.95 4.48 3.32
C TYR A 206 0.61 5.97 3.24
N CYS A 207 -0.57 6.27 2.72
CA CYS A 207 -0.96 7.66 2.58
C CYS A 207 -1.20 8.34 3.92
N ARG A 208 -1.57 7.60 4.95
CA ARG A 208 -1.68 8.25 6.24
C ARG A 208 -0.31 8.37 6.90
N SER A 209 0.52 7.35 6.74
CA SER A 209 1.83 7.37 7.37
C SER A 209 2.75 8.39 6.72
N ALA A 210 2.67 8.54 5.39
CA ALA A 210 3.54 9.50 4.74
C ALA A 210 2.85 10.85 4.61
N ASN A 211 1.62 10.91 5.18
CA ASN A 211 0.85 12.15 5.34
C ASN A 211 0.35 12.72 4.03
N ILE A 212 0.13 11.85 3.07
CA ILE A 212 -0.44 12.24 1.79
C ILE A 212 -1.92 12.60 1.95
N GLN A 213 -2.62 11.86 2.79
CA GLN A 213 -4.02 12.08 2.98
C GLN A 213 -4.28 13.13 4.05
N PHE A 214 -5.54 13.53 4.19
CA PHE A 214 -6.06 14.53 5.14
C PHE A 214 -5.76 15.96 4.68
N ARG A 215 -4.66 16.13 3.97
CA ARG A 215 -4.24 17.44 3.47
C ARG A 215 -5.21 17.96 2.41
N THR A 216 -5.84 17.04 1.72
CA THR A 216 -6.69 17.32 0.57
C THR A 216 -7.80 18.37 0.85
N VAL A 217 -8.53 18.24 1.94
CA VAL A 217 -9.69 19.12 2.16
C VAL A 217 -9.67 19.77 3.52
N HIS A 218 -10.59 20.70 3.73
CA HIS A 218 -10.79 21.33 5.01
C HIS A 218 -12.25 21.13 5.39
N HIS A 219 -12.56 21.14 6.66
CA HIS A 219 -13.91 20.86 7.09
C HIS A 219 -14.74 22.11 7.27
N HIS A 220 -15.72 22.26 6.43
CA HIS A 220 -16.74 23.30 6.54
C HIS A 220 -18.01 22.69 5.97
N GLU A 221 -18.19 21.46 6.30
CA GLU A 221 -19.25 20.66 5.79
C GLU A 221 -20.40 20.71 6.77
N LEU A 222 -20.15 20.19 7.97
CA LEU A 222 -21.12 20.04 9.03
C LEU A 222 -22.28 19.14 8.63
N GLU A 223 -23.12 18.81 9.57
CA GLU A 223 -24.29 18.08 9.24
C GLU A 223 -25.39 19.08 8.98
N HIS A 224 -25.70 19.90 10.00
CA HIS A 224 -26.67 21.03 9.94
C HIS A 224 -28.09 20.52 9.70
N HIS A 225 -28.30 20.00 8.52
CA HIS A 225 -29.52 19.38 8.12
C HIS A 225 -29.22 17.89 8.22
N HIS A 226 -29.36 17.37 9.43
CA HIS A 226 -28.98 15.99 9.77
C HIS A 226 -29.76 15.00 8.93
N HIS A 227 -31.01 15.30 8.68
CA HIS A 227 -31.81 14.49 7.80
C HIS A 227 -31.51 14.94 6.39
N HIS A 228 -30.66 14.23 5.72
CA HIS A 228 -30.28 14.58 4.36
C HIS A 228 -31.42 14.21 3.45
N HIS A 229 -31.73 12.94 3.46
CA HIS A 229 -32.80 12.37 2.68
C HIS A 229 -33.27 11.17 3.45
N ASN A 1 19.08 7.85 2.19
CA ASN A 1 18.00 6.86 2.26
C ASN A 1 17.84 6.34 3.68
N ASP A 2 16.80 6.77 4.35
CA ASP A 2 16.54 6.35 5.71
C ASP A 2 15.39 5.36 5.77
N GLU A 3 15.10 4.91 6.97
CA GLU A 3 14.10 3.88 7.19
C GLU A 3 12.67 4.43 7.05
N LEU A 4 12.44 5.61 7.60
CA LEU A 4 11.10 6.22 7.63
C LEU A 4 10.60 6.70 6.26
N LEU A 5 11.30 6.30 5.24
CA LEU A 5 10.93 6.59 3.88
C LEU A 5 9.89 5.58 3.38
N GLY A 6 9.82 4.42 4.02
CA GLY A 6 8.87 3.42 3.58
C GLY A 6 9.44 2.57 2.47
N LYS A 7 10.71 2.28 2.56
CA LYS A 7 11.35 1.44 1.58
C LYS A 7 12.02 0.27 2.30
N VAL A 8 12.88 -0.40 1.60
CA VAL A 8 13.58 -1.52 2.16
C VAL A 8 14.79 -1.03 2.96
N VAL A 9 15.05 -1.71 4.06
CA VAL A 9 16.14 -1.43 4.94
C VAL A 9 16.70 -2.75 5.45
N SER A 10 17.73 -2.70 6.22
CA SER A 10 18.32 -3.87 6.80
C SER A 10 17.93 -3.96 8.28
N VAL A 11 17.42 -5.08 8.70
CA VAL A 11 17.12 -5.26 10.09
C VAL A 11 18.05 -6.33 10.60
N VAL A 12 18.89 -5.96 11.49
CA VAL A 12 19.93 -6.79 12.02
C VAL A 12 19.41 -7.92 12.89
N SER A 13 20.05 -9.07 12.78
CA SER A 13 19.74 -10.19 13.61
C SER A 13 20.39 -9.99 14.98
N ALA A 14 19.72 -9.16 15.79
CA ALA A 14 20.05 -8.81 17.16
C ALA A 14 21.32 -7.96 17.29
N THR A 15 22.39 -8.45 16.77
CA THR A 15 23.66 -7.78 16.91
C THR A 15 24.58 -8.05 15.72
N GLU A 16 24.28 -9.06 14.91
CA GLU A 16 25.13 -9.38 13.78
C GLU A 16 24.92 -8.44 12.64
N ARG A 17 25.92 -7.65 12.40
CA ARG A 17 25.93 -6.75 11.27
C ARG A 17 26.48 -7.56 10.10
N THR A 18 26.89 -8.75 10.45
CA THR A 18 27.32 -9.76 9.57
C THR A 18 26.09 -10.41 8.89
N GLU A 19 25.04 -10.64 9.67
CA GLU A 19 23.86 -11.30 9.19
C GLU A 19 22.62 -10.55 9.62
N TRP A 20 21.96 -10.01 8.66
CA TRP A 20 20.78 -9.22 8.86
C TRP A 20 19.75 -9.60 7.84
N TYR A 21 18.55 -9.19 8.05
CA TYR A 21 17.48 -9.50 7.14
C TYR A 21 16.85 -8.24 6.55
N PRO A 22 16.86 -8.13 5.21
CA PRO A 22 16.28 -6.99 4.49
C PRO A 22 14.76 -6.96 4.66
N ALA A 23 14.22 -5.80 4.94
CA ALA A 23 12.84 -5.69 5.24
C ALA A 23 12.25 -4.39 4.71
N LEU A 24 10.94 -4.37 4.60
CA LEU A 24 10.18 -3.24 4.09
C LEU A 24 9.51 -2.48 5.24
N VAL A 25 9.74 -1.19 5.27
CA VAL A 25 9.18 -0.32 6.31
C VAL A 25 7.70 -0.04 6.04
N ILE A 26 6.88 -0.41 7.00
CA ILE A 26 5.45 -0.22 6.93
C ILE A 26 4.96 0.60 8.14
N SER A 27 3.66 0.66 8.29
CA SER A 27 3.03 1.25 9.44
C SER A 27 2.30 0.15 10.21
N PRO A 28 2.22 0.26 11.56
CA PRO A 28 1.61 -0.78 12.43
C PRO A 28 0.10 -0.85 12.28
N SER A 29 -0.40 -0.03 11.42
CA SER A 29 -1.79 0.02 11.08
C SER A 29 -2.17 -1.25 10.28
N CYS A 30 -1.16 -1.91 9.71
CA CYS A 30 -1.37 -3.10 8.90
C CYS A 30 -1.54 -4.33 9.80
N ASN A 31 -1.05 -4.22 11.00
CA ASN A 31 -1.01 -5.33 11.93
C ASN A 31 -1.95 -5.15 13.10
N ASP A 32 -2.68 -6.19 13.39
CA ASP A 32 -3.69 -6.20 14.43
C ASP A 32 -3.08 -6.43 15.79
N ASP A 33 -2.23 -7.43 15.87
CA ASP A 33 -1.70 -7.87 17.14
C ASP A 33 -0.52 -7.04 17.59
N ILE A 34 0.45 -6.90 16.72
CA ILE A 34 1.62 -6.12 17.06
C ILE A 34 1.24 -4.64 17.13
N THR A 35 1.84 -3.95 18.03
CA THR A 35 1.65 -2.59 18.24
C THR A 35 3.05 -1.97 18.22
N VAL A 36 3.19 -0.81 17.63
CA VAL A 36 4.47 -0.16 17.53
C VAL A 36 4.88 0.32 18.92
N LYS A 37 6.13 0.17 19.25
CA LYS A 37 6.57 0.47 20.58
C LYS A 37 7.32 1.80 20.62
N LYS A 38 7.62 2.23 21.84
CA LYS A 38 8.27 3.50 22.19
C LYS A 38 9.51 3.85 21.34
N ASP A 39 10.31 2.87 21.04
CA ASP A 39 11.58 3.11 20.38
C ASP A 39 11.78 2.08 19.26
N GLN A 40 10.70 1.47 18.86
CA GLN A 40 10.77 0.41 17.88
C GLN A 40 9.87 0.73 16.70
N CYS A 41 10.20 0.17 15.56
CA CYS A 41 9.46 0.41 14.33
C CYS A 41 8.73 -0.87 13.91
N LEU A 42 7.80 -0.77 12.96
CA LEU A 42 7.12 -1.92 12.45
C LEU A 42 7.67 -2.13 11.07
N VAL A 43 8.28 -3.27 10.86
CA VAL A 43 8.92 -3.53 9.60
C VAL A 43 8.54 -4.94 9.19
N ARG A 44 8.50 -5.21 7.90
CA ARG A 44 8.21 -6.55 7.45
C ARG A 44 9.37 -7.13 6.67
N SER A 45 9.86 -8.28 7.08
CA SER A 45 10.88 -8.95 6.34
C SER A 45 10.24 -9.73 5.23
N PHE A 46 10.43 -9.29 4.00
CA PHE A 46 9.90 -10.01 2.85
C PHE A 46 10.51 -11.40 2.75
N ILE A 47 11.67 -11.52 3.33
CA ILE A 47 12.45 -12.70 3.30
C ILE A 47 12.08 -13.62 4.49
N ASP A 48 11.56 -13.05 5.57
CA ASP A 48 11.38 -13.83 6.78
C ASP A 48 10.03 -13.57 7.51
N SER A 49 10.06 -12.76 8.57
CA SER A 49 8.89 -12.53 9.39
C SER A 49 7.98 -11.47 8.82
N LYS A 50 6.69 -11.77 8.80
CA LYS A 50 5.74 -10.86 8.23
C LYS A 50 5.41 -9.67 9.14
N PHE A 51 5.48 -9.84 10.45
CA PHE A 51 5.19 -8.73 11.38
C PHE A 51 6.01 -8.85 12.64
N TYR A 52 6.72 -7.78 12.94
CA TYR A 52 7.52 -7.66 14.12
C TYR A 52 7.76 -6.20 14.42
N SER A 53 7.91 -5.89 15.66
CA SER A 53 8.25 -4.58 16.06
C SER A 53 9.67 -4.66 16.56
N ILE A 54 10.56 -3.98 15.92
CA ILE A 54 11.97 -4.08 16.23
C ILE A 54 12.58 -2.71 16.41
N ALA A 55 13.52 -2.62 17.34
CA ALA A 55 14.16 -1.38 17.72
C ALA A 55 14.98 -0.80 16.60
N ARG A 56 15.04 0.51 16.56
CA ARG A 56 15.78 1.25 15.56
C ARG A 56 17.27 0.94 15.56
N LYS A 57 17.80 0.59 16.72
CA LYS A 57 19.21 0.27 16.84
C LYS A 57 19.57 -1.06 16.14
N ASP A 58 18.55 -1.83 15.80
CA ASP A 58 18.72 -3.08 15.05
C ASP A 58 18.50 -2.80 13.58
N ILE A 59 17.93 -1.66 13.30
CA ILE A 59 17.57 -1.31 11.95
C ILE A 59 18.63 -0.43 11.32
N LYS A 60 19.09 -0.84 10.19
CA LYS A 60 20.03 -0.13 9.41
C LYS A 60 19.37 0.30 8.14
N GLU A 61 19.47 1.53 7.85
CA GLU A 61 18.94 2.03 6.61
C GLU A 61 19.95 1.78 5.52
N VAL A 62 19.53 1.13 4.49
CA VAL A 62 20.40 0.80 3.42
C VAL A 62 19.54 0.55 2.20
N ASP A 63 20.03 0.90 1.05
CA ASP A 63 19.31 0.61 -0.16
C ASP A 63 19.95 -0.63 -0.70
N ILE A 64 19.27 -1.75 -0.53
CA ILE A 64 19.83 -3.08 -0.82
C ILE A 64 20.39 -3.17 -2.22
N LEU A 65 19.68 -2.60 -3.18
CA LEU A 65 20.13 -2.70 -4.54
C LEU A 65 21.24 -1.70 -4.88
N ASN A 66 21.74 -0.99 -3.88
CA ASN A 66 22.88 -0.10 -4.07
C ASN A 66 24.15 -0.83 -3.76
N LEU A 67 24.06 -1.78 -2.84
CA LEU A 67 25.22 -2.59 -2.45
C LEU A 67 25.64 -3.47 -3.63
N PRO A 68 26.95 -3.76 -3.76
CA PRO A 68 27.46 -4.62 -4.81
C PRO A 68 26.85 -6.00 -4.71
N GLU A 69 26.46 -6.53 -5.82
CA GLU A 69 25.82 -7.82 -5.89
C GLU A 69 26.69 -8.96 -5.39
N SER A 70 28.01 -8.78 -5.41
CA SER A 70 28.93 -9.75 -4.86
C SER A 70 28.65 -9.94 -3.33
N GLU A 71 28.02 -8.94 -2.72
CA GLU A 71 27.62 -8.97 -1.32
C GLU A 71 26.23 -9.63 -1.24
N LEU A 72 25.37 -9.17 -2.11
CA LEU A 72 23.97 -9.59 -2.16
C LEU A 72 23.85 -11.06 -2.45
N SER A 73 24.56 -11.48 -3.45
CA SER A 73 24.55 -12.85 -3.89
C SER A 73 25.21 -13.81 -2.86
N THR A 74 25.94 -13.26 -1.91
CA THR A 74 26.57 -14.09 -0.93
C THR A 74 25.78 -14.19 0.38
N LYS A 75 25.27 -13.08 0.89
CA LYS A 75 24.45 -13.13 2.10
C LYS A 75 23.04 -13.60 1.77
N PRO A 76 22.61 -14.76 2.33
CA PRO A 76 21.27 -15.30 2.10
C PRO A 76 20.20 -14.29 2.49
N GLY A 77 19.32 -14.01 1.55
CA GLY A 77 18.29 -13.07 1.77
C GLY A 77 18.47 -11.85 0.92
N LEU A 78 19.71 -11.43 0.76
CA LEU A 78 20.03 -10.25 -0.03
C LEU A 78 19.89 -10.56 -1.50
N GLN A 79 20.08 -11.81 -1.86
CA GLN A 79 19.87 -12.23 -3.22
C GLN A 79 18.41 -12.04 -3.56
N LYS A 80 17.55 -12.61 -2.73
CA LYS A 80 16.12 -12.52 -2.85
C LYS A 80 15.69 -11.08 -2.81
N ALA A 81 16.37 -10.31 -1.95
CA ALA A 81 16.17 -8.89 -1.85
C ALA A 81 16.34 -8.22 -3.17
N SER A 82 17.53 -8.35 -3.78
CA SER A 82 17.80 -7.71 -5.07
C SER A 82 16.71 -8.04 -6.09
N ILE A 83 16.30 -9.30 -6.12
CA ILE A 83 15.23 -9.80 -6.99
C ILE A 83 13.92 -9.10 -6.68
N PHE A 84 13.47 -9.24 -5.44
CA PHE A 84 12.24 -8.61 -4.95
C PHE A 84 12.18 -7.14 -5.29
N LEU A 85 13.25 -6.48 -5.02
CA LEU A 85 13.35 -5.07 -5.18
C LEU A 85 13.40 -4.64 -6.64
N LYS A 86 14.34 -5.18 -7.43
CA LYS A 86 14.47 -4.72 -8.82
C LYS A 86 13.32 -5.21 -9.70
N THR A 87 12.61 -6.18 -9.23
CA THR A 87 11.49 -6.68 -9.92
C THR A 87 10.18 -5.93 -9.51
N ARG A 88 10.06 -5.47 -8.25
CA ARG A 88 8.80 -4.80 -7.87
C ARG A 88 8.88 -3.77 -6.73
N VAL A 89 10.05 -3.32 -6.34
CA VAL A 89 10.15 -2.27 -5.28
C VAL A 89 10.95 -1.12 -5.85
N VAL A 90 10.68 -0.91 -7.08
CA VAL A 90 11.31 0.10 -7.91
C VAL A 90 10.26 0.66 -8.88
N PRO A 91 10.33 1.95 -9.20
CA PRO A 91 9.34 2.61 -10.08
C PRO A 91 9.26 2.05 -11.51
N ASP A 92 10.37 2.06 -12.20
CA ASP A 92 10.38 1.72 -13.63
C ASP A 92 10.54 0.25 -13.87
N ASN A 93 11.36 -0.38 -13.09
CA ASN A 93 11.67 -1.81 -13.27
C ASN A 93 10.59 -2.69 -12.65
N TRP A 94 9.49 -2.08 -12.20
CA TRP A 94 8.38 -2.80 -11.59
C TRP A 94 7.74 -3.67 -12.68
N LYS A 95 7.92 -4.96 -12.59
CA LYS A 95 7.44 -5.83 -13.62
C LYS A 95 6.46 -6.88 -13.13
N MET A 96 5.23 -6.68 -13.53
CA MET A 96 4.12 -7.57 -13.39
C MET A 96 3.09 -7.01 -14.34
N ASP A 97 2.33 -7.83 -15.02
CA ASP A 97 1.41 -7.31 -16.02
C ASP A 97 0.19 -6.63 -15.42
N ILE A 98 -0.17 -5.52 -16.00
CA ILE A 98 -1.25 -4.68 -15.53
C ILE A 98 -2.62 -5.24 -15.98
N SER A 99 -2.59 -6.05 -17.02
CA SER A 99 -3.79 -6.58 -17.62
C SER A 99 -4.35 -7.71 -16.75
N GLU A 100 -3.48 -8.50 -16.15
CA GLU A 100 -3.89 -9.57 -15.22
C GLU A 100 -4.46 -9.00 -13.92
N ILE A 101 -4.24 -7.72 -13.70
CA ILE A 101 -4.70 -7.07 -12.51
C ILE A 101 -6.17 -6.65 -12.64
N LEU A 102 -6.41 -5.60 -13.37
CA LEU A 102 -7.74 -5.01 -13.47
C LEU A 102 -8.50 -5.63 -14.64
N GLU A 103 -7.75 -6.28 -15.51
CA GLU A 103 -8.25 -7.00 -16.70
C GLU A 103 -8.55 -6.03 -17.84
N SER A 104 -9.38 -5.06 -17.58
CA SER A 104 -9.78 -4.07 -18.57
C SER A 104 -8.67 -3.01 -18.78
N SER A 105 -7.51 -3.24 -18.20
CA SER A 105 -6.37 -2.35 -18.37
C SER A 105 -5.59 -2.70 -19.64
N SER A 106 -6.10 -3.68 -20.37
CA SER A 106 -5.53 -4.07 -21.62
C SER A 106 -6.06 -3.08 -22.66
N SER A 107 -5.24 -2.10 -23.00
CA SER A 107 -5.57 -1.02 -23.96
C SER A 107 -6.60 -0.02 -23.38
N LYS A 108 -7.57 -0.52 -22.65
CA LYS A 108 -8.57 0.30 -22.03
C LYS A 108 -8.09 0.84 -20.71
N ASP A 109 -8.98 1.59 -20.04
CA ASP A 109 -8.68 2.39 -18.87
C ASP A 109 -7.79 3.59 -19.21
N LYS A 110 -6.85 3.39 -20.12
CA LYS A 110 -6.05 4.47 -20.62
C LYS A 110 -6.84 5.32 -21.57
N GLU A 111 -7.58 6.15 -20.99
CA GLU A 111 -8.30 7.15 -21.67
C GLU A 111 -7.46 8.39 -21.57
N LYS A 112 -7.72 9.35 -22.38
CA LYS A 112 -6.82 10.45 -22.45
C LYS A 112 -6.92 11.50 -21.38
N GLU A 113 -6.02 11.35 -20.46
CA GLU A 113 -5.71 12.28 -19.43
C GLU A 113 -4.20 12.16 -19.31
N LEU A 114 -3.52 13.23 -18.95
CA LEU A 114 -2.07 13.26 -19.04
C LEU A 114 -1.31 12.33 -18.10
N ASP A 115 -0.75 11.28 -18.71
CA ASP A 115 0.13 10.26 -18.09
C ASP A 115 -0.51 9.50 -16.95
N PRO A 116 -0.88 8.24 -17.21
CA PRO A 116 -1.59 7.38 -16.25
C PRO A 116 -0.66 6.68 -15.25
N GLU A 117 0.41 7.33 -14.84
CA GLU A 117 1.41 6.73 -13.96
C GLU A 117 0.81 6.23 -12.65
N GLU A 118 0.21 7.13 -11.88
CA GLU A 118 -0.34 6.81 -10.55
C GLU A 118 -1.34 5.66 -10.55
N ARG A 119 -2.23 5.61 -11.54
CA ARG A 119 -3.28 4.57 -11.56
C ARG A 119 -2.68 3.17 -11.79
N ASP A 120 -1.84 3.04 -12.81
CA ASP A 120 -1.21 1.78 -13.16
C ASP A 120 -0.25 1.36 -12.07
N ASN A 121 0.50 2.33 -11.56
CA ASN A 121 1.45 2.08 -10.49
C ASN A 121 0.74 1.68 -9.22
N PHE A 122 -0.39 2.31 -8.92
CA PHE A 122 -1.17 2.00 -7.72
C PHE A 122 -1.66 0.57 -7.79
N LEU A 123 -2.12 0.15 -8.97
CA LEU A 123 -2.54 -1.22 -9.18
C LEU A 123 -1.38 -2.21 -8.95
N GLN A 124 -0.24 -1.90 -9.54
CA GLN A 124 0.98 -2.70 -9.38
C GLN A 124 1.40 -2.77 -7.92
N GLN A 125 1.36 -1.61 -7.27
CA GLN A 125 1.78 -1.45 -5.89
C GLN A 125 0.93 -2.33 -5.02
N LEU A 126 -0.37 -2.15 -5.08
CA LEU A 126 -1.26 -2.90 -4.24
C LEU A 126 -1.24 -4.38 -4.53
N TYR A 127 -1.07 -4.76 -5.78
CA TYR A 127 -0.98 -6.16 -6.11
C TYR A 127 0.23 -6.83 -5.47
N LYS A 128 1.40 -6.20 -5.60
CA LYS A 128 2.58 -6.75 -4.96
C LYS A 128 2.61 -6.53 -3.46
N PHE A 129 1.98 -5.48 -2.99
CA PHE A 129 1.90 -5.23 -1.56
C PHE A 129 0.95 -6.23 -0.92
N MET A 130 -0.16 -6.50 -1.59
CA MET A 130 -1.14 -7.46 -1.13
C MET A 130 -0.48 -8.81 -1.05
N GLU A 131 0.27 -9.15 -2.12
CA GLU A 131 1.03 -10.38 -2.17
C GLU A 131 2.00 -10.44 -1.00
N ASP A 132 2.69 -9.33 -0.80
CA ASP A 132 3.71 -9.20 0.22
C ASP A 132 3.14 -9.39 1.61
N ARG A 133 1.98 -8.80 1.86
CA ARG A 133 1.41 -8.76 3.22
C ARG A 133 0.83 -10.11 3.70
N GLY A 134 1.09 -11.18 2.94
CA GLY A 134 0.71 -12.52 3.36
C GLY A 134 -0.75 -12.83 3.13
N THR A 135 -1.44 -11.92 2.52
CA THR A 135 -2.81 -12.10 2.16
C THR A 135 -3.00 -11.45 0.79
N PRO A 136 -2.55 -12.15 -0.27
CA PRO A 136 -2.56 -11.63 -1.63
C PRO A 136 -3.95 -11.53 -2.21
N ILE A 137 -4.01 -11.04 -3.41
CA ILE A 137 -5.21 -10.88 -4.15
C ILE A 137 -5.81 -12.23 -4.52
N ASN A 138 -6.72 -12.67 -3.70
CA ASN A 138 -7.52 -13.88 -3.98
C ASN A 138 -8.88 -13.40 -4.41
N LYS A 139 -8.96 -12.10 -4.53
CA LYS A 139 -10.11 -11.36 -4.91
C LYS A 139 -9.63 -10.27 -5.84
N PRO A 140 -9.92 -10.39 -7.14
CA PRO A 140 -9.53 -9.38 -8.12
C PRO A 140 -10.37 -8.10 -7.97
N PRO A 141 -9.97 -7.00 -8.62
CA PRO A 141 -10.71 -5.77 -8.52
C PRO A 141 -12.04 -5.80 -9.27
N VAL A 142 -13.01 -6.23 -8.55
CA VAL A 142 -14.38 -6.28 -8.94
C VAL A 142 -15.20 -6.00 -7.74
N LEU A 143 -16.18 -5.23 -7.93
CA LEU A 143 -17.03 -4.86 -6.87
C LEU A 143 -18.39 -4.63 -7.46
N GLY A 144 -19.39 -5.29 -6.93
CA GLY A 144 -20.71 -5.16 -7.45
C GLY A 144 -20.79 -5.72 -8.87
N TYR A 145 -20.21 -6.92 -9.03
CA TYR A 145 -20.09 -7.68 -10.32
C TYR A 145 -19.40 -6.97 -11.47
N LYS A 146 -18.89 -5.79 -11.25
CA LYS A 146 -18.24 -5.05 -12.29
C LYS A 146 -16.90 -4.54 -11.84
N ASP A 147 -16.11 -4.09 -12.81
CA ASP A 147 -14.75 -3.60 -12.60
C ASP A 147 -14.66 -2.63 -11.46
N LEU A 148 -13.83 -2.95 -10.53
CA LEU A 148 -13.59 -2.06 -9.46
C LEU A 148 -12.35 -1.32 -9.86
N ASN A 149 -12.50 -0.13 -10.40
CA ASN A 149 -11.34 0.66 -10.71
C ASN A 149 -10.76 1.18 -9.42
N LEU A 150 -9.90 0.38 -8.86
CA LEU A 150 -9.28 0.56 -7.56
C LEU A 150 -8.64 1.93 -7.43
N PHE A 151 -7.84 2.26 -8.40
CA PHE A 151 -7.16 3.54 -8.48
C PHE A 151 -8.14 4.70 -8.59
N LYS A 152 -9.30 4.46 -9.18
CA LYS A 152 -10.27 5.50 -9.40
C LYS A 152 -11.01 5.74 -8.11
N LEU A 153 -11.41 4.67 -7.48
CA LEU A 153 -12.13 4.74 -6.23
C LEU A 153 -11.21 5.30 -5.15
N PHE A 154 -9.92 4.98 -5.25
CA PHE A 154 -8.91 5.58 -4.39
C PHE A 154 -8.83 7.07 -4.65
N ARG A 155 -8.76 7.45 -5.91
CA ARG A 155 -8.65 8.84 -6.30
C ARG A 155 -9.86 9.62 -5.80
N LEU A 156 -11.02 9.00 -5.87
CA LEU A 156 -12.26 9.57 -5.39
C LEU A 156 -12.29 9.68 -3.88
N VAL A 157 -11.91 8.63 -3.19
CA VAL A 157 -11.91 8.67 -1.73
C VAL A 157 -10.89 9.70 -1.24
N TYR A 158 -9.77 9.77 -1.93
CA TYR A 158 -8.71 10.71 -1.63
C TYR A 158 -9.17 12.13 -2.01
N HIS A 159 -10.03 12.21 -3.02
CA HIS A 159 -10.67 13.47 -3.45
C HIS A 159 -11.59 13.97 -2.35
N GLN A 160 -11.99 13.07 -1.48
CA GLN A 160 -12.88 13.40 -0.42
C GLN A 160 -12.07 13.65 0.85
N GLY A 161 -10.76 13.68 0.70
CA GLY A 161 -9.89 13.94 1.81
C GLY A 161 -9.16 12.70 2.26
N GLY A 162 -9.59 11.57 1.74
CA GLY A 162 -9.00 10.30 2.07
C GLY A 162 -9.66 9.71 3.28
N CYS A 163 -9.14 8.59 3.72
CA CYS A 163 -9.69 7.83 4.84
C CYS A 163 -9.78 8.64 6.13
N ASP A 164 -8.91 9.61 6.30
CA ASP A 164 -8.92 10.39 7.53
C ASP A 164 -10.03 11.45 7.52
N ASN A 165 -10.52 11.80 6.35
CA ASN A 165 -11.54 12.82 6.28
C ASN A 165 -12.92 12.19 6.25
N ILE A 166 -12.96 10.90 6.06
CA ILE A 166 -14.22 10.20 6.01
C ILE A 166 -14.47 9.46 7.30
N ASP A 167 -15.65 9.67 7.84
CA ASP A 167 -16.06 9.00 9.05
C ASP A 167 -17.33 8.19 8.80
N SER A 168 -18.15 8.65 7.85
CA SER A 168 -19.43 8.03 7.58
C SER A 168 -19.35 7.13 6.35
N GLY A 169 -20.18 6.08 6.37
CA GLY A 169 -20.27 5.15 5.26
C GLY A 169 -20.97 5.75 4.06
N ALA A 170 -21.63 6.88 4.29
CA ALA A 170 -22.32 7.61 3.23
C ALA A 170 -21.33 8.08 2.18
N VAL A 171 -20.16 8.44 2.62
CA VAL A 171 -19.15 8.97 1.74
C VAL A 171 -18.57 7.79 0.92
N TRP A 172 -18.40 6.64 1.58
CA TRP A 172 -18.00 5.41 0.91
C TRP A 172 -19.04 4.99 -0.14
N LYS A 173 -20.33 5.16 0.16
CA LYS A 173 -21.31 4.81 -0.85
C LYS A 173 -21.27 5.82 -1.99
N GLN A 174 -20.82 7.03 -1.69
CA GLN A 174 -20.64 8.05 -2.71
C GLN A 174 -19.52 7.63 -3.70
N ILE A 175 -18.36 7.22 -3.18
CA ILE A 175 -17.27 6.76 -4.06
C ILE A 175 -17.71 5.55 -4.89
N TYR A 176 -18.45 4.64 -4.25
CA TYR A 176 -18.99 3.46 -4.91
C TYR A 176 -19.94 3.87 -6.04
N MET A 177 -20.81 4.82 -5.71
CA MET A 177 -21.82 5.36 -6.61
C MET A 177 -21.16 6.04 -7.81
N ASP A 178 -20.01 6.67 -7.59
CA ASP A 178 -19.32 7.43 -8.63
C ASP A 178 -18.76 6.49 -9.71
N LEU A 179 -18.30 5.30 -9.32
CA LEU A 179 -17.86 4.30 -10.31
C LEU A 179 -19.02 3.82 -11.17
N GLY A 180 -20.23 4.08 -10.72
CA GLY A 180 -21.39 3.70 -11.46
C GLY A 180 -21.86 2.34 -11.08
N ILE A 181 -21.34 1.84 -10.00
CA ILE A 181 -21.72 0.56 -9.51
C ILE A 181 -23.03 0.74 -8.76
N PRO A 182 -24.06 -0.06 -9.07
CA PRO A 182 -25.33 0.04 -8.39
C PRO A 182 -25.19 -0.15 -6.90
N ILE A 183 -25.75 0.79 -6.16
CA ILE A 183 -25.64 0.81 -4.72
C ILE A 183 -26.62 -0.19 -4.08
N LEU A 184 -27.52 -0.75 -4.91
CA LEU A 184 -28.42 -1.88 -4.58
C LEU A 184 -29.12 -1.76 -3.20
N ASN A 185 -28.41 -2.20 -2.19
CA ASN A 185 -28.85 -2.23 -0.81
C ASN A 185 -27.59 -2.08 0.04
N SER A 186 -27.69 -2.26 1.34
CA SER A 186 -26.55 -2.05 2.23
C SER A 186 -25.37 -3.02 1.97
N ALA A 187 -25.60 -4.11 1.22
CA ALA A 187 -24.53 -5.02 0.86
C ALA A 187 -23.52 -4.31 -0.01
N ALA A 188 -23.97 -3.31 -0.74
CA ALA A 188 -23.09 -2.55 -1.59
C ALA A 188 -22.26 -1.58 -0.75
N SER A 189 -22.83 -1.10 0.35
CA SER A 189 -22.10 -0.27 1.29
C SER A 189 -21.05 -1.16 1.97
N TYR A 190 -21.43 -2.41 2.20
CA TYR A 190 -20.53 -3.43 2.68
C TYR A 190 -19.40 -3.65 1.67
N ASN A 191 -19.76 -3.82 0.41
CA ASN A 191 -18.80 -4.03 -0.68
C ASN A 191 -17.76 -2.95 -0.68
N VAL A 192 -18.21 -1.70 -0.68
CA VAL A 192 -17.30 -0.59 -0.72
C VAL A 192 -16.44 -0.49 0.53
N LYS A 193 -17.01 -0.69 1.72
CA LYS A 193 -16.20 -0.61 2.93
C LYS A 193 -15.20 -1.75 3.01
N THR A 194 -15.55 -2.90 2.47
CA THR A 194 -14.66 -4.03 2.41
C THR A 194 -13.50 -3.74 1.46
N ALA A 195 -13.82 -3.13 0.34
CA ALA A 195 -12.82 -2.77 -0.66
C ALA A 195 -11.89 -1.71 -0.07
N TYR A 196 -12.50 -0.69 0.49
CA TYR A 196 -11.85 0.40 1.18
C TYR A 196 -10.91 -0.13 2.28
N ARG A 197 -11.39 -1.11 3.01
CA ARG A 197 -10.63 -1.65 4.12
C ARG A 197 -9.61 -2.71 3.74
N LYS A 198 -9.83 -3.52 2.72
CA LYS A 198 -8.81 -4.52 2.44
C LYS A 198 -7.95 -4.27 1.22
N TYR A 199 -8.49 -3.58 0.25
CA TYR A 199 -7.70 -3.28 -0.95
C TYR A 199 -6.86 -2.03 -0.76
N LEU A 200 -7.42 -1.02 -0.11
CA LEU A 200 -6.73 0.27 0.01
C LEU A 200 -5.96 0.29 1.29
N TYR A 201 -6.08 -0.81 2.01
CA TYR A 201 -5.58 -0.98 3.37
C TYR A 201 -4.18 -0.48 3.57
N GLY A 202 -3.22 -1.17 3.00
CA GLY A 202 -1.82 -0.83 3.18
C GLY A 202 -1.50 0.60 2.78
N PHE A 203 -1.98 1.02 1.63
CA PHE A 203 -1.64 2.32 1.09
C PHE A 203 -2.30 3.44 1.92
N GLU A 204 -3.61 3.37 2.10
CA GLU A 204 -4.33 4.41 2.83
C GLU A 204 -4.00 4.44 4.32
N GLU A 205 -3.73 3.28 4.90
CA GLU A 205 -3.29 3.27 6.28
C GLU A 205 -1.91 3.91 6.36
N TYR A 206 -1.08 3.64 5.36
CA TYR A 206 0.22 4.28 5.28
C TYR A 206 0.03 5.80 5.06
N CYS A 207 -0.96 6.18 4.23
CA CYS A 207 -1.26 7.58 4.00
C CYS A 207 -1.67 8.30 5.27
N ARG A 208 -2.58 7.73 6.03
CA ARG A 208 -3.02 8.37 7.27
C ARG A 208 -1.91 8.44 8.31
N SER A 209 -1.08 7.41 8.34
CA SER A 209 -0.03 7.36 9.34
C SER A 209 1.16 8.26 8.98
N ALA A 210 1.61 8.21 7.74
CA ALA A 210 2.79 8.96 7.33
C ALA A 210 2.40 10.36 6.88
N ASN A 211 1.10 10.57 6.80
CA ASN A 211 0.49 11.83 6.41
C ASN A 211 0.75 12.15 4.97
N ILE A 212 0.15 11.35 4.16
CA ILE A 212 0.21 11.47 2.73
C ILE A 212 -1.19 11.90 2.26
N GLN A 213 -2.03 12.14 3.23
CA GLN A 213 -3.33 12.69 2.99
C GLN A 213 -3.11 14.19 2.89
N PHE A 214 -3.26 14.76 1.72
CA PHE A 214 -3.07 16.18 1.57
C PHE A 214 -4.05 16.79 0.59
N ARG A 215 -5.13 17.28 1.13
CA ARG A 215 -6.16 17.95 0.38
C ARG A 215 -6.66 19.11 1.18
N THR A 216 -7.18 20.11 0.53
CA THR A 216 -7.79 21.23 1.21
C THR A 216 -9.11 20.77 1.84
N VAL A 217 -9.75 19.83 1.18
CA VAL A 217 -10.95 19.22 1.70
C VAL A 217 -10.58 18.15 2.74
N HIS A 218 -10.24 18.63 3.89
CA HIS A 218 -9.89 17.83 5.02
C HIS A 218 -10.33 18.66 6.18
N HIS A 219 -11.50 18.36 6.69
CA HIS A 219 -12.15 19.27 7.60
C HIS A 219 -12.30 18.69 9.01
N HIS A 220 -13.28 17.82 9.21
CA HIS A 220 -13.59 17.24 10.54
C HIS A 220 -13.80 18.31 11.59
N GLU A 221 -14.73 19.16 11.31
CA GLU A 221 -15.12 20.26 12.16
C GLU A 221 -16.61 20.26 12.20
N LEU A 222 -17.22 21.35 12.66
CA LEU A 222 -18.69 21.42 12.76
C LEU A 222 -19.16 20.36 13.74
N GLU A 223 -20.32 19.80 13.50
CA GLU A 223 -20.95 18.71 14.23
C GLU A 223 -19.94 17.83 14.98
N HIS A 224 -19.92 17.96 16.28
CA HIS A 224 -18.99 17.23 17.10
C HIS A 224 -19.65 15.99 17.65
N HIS A 225 -18.93 14.87 17.54
CA HIS A 225 -19.32 13.54 18.06
C HIS A 225 -20.09 13.61 19.39
N HIS A 226 -21.37 13.32 19.33
CA HIS A 226 -22.23 13.44 20.49
C HIS A 226 -22.24 12.18 21.33
N HIS A 227 -21.93 12.36 22.59
CA HIS A 227 -21.98 11.33 23.60
C HIS A 227 -21.70 11.96 24.94
N HIS A 228 -22.76 12.24 25.66
CA HIS A 228 -22.64 12.92 26.93
C HIS A 228 -22.34 11.91 28.03
N HIS A 229 -22.42 10.66 27.71
CA HIS A 229 -22.09 9.63 28.63
C HIS A 229 -20.96 8.83 28.02
N ASN A 1 18.76 7.96 2.36
CA ASN A 1 17.82 6.90 2.72
C ASN A 1 17.61 6.92 4.21
N ASP A 2 16.41 6.64 4.62
CA ASP A 2 16.04 6.57 6.02
C ASP A 2 15.16 5.37 6.17
N GLU A 3 14.99 4.90 7.36
CA GLU A 3 14.22 3.71 7.58
C GLU A 3 12.75 4.06 7.78
N LEU A 4 12.51 5.11 8.55
CA LEU A 4 11.16 5.57 8.92
C LEU A 4 10.31 6.11 7.75
N LEU A 5 10.79 5.91 6.54
CA LEU A 5 10.12 6.36 5.34
C LEU A 5 9.12 5.32 4.87
N GLY A 6 9.33 4.07 5.26
CA GLY A 6 8.45 3.03 4.82
C GLY A 6 8.98 2.35 3.57
N LYS A 7 10.27 2.23 3.49
CA LYS A 7 10.87 1.59 2.37
C LYS A 7 11.80 0.51 2.87
N VAL A 8 12.51 -0.14 1.97
CA VAL A 8 13.34 -1.25 2.33
C VAL A 8 14.59 -0.80 3.13
N VAL A 9 14.99 -1.67 4.06
CA VAL A 9 16.05 -1.46 5.01
C VAL A 9 16.53 -2.83 5.47
N SER A 10 17.47 -2.88 6.38
CA SER A 10 18.01 -4.11 6.89
C SER A 10 17.62 -4.31 8.34
N VAL A 11 17.05 -5.42 8.69
CA VAL A 11 16.74 -5.69 10.07
C VAL A 11 17.65 -6.83 10.51
N VAL A 12 18.43 -6.58 11.52
CA VAL A 12 19.43 -7.53 11.95
C VAL A 12 18.81 -8.70 12.72
N SER A 13 19.44 -9.86 12.62
CA SER A 13 19.01 -11.03 13.30
C SER A 13 19.40 -10.95 14.79
N ALA A 14 19.23 -12.05 15.50
CA ALA A 14 19.36 -12.10 16.95
C ALA A 14 20.73 -11.66 17.46
N THR A 15 21.78 -12.01 16.76
CA THR A 15 23.09 -11.66 17.25
C THR A 15 24.05 -11.26 16.13
N GLU A 16 23.83 -11.79 14.97
CA GLU A 16 24.71 -11.62 13.87
C GLU A 16 24.21 -10.57 12.89
N ARG A 17 25.07 -9.62 12.60
CA ARG A 17 24.78 -8.63 11.56
C ARG A 17 25.26 -9.16 10.24
N THR A 18 25.88 -10.31 10.33
CA THR A 18 26.39 -11.05 9.24
C THR A 18 25.21 -11.60 8.41
N GLU A 19 24.09 -11.74 9.05
CA GLU A 19 22.93 -12.25 8.42
C GLU A 19 21.76 -11.42 8.93
N TRP A 20 21.23 -10.64 8.07
CA TRP A 20 20.14 -9.75 8.37
C TRP A 20 19.06 -9.95 7.33
N TYR A 21 17.87 -9.64 7.67
CA TYR A 21 16.76 -9.79 6.78
C TYR A 21 16.20 -8.44 6.37
N PRO A 22 16.19 -8.16 5.06
CA PRO A 22 15.65 -6.91 4.53
C PRO A 22 14.15 -6.82 4.78
N ALA A 23 13.67 -5.64 5.06
CA ALA A 23 12.29 -5.47 5.41
C ALA A 23 11.78 -4.09 5.03
N LEU A 24 10.47 -3.93 5.17
CA LEU A 24 9.78 -2.69 4.86
C LEU A 24 9.13 -2.17 6.12
N VAL A 25 9.40 -0.95 6.44
CA VAL A 25 8.80 -0.30 7.61
C VAL A 25 7.32 0.00 7.35
N ILE A 26 6.46 -0.71 8.03
CA ILE A 26 5.02 -0.57 7.82
C ILE A 26 4.30 -0.03 9.06
N SER A 27 3.00 0.15 8.95
CA SER A 27 2.21 0.72 10.03
C SER A 27 1.70 -0.38 10.97
N PRO A 28 1.77 -0.16 12.31
CA PRO A 28 1.29 -1.13 13.30
C PRO A 28 -0.22 -1.15 13.40
N SER A 29 -0.86 -0.38 12.58
CA SER A 29 -2.29 -0.34 12.51
C SER A 29 -2.76 -1.50 11.62
N CYS A 30 -1.84 -2.02 10.82
CA CYS A 30 -2.13 -3.08 9.89
C CYS A 30 -2.08 -4.45 10.59
N ASN A 31 -1.37 -4.49 11.68
CA ASN A 31 -1.24 -5.67 12.48
C ASN A 31 -1.90 -5.48 13.81
N ASP A 32 -2.95 -6.22 14.05
CA ASP A 32 -3.63 -6.19 15.33
C ASP A 32 -2.92 -7.11 16.33
N ASP A 33 -2.28 -8.14 15.78
CA ASP A 33 -1.57 -9.14 16.58
C ASP A 33 -0.32 -8.54 17.20
N ILE A 34 0.40 -7.79 16.41
CA ILE A 34 1.57 -7.11 16.89
C ILE A 34 1.14 -5.68 17.23
N THR A 35 1.79 -5.07 18.16
CA THR A 35 1.50 -3.77 18.58
C THR A 35 2.85 -3.09 18.67
N VAL A 36 2.92 -1.84 18.28
CA VAL A 36 4.18 -1.16 18.32
C VAL A 36 4.61 -0.92 19.77
N LYS A 37 5.75 -1.40 20.11
CA LYS A 37 6.24 -1.29 21.44
C LYS A 37 7.04 0.00 21.60
N LYS A 38 7.29 0.38 22.85
CA LYS A 38 7.90 1.66 23.22
C LYS A 38 9.19 2.01 22.47
N ASP A 39 10.06 1.06 22.29
CA ASP A 39 11.33 1.33 21.61
C ASP A 39 11.32 0.72 20.25
N GLN A 40 10.19 0.26 19.86
CA GLN A 40 10.09 -0.51 18.68
C GLN A 40 9.38 0.19 17.57
N CYS A 41 9.59 -0.32 16.40
CA CYS A 41 8.99 0.15 15.21
C CYS A 41 8.34 -1.05 14.56
N LEU A 42 7.45 -0.84 13.64
CA LEU A 42 6.84 -1.92 12.96
C LEU A 42 7.46 -2.07 11.61
N VAL A 43 8.02 -3.20 11.39
CA VAL A 43 8.68 -3.45 10.19
C VAL A 43 8.36 -4.87 9.76
N ARG A 44 8.07 -5.04 8.51
CA ARG A 44 7.67 -6.31 8.01
C ARG A 44 8.60 -6.73 6.91
N SER A 45 9.10 -7.91 7.01
CA SER A 45 9.99 -8.43 6.05
C SER A 45 9.22 -9.16 4.97
N PHE A 46 9.67 -9.03 3.75
CA PHE A 46 9.11 -9.81 2.65
C PHE A 46 9.65 -11.23 2.68
N ILE A 47 10.76 -11.41 3.40
CA ILE A 47 11.43 -12.69 3.51
C ILE A 47 11.23 -13.41 4.86
N ASP A 48 11.49 -12.71 5.96
CA ASP A 48 11.58 -13.36 7.28
C ASP A 48 10.23 -13.80 7.85
N SER A 49 9.51 -12.87 8.44
CA SER A 49 8.26 -13.19 9.05
C SER A 49 7.16 -12.27 8.52
N LYS A 50 5.93 -12.59 8.86
CA LYS A 50 4.75 -11.87 8.40
C LYS A 50 4.56 -10.53 9.07
N PHE A 51 4.97 -10.42 10.31
CA PHE A 51 4.83 -9.21 11.14
C PHE A 51 5.63 -9.40 12.40
N TYR A 52 6.42 -8.41 12.72
CA TYR A 52 7.24 -8.41 13.90
C TYR A 52 7.55 -6.98 14.24
N SER A 53 7.89 -6.73 15.44
CA SER A 53 8.20 -5.42 15.85
C SER A 53 9.60 -5.47 16.40
N ILE A 54 10.38 -4.53 16.02
CA ILE A 54 11.77 -4.52 16.35
C ILE A 54 12.17 -3.11 16.62
N ALA A 55 13.06 -2.93 17.56
CA ALA A 55 13.58 -1.64 17.90
C ALA A 55 14.34 -1.08 16.75
N ARG A 56 14.22 0.21 16.54
CA ARG A 56 14.88 0.85 15.41
C ARG A 56 16.40 0.79 15.56
N LYS A 57 16.86 0.51 16.77
CA LYS A 57 18.27 0.34 17.06
C LYS A 57 18.81 -0.96 16.37
N ASP A 58 17.90 -1.89 16.05
CA ASP A 58 18.25 -3.18 15.45
C ASP A 58 18.00 -3.14 13.94
N ILE A 59 17.53 -2.02 13.49
CA ILE A 59 17.23 -1.82 12.09
C ILE A 59 18.30 -0.92 11.49
N LYS A 60 18.81 -1.28 10.35
CA LYS A 60 19.79 -0.47 9.68
C LYS A 60 19.20 0.10 8.42
N GLU A 61 19.39 1.36 8.22
CA GLU A 61 18.88 2.08 7.09
C GLU A 61 19.72 1.68 5.89
N VAL A 62 19.17 0.85 5.05
CA VAL A 62 19.91 0.29 3.92
C VAL A 62 19.01 0.13 2.73
N ASP A 63 19.41 0.69 1.61
CA ASP A 63 18.67 0.50 0.39
C ASP A 63 19.28 -0.72 -0.25
N ILE A 64 18.61 -1.83 -0.06
CA ILE A 64 19.12 -3.18 -0.35
C ILE A 64 19.63 -3.38 -1.77
N LEU A 65 18.81 -3.07 -2.75
CA LEU A 65 19.13 -3.35 -4.15
C LEU A 65 20.17 -2.38 -4.69
N ASN A 66 20.59 -1.47 -3.85
CA ASN A 66 21.60 -0.48 -4.17
C ASN A 66 22.98 -0.93 -3.73
N LEU A 67 23.02 -2.05 -3.01
CA LEU A 67 24.28 -2.63 -2.58
C LEU A 67 24.95 -3.33 -3.76
N PRO A 68 26.29 -3.47 -3.73
CA PRO A 68 27.08 -4.19 -4.75
C PRO A 68 26.50 -5.58 -5.08
N GLU A 69 26.59 -5.94 -6.34
CA GLU A 69 26.02 -7.18 -6.86
C GLU A 69 26.62 -8.44 -6.22
N SER A 70 27.90 -8.37 -5.85
CA SER A 70 28.57 -9.49 -5.24
C SER A 70 28.01 -9.70 -3.83
N GLU A 71 27.66 -8.61 -3.20
CA GLU A 71 27.12 -8.63 -1.87
C GLU A 71 25.76 -9.30 -1.91
N LEU A 72 24.93 -8.80 -2.79
CA LEU A 72 23.58 -9.28 -2.98
C LEU A 72 23.55 -10.77 -3.30
N SER A 73 24.25 -11.13 -4.33
CA SER A 73 24.24 -12.48 -4.84
C SER A 73 24.86 -13.52 -3.88
N THR A 74 25.70 -13.08 -2.94
CA THR A 74 26.31 -14.04 -2.03
C THR A 74 25.38 -14.39 -0.85
N LYS A 75 24.35 -13.58 -0.62
CA LYS A 75 23.41 -13.87 0.45
C LYS A 75 21.99 -13.85 -0.10
N PRO A 76 21.34 -15.03 -0.18
CA PRO A 76 19.99 -15.19 -0.75
C PRO A 76 18.95 -14.17 -0.25
N GLY A 77 19.08 -13.75 1.00
CA GLY A 77 18.15 -12.80 1.57
C GLY A 77 18.16 -11.47 0.87
N LEU A 78 19.33 -10.93 0.66
CA LEU A 78 19.45 -9.66 -0.02
C LEU A 78 19.38 -9.82 -1.52
N GLN A 79 19.66 -11.02 -2.00
CA GLN A 79 19.50 -11.29 -3.40
C GLN A 79 18.02 -11.33 -3.75
N LYS A 80 17.21 -12.03 -2.92
CA LYS A 80 15.78 -12.13 -3.12
C LYS A 80 15.21 -10.75 -3.05
N ALA A 81 15.73 -9.98 -2.10
CA ALA A 81 15.42 -8.60 -1.96
C ALA A 81 15.61 -7.86 -3.26
N SER A 82 16.83 -7.91 -3.79
CA SER A 82 17.16 -7.22 -5.03
C SER A 82 16.15 -7.60 -6.13
N ILE A 83 15.94 -8.90 -6.30
CA ILE A 83 15.02 -9.46 -7.29
C ILE A 83 13.58 -8.95 -7.06
N PHE A 84 13.16 -8.99 -5.82
CA PHE A 84 11.82 -8.58 -5.44
C PHE A 84 11.61 -7.08 -5.63
N LEU A 85 12.60 -6.33 -5.25
CA LEU A 85 12.52 -4.89 -5.24
C LEU A 85 12.55 -4.27 -6.62
N LYS A 86 13.58 -4.57 -7.40
CA LYS A 86 13.82 -3.87 -8.68
C LYS A 86 12.76 -4.07 -9.75
N THR A 87 11.86 -4.99 -9.57
CA THR A 87 10.84 -5.19 -10.56
C THR A 87 9.43 -4.92 -9.99
N ARG A 88 9.38 -4.27 -8.82
CA ARG A 88 8.10 -4.00 -8.14
C ARG A 88 8.08 -2.64 -7.43
N VAL A 89 9.15 -2.31 -6.77
CA VAL A 89 9.29 -1.02 -6.11
C VAL A 89 10.43 -0.29 -6.76
N VAL A 90 10.96 0.77 -6.11
CA VAL A 90 12.06 1.62 -6.64
C VAL A 90 11.51 2.39 -7.89
N PRO A 91 12.33 3.21 -8.64
CA PRO A 91 11.85 3.85 -9.89
C PRO A 91 11.21 2.88 -10.93
N ASP A 92 10.92 3.45 -12.10
CA ASP A 92 10.18 2.88 -13.31
C ASP A 92 10.42 1.37 -13.70
N ASN A 93 11.32 0.70 -13.06
CA ASN A 93 11.71 -0.69 -13.42
C ASN A 93 10.63 -1.71 -13.11
N TRP A 94 9.54 -1.27 -12.50
CA TRP A 94 8.47 -2.17 -12.14
C TRP A 94 7.85 -2.90 -13.33
N LYS A 95 7.68 -4.19 -13.17
CA LYS A 95 7.05 -5.02 -14.17
C LYS A 95 6.42 -6.19 -13.45
N MET A 96 5.14 -6.16 -13.46
CA MET A 96 4.31 -7.22 -12.96
C MET A 96 3.03 -7.01 -13.70
N ASP A 97 2.48 -8.06 -14.24
CA ASP A 97 1.40 -7.97 -15.24
C ASP A 97 0.19 -7.20 -14.78
N ILE A 98 0.13 -5.97 -15.24
CA ILE A 98 -0.94 -5.06 -14.93
C ILE A 98 -2.24 -5.57 -15.55
N SER A 99 -2.11 -6.26 -16.67
CA SER A 99 -3.25 -6.81 -17.36
C SER A 99 -3.96 -7.92 -16.54
N GLU A 100 -3.20 -8.59 -15.69
CA GLU A 100 -3.75 -9.62 -14.82
C GLU A 100 -4.19 -9.03 -13.49
N ILE A 101 -3.71 -7.83 -13.20
CA ILE A 101 -4.04 -7.13 -11.97
C ILE A 101 -5.55 -6.91 -11.79
N LEU A 102 -6.16 -6.24 -12.72
CA LEU A 102 -7.59 -6.07 -12.67
C LEU A 102 -8.16 -6.92 -13.79
N GLU A 103 -7.85 -6.47 -15.01
CA GLU A 103 -8.22 -7.11 -16.31
C GLU A 103 -8.26 -5.98 -17.31
N SER A 104 -9.16 -5.07 -17.05
CA SER A 104 -9.39 -3.88 -17.83
C SER A 104 -8.60 -2.74 -17.18
N SER A 105 -7.43 -3.10 -16.72
CA SER A 105 -6.54 -2.25 -15.99
C SER A 105 -6.12 -1.06 -16.85
N SER A 106 -6.66 0.10 -16.49
CA SER A 106 -6.36 1.38 -17.12
C SER A 106 -7.00 1.52 -18.51
N SER A 107 -7.93 0.64 -18.82
CA SER A 107 -8.66 0.74 -20.06
C SER A 107 -9.60 1.93 -19.97
N LYS A 108 -9.26 2.99 -20.66
CA LYS A 108 -10.02 4.20 -20.64
C LYS A 108 -11.37 4.05 -21.30
N ASP A 109 -12.38 4.37 -20.53
CA ASP A 109 -13.75 4.12 -20.89
C ASP A 109 -14.38 5.37 -21.46
N LYS A 110 -13.96 6.50 -20.96
CA LYS A 110 -14.43 7.79 -21.44
C LYS A 110 -13.35 8.49 -22.22
N GLU A 111 -13.74 9.45 -23.01
CA GLU A 111 -12.82 10.21 -23.82
C GLU A 111 -11.99 11.10 -22.94
N LYS A 112 -12.64 11.97 -22.20
CA LYS A 112 -11.93 12.77 -21.26
C LYS A 112 -12.18 12.34 -19.87
N GLU A 113 -11.47 11.36 -19.50
CA GLU A 113 -11.40 10.94 -18.13
C GLU A 113 -10.00 11.28 -17.72
N LEU A 114 -9.84 11.81 -16.54
CA LEU A 114 -8.51 12.19 -16.07
C LEU A 114 -7.65 10.96 -15.98
N ASP A 115 -6.75 10.86 -16.94
CA ASP A 115 -5.84 9.72 -17.15
C ASP A 115 -4.90 9.53 -15.98
N PRO A 116 -5.12 8.51 -15.17
CA PRO A 116 -4.28 8.22 -14.08
C PRO A 116 -3.32 7.08 -14.39
N GLU A 117 -2.10 7.40 -14.75
CA GLU A 117 -1.05 6.36 -14.89
C GLU A 117 -0.74 5.86 -13.51
N GLU A 118 -1.08 6.70 -12.56
CA GLU A 118 -1.03 6.43 -11.16
C GLU A 118 -1.84 5.19 -10.80
N ARG A 119 -2.85 4.83 -11.62
CA ARG A 119 -3.62 3.64 -11.31
C ARG A 119 -2.80 2.40 -11.61
N ASP A 120 -1.99 2.47 -12.66
CA ASP A 120 -1.09 1.37 -13.00
C ASP A 120 -0.06 1.27 -11.90
N ASN A 121 0.53 2.42 -11.58
CA ASN A 121 1.60 2.55 -10.57
C ASN A 121 1.11 2.05 -9.21
N PHE A 122 -0.02 2.60 -8.77
CA PHE A 122 -0.61 2.28 -7.48
C PHE A 122 -0.98 0.82 -7.41
N LEU A 123 -1.65 0.30 -8.43
CA LEU A 123 -2.07 -1.09 -8.41
C LEU A 123 -0.87 -2.02 -8.44
N GLN A 124 0.15 -1.62 -9.17
CA GLN A 124 1.41 -2.36 -9.27
C GLN A 124 2.05 -2.49 -7.89
N GLN A 125 2.24 -1.36 -7.23
CA GLN A 125 2.91 -1.34 -5.97
C GLN A 125 2.01 -1.91 -4.86
N LEU A 126 0.69 -1.77 -5.03
CA LEU A 126 -0.28 -2.32 -4.07
C LEU A 126 -0.23 -3.82 -4.14
N TYR A 127 -0.23 -4.35 -5.36
CA TYR A 127 -0.09 -5.78 -5.59
C TYR A 127 1.21 -6.29 -4.96
N LYS A 128 2.27 -5.48 -5.10
CA LYS A 128 3.53 -5.77 -4.45
C LYS A 128 3.39 -5.90 -2.93
N PHE A 129 2.72 -4.92 -2.30
CA PHE A 129 2.50 -4.93 -0.84
C PHE A 129 1.59 -6.04 -0.42
N MET A 130 0.73 -6.45 -1.30
CA MET A 130 -0.22 -7.48 -1.04
C MET A 130 0.51 -8.82 -1.01
N GLU A 131 1.30 -9.03 -2.05
CA GLU A 131 2.04 -10.25 -2.28
C GLU A 131 2.97 -10.61 -1.11
N ASP A 132 3.71 -9.64 -0.64
CA ASP A 132 4.69 -9.90 0.40
C ASP A 132 4.12 -9.86 1.81
N ARG A 133 2.84 -9.51 1.96
CA ARG A 133 2.28 -9.40 3.32
C ARG A 133 1.58 -10.68 3.79
N GLY A 134 1.66 -11.74 3.01
CA GLY A 134 1.06 -13.01 3.43
C GLY A 134 -0.35 -13.17 2.93
N THR A 135 -0.84 -12.19 2.25
CA THR A 135 -2.15 -12.25 1.70
C THR A 135 -2.18 -11.48 0.38
N PRO A 136 -1.77 -12.13 -0.71
CA PRO A 136 -1.78 -11.57 -2.04
C PRO A 136 -3.19 -11.53 -2.58
N ILE A 137 -3.34 -11.01 -3.75
CA ILE A 137 -4.61 -10.93 -4.37
C ILE A 137 -5.07 -12.30 -4.79
N ASN A 138 -6.14 -12.71 -4.19
CA ASN A 138 -6.66 -14.02 -4.38
C ASN A 138 -7.84 -13.97 -5.30
N LYS A 139 -8.35 -12.78 -5.46
CA LYS A 139 -9.47 -12.49 -6.30
C LYS A 139 -9.35 -11.04 -6.72
N PRO A 140 -9.51 -10.72 -8.01
CA PRO A 140 -9.37 -9.36 -8.51
C PRO A 140 -10.47 -8.45 -7.94
N PRO A 141 -10.14 -7.20 -7.60
CA PRO A 141 -11.08 -6.30 -7.01
C PRO A 141 -12.11 -5.76 -7.99
N VAL A 142 -13.17 -6.46 -8.12
CA VAL A 142 -14.27 -6.04 -8.87
C VAL A 142 -15.40 -5.86 -7.88
N LEU A 143 -16.36 -5.09 -8.24
CA LEU A 143 -17.49 -4.82 -7.37
C LEU A 143 -18.69 -4.63 -8.22
N GLY A 144 -19.82 -5.10 -7.75
CA GLY A 144 -21.08 -4.90 -8.45
C GLY A 144 -21.04 -5.44 -9.84
N TYR A 145 -20.59 -6.69 -9.96
CA TYR A 145 -20.40 -7.43 -11.23
C TYR A 145 -19.56 -6.70 -12.29
N LYS A 146 -18.87 -5.64 -11.92
CA LYS A 146 -18.20 -4.86 -12.92
C LYS A 146 -16.82 -4.42 -12.55
N ASP A 147 -16.13 -3.93 -13.58
CA ASP A 147 -14.75 -3.47 -13.49
C ASP A 147 -14.67 -2.38 -12.47
N LEU A 148 -14.01 -2.66 -11.42
CA LEU A 148 -13.88 -1.75 -10.37
C LEU A 148 -12.52 -1.09 -10.48
N ASN A 149 -12.54 0.15 -10.89
CA ASN A 149 -11.31 0.93 -10.87
C ASN A 149 -10.95 1.27 -9.46
N LEU A 150 -10.12 0.43 -8.92
CA LEU A 150 -9.66 0.50 -7.56
C LEU A 150 -9.03 1.86 -7.23
N PHE A 151 -8.22 2.36 -8.14
CA PHE A 151 -7.57 3.64 -7.95
C PHE A 151 -8.57 4.77 -8.03
N LYS A 152 -9.63 4.59 -8.81
CA LYS A 152 -10.67 5.61 -8.92
C LYS A 152 -11.29 5.81 -7.55
N LEU A 153 -11.65 4.70 -6.91
CA LEU A 153 -12.19 4.69 -5.54
C LEU A 153 -11.21 5.39 -4.58
N PHE A 154 -9.94 5.00 -4.64
CA PHE A 154 -8.90 5.58 -3.78
C PHE A 154 -8.76 7.11 -4.01
N ARG A 155 -8.74 7.49 -5.27
CA ARG A 155 -8.67 8.87 -5.74
C ARG A 155 -9.88 9.68 -5.22
N LEU A 156 -11.05 9.08 -5.33
CA LEU A 156 -12.26 9.71 -4.87
C LEU A 156 -12.22 9.89 -3.38
N VAL A 157 -11.77 8.88 -2.65
CA VAL A 157 -11.60 8.98 -1.21
C VAL A 157 -10.65 10.14 -0.85
N TYR A 158 -9.60 10.34 -1.64
CA TYR A 158 -8.74 11.51 -1.47
C TYR A 158 -9.51 12.80 -1.63
N HIS A 159 -10.39 12.82 -2.62
CA HIS A 159 -11.22 13.99 -2.86
C HIS A 159 -12.19 14.22 -1.68
N GLN A 160 -12.50 13.15 -0.96
CA GLN A 160 -13.43 13.21 0.16
C GLN A 160 -12.70 13.54 1.47
N GLY A 161 -11.40 13.82 1.36
CA GLY A 161 -10.64 14.21 2.54
C GLY A 161 -9.80 13.08 3.10
N GLY A 162 -9.82 11.95 2.45
CA GLY A 162 -9.03 10.85 2.90
C GLY A 162 -9.73 10.06 3.98
N CYS A 163 -9.01 9.12 4.54
CA CYS A 163 -9.53 8.20 5.55
C CYS A 163 -9.90 8.98 6.81
N ASP A 164 -9.09 9.98 7.10
CA ASP A 164 -9.23 10.84 8.28
C ASP A 164 -10.54 11.63 8.22
N ASN A 165 -11.04 11.87 7.03
CA ASN A 165 -12.24 12.68 6.87
C ASN A 165 -13.47 11.88 6.49
N ILE A 166 -13.35 10.58 6.39
CA ILE A 166 -14.52 9.79 6.11
C ILE A 166 -14.98 9.12 7.36
N ASP A 167 -16.17 9.44 7.74
CA ASP A 167 -16.75 8.88 8.93
C ASP A 167 -18.04 8.16 8.58
N SER A 168 -18.67 8.59 7.52
CA SER A 168 -19.94 8.05 7.12
C SER A 168 -19.80 7.09 5.94
N GLY A 169 -20.56 6.01 5.97
CA GLY A 169 -20.60 5.05 4.88
C GLY A 169 -21.25 5.63 3.64
N ALA A 170 -21.93 6.73 3.84
CA ALA A 170 -22.52 7.53 2.78
C ALA A 170 -21.45 7.94 1.78
N VAL A 171 -20.26 8.20 2.29
CA VAL A 171 -19.15 8.60 1.46
C VAL A 171 -18.68 7.41 0.64
N TRP A 172 -18.52 6.28 1.31
CA TRP A 172 -18.21 5.02 0.64
C TRP A 172 -19.28 4.70 -0.45
N LYS A 173 -20.56 5.00 -0.16
CA LYS A 173 -21.62 4.87 -1.17
C LYS A 173 -21.32 5.79 -2.35
N GLN A 174 -20.93 7.01 -2.04
CA GLN A 174 -20.65 8.04 -3.02
C GLN A 174 -19.47 7.67 -3.93
N ILE A 175 -18.36 7.23 -3.33
CA ILE A 175 -17.20 6.83 -4.11
C ILE A 175 -17.58 5.65 -5.02
N TYR A 176 -18.35 4.70 -4.48
CA TYR A 176 -18.82 3.52 -5.24
C TYR A 176 -19.70 3.95 -6.42
N MET A 177 -20.57 4.89 -6.15
CA MET A 177 -21.50 5.42 -7.13
C MET A 177 -20.76 6.13 -8.26
N ASP A 178 -19.70 6.85 -7.92
CA ASP A 178 -18.94 7.61 -8.92
C ASP A 178 -18.14 6.68 -9.84
N LEU A 179 -17.85 5.45 -9.37
CA LEU A 179 -17.22 4.42 -10.21
C LEU A 179 -18.15 4.00 -11.36
N GLY A 180 -19.41 4.32 -11.23
CA GLY A 180 -20.37 3.97 -12.24
C GLY A 180 -20.98 2.63 -11.94
N ILE A 181 -20.90 2.26 -10.70
CA ILE A 181 -21.43 1.01 -10.27
C ILE A 181 -22.71 1.29 -9.53
N PRO A 182 -23.81 0.65 -9.94
CA PRO A 182 -25.08 0.75 -9.25
C PRO A 182 -24.92 0.31 -7.79
N ILE A 183 -25.34 1.17 -6.88
CA ILE A 183 -25.21 0.88 -5.47
C ILE A 183 -26.07 -0.32 -5.09
N LEU A 184 -27.24 -0.45 -5.74
CA LEU A 184 -28.16 -1.58 -5.58
C LEU A 184 -28.71 -1.72 -4.17
N ASN A 185 -27.88 -2.19 -3.31
CA ASN A 185 -28.25 -2.61 -1.99
C ASN A 185 -27.24 -2.05 -0.99
N SER A 186 -27.62 -1.96 0.27
CA SER A 186 -26.73 -1.47 1.31
C SER A 186 -25.55 -2.43 1.55
N ALA A 187 -25.67 -3.66 1.04
CA ALA A 187 -24.57 -4.59 1.09
C ALA A 187 -23.43 -4.11 0.21
N ALA A 188 -23.74 -3.21 -0.72
CA ALA A 188 -22.73 -2.67 -1.60
C ALA A 188 -21.97 -1.55 -0.93
N SER A 189 -22.62 -0.78 -0.06
CA SER A 189 -21.86 0.20 0.71
C SER A 189 -20.94 -0.55 1.67
N TYR A 190 -21.42 -1.69 2.13
CA TYR A 190 -20.63 -2.59 2.91
C TYR A 190 -19.48 -3.18 2.07
N ASN A 191 -19.79 -3.67 0.88
CA ASN A 191 -18.78 -4.30 0.04
C ASN A 191 -17.74 -3.32 -0.47
N VAL A 192 -18.13 -2.08 -0.70
CA VAL A 192 -17.16 -1.08 -1.08
C VAL A 192 -16.27 -0.74 0.10
N LYS A 193 -16.87 -0.67 1.31
CA LYS A 193 -16.09 -0.47 2.54
C LYS A 193 -15.08 -1.61 2.63
N THR A 194 -15.57 -2.81 2.43
CA THR A 194 -14.80 -4.01 2.48
C THR A 194 -13.65 -3.96 1.46
N ALA A 195 -13.96 -3.62 0.22
CA ALA A 195 -12.99 -3.57 -0.86
C ALA A 195 -11.96 -2.50 -0.61
N TYR A 196 -12.44 -1.28 -0.39
CA TYR A 196 -11.61 -0.13 -0.10
C TYR A 196 -10.67 -0.43 1.05
N ARG A 197 -11.18 -1.05 2.07
CA ARG A 197 -10.39 -1.28 3.22
C ARG A 197 -9.43 -2.44 3.02
N LYS A 198 -9.91 -3.61 2.64
CA LYS A 198 -9.00 -4.77 2.61
C LYS A 198 -7.99 -4.73 1.47
N TYR A 199 -8.41 -4.22 0.34
CA TYR A 199 -7.54 -4.16 -0.81
C TYR A 199 -6.56 -3.01 -0.70
N LEU A 200 -6.96 -1.92 -0.12
CA LEU A 200 -6.08 -0.77 -0.09
C LEU A 200 -5.37 -0.54 1.25
N TYR A 201 -5.86 -1.13 2.36
CA TYR A 201 -5.45 -0.65 3.73
C TYR A 201 -3.97 -0.49 3.99
N GLY A 202 -3.13 -1.41 3.54
CA GLY A 202 -1.69 -1.23 3.79
C GLY A 202 -1.16 0.08 3.19
N PHE A 203 -1.50 0.29 1.94
CA PHE A 203 -1.03 1.44 1.21
C PHE A 203 -1.84 2.67 1.66
N GLU A 204 -3.12 2.47 1.91
CA GLU A 204 -4.04 3.51 2.33
C GLU A 204 -3.58 4.09 3.67
N GLU A 205 -3.37 3.22 4.65
CA GLU A 205 -2.92 3.64 5.96
C GLU A 205 -1.54 4.23 5.89
N TYR A 206 -0.69 3.71 5.02
CA TYR A 206 0.62 4.28 4.91
C TYR A 206 0.57 5.66 4.24
N CYS A 207 -0.38 5.86 3.34
CA CYS A 207 -0.57 7.17 2.73
C CYS A 207 -1.02 8.20 3.74
N ARG A 208 -1.82 7.75 4.68
CA ARG A 208 -2.26 8.64 5.74
C ARG A 208 -1.03 8.93 6.62
N SER A 209 -0.31 7.87 6.96
CA SER A 209 0.87 7.92 7.82
C SER A 209 1.96 8.85 7.26
N ALA A 210 2.26 8.71 5.96
CA ALA A 210 3.35 9.46 5.35
C ALA A 210 2.95 10.87 4.93
N ASN A 211 1.76 11.31 5.38
CA ASN A 211 1.29 12.72 5.23
C ASN A 211 0.99 13.10 3.80
N ILE A 212 0.58 12.14 3.04
CA ILE A 212 0.19 12.38 1.65
C ILE A 212 -1.22 13.05 1.64
N GLN A 213 -1.81 13.14 2.83
CA GLN A 213 -3.07 13.78 3.00
C GLN A 213 -2.82 15.28 3.06
N PHE A 214 -3.50 16.03 2.25
CA PHE A 214 -3.35 17.46 2.24
C PHE A 214 -4.15 18.04 3.38
N ARG A 215 -3.56 18.89 4.18
CA ARG A 215 -4.24 19.46 5.36
C ARG A 215 -5.44 20.32 4.93
N THR A 216 -5.38 20.83 3.71
CA THR A 216 -6.41 21.67 3.18
C THR A 216 -7.68 20.89 2.80
N VAL A 217 -7.55 19.61 2.52
CA VAL A 217 -8.70 18.80 2.19
C VAL A 217 -9.23 18.17 3.48
N HIS A 218 -10.39 18.60 3.91
CA HIS A 218 -10.92 18.21 5.18
C HIS A 218 -12.44 18.44 5.23
N HIS A 219 -12.99 18.52 6.45
CA HIS A 219 -14.43 18.73 6.71
C HIS A 219 -14.96 19.96 5.97
N HIS A 220 -16.23 19.95 5.65
CA HIS A 220 -16.84 21.07 4.95
C HIS A 220 -17.09 22.23 5.92
N GLU A 221 -16.03 22.93 6.21
CA GLU A 221 -16.06 24.08 7.00
C GLU A 221 -15.62 25.22 6.10
N LEU A 222 -14.40 25.06 5.56
CA LEU A 222 -13.80 25.97 4.60
C LEU A 222 -13.58 27.36 5.19
N GLU A 223 -13.31 28.32 4.34
CA GLU A 223 -13.11 29.68 4.78
C GLU A 223 -14.30 30.54 4.38
N HIS A 224 -15.37 29.86 3.95
CA HIS A 224 -16.60 30.53 3.52
C HIS A 224 -17.43 30.97 4.72
N HIS A 225 -16.94 30.69 5.90
CA HIS A 225 -17.57 31.10 7.12
C HIS A 225 -16.47 31.65 8.01
N HIS A 226 -16.79 32.71 8.72
CA HIS A 226 -15.87 33.36 9.65
C HIS A 226 -15.64 32.40 10.79
N HIS A 227 -14.41 32.02 11.02
CA HIS A 227 -14.08 31.08 12.06
C HIS A 227 -14.28 31.68 13.42
N HIS A 228 -14.55 30.85 14.39
CA HIS A 228 -14.75 31.29 15.74
C HIS A 228 -13.40 31.38 16.42
N HIS A 229 -13.14 32.44 17.11
CA HIS A 229 -11.92 32.54 17.86
C HIS A 229 -12.19 32.24 19.32
#